data_9B28
#
_entry.id   9B28
#
_cell.length_a   1.00
_cell.length_b   1.00
_cell.length_c   1.00
_cell.angle_alpha   90.00
_cell.angle_beta   90.00
_cell.angle_gamma   90.00
#
_symmetry.space_group_name_H-M   'P 1'
#
loop_
_entity.id
_entity.type
_entity.pdbx_description
1 polymer 'Transient receptor potential cation channel, subfamily M, member 3'
2 non-polymer 'CHOLESTEROL HEMISUCCINATE'
3 non-polymer '[(2~{R})-1-[2-azanylethoxy(oxidanyl)phosphoryl]oxy-3-hexadecanoyloxy-propan-2-yl] (~{Z})-octadec-9-enoate'
4 non-polymer primidone
#
_entity_poly.entity_id   1
_entity_poly.type   'polypeptide(L)'
_entity_poly.pdbx_seq_one_letter_code
;MGKKWRDAGELERGCSDREDSAESRRRSRSASRGRFAESWKRLSSKQGSTKRSGLPAQQTPAQKSWIERAFYKRECVHII
PSTKDPHRCCCGRLIGQHVGLTPSISVLQNEKNESRLSRNDIQSEKWSISKHTQLSPTDAFGTIEFQGGGHSNKAMYVRV
SFDTKPDLLLHLMTKEWQLELPKLLISVHGGLQNFELQPKLKQVFGKGLIKAAMTTGAWIFTGGVNTGVIRHVGDALKDH
ASKSRGKICTIGIAPWGIVENQEDLIGRDVVRPYQTMSNPMSKLTVLNSMHSHFILADNGTTGKYGAEVKLRRQLEKHIS
LQKINTRIGQGVPVVALIVEGGPNVISIVLEYLRDTPPVPVVVCDGSGRASDILAFGHKYSEEGGLINESLRDQLLVTIQ
KTFTYTRTQAQHLFIILMECMKKKELITVFRMGSEGHQDIDLAILTALLKGANASAPDQLSLALAWNRVDIARSQIFIYG
QQWPVGSLEQAMLDALVLDRVDFVKLLIENGVSMHRFLTISRLEELYNTRHGPSNTLYHLVRDVKKGNLPPDYRISLIDI
GLVIEYLMGGAYRCNYTRKRFRTLYHNLFGPKRPKALKLLGMEDDIPLRRGRKTTKKREEEVDIDLDDPEINHFPFPFHE
LMVWAVLMKRQKMALFFWQHGEEAMAKALVACKLCKAMAHEASENDMVDDISQELNHNSRDFGQLAVELLDQSYKQDEQL
AMKLLTYELKNWSNATCLQLAVAAKHRDFIAHTCSQMLLTDMWMGRLRMRKNSGLKVILGILLPPSILSLEFKNKDDMPY
MTQAQEIHLQEKEPEEPEKPTKEKDEEDMELTAMLGRSNGESSRKKDEEEVQSRHRLIPVGRKIYEFYNAPIVKFWFYTL
AYIGYLMLFNYIVLVKMERWPSTQEWIVISYIFTLGIEKMREILMSEPGKLLQKVKVWLQEYWNVTDLIAILLFSVGMIL
RLQDQPFRSDGRVIYCVNIIYWYIRLLDIFGVNKYLGPYVMMIGKMMIDMMYFVIIMLVVLMSFGVARQAILFPNEEPSW
KLAKNIFYMPYWMIYGEVFADQIDPPCGQNETREDGKTIQLPPCKTGAWIVPAIMACYLLVANILLVNLLIAVFNNTFFE
VKSISNQVWKFQRYQLIMTFHERPVLPPPLIIFSHMTMIFQHVCCRWRKHESDQDERDYGLKLFITDDELKKVHDFEEQC
IEEYFREKDDRFNSSNDERIRVTSERVENMSMRLEEVNEREHSMKASLQTVDIRLAQLEDLIGRMATALERLTGLERAES
NKIRSRTSSDCTDAAYIVRQSSFNSQEGNTFKLQESIDPAGEETISPTSPTLMPRMRSHSFYSVNVKDKGGIEKLESIFK
ERSLSLHRATSSHSVAKEPKAPAAPANTLAIVPDSRRPSSCIDIYVSAMDELHCDIEPLDNSMNILGLGEPSFSALAPST
TPSSSAYATLAPTDRPPSRSIDFEDLTSMDTRSFSSDYTHLPECQNPWDTDPPTYHTIERSKSSRYLATTPFLLEEAPIV
KSHSFMFSPSRSYYANFGVPVKTAEYTSITDCIDTRCVNAPQAIADRATFPGGLGDKVEDLSCCHPEREAELSHPSSDSE
ENEARGQRAANPISSQEAENADRTLSNNITVPKIERANSYSAEEPNVPYAHTRKSFSISDKLDRQRNTASLRNPFQRSKS
SKPEGRGDSLSMRRLSRTSAFHSFESKHNSNSLEVLFQGPDYKDDDDKAHHHHHHHHHH
;
_entity_poly.pdbx_strand_id   A,C,B,D
#
# COMPACT_ATOMS: atom_id res chain seq x y z
N PHE A 71 -20.52 -16.84 59.82
CA PHE A 71 -20.31 -18.23 60.19
C PHE A 71 -18.87 -18.47 60.62
N TYR A 72 -17.94 -17.83 59.90
CA TYR A 72 -16.52 -18.00 60.21
C TYR A 72 -16.19 -17.47 61.59
N LYS A 73 -16.78 -16.34 61.97
CA LYS A 73 -16.50 -15.76 63.28
C LYS A 73 -16.91 -16.72 64.41
N ARG A 74 -18.09 -17.33 64.27
CA ARG A 74 -18.51 -18.29 65.28
C ARG A 74 -17.66 -19.55 65.24
N GLU A 75 -17.30 -20.01 64.03
CA GLU A 75 -16.54 -21.25 63.91
C GLU A 75 -15.09 -21.05 64.35
N CYS A 76 -14.50 -19.90 64.00
CA CYS A 76 -13.11 -19.61 64.29
C CYS A 76 -13.01 -18.59 65.41
N VAL A 77 -12.19 -18.89 66.41
CA VAL A 77 -11.94 -17.99 67.53
C VAL A 77 -10.45 -17.67 67.56
N HIS A 78 -10.14 -16.37 67.63
CA HIS A 78 -8.77 -15.89 67.61
C HIS A 78 -8.41 -15.28 68.95
N ILE A 79 -7.30 -15.70 69.52
CA ILE A 79 -6.84 -15.19 70.81
C ILE A 79 -6.02 -13.92 70.60
N GLN A 134 -5.64 -14.37 77.70
CA GLN A 134 -5.49 -15.80 77.47
C GLN A 134 -6.13 -16.21 76.15
N LEU A 135 -7.46 -16.28 76.13
CA LEU A 135 -8.21 -16.65 74.94
C LEU A 135 -9.25 -15.58 74.64
N SER A 136 -9.42 -15.29 73.35
CA SER A 136 -10.38 -14.30 72.90
C SER A 136 -11.26 -14.90 71.82
N PRO A 137 -12.53 -14.50 71.75
CA PRO A 137 -13.44 -15.08 70.77
C PRO A 137 -13.50 -14.31 69.46
N THR A 138 -13.68 -15.06 68.38
CA THR A 138 -13.90 -14.50 67.04
C THR A 138 -12.92 -13.36 66.74
N ASP A 139 -13.45 -12.23 66.29
CA ASP A 139 -12.65 -11.04 65.98
C ASP A 139 -12.10 -11.12 64.56
N ALA A 140 -11.75 -9.97 64.00
CA ALA A 140 -11.18 -9.90 62.64
C ALA A 140 -12.24 -10.40 61.66
N PHE A 141 -11.87 -11.20 60.66
CA PHE A 141 -12.81 -11.71 59.66
C PHE A 141 -13.36 -10.57 58.81
N GLY A 142 -12.47 -9.73 58.30
CA GLY A 142 -12.85 -8.64 57.42
C GLY A 142 -11.82 -8.36 56.35
N THR A 143 -12.24 -8.36 55.09
CA THR A 143 -11.32 -8.10 54.00
C THR A 143 -10.97 -6.62 53.92
N ILE A 144 -9.74 -6.34 53.50
CA ILE A 144 -9.24 -4.98 53.37
C ILE A 144 -8.58 -4.84 51.99
N GLU A 145 -8.89 -3.74 51.30
CA GLU A 145 -8.31 -3.45 50.00
C GLU A 145 -7.23 -2.39 50.15
N PHE A 146 -6.03 -2.69 49.68
CA PHE A 146 -4.88 -1.79 49.82
C PHE A 146 -4.89 -0.79 48.68
N GLN A 147 -5.69 0.27 48.86
CA GLN A 147 -5.79 1.35 47.87
C GLN A 147 -4.72 2.41 48.12
N GLY A 148 -3.46 1.98 48.19
CA GLY A 148 -2.36 2.89 48.41
C GLY A 148 -1.57 3.19 47.16
N GLY A 149 -1.31 2.17 46.35
CA GLY A 149 -0.55 2.30 45.14
C GLY A 149 -1.44 2.39 43.90
N GLY A 150 -0.85 2.03 42.76
CA GLY A 150 -1.61 2.08 41.52
C GLY A 150 -2.77 1.10 41.49
N HIS A 151 -2.55 -0.10 42.03
CA HIS A 151 -3.56 -1.15 42.04
C HIS A 151 -4.15 -1.29 43.44
N SER A 152 -5.47 -1.28 43.54
CA SER A 152 -6.12 -1.45 44.83
C SER A 152 -5.79 -2.81 45.44
N ASN A 153 -5.81 -3.86 44.61
CA ASN A 153 -5.45 -5.21 45.04
C ASN A 153 -6.34 -5.67 46.20
N LYS A 154 -7.63 -5.76 45.92
CA LYS A 154 -8.57 -6.27 46.90
C LYS A 154 -8.23 -7.72 47.26
N ALA A 155 -8.35 -8.05 48.54
CA ALA A 155 -7.96 -9.36 49.03
C ALA A 155 -8.77 -9.71 50.26
N MET A 156 -8.78 -11.00 50.58
CA MET A 156 -9.42 -11.49 51.79
C MET A 156 -8.49 -11.30 52.99
N TYR A 157 -9.07 -11.41 54.19
CA TYR A 157 -8.29 -11.25 55.41
C TYR A 157 -9.05 -11.89 56.56
N VAL A 158 -8.39 -12.84 57.25
CA VAL A 158 -8.96 -13.51 58.42
C VAL A 158 -7.84 -13.74 59.41
N ARG A 159 -8.14 -13.52 60.69
CA ARG A 159 -7.16 -13.66 61.78
C ARG A 159 -7.53 -14.90 62.58
N VAL A 160 -6.89 -16.02 62.25
CA VAL A 160 -7.10 -17.28 62.96
C VAL A 160 -6.23 -17.30 64.21
N SER A 161 -6.48 -18.24 65.10
CA SER A 161 -5.66 -18.39 66.30
C SER A 161 -4.38 -19.14 65.99
N PHE A 162 -3.53 -19.29 67.00
CA PHE A 162 -2.32 -20.09 66.84
C PHE A 162 -2.67 -21.53 66.48
N ASP A 163 -3.67 -22.10 67.17
CA ASP A 163 -4.19 -23.41 66.80
C ASP A 163 -5.11 -23.25 65.60
N THR A 164 -4.91 -24.12 64.59
CA THR A 164 -5.63 -24.04 63.34
C THR A 164 -6.37 -25.34 63.07
N LYS A 165 -7.57 -25.22 62.51
CA LYS A 165 -8.36 -26.38 62.11
C LYS A 165 -8.19 -26.58 60.61
N PRO A 166 -7.52 -27.65 60.16
CA PRO A 166 -7.30 -27.79 58.71
C PRO A 166 -8.58 -27.78 57.91
N ASP A 167 -9.63 -28.42 58.40
CA ASP A 167 -10.90 -28.43 57.69
C ASP A 167 -11.47 -27.03 57.54
N LEU A 168 -11.38 -26.23 58.61
CA LEU A 168 -11.92 -24.87 58.56
C LEU A 168 -11.22 -24.05 57.49
N LEU A 169 -9.89 -24.05 57.49
CA LEU A 169 -9.14 -23.29 56.50
C LEU A 169 -9.42 -23.80 55.10
N LEU A 170 -9.45 -25.13 54.92
CA LEU A 170 -9.70 -25.69 53.59
C LEU A 170 -11.06 -25.26 53.07
N HIS A 171 -12.10 -25.36 53.90
CA HIS A 171 -13.43 -24.96 53.48
C HIS A 171 -13.49 -23.46 53.19
N LEU A 172 -12.86 -22.65 54.05
CA LEU A 172 -12.91 -21.20 53.86
C LEU A 172 -12.25 -20.80 52.55
N MET A 173 -11.08 -21.39 52.24
CA MET A 173 -10.39 -21.04 51.01
C MET A 173 -11.13 -21.58 49.79
N THR A 174 -11.58 -22.84 49.85
CA THR A 174 -12.20 -23.47 48.69
C THR A 174 -13.62 -22.96 48.46
N LYS A 175 -14.40 -22.82 49.54
CA LYS A 175 -15.83 -22.53 49.43
C LYS A 175 -16.15 -21.07 49.75
N GLU A 176 -15.74 -20.60 50.93
CA GLU A 176 -16.08 -19.24 51.34
C GLU A 176 -15.51 -18.21 50.37
N TRP A 177 -14.24 -18.38 49.98
CA TRP A 177 -13.59 -17.48 49.04
C TRP A 177 -13.68 -17.94 47.60
N GLN A 178 -14.29 -19.11 47.36
CA GLN A 178 -14.51 -19.61 46.00
C GLN A 178 -13.19 -19.70 45.22
N LEU A 179 -12.30 -20.55 45.72
CA LEU A 179 -11.01 -20.80 45.10
C LEU A 179 -10.90 -22.27 44.74
N GLU A 180 -10.62 -22.56 43.48
CA GLU A 180 -10.49 -23.94 43.03
C GLU A 180 -9.22 -24.56 43.57
N LEU A 181 -9.28 -25.85 43.85
CA LEU A 181 -8.11 -26.56 44.37
C LEU A 181 -7.02 -26.59 43.29
N PRO A 182 -5.79 -26.19 43.62
CA PRO A 182 -4.74 -26.18 42.60
C PRO A 182 -4.06 -27.53 42.42
N LYS A 183 -3.61 -27.76 41.18
CA LYS A 183 -2.86 -28.98 40.88
C LYS A 183 -1.48 -28.96 41.51
N LEU A 184 -0.98 -27.79 41.89
CA LEU A 184 0.33 -27.65 42.51
C LEU A 184 0.21 -26.71 43.70
N LEU A 185 1.02 -26.97 44.72
CA LEU A 185 1.08 -26.11 45.90
C LEU A 185 2.52 -25.83 46.25
N ILE A 186 2.81 -24.57 46.59
CA ILE A 186 4.15 -24.12 46.89
C ILE A 186 4.14 -23.44 48.25
N SER A 187 5.10 -23.80 49.10
CA SER A 187 5.33 -23.13 50.38
C SER A 187 6.73 -22.54 50.36
N VAL A 188 6.83 -21.23 50.58
CA VAL A 188 8.09 -20.50 50.48
C VAL A 188 8.45 -19.98 51.86
N HIS A 189 9.70 -20.23 52.27
CA HIS A 189 10.21 -19.78 53.55
C HIS A 189 11.46 -18.95 53.32
N GLY A 190 11.51 -17.78 53.95
CA GLY A 190 12.65 -16.88 53.81
C GLY A 190 12.86 -16.08 55.07
N GLY A 191 14.07 -15.53 55.19
CA GLY A 191 14.40 -14.74 56.36
C GLY A 191 13.63 -13.43 56.39
N LEU A 192 13.31 -12.99 57.61
CA LEU A 192 12.60 -11.73 57.78
C LEU A 192 13.51 -10.52 57.58
N GLN A 193 14.82 -10.70 57.63
CA GLN A 193 15.75 -9.60 57.45
C GLN A 193 15.64 -9.05 56.02
N ASN A 194 15.71 -7.73 55.91
CA ASN A 194 15.65 -7.06 54.62
C ASN A 194 17.06 -6.85 54.09
N PHE A 195 17.36 -7.46 52.95
CA PHE A 195 18.68 -7.35 52.33
C PHE A 195 18.52 -7.15 50.82
N GLU A 196 19.52 -6.52 50.23
CA GLU A 196 19.51 -6.30 48.79
C GLU A 196 19.62 -7.63 48.06
N LEU A 197 18.91 -7.74 46.94
CA LEU A 197 18.91 -8.95 46.12
C LEU A 197 19.81 -8.77 44.91
N GLN A 198 20.56 -9.82 44.60
CA GLN A 198 21.47 -9.75 43.46
C GLN A 198 20.69 -9.54 42.17
N PRO A 199 21.15 -8.69 41.26
CA PRO A 199 20.39 -8.46 40.02
C PRO A 199 20.29 -9.71 39.15
N LYS A 200 21.42 -10.37 38.88
CA LYS A 200 21.41 -11.52 37.99
C LYS A 200 20.53 -12.63 38.52
N LEU A 201 20.66 -12.94 39.81
CA LEU A 201 19.84 -13.99 40.40
C LEU A 201 18.36 -13.62 40.36
N LYS A 202 18.03 -12.38 40.75
CA LYS A 202 16.64 -11.97 40.84
C LYS A 202 15.98 -11.97 39.46
N GLN A 203 16.71 -11.56 38.42
CA GLN A 203 16.12 -11.50 37.09
C GLN A 203 15.57 -12.86 36.68
N VAL A 204 16.37 -13.92 36.87
CA VAL A 204 15.90 -15.26 36.54
C VAL A 204 14.84 -15.73 37.54
N PHE A 205 15.05 -15.43 38.83
CA PHE A 205 14.16 -15.95 39.87
C PHE A 205 12.73 -15.47 39.67
N GLY A 206 12.55 -14.16 39.50
CA GLY A 206 11.20 -13.63 39.37
C GLY A 206 10.49 -14.17 38.13
N LYS A 207 11.19 -14.16 37.00
CA LYS A 207 10.58 -14.64 35.77
C LYS A 207 10.19 -16.10 35.89
N GLY A 208 11.08 -16.94 36.43
CA GLY A 208 10.77 -18.35 36.57
C GLY A 208 9.61 -18.60 37.51
N LEU A 209 9.60 -17.90 38.65
CA LEU A 209 8.50 -18.07 39.59
C LEU A 209 7.18 -17.67 38.96
N ILE A 210 7.16 -16.53 38.25
CA ILE A 210 5.92 -16.07 37.64
C ILE A 210 5.45 -17.08 36.59
N LYS A 211 6.38 -17.56 35.76
CA LYS A 211 6.00 -18.50 34.72
C LYS A 211 5.46 -19.80 35.31
N ALA A 212 6.14 -20.34 36.33
CA ALA A 212 5.68 -21.58 36.95
C ALA A 212 4.32 -21.40 37.59
N ALA A 213 4.12 -20.29 38.32
CA ALA A 213 2.83 -20.06 38.96
C ALA A 213 1.72 -19.93 37.93
N MET A 214 1.97 -19.19 36.85
CA MET A 214 0.94 -19.02 35.83
C MET A 214 0.62 -20.34 35.15
N THR A 215 1.64 -21.12 34.81
CA THR A 215 1.39 -22.39 34.13
C THR A 215 0.64 -23.37 35.03
N THR A 216 1.04 -23.45 36.30
CA THR A 216 0.41 -24.39 37.22
C THR A 216 -0.91 -23.87 37.77
N GLY A 217 -1.14 -22.57 37.76
CA GLY A 217 -2.32 -22.01 38.37
C GLY A 217 -2.41 -22.40 39.83
N ALA A 218 -1.29 -22.26 40.52
CA ALA A 218 -1.11 -22.81 41.86
C ALA A 218 -1.10 -21.72 42.92
N TRP A 219 -1.50 -22.09 44.13
CA TRP A 219 -1.42 -21.19 45.27
C TRP A 219 0.02 -21.12 45.76
N ILE A 220 0.41 -19.95 46.24
CA ILE A 220 1.75 -19.70 46.75
C ILE A 220 1.61 -19.24 48.19
N PHE A 221 2.12 -20.04 49.12
CA PHE A 221 2.15 -19.65 50.53
C PHE A 221 3.38 -18.79 50.78
N THR A 222 3.16 -17.60 51.31
CA THR A 222 4.25 -16.68 51.61
C THR A 222 3.94 -15.94 52.90
N GLY A 223 4.98 -15.33 53.48
CA GLY A 223 4.77 -14.50 54.65
C GLY A 223 3.95 -13.28 54.31
N GLY A 224 3.03 -12.94 55.21
CA GLY A 224 2.20 -11.76 55.03
C GLY A 224 2.89 -10.45 55.35
N VAL A 225 4.09 -10.50 55.93
CA VAL A 225 4.82 -9.29 56.28
C VAL A 225 5.57 -8.79 55.05
N ASN A 226 5.41 -7.50 54.74
CA ASN A 226 6.12 -6.93 53.60
C ASN A 226 7.62 -7.00 53.80
N THR A 227 8.10 -6.70 55.00
CA THR A 227 9.54 -6.71 55.26
C THR A 227 10.11 -8.10 55.04
N GLY A 228 11.32 -8.15 54.49
CA GLY A 228 12.01 -9.39 54.25
C GLY A 228 11.97 -9.81 52.79
N VAL A 229 12.27 -11.09 52.58
CA VAL A 229 12.31 -11.63 51.23
C VAL A 229 10.95 -11.49 50.55
N ILE A 230 9.87 -11.64 51.32
CA ILE A 230 8.51 -11.53 50.81
C ILE A 230 8.40 -10.25 49.98
N ARG A 231 8.94 -9.15 50.49
CA ARG A 231 8.90 -7.88 49.77
C ARG A 231 9.33 -8.04 48.32
N HIS A 232 10.54 -8.54 48.10
CA HIS A 232 11.04 -8.76 46.75
C HIS A 232 10.11 -9.69 45.97
N VAL A 233 9.67 -10.77 46.62
CA VAL A 233 8.75 -11.72 45.97
C VAL A 233 7.50 -10.98 45.49
N GLY A 234 6.88 -10.23 46.41
CA GLY A 234 5.68 -9.48 46.03
C GLY A 234 5.95 -8.50 44.91
N ASP A 235 7.07 -7.77 45.00
CA ASP A 235 7.44 -6.84 43.94
C ASP A 235 7.59 -7.58 42.62
N ALA A 236 8.29 -8.71 42.63
CA ALA A 236 8.45 -9.50 41.42
C ALA A 236 7.09 -9.94 40.88
N LEU A 237 6.22 -10.43 41.77
CA LEU A 237 4.88 -10.80 41.36
C LEU A 237 4.15 -9.61 40.75
N LYS A 238 4.26 -8.45 41.40
CA LYS A 238 3.63 -7.24 40.88
C LYS A 238 4.16 -6.91 39.49
N ASP A 239 5.48 -6.96 39.32
CA ASP A 239 6.08 -6.66 38.02
C ASP A 239 5.70 -7.70 36.97
N HIS A 240 5.24 -8.88 37.40
CA HIS A 240 4.82 -9.93 36.48
C HIS A 240 3.32 -10.15 36.49
N ALA A 241 2.56 -9.35 37.23
CA ALA A 241 1.12 -9.53 37.32
C ALA A 241 0.41 -8.88 36.14
N SER A 242 0.59 -7.57 35.98
CA SER A 242 -0.09 -6.84 34.91
C SER A 242 0.40 -7.30 33.55
N GLY A 246 -2.72 -12.89 35.26
CA GLY A 246 -2.98 -14.28 35.58
C GLY A 246 -3.82 -14.46 36.83
N LYS A 247 -3.89 -13.42 37.66
CA LYS A 247 -4.66 -13.45 38.89
C LYS A 247 -4.23 -14.62 39.78
N ILE A 248 -2.92 -14.72 40.00
CA ILE A 248 -2.39 -15.79 40.85
C ILE A 248 -3.00 -15.68 42.23
N CYS A 249 -3.52 -16.79 42.74
CA CYS A 249 -4.20 -16.82 44.04
C CYS A 249 -3.16 -17.17 45.09
N THR A 250 -2.46 -16.16 45.58
CA THR A 250 -1.47 -16.34 46.64
C THR A 250 -2.17 -16.40 48.00
N ILE A 251 -1.37 -16.69 49.04
CA ILE A 251 -1.86 -16.76 50.41
C ILE A 251 -0.75 -16.24 51.30
N GLY A 252 -1.01 -15.11 51.97
CA GLY A 252 -0.05 -14.51 52.86
C GLY A 252 -0.42 -14.77 54.31
N ILE A 253 0.49 -15.43 55.03
CA ILE A 253 0.31 -15.77 56.42
C ILE A 253 1.39 -15.07 57.24
N ALA A 254 0.98 -14.18 58.13
CA ALA A 254 1.89 -13.44 58.97
C ALA A 254 1.28 -13.31 60.36
N PRO A 255 2.10 -13.09 61.39
CA PRO A 255 1.56 -12.88 62.73
C PRO A 255 0.64 -11.68 62.78
N TRP A 256 -0.40 -11.78 63.61
CA TRP A 256 -1.32 -10.66 63.79
C TRP A 256 -0.60 -9.45 64.37
N GLY A 257 0.34 -9.68 65.28
CA GLY A 257 1.06 -8.57 65.88
C GLY A 257 1.86 -7.77 64.88
N ILE A 258 2.41 -8.44 63.86
CA ILE A 258 3.24 -7.76 62.87
C ILE A 258 2.43 -6.74 62.06
N VAL A 259 1.10 -6.84 62.09
CA VAL A 259 0.28 -5.91 61.31
C VAL A 259 0.54 -4.48 61.77
N GLU A 260 0.67 -3.57 60.79
CA GLU A 260 0.94 -2.17 61.11
C GLU A 260 -0.17 -1.58 61.96
N ASN A 261 -1.43 -1.74 61.53
CA ASN A 261 -2.60 -1.22 62.23
C ASN A 261 -3.55 -2.38 62.48
N GLN A 262 -3.37 -3.08 63.60
CA GLN A 262 -4.22 -4.20 63.92
C GLN A 262 -5.67 -3.75 64.15
N GLU A 263 -5.85 -2.63 64.84
CA GLU A 263 -7.20 -2.16 65.17
C GLU A 263 -7.97 -1.70 63.94
N ASP A 264 -7.27 -1.32 62.87
CA ASP A 264 -7.96 -0.78 61.69
C ASP A 264 -8.88 -1.82 61.07
N LEU A 265 -8.42 -3.08 60.98
CA LEU A 265 -9.22 -4.12 60.35
C LEU A 265 -10.55 -4.32 61.07
N ILE A 266 -10.50 -4.37 62.40
CA ILE A 266 -11.72 -4.56 63.20
C ILE A 266 -12.43 -5.84 62.80
N ASP A 269 -16.88 -7.31 59.37
CA ASP A 269 -16.40 -7.57 58.02
C ASP A 269 -16.84 -6.46 57.07
N VAL A 270 -15.87 -5.64 56.63
CA VAL A 270 -16.15 -4.53 55.73
C VAL A 270 -14.83 -4.13 55.09
N VAL A 271 -14.92 -3.47 53.93
CA VAL A 271 -13.73 -3.03 53.21
C VAL A 271 -13.01 -1.98 54.04
N ARG A 272 -11.70 -2.13 54.17
CA ARG A 272 -10.86 -1.22 54.93
C ARG A 272 -9.83 -0.59 54.01
N PRO A 273 -9.64 0.74 54.06
CA PRO A 273 -8.64 1.36 53.17
C PRO A 273 -7.24 0.81 53.39
N TYR A 274 -6.74 0.85 54.63
CA TYR A 274 -5.41 0.36 54.96
C TYR A 274 -4.36 0.97 54.03
N GLN A 275 -4.21 2.29 54.15
CA GLN A 275 -3.25 3.00 53.32
C GLN A 275 -1.85 2.43 53.53
N THR A 276 -1.13 2.24 52.42
CA THR A 276 0.22 1.68 52.47
C THR A 276 1.14 2.54 53.33
N THR A 285 4.76 -2.50 60.99
CA THR A 285 4.91 -2.47 59.54
C THR A 285 3.69 -3.06 58.85
N VAL A 286 3.29 -2.45 57.75
CA VAL A 286 2.10 -2.87 57.01
C VAL A 286 2.44 -4.09 56.17
N LEU A 287 1.43 -4.91 55.91
CA LEU A 287 1.60 -6.11 55.10
C LEU A 287 1.63 -5.77 53.61
N ASN A 288 2.18 -6.69 52.83
CA ASN A 288 2.25 -6.49 51.38
C ASN A 288 0.85 -6.47 50.78
N SER A 289 0.64 -5.56 49.84
CA SER A 289 -0.67 -5.43 49.19
C SER A 289 -0.90 -6.51 48.14
N MET A 290 0.16 -6.97 47.47
CA MET A 290 0.00 -7.87 46.33
C MET A 290 -0.67 -9.18 46.75
N HIS A 291 -0.24 -9.75 47.88
CA HIS A 291 -0.74 -11.05 48.27
C HIS A 291 -2.23 -11.01 48.58
N SER A 292 -2.94 -12.06 48.18
CA SER A 292 -4.37 -12.19 48.42
C SER A 292 -4.63 -13.35 49.36
N HIS A 293 -5.88 -13.42 49.84
CA HIS A 293 -6.32 -14.49 50.74
C HIS A 293 -5.43 -14.55 51.98
N PHE A 294 -5.38 -13.43 52.70
CA PHE A 294 -4.52 -13.32 53.87
C PHE A 294 -5.09 -14.11 55.04
N ILE A 295 -4.19 -14.74 55.79
CA ILE A 295 -4.52 -15.40 57.05
C ILE A 295 -3.52 -14.91 58.09
N LEU A 296 -3.92 -14.94 59.35
CA LEU A 296 -3.06 -14.46 60.42
C LEU A 296 -3.27 -15.32 61.67
N ALA A 297 -2.27 -15.27 62.55
CA ALA A 297 -2.28 -16.03 63.80
C ALA A 297 -2.37 -15.07 64.98
N ASP A 298 -3.11 -15.49 66.01
CA ASP A 298 -3.29 -14.68 67.21
C ASP A 298 -2.14 -14.99 68.16
N ASN A 299 -1.04 -14.26 68.00
CA ASN A 299 0.15 -14.44 68.81
C ASN A 299 0.21 -13.52 70.01
N GLY A 300 -0.83 -12.72 70.24
CA GLY A 300 -0.84 -11.79 71.36
C GLY A 300 0.24 -10.73 71.23
N THR A 301 1.12 -10.64 72.22
CA THR A 301 2.18 -9.64 72.19
C THR A 301 3.07 -9.87 70.98
N THR A 302 3.52 -8.77 70.37
CA THR A 302 4.34 -8.84 69.16
C THR A 302 5.79 -9.13 69.52
N GLU A 308 1.27 -20.50 64.92
CA GLU A 308 1.22 -19.90 63.59
C GLU A 308 1.97 -20.77 62.58
N VAL A 309 3.28 -20.88 62.76
CA VAL A 309 4.08 -21.70 61.85
C VAL A 309 3.64 -23.16 61.91
N LYS A 310 3.43 -23.68 63.12
CA LYS A 310 2.95 -25.05 63.26
C LYS A 310 1.60 -25.23 62.61
N LEU A 311 0.69 -24.27 62.81
CA LEU A 311 -0.63 -24.36 62.18
C LEU A 311 -0.50 -24.35 60.66
N ARG A 312 0.35 -23.48 60.12
CA ARG A 312 0.54 -23.42 58.67
C ARG A 312 1.07 -24.75 58.15
N ARG A 313 2.08 -25.31 58.81
CA ARG A 313 2.63 -26.58 58.38
C ARG A 313 1.59 -27.69 58.43
N GLN A 314 0.82 -27.75 59.51
CA GLN A 314 -0.20 -28.79 59.64
C GLN A 314 -1.26 -28.64 58.55
N LEU A 315 -1.71 -27.41 58.30
CA LEU A 315 -2.71 -27.20 57.26
C LEU A 315 -2.18 -27.58 55.88
N GLU A 316 -0.92 -27.21 55.59
CA GLU A 316 -0.34 -27.57 54.30
C GLU A 316 -0.24 -29.08 54.15
N LYS A 317 0.23 -29.78 55.19
CA LYS A 317 0.35 -31.22 55.12
C LYS A 317 -1.01 -31.88 54.94
N HIS A 318 -2.02 -31.39 55.67
CA HIS A 318 -3.37 -31.94 55.53
C HIS A 318 -3.91 -31.72 54.13
N ILE A 319 -3.69 -30.52 53.57
CA ILE A 319 -4.20 -30.22 52.23
C ILE A 319 -3.52 -31.11 51.20
N SER A 320 -2.22 -31.32 51.34
CA SER A 320 -1.50 -32.15 50.38
C SER A 320 -2.06 -33.57 50.31
N LEU A 321 -2.70 -34.04 51.39
CA LEU A 321 -3.26 -35.38 51.42
C LEU A 321 -4.56 -35.50 50.63
N GLN A 322 -5.16 -34.40 50.22
CA GLN A 322 -6.41 -34.46 49.48
C GLN A 322 -6.21 -35.21 48.16
N LYS A 323 -7.20 -36.04 47.83
CA LYS A 323 -7.12 -36.82 46.60
C LYS A 323 -7.21 -35.90 45.39
N ILE A 324 -6.48 -36.27 44.33
CA ILE A 324 -6.46 -35.49 43.10
C ILE A 324 -7.37 -36.14 42.06
N GLN A 330 -3.35 -38.37 41.96
CA GLN A 330 -3.59 -38.99 43.26
C GLN A 330 -3.48 -37.96 44.38
N GLY A 331 -2.26 -37.64 44.77
CA GLY A 331 -1.98 -36.67 45.81
C GLY A 331 -1.39 -35.40 45.23
N VAL A 332 -1.80 -34.26 45.77
CA VAL A 332 -1.35 -32.96 45.29
C VAL A 332 0.12 -32.79 45.68
N PRO A 333 1.02 -32.57 44.72
CA PRO A 333 2.43 -32.41 45.08
C PRO A 333 2.69 -31.07 45.74
N VAL A 334 3.79 -31.01 46.49
CA VAL A 334 4.21 -29.80 47.19
C VAL A 334 5.70 -29.62 46.98
N VAL A 335 6.11 -28.40 46.66
CA VAL A 335 7.51 -28.06 46.48
C VAL A 335 7.82 -26.81 47.29
N ALA A 336 8.99 -26.80 47.93
CA ALA A 336 9.43 -25.68 48.75
C ALA A 336 10.62 -25.00 48.11
N LEU A 337 10.63 -23.66 48.15
CA LEU A 337 11.70 -22.85 47.61
C LEU A 337 12.29 -22.00 48.73
N ILE A 338 13.62 -21.95 48.78
CA ILE A 338 14.35 -21.27 49.85
C ILE A 338 15.34 -20.32 49.24
N VAL A 339 15.29 -19.05 49.67
CA VAL A 339 16.18 -18.00 49.18
C VAL A 339 17.00 -17.53 50.37
N GLU A 340 18.22 -18.04 50.50
CA GLU A 340 19.13 -17.65 51.58
C GLU A 340 18.44 -17.96 52.90
N GLY A 341 18.32 -17.00 53.82
CA GLY A 341 17.69 -17.23 55.10
C GLY A 341 18.68 -17.59 56.18
N GLY A 342 18.20 -17.56 57.43
CA GLY A 342 19.02 -17.86 58.57
C GLY A 342 19.03 -19.33 58.90
N PRO A 343 19.63 -19.70 60.04
CA PRO A 343 19.64 -21.11 60.44
C PRO A 343 18.25 -21.69 60.63
N ASN A 344 17.27 -20.85 60.96
CA ASN A 344 15.89 -21.30 61.02
C ASN A 344 15.47 -21.91 59.70
N VAL A 345 15.96 -21.37 58.58
CA VAL A 345 15.64 -21.94 57.28
C VAL A 345 16.19 -23.37 57.17
N ILE A 346 17.41 -23.58 57.64
CA ILE A 346 18.01 -24.92 57.59
C ILE A 346 17.23 -25.89 58.47
N SER A 347 16.85 -25.45 59.68
CA SER A 347 16.05 -26.30 60.54
C SER A 347 14.70 -26.60 59.89
N ILE A 348 14.13 -25.64 59.16
CA ILE A 348 12.88 -25.87 58.46
C ILE A 348 13.08 -26.89 57.34
N VAL A 349 14.23 -26.83 56.66
CA VAL A 349 14.53 -27.84 55.64
C VAL A 349 14.54 -29.23 56.26
N LEU A 350 15.25 -29.36 57.38
CA LEU A 350 15.32 -30.66 58.05
C LEU A 350 13.94 -31.14 58.48
N GLU A 351 13.14 -30.23 59.06
CA GLU A 351 11.81 -30.60 59.52
C GLU A 351 10.91 -30.99 58.36
N TYR A 352 11.01 -30.28 57.23
CA TYR A 352 10.19 -30.61 56.06
C TYR A 352 10.57 -31.97 55.51
N LEU A 353 11.86 -32.27 55.43
CA LEU A 353 12.27 -33.60 54.97
C LEU A 353 11.78 -34.68 55.93
N ARG A 354 11.86 -34.42 57.23
CA ARG A 354 11.45 -35.43 58.21
C ARG A 354 9.94 -35.66 58.18
N ASP A 355 9.16 -34.58 57.99
CA ASP A 355 7.71 -34.68 58.15
C ASP A 355 7.10 -35.65 57.15
N THR A 356 7.44 -35.48 55.87
CA THR A 356 6.89 -36.32 54.82
C THR A 356 7.98 -36.65 53.81
N PRO A 357 7.97 -37.85 53.23
CA PRO A 357 8.95 -38.18 52.21
C PRO A 357 8.91 -37.21 51.04
N PRO A 358 7.72 -36.80 50.58
CA PRO A 358 7.67 -35.84 49.47
C PRO A 358 7.78 -34.37 49.91
N VAL A 359 8.99 -33.96 50.25
CA VAL A 359 9.28 -32.59 50.66
C VAL A 359 10.47 -32.10 49.86
N PRO A 360 10.38 -32.01 48.54
CA PRO A 360 11.50 -31.49 47.75
C PRO A 360 11.78 -30.03 48.06
N VAL A 361 13.06 -29.67 47.98
CA VAL A 361 13.51 -28.32 48.24
C VAL A 361 14.50 -27.90 47.15
N VAL A 362 14.40 -26.66 46.70
CA VAL A 362 15.28 -26.13 45.66
C VAL A 362 16.15 -25.04 46.28
N VAL A 363 17.46 -25.16 46.08
CA VAL A 363 18.40 -24.18 46.59
C VAL A 363 18.46 -22.99 45.64
N CYS A 364 18.77 -21.82 46.19
CA CYS A 364 18.87 -20.59 45.43
C CYS A 364 20.27 -20.01 45.56
N ASP A 365 20.64 -19.20 44.57
CA ASP A 365 21.97 -18.58 44.57
C ASP A 365 22.16 -17.59 45.70
N GLY A 366 21.09 -17.17 46.38
CA GLY A 366 21.21 -16.22 47.47
C GLY A 366 22.13 -16.69 48.57
N SER A 367 23.06 -15.84 48.98
CA SER A 367 24.02 -16.22 50.01
C SER A 367 23.32 -16.33 51.36
N GLY A 368 23.79 -17.28 52.17
CA GLY A 368 23.24 -17.51 53.49
C GLY A 368 23.05 -18.98 53.80
N ARG A 369 21.91 -19.33 54.39
CA ARG A 369 21.63 -20.74 54.65
C ARG A 369 21.55 -21.53 53.35
N ALA A 370 20.99 -20.93 52.31
CA ALA A 370 20.96 -21.58 51.01
C ALA A 370 22.37 -21.86 50.51
N SER A 371 23.29 -20.92 50.71
CA SER A 371 24.68 -21.14 50.32
C SER A 371 25.29 -22.30 51.09
N ASP A 372 25.00 -22.39 52.39
CA ASP A 372 25.53 -23.50 53.19
C ASP A 372 24.99 -24.83 52.69
N ILE A 373 23.70 -24.90 52.40
CA ILE A 373 23.12 -26.15 51.93
C ILE A 373 23.68 -26.51 50.56
N LEU A 374 23.89 -25.51 49.70
CA LEU A 374 24.48 -25.78 48.38
C LEU A 374 25.90 -26.30 48.53
N ALA A 375 26.68 -25.72 49.44
CA ALA A 375 28.03 -26.21 49.68
C ALA A 375 28.01 -27.64 50.20
N PHE A 376 27.08 -27.94 51.12
CA PHE A 376 26.97 -29.30 51.63
C PHE A 376 26.61 -30.28 50.52
N GLY A 377 25.68 -29.89 49.64
CA GLY A 377 25.33 -30.75 48.53
C GLY A 377 26.48 -30.98 47.58
N HIS A 378 27.22 -29.91 47.27
CA HIS A 378 28.39 -30.06 46.39
C HIS A 378 29.42 -30.98 47.01
N LYS A 379 29.68 -30.83 48.31
CA LYS A 379 30.59 -31.74 48.99
C LYS A 379 30.03 -33.16 49.04
N TYR A 380 28.71 -33.29 49.19
CA TYR A 380 28.05 -34.59 49.27
C TYR A 380 28.71 -35.39 50.39
N SER A 381 29.04 -36.67 50.19
CA SER A 381 29.66 -37.47 51.23
C SER A 381 30.26 -38.75 50.64
N SER A 390 39.71 -30.30 56.24
CA SER A 390 39.57 -29.38 55.11
C SER A 390 38.14 -28.89 54.98
N LEU A 391 37.24 -29.79 54.54
CA LEU A 391 35.84 -29.42 54.39
C LEU A 391 35.22 -29.05 55.73
N ARG A 392 35.52 -29.82 56.78
CA ARG A 392 34.98 -29.51 58.10
C ARG A 392 35.49 -28.16 58.59
N ASP A 393 36.78 -27.87 58.38
CA ASP A 393 37.33 -26.59 58.78
C ASP A 393 36.67 -25.44 58.02
N GLN A 394 36.46 -25.63 56.72
CA GLN A 394 35.79 -24.59 55.92
C GLN A 394 34.36 -24.36 56.42
N LEU A 395 33.64 -25.44 56.73
CA LEU A 395 32.28 -25.29 57.24
C LEU A 395 32.27 -24.57 58.58
N LEU A 396 33.21 -24.91 59.46
CA LEU A 396 33.28 -24.24 60.75
C LEU A 396 33.60 -22.76 60.59
N VAL A 397 34.51 -22.44 59.67
CA VAL A 397 34.85 -21.04 59.42
C VAL A 397 33.63 -20.29 58.89
N THR A 398 32.90 -20.91 57.95
CA THR A 398 31.71 -20.27 57.41
C THR A 398 30.66 -20.04 58.49
N ILE A 399 30.47 -21.02 59.37
CA ILE A 399 29.51 -20.91 60.46
C ILE A 399 29.92 -19.78 61.39
N THR A 408 30.73 -23.88 69.32
CA THR A 408 29.34 -24.27 69.56
C THR A 408 28.49 -24.02 68.33
N GLN A 409 28.69 -22.85 67.70
CA GLN A 409 27.94 -22.54 66.49
C GLN A 409 28.24 -23.53 65.37
N ALA A 410 29.52 -23.90 65.21
CA ALA A 410 29.88 -24.88 64.19
C ALA A 410 29.23 -26.22 64.47
N GLN A 411 29.23 -26.66 65.74
CA GLN A 411 28.59 -27.92 66.09
C GLN A 411 27.10 -27.88 65.81
N HIS A 412 26.45 -26.77 66.18
CA HIS A 412 25.02 -26.65 65.93
C HIS A 412 24.71 -26.68 64.43
N LEU A 413 25.51 -25.99 63.62
CA LEU A 413 25.31 -26.01 62.19
C LEU A 413 25.53 -27.41 61.62
N PHE A 414 26.57 -28.10 62.09
CA PHE A 414 26.85 -29.44 61.61
C PHE A 414 25.75 -30.43 61.99
N ILE A 415 25.07 -30.19 63.11
CA ILE A 415 24.01 -31.10 63.54
C ILE A 415 22.92 -31.21 62.49
N ILE A 416 22.68 -30.13 61.74
CA ILE A 416 21.66 -30.13 60.69
C ILE A 416 22.33 -30.38 59.35
N LEU A 417 23.59 -29.95 59.20
CA LEU A 417 24.30 -30.14 57.95
C LEU A 417 24.47 -31.62 57.62
N MET A 418 24.69 -32.46 58.63
CA MET A 418 24.86 -33.88 58.39
C MET A 418 23.62 -34.47 57.74
N GLU A 419 22.44 -34.14 58.28
CA GLU A 419 21.19 -34.61 57.67
C GLU A 419 21.00 -34.02 56.28
N CYS A 420 21.31 -32.74 56.12
CA CYS A 420 21.11 -32.10 54.82
C CYS A 420 21.98 -32.75 53.75
N MET A 421 23.25 -33.01 54.07
CA MET A 421 24.13 -33.65 53.10
C MET A 421 23.72 -35.09 52.85
N LYS A 422 23.31 -35.81 53.90
CA LYS A 422 22.93 -37.20 53.75
C LYS A 422 21.72 -37.34 52.82
N LYS A 423 20.73 -36.47 52.98
CA LYS A 423 19.52 -36.48 52.17
C LYS A 423 19.59 -35.47 51.03
N LYS A 424 20.79 -35.11 50.58
CA LYS A 424 20.93 -34.13 49.51
C LYS A 424 20.38 -34.64 48.19
N GLU A 425 20.32 -35.95 47.99
CA GLU A 425 19.82 -36.49 46.72
C GLU A 425 18.37 -36.09 46.50
N LEU A 426 17.52 -36.22 47.51
CA LEU A 426 16.12 -35.83 47.37
C LEU A 426 15.99 -34.34 47.11
N ILE A 427 16.78 -33.53 47.81
CA ILE A 427 16.68 -32.08 47.67
C ILE A 427 17.18 -31.68 46.28
N THR A 428 16.41 -30.82 45.61
CA THR A 428 16.82 -30.32 44.31
C THR A 428 17.98 -29.33 44.45
N VAL A 429 18.74 -29.19 43.38
CA VAL A 429 19.91 -28.32 43.33
C VAL A 429 19.74 -27.36 42.17
N PHE A 430 19.99 -26.08 42.41
CA PHE A 430 19.89 -25.04 41.40
C PHE A 430 21.18 -24.25 41.37
N ARG A 431 21.57 -23.81 40.18
CA ARG A 431 22.80 -23.04 39.99
C ARG A 431 22.65 -22.22 38.71
N MET A 432 23.77 -21.64 38.26
CA MET A 432 23.78 -20.82 37.06
C MET A 432 24.37 -21.53 35.85
N GLY A 436 24.01 -24.68 34.89
CA GLY A 436 23.01 -25.51 34.26
C GLY A 436 21.64 -25.29 34.90
N HIS A 437 20.62 -25.79 34.20
CA HIS A 437 19.23 -25.65 34.66
C HIS A 437 18.88 -24.19 34.91
N GLN A 438 19.17 -23.34 33.90
CA GLN A 438 18.91 -21.92 34.05
C GLN A 438 17.43 -21.64 34.24
N ASP A 439 16.57 -22.33 33.50
CA ASP A 439 15.13 -22.11 33.61
C ASP A 439 14.64 -22.57 34.97
N ILE A 440 14.02 -21.66 35.73
CA ILE A 440 13.50 -22.01 37.03
C ILE A 440 12.29 -22.93 36.90
N ASP A 441 11.45 -22.69 35.90
CA ASP A 441 10.28 -23.54 35.70
C ASP A 441 10.68 -24.98 35.40
N LEU A 442 11.70 -25.16 34.55
CA LEU A 442 12.18 -26.50 34.26
C LEU A 442 12.73 -27.17 35.51
N ALA A 443 13.46 -26.42 36.33
CA ALA A 443 13.98 -26.96 37.58
C ALA A 443 12.85 -27.40 38.50
N ILE A 444 11.80 -26.57 38.61
CA ILE A 444 10.67 -26.93 39.45
C ILE A 444 10.00 -28.19 38.94
N LEU A 445 9.80 -28.29 37.62
CA LEU A 445 9.15 -29.47 37.05
C LEU A 445 9.97 -30.72 37.32
N THR A 446 11.28 -30.66 37.08
CA THR A 446 12.14 -31.81 37.31
C THR A 446 12.16 -32.20 38.78
N ALA A 447 12.23 -31.21 39.68
CA ALA A 447 12.25 -31.51 41.10
C ALA A 447 10.96 -32.16 41.54
N LEU A 448 9.83 -31.66 41.07
CA LEU A 448 8.54 -32.26 41.41
C LEU A 448 8.46 -33.69 40.89
N LEU A 449 8.90 -33.92 39.65
CA LEU A 449 8.85 -35.27 39.09
C LEU A 449 9.72 -36.21 39.90
N LYS A 450 10.93 -35.78 40.26
CA LYS A 450 11.81 -36.64 41.05
C LYS A 450 11.23 -36.91 42.44
N GLY A 451 10.69 -35.87 43.09
CA GLY A 451 10.17 -36.05 44.44
C GLY A 451 8.95 -36.95 44.48
N ALA A 452 8.05 -36.80 43.50
CA ALA A 452 6.85 -37.63 43.49
C ALA A 452 7.20 -39.10 43.39
N ASN A 453 8.17 -39.45 42.55
CA ASN A 453 8.61 -40.84 42.41
C ASN A 453 7.45 -41.74 42.01
N ALA A 456 6.36 -44.02 33.15
CA ALA A 456 5.91 -43.34 34.35
C ALA A 456 4.47 -42.85 34.20
N PRO A 457 3.50 -43.73 34.44
CA PRO A 457 2.09 -43.31 34.36
C PRO A 457 1.79 -42.12 35.25
N ASP A 458 2.34 -42.08 36.46
CA ASP A 458 2.09 -40.95 37.36
C ASP A 458 2.72 -39.68 36.83
N GLN A 459 3.96 -39.76 36.33
CA GLN A 459 4.61 -38.58 35.79
C GLN A 459 3.86 -38.05 34.56
N LEU A 460 3.44 -38.96 33.68
CA LEU A 460 2.68 -38.54 32.51
C LEU A 460 1.35 -37.91 32.91
N SER A 461 0.68 -38.49 33.91
CA SER A 461 -0.58 -37.90 34.38
C SER A 461 -0.35 -36.52 34.95
N LEU A 462 0.71 -36.33 35.73
CA LEU A 462 1.01 -35.02 36.28
C LEU A 462 1.30 -34.01 35.18
N ALA A 463 2.08 -34.41 34.17
CA ALA A 463 2.39 -33.51 33.08
C ALA A 463 1.12 -33.12 32.32
N LEU A 464 0.24 -34.09 32.08
CA LEU A 464 -1.03 -33.78 31.41
C LEU A 464 -1.87 -32.83 32.25
N ALA A 465 -1.90 -33.04 33.56
CA ALA A 465 -2.64 -32.14 34.45
C ALA A 465 -2.08 -30.73 34.38
N TRP A 466 -0.75 -30.60 34.36
CA TRP A 466 -0.12 -29.29 34.26
C TRP A 466 -0.27 -28.66 32.89
N ASN A 467 -0.66 -29.42 31.87
CA ASN A 467 -0.82 -28.90 30.52
C ASN A 467 0.51 -28.38 29.99
N ARG A 468 1.54 -29.22 30.08
CA ARG A 468 2.90 -28.88 29.64
C ARG A 468 3.47 -30.07 28.88
N VAL A 469 3.48 -29.97 27.55
CA VAL A 469 4.00 -31.06 26.74
C VAL A 469 5.52 -31.14 26.82
N ASP A 470 6.19 -29.99 26.99
CA ASP A 470 7.65 -29.98 26.96
C ASP A 470 8.22 -30.84 28.09
N ILE A 471 7.68 -30.72 29.30
CA ILE A 471 8.19 -31.47 30.43
C ILE A 471 7.98 -32.97 30.20
N ALA A 472 6.81 -33.34 29.69
CA ALA A 472 6.54 -34.75 29.43
C ALA A 472 7.48 -35.31 28.39
N ARG A 473 7.73 -34.55 27.31
CA ARG A 473 8.63 -35.03 26.26
C ARG A 473 10.05 -35.17 26.78
N SER A 474 10.53 -34.15 27.50
CA SER A 474 11.91 -34.19 27.99
C SER A 474 12.06 -35.14 29.17
N GLN A 475 11.11 -35.13 30.10
CA GLN A 475 11.22 -35.87 31.34
C GLN A 475 10.42 -37.17 31.31
N ILE A 476 9.11 -37.10 31.04
CA ILE A 476 8.27 -38.29 31.12
C ILE A 476 8.70 -39.33 30.09
N PHE A 477 9.24 -38.90 28.96
CA PHE A 477 9.63 -39.79 27.87
C PHE A 477 11.13 -40.03 27.95
N ILE A 478 11.53 -41.24 28.34
CA ILE A 478 12.94 -41.63 28.41
C ILE A 478 13.06 -43.08 27.95
N TYR A 479 14.23 -43.41 27.42
CA TYR A 479 14.48 -44.77 26.97
C TYR A 479 14.39 -45.74 28.14
N GLY A 480 13.81 -46.90 27.89
CA GLY A 480 13.64 -47.89 28.93
C GLY A 480 12.46 -47.66 29.85
N GLN A 481 11.57 -46.73 29.50
CA GLN A 481 10.41 -46.47 30.35
C GLN A 481 9.56 -47.74 30.48
N GLN A 482 9.06 -47.97 31.69
CA GLN A 482 8.28 -49.18 31.93
C GLN A 482 7.03 -49.22 31.06
N TRP A 483 6.25 -48.13 31.08
CA TRP A 483 5.03 -48.04 30.28
C TRP A 483 4.18 -49.30 30.41
N PRO A 484 3.52 -49.51 31.56
CA PRO A 484 2.71 -50.71 31.74
C PRO A 484 1.62 -50.83 30.68
N VAL A 485 1.35 -52.07 30.27
CA VAL A 485 0.37 -52.32 29.22
C VAL A 485 -1.02 -51.99 29.72
N GLY A 486 -1.75 -51.20 28.94
CA GLY A 486 -3.15 -50.91 29.20
C GLY A 486 -3.41 -49.56 29.83
N SER A 487 -2.45 -49.01 30.56
CA SER A 487 -2.64 -47.70 31.16
C SER A 487 -2.51 -46.58 30.14
N LEU A 488 -1.68 -46.76 29.12
CA LEU A 488 -1.45 -45.71 28.15
C LEU A 488 -2.73 -45.41 27.37
N GLU A 489 -3.50 -46.44 27.03
CA GLU A 489 -4.78 -46.22 26.35
C GLU A 489 -5.74 -45.44 27.25
N GLN A 490 -5.78 -45.75 28.54
CA GLN A 490 -6.64 -45.00 29.45
C GLN A 490 -6.19 -43.54 29.53
N ALA A 491 -4.89 -43.31 29.56
CA ALA A 491 -4.38 -41.94 29.57
C ALA A 491 -4.76 -41.22 28.28
N MET A 492 -4.68 -41.92 27.15
CA MET A 492 -5.09 -41.32 25.88
C MET A 492 -6.56 -40.93 25.91
N LEU A 493 -7.42 -41.80 26.43
CA LEU A 493 -8.83 -41.48 26.54
C LEU A 493 -9.04 -40.27 27.43
N ASP A 494 -8.36 -40.23 28.58
CA ASP A 494 -8.49 -39.09 29.48
C ASP A 494 -8.06 -37.80 28.81
N ALA A 495 -6.97 -37.85 28.04
CA ALA A 495 -6.54 -36.67 27.30
C ALA A 495 -7.59 -36.24 26.28
N LEU A 496 -8.18 -37.21 25.58
CA LEU A 496 -9.23 -36.88 24.62
C LEU A 496 -10.41 -36.21 25.30
N VAL A 497 -10.76 -36.66 26.50
CA VAL A 497 -11.82 -36.00 27.25
C VAL A 497 -11.49 -34.52 27.44
N LEU A 498 -10.24 -34.22 27.75
CA LEU A 498 -9.79 -32.85 27.89
C LEU A 498 -9.46 -32.27 26.52
N ASP A 499 -9.06 -30.99 26.51
CA ASP A 499 -8.73 -30.28 25.27
C ASP A 499 -7.23 -30.14 25.07
N ARG A 500 -6.45 -31.14 25.50
CA ARG A 500 -5.00 -31.11 25.38
C ARG A 500 -4.62 -31.69 24.01
N VAL A 501 -4.83 -30.89 22.98
CA VAL A 501 -4.59 -31.35 21.61
C VAL A 501 -3.12 -31.69 21.42
N ASP A 502 -2.23 -30.84 21.93
CA ASP A 502 -0.80 -31.09 21.76
C ASP A 502 -0.38 -32.38 22.45
N PHE A 503 -1.00 -32.71 23.58
CA PHE A 503 -0.71 -33.99 24.22
C PHE A 503 -1.14 -35.16 23.35
N VAL A 504 -2.29 -35.03 22.68
CA VAL A 504 -2.74 -36.07 21.76
C VAL A 504 -1.74 -36.22 20.63
N LYS A 505 -1.27 -35.10 20.09
CA LYS A 505 -0.27 -35.15 19.03
C LYS A 505 0.99 -35.85 19.50
N LEU A 506 1.44 -35.52 20.71
CA LEU A 506 2.64 -36.14 21.26
C LEU A 506 2.45 -37.65 21.41
N LEU A 507 1.30 -38.07 21.93
CA LEU A 507 1.05 -39.50 22.08
C LEU A 507 1.01 -40.19 20.74
N ILE A 508 0.38 -39.56 19.73
CA ILE A 508 0.31 -40.16 18.41
C ILE A 508 1.72 -40.32 17.83
N GLU A 509 2.55 -39.28 17.97
CA GLU A 509 3.92 -39.36 17.51
C GLU A 509 4.75 -40.32 18.34
N ASN A 510 4.30 -40.65 19.55
CA ASN A 510 5.00 -41.58 20.43
C ASN A 510 4.63 -43.03 20.17
N GLY A 511 3.73 -43.29 19.23
CA GLY A 511 3.32 -44.64 18.90
C GLY A 511 1.93 -45.02 19.36
N VAL A 512 1.18 -44.09 19.96
CA VAL A 512 -0.19 -44.36 20.35
C VAL A 512 -1.07 -44.30 19.11
N SER A 513 -1.69 -45.42 18.76
CA SER A 513 -2.45 -45.56 17.53
C SER A 513 -3.95 -45.58 17.83
N MET A 514 -4.68 -44.67 17.17
CA MET A 514 -6.14 -44.68 17.29
C MET A 514 -6.76 -45.87 16.56
N HIS A 515 -6.03 -46.44 15.60
CA HIS A 515 -6.61 -47.47 14.75
C HIS A 515 -7.16 -48.63 15.57
N ARG A 516 -6.41 -49.07 16.57
CA ARG A 516 -6.83 -50.17 17.42
C ARG A 516 -7.40 -49.73 18.76
N PHE A 517 -7.06 -48.53 19.22
CA PHE A 517 -7.51 -48.08 20.53
C PHE A 517 -9.02 -47.87 20.57
N LEU A 518 -9.56 -47.21 19.55
CA LEU A 518 -10.96 -46.80 19.61
C LEU A 518 -11.88 -48.00 19.63
N THR A 519 -12.91 -47.92 20.47
CA THR A 519 -13.92 -48.96 20.57
C THR A 519 -15.28 -48.30 20.78
N ILE A 520 -16.33 -49.08 20.55
CA ILE A 520 -17.69 -48.54 20.63
C ILE A 520 -17.94 -47.93 22.01
N SER A 521 -17.57 -48.66 23.06
CA SER A 521 -17.79 -48.17 24.41
C SER A 521 -17.01 -46.89 24.67
N ARG A 522 -15.77 -46.82 24.18
CA ARG A 522 -14.97 -45.61 24.36
C ARG A 522 -15.63 -44.42 23.70
N LEU A 523 -16.14 -44.60 22.48
CA LEU A 523 -16.81 -43.50 21.78
C LEU A 523 -18.09 -43.09 22.50
N GLU A 524 -18.84 -44.07 23.01
CA GLU A 524 -20.05 -43.74 23.76
C GLU A 524 -19.71 -42.93 25.01
N GLU A 525 -18.66 -43.34 25.72
CA GLU A 525 -18.25 -42.59 26.91
C GLU A 525 -17.80 -41.18 26.54
N LEU A 526 -17.07 -41.04 25.43
CA LEU A 526 -16.64 -39.72 24.99
C LEU A 526 -17.84 -38.83 24.69
N TYR A 527 -18.85 -39.39 24.02
CA TYR A 527 -20.03 -38.59 23.70
C TYR A 527 -20.80 -38.21 24.97
N ASN A 528 -20.94 -39.15 25.90
CA ASN A 528 -21.77 -38.91 27.08
C ASN A 528 -21.07 -38.08 28.15
N THR A 529 -19.75 -38.05 28.17
CA THR A 529 -19.04 -37.35 29.22
C THR A 529 -19.35 -35.85 29.17
N ARG A 530 -19.57 -35.27 30.34
CA ARG A 530 -19.86 -33.84 30.46
C ARG A 530 -18.61 -33.01 30.75
N HIS A 531 -17.47 -33.64 30.96
CA HIS A 531 -16.24 -32.90 31.25
C HIS A 531 -15.78 -32.13 30.02
N GLY A 532 -15.15 -30.97 30.27
CA GLY A 532 -14.64 -30.15 29.21
C GLY A 532 -15.59 -29.03 28.85
N PRO A 533 -15.31 -28.35 27.73
CA PRO A 533 -16.17 -27.24 27.31
C PRO A 533 -17.60 -27.69 27.06
N SER A 534 -18.53 -26.79 27.36
CA SER A 534 -19.95 -27.11 27.23
C SER A 534 -20.35 -27.27 25.76
N ASN A 535 -21.39 -28.07 25.55
CA ASN A 535 -21.92 -28.33 24.22
C ASN A 535 -23.44 -28.30 24.28
N THR A 536 -24.05 -28.07 23.12
CA THR A 536 -25.51 -27.98 23.00
C THR A 536 -26.13 -29.23 22.42
N LEU A 537 -25.41 -30.35 22.45
CA LEU A 537 -25.93 -31.59 21.86
C LEU A 537 -27.17 -32.09 22.60
N TYR A 538 -27.19 -31.92 23.92
CA TYR A 538 -28.32 -32.42 24.70
C TYR A 538 -29.62 -31.75 24.27
N HIS A 539 -29.57 -30.44 24.01
CA HIS A 539 -30.74 -29.73 23.53
C HIS A 539 -31.24 -30.32 22.22
N LEU A 540 -30.32 -30.59 21.29
CA LEU A 540 -30.71 -31.15 20.00
C LEU A 540 -31.31 -32.53 20.17
N VAL A 541 -30.75 -33.35 21.05
CA VAL A 541 -31.30 -34.69 21.28
C VAL A 541 -32.72 -34.59 21.82
N ARG A 542 -32.92 -33.71 22.82
CA ARG A 542 -34.25 -33.54 23.38
C ARG A 542 -35.24 -33.08 22.32
N ASP A 543 -34.81 -32.17 21.44
CA ASP A 543 -35.68 -31.73 20.36
C ASP A 543 -35.99 -32.87 19.40
N VAL A 544 -34.98 -33.68 19.07
CA VAL A 544 -35.15 -34.72 18.05
C VAL A 544 -36.12 -35.80 18.53
N LYS A 545 -35.92 -36.31 19.74
CA LYS A 545 -36.72 -37.46 20.16
C LYS A 545 -38.20 -37.09 20.30
N LYS A 546 -38.50 -35.85 20.68
CA LYS A 546 -39.88 -35.38 20.79
C LYS A 546 -40.68 -36.21 21.79
N GLY A 547 -39.99 -36.81 22.75
CA GLY A 547 -40.65 -37.59 23.79
C GLY A 547 -39.96 -37.39 25.12
N ASN A 548 -40.71 -37.62 26.19
CA ASN A 548 -40.16 -37.46 27.52
C ASN A 548 -38.95 -38.37 27.69
N LEU A 549 -37.86 -37.80 28.21
CA LEU A 549 -36.61 -38.52 28.37
C LEU A 549 -36.12 -38.41 29.80
N PRO A 550 -35.38 -39.41 30.29
CA PRO A 550 -34.86 -39.33 31.66
C PRO A 550 -33.87 -38.18 31.79
N PRO A 551 -33.76 -37.59 32.98
CA PRO A 551 -32.76 -36.54 33.18
C PRO A 551 -31.35 -37.10 33.08
N ASP A 552 -30.51 -36.45 32.27
CA ASP A 552 -29.14 -36.91 32.05
C ASP A 552 -29.13 -38.35 31.55
N TYR A 553 -30.10 -38.70 30.70
CA TYR A 553 -30.20 -40.04 30.18
C TYR A 553 -29.01 -40.35 29.28
N ARG A 554 -28.60 -41.62 29.26
CA ARG A 554 -27.48 -42.03 28.44
C ARG A 554 -27.77 -41.78 26.98
N ILE A 555 -26.80 -41.19 26.28
CA ILE A 555 -26.94 -40.86 24.87
C ILE A 555 -26.28 -41.97 24.05
N SER A 556 -27.07 -42.62 23.21
CA SER A 556 -26.60 -43.71 22.37
C SER A 556 -26.29 -43.22 20.96
N LEU A 557 -25.72 -44.13 20.16
CA LEU A 557 -25.31 -43.79 18.80
C LEU A 557 -26.48 -43.69 17.83
N ILE A 558 -27.57 -44.41 18.08
CA ILE A 558 -28.76 -44.24 17.26
C ILE A 558 -29.29 -42.82 17.39
N ASP A 559 -29.29 -42.27 18.60
CA ASP A 559 -29.76 -40.91 18.79
C ASP A 559 -28.87 -39.90 18.08
N ILE A 560 -27.55 -40.07 18.18
CA ILE A 560 -26.66 -39.13 17.50
C ILE A 560 -26.83 -39.25 15.99
N GLY A 561 -27.05 -40.47 15.49
CA GLY A 561 -27.34 -40.63 14.08
C GLY A 561 -28.61 -39.88 13.67
N LEU A 562 -29.64 -39.95 14.51
CA LEU A 562 -30.87 -39.22 14.23
C LEU A 562 -30.61 -37.71 14.19
N VAL A 563 -29.82 -37.22 15.14
CA VAL A 563 -29.51 -35.79 15.17
C VAL A 563 -28.73 -35.39 13.92
N ILE A 564 -27.79 -36.23 13.50
CA ILE A 564 -27.03 -35.97 12.29
C ILE A 564 -27.96 -35.90 11.09
N GLU A 565 -28.93 -36.82 11.01
CA GLU A 565 -29.90 -36.77 9.94
C GLU A 565 -30.69 -35.48 9.97
N TYR A 566 -31.10 -35.05 11.16
CA TYR A 566 -31.88 -33.82 11.28
C TYR A 566 -31.09 -32.63 10.75
N LEU A 567 -29.83 -32.52 11.16
CA LEU A 567 -29.05 -31.33 10.81
C LEU A 567 -28.56 -31.37 9.37
N MET A 568 -28.17 -32.54 8.88
CA MET A 568 -27.55 -32.61 7.56
C MET A 568 -28.51 -32.18 6.46
N GLY A 569 -29.77 -32.63 6.54
CA GLY A 569 -30.79 -32.26 5.60
C GLY A 569 -31.53 -33.47 5.09
N GLY A 570 -32.30 -33.25 4.03
CA GLY A 570 -33.11 -34.33 3.48
C GLY A 570 -32.26 -35.43 2.88
N ALA A 571 -32.81 -36.64 2.91
CA ALA A 571 -32.13 -37.81 2.36
C ALA A 571 -30.83 -38.01 3.15
N TYR A 572 -29.83 -38.63 2.54
CA TYR A 572 -28.53 -38.85 3.17
C TYR A 572 -28.69 -39.59 4.50
N ARG A 573 -29.16 -40.82 4.39
CA ARG A 573 -29.35 -41.65 5.57
C ARG A 573 -28.05 -41.82 6.33
N CYS A 574 -28.13 -41.75 7.65
CA CYS A 574 -26.94 -41.82 8.49
C CYS A 574 -26.41 -43.24 8.53
N ASN A 575 -25.07 -43.36 8.58
CA ASN A 575 -24.45 -44.67 8.68
C ASN A 575 -24.79 -45.34 10.01
N TYR A 576 -24.97 -44.56 11.07
CA TYR A 576 -25.33 -45.15 12.36
C TYR A 576 -26.70 -45.82 12.29
N THR A 577 -27.67 -45.16 11.68
CA THR A 577 -29.01 -45.71 11.52
C THR A 577 -29.03 -46.59 10.27
N ARG A 578 -28.34 -47.73 10.38
CA ARG A 578 -28.30 -48.73 9.32
C ARG A 578 -28.53 -50.11 9.94
N LYS A 579 -29.02 -51.03 9.11
CA LYS A 579 -29.39 -52.35 9.61
C LYS A 579 -28.18 -53.13 10.10
N ARG A 580 -27.08 -53.10 9.35
CA ARG A 580 -25.91 -53.88 9.72
C ARG A 580 -25.26 -53.30 10.99
N PHE A 581 -25.14 -51.98 11.06
CA PHE A 581 -24.63 -51.39 12.29
C PHE A 581 -25.57 -51.67 13.45
N ARG A 582 -26.88 -51.64 13.20
CA ARG A 582 -27.83 -51.94 14.28
C ARG A 582 -27.63 -53.37 14.77
N THR A 583 -27.43 -54.32 13.85
CA THR A 583 -27.13 -55.68 14.25
C THR A 583 -25.85 -55.75 15.08
N LEU A 584 -24.80 -55.06 14.63
CA LEU A 584 -23.55 -55.05 15.38
C LEU A 584 -23.75 -54.47 16.78
N TYR A 585 -24.50 -53.37 16.88
CA TYR A 585 -24.70 -52.70 18.16
C TYR A 585 -25.50 -53.58 19.12
N HIS A 586 -26.53 -54.25 18.60
CA HIS A 586 -27.31 -55.15 19.43
C HIS A 586 -26.45 -56.32 19.92
N ASN A 587 -25.59 -56.87 19.05
CA ASN A 587 -24.76 -57.99 19.47
C ASN A 587 -23.71 -57.57 20.50
N LEU A 588 -23.04 -56.44 20.27
CA LEU A 588 -22.00 -56.01 21.20
C LEU A 588 -22.57 -55.68 22.57
N PHE A 589 -23.64 -54.89 22.61
CA PHE A 589 -24.28 -54.53 23.87
C PHE A 589 -25.62 -55.25 24.01
N ILE A 631 -14.16 -55.76 14.36
CA ILE A 631 -14.29 -56.19 15.74
C ILE A 631 -14.45 -54.98 16.65
N ASN A 632 -15.54 -54.24 16.46
CA ASN A 632 -15.87 -53.07 17.26
C ASN A 632 -14.84 -51.95 17.09
N HIS A 633 -14.04 -52.00 16.03
CA HIS A 633 -13.10 -50.94 15.70
C HIS A 633 -13.42 -50.45 14.30
N PHE A 634 -13.64 -49.14 14.17
CA PHE A 634 -14.09 -48.59 12.90
C PHE A 634 -12.94 -48.59 11.89
N PRO A 635 -13.22 -48.89 10.62
CA PRO A 635 -12.16 -48.84 9.60
C PRO A 635 -11.58 -47.44 9.40
N PHE A 636 -12.37 -46.40 9.62
CA PHE A 636 -11.96 -45.02 9.41
C PHE A 636 -12.24 -44.23 10.67
N PRO A 637 -11.48 -44.48 11.74
CA PRO A 637 -11.77 -43.80 13.02
C PRO A 637 -11.68 -42.29 12.94
N PHE A 638 -10.86 -41.77 12.03
CA PHE A 638 -10.70 -40.33 11.91
C PHE A 638 -12.02 -39.65 11.57
N HIS A 639 -12.85 -40.31 10.75
CA HIS A 639 -14.14 -39.73 10.40
C HIS A 639 -15.02 -39.54 11.62
N GLU A 640 -15.16 -40.60 12.43
CA GLU A 640 -16.01 -40.51 13.62
C GLU A 640 -15.43 -39.52 14.62
N LEU A 641 -14.11 -39.50 14.78
CA LEU A 641 -13.50 -38.56 15.71
C LEU A 641 -13.71 -37.12 15.26
N MET A 642 -13.58 -36.86 13.96
CA MET A 642 -13.88 -35.53 13.43
C MET A 642 -15.33 -35.15 13.69
N VAL A 643 -16.25 -36.09 13.45
CA VAL A 643 -17.66 -35.81 13.67
C VAL A 643 -17.90 -35.45 15.12
N TRP A 644 -17.33 -36.24 16.03
CA TRP A 644 -17.51 -35.99 17.46
C TRP A 644 -16.93 -34.62 17.84
N ALA A 645 -15.73 -34.32 17.35
CA ALA A 645 -15.10 -33.05 17.70
C ALA A 645 -15.93 -31.87 17.23
N VAL A 646 -16.44 -31.93 15.99
CA VAL A 646 -17.25 -30.85 15.47
C VAL A 646 -18.56 -30.74 16.23
N LEU A 647 -19.14 -31.90 16.61
CA LEU A 647 -20.40 -31.88 17.33
C LEU A 647 -20.27 -31.18 18.67
N MET A 648 -19.14 -31.37 19.35
CA MET A 648 -18.91 -30.79 20.67
C MET A 648 -18.17 -29.46 20.61
N LYS A 649 -18.04 -28.88 19.43
CA LYS A 649 -17.59 -27.49 19.30
C LYS A 649 -16.12 -27.34 19.70
N ARG A 650 -15.27 -28.23 19.17
CA ARG A 650 -13.83 -28.21 19.43
C ARG A 650 -13.10 -28.02 18.11
N GLN A 651 -12.66 -26.79 17.86
CA GLN A 651 -12.12 -26.43 16.55
C GLN A 651 -10.75 -27.06 16.30
N LYS A 652 -9.83 -26.94 17.26
CA LYS A 652 -8.47 -27.39 17.02
C LYS A 652 -8.40 -28.89 16.80
N MET A 653 -9.13 -29.65 17.60
CA MET A 653 -9.19 -31.10 17.42
C MET A 653 -9.74 -31.44 16.05
N ALA A 654 -10.77 -30.73 15.62
CA ALA A 654 -11.36 -30.97 14.31
C ALA A 654 -10.34 -30.72 13.21
N LEU A 655 -9.59 -29.63 13.31
CA LEU A 655 -8.60 -29.32 12.30
C LEU A 655 -7.51 -30.40 12.26
N PHE A 656 -7.05 -30.84 13.42
CA PHE A 656 -6.01 -31.87 13.45
C PHE A 656 -6.50 -33.18 12.83
N PHE A 657 -7.71 -33.60 13.19
CA PHE A 657 -8.24 -34.85 12.66
C PHE A 657 -8.55 -34.72 11.18
N TRP A 658 -8.88 -33.51 10.70
CA TRP A 658 -8.96 -33.29 9.27
C TRP A 658 -7.59 -33.47 8.62
N GLN A 659 -6.54 -32.98 9.31
CA GLN A 659 -5.19 -33.10 8.75
C GLN A 659 -4.82 -34.54 8.51
N HIS A 660 -5.09 -35.42 9.48
CA HIS A 660 -4.54 -36.77 9.41
C HIS A 660 -5.46 -37.82 8.79
N GLY A 661 -6.75 -37.54 8.64
CA GLY A 661 -7.65 -38.53 8.09
C GLY A 661 -7.50 -38.79 6.60
N GLU A 662 -8.51 -39.40 6.00
CA GLU A 662 -8.52 -39.73 4.57
C GLU A 662 -9.74 -39.11 3.92
N GLU A 663 -9.70 -38.97 2.60
CA GLU A 663 -10.73 -38.28 1.82
C GLU A 663 -11.17 -37.01 2.55
N ALA A 664 -10.21 -36.10 2.70
CA ALA A 664 -10.40 -34.95 3.58
C ALA A 664 -11.46 -33.99 3.05
N MET A 665 -11.50 -33.77 1.74
CA MET A 665 -12.39 -32.76 1.19
C MET A 665 -13.85 -33.07 1.50
N ALA A 666 -14.24 -34.34 1.38
CA ALA A 666 -15.62 -34.72 1.66
C ALA A 666 -16.02 -34.36 3.07
N LYS A 667 -15.19 -34.74 4.05
CA LYS A 667 -15.55 -34.46 5.44
C LYS A 667 -15.42 -32.98 5.76
N ALA A 668 -14.56 -32.24 5.05
CA ALA A 668 -14.52 -30.79 5.22
C ALA A 668 -15.84 -30.16 4.79
N LEU A 669 -16.36 -30.57 3.64
CA LEU A 669 -17.65 -30.05 3.19
C LEU A 669 -18.76 -30.46 4.16
N VAL A 670 -18.71 -31.69 4.64
CA VAL A 670 -19.69 -32.15 5.61
C VAL A 670 -19.64 -31.28 6.86
N ALA A 671 -18.44 -30.95 7.33
CA ALA A 671 -18.29 -30.13 8.51
C ALA A 671 -18.84 -28.73 8.28
N CYS A 672 -18.57 -28.15 7.11
CA CYS A 672 -19.12 -26.84 6.79
C CYS A 672 -20.63 -26.85 6.85
N LYS A 673 -21.24 -27.83 6.18
CA LYS A 673 -22.70 -27.94 6.17
C LYS A 673 -23.24 -28.11 7.58
N LEU A 674 -22.61 -28.97 8.37
CA LEU A 674 -23.13 -29.28 9.69
C LEU A 674 -23.00 -28.09 10.63
N CYS A 675 -21.89 -27.35 10.55
CA CYS A 675 -21.74 -26.15 11.36
C CYS A 675 -22.75 -25.09 10.97
N LYS A 676 -23.02 -24.92 9.67
CA LYS A 676 -24.05 -23.98 9.26
C LYS A 676 -25.40 -24.37 9.83
N ALA A 677 -25.73 -25.66 9.76
CA ALA A 677 -26.99 -26.13 10.32
C ALA A 677 -27.07 -25.87 11.82
N MET A 678 -25.97 -26.12 12.54
CA MET A 678 -25.95 -25.86 13.97
C MET A 678 -26.17 -24.39 14.27
N ALA A 679 -25.52 -23.51 13.52
CA ALA A 679 -25.68 -22.07 13.76
C ALA A 679 -27.12 -21.65 13.52
N HIS A 680 -27.73 -22.14 12.43
CA HIS A 680 -29.13 -21.82 12.16
C HIS A 680 -30.04 -22.32 13.29
N GLU A 681 -29.82 -23.56 13.73
CA GLU A 681 -30.65 -24.12 14.79
C GLU A 681 -30.52 -23.33 16.08
N ALA A 682 -29.29 -22.94 16.42
CA ALA A 682 -29.08 -22.12 17.62
C ALA A 682 -29.76 -20.76 17.50
N SER A 683 -29.64 -20.12 16.34
CA SER A 683 -30.26 -18.82 16.15
C SER A 683 -31.79 -18.93 16.26
N GLU A 684 -32.35 -20.04 15.78
CA GLU A 684 -33.80 -20.17 15.73
C GLU A 684 -34.42 -20.03 17.13
N ASN A 685 -33.89 -20.74 18.12
CA ASN A 685 -34.47 -20.79 19.45
C ASN A 685 -33.41 -20.55 20.51
N ASP A 686 -33.68 -19.63 21.43
CA ASP A 686 -32.87 -19.42 22.63
C ASP A 686 -31.41 -19.22 22.20
N MET A 687 -30.45 -19.97 22.76
CA MET A 687 -29.05 -19.87 22.38
C MET A 687 -28.45 -18.53 22.79
N VAL A 688 -27.21 -18.26 22.40
CA VAL A 688 -26.47 -17.06 22.77
C VAL A 688 -25.76 -16.54 21.52
N ASP A 689 -24.94 -15.51 21.71
CA ASP A 689 -24.20 -14.91 20.60
C ASP A 689 -23.11 -15.82 20.06
N ASP A 690 -22.81 -16.93 20.75
CA ASP A 690 -21.74 -17.81 20.29
C ASP A 690 -22.00 -18.30 18.87
N ILE A 691 -23.27 -18.37 18.46
CA ILE A 691 -23.57 -18.81 17.10
C ILE A 691 -22.86 -17.91 16.08
N SER A 692 -22.84 -16.60 16.33
CA SER A 692 -22.14 -15.69 15.43
C SER A 692 -20.67 -16.08 15.32
N GLN A 693 -20.05 -16.49 16.43
CA GLN A 693 -18.68 -16.96 16.38
C GLN A 693 -18.56 -18.23 15.56
N GLU A 694 -19.56 -19.09 15.65
CA GLU A 694 -19.52 -20.37 14.92
C GLU A 694 -19.84 -20.17 13.45
N LEU A 695 -21.04 -19.66 13.16
CA LEU A 695 -21.61 -19.65 11.81
C LEU A 695 -20.57 -19.29 10.76
N ASN A 696 -19.96 -18.12 10.88
CA ASN A 696 -19.05 -17.60 9.86
C ASN A 696 -17.58 -17.75 10.23
N HIS A 697 -17.26 -18.54 11.25
CA HIS A 697 -15.87 -18.78 11.60
C HIS A 697 -15.56 -20.23 11.93
N ASN A 698 -16.53 -21.13 11.82
CA ASN A 698 -16.29 -22.56 11.87
C ASN A 698 -16.61 -23.24 10.55
N SER A 699 -17.85 -23.08 10.06
CA SER A 699 -18.18 -23.59 8.73
C SER A 699 -17.37 -22.89 7.65
N ARG A 700 -17.20 -21.57 7.79
CA ARG A 700 -16.46 -20.81 6.79
C ARG A 700 -15.02 -21.30 6.67
N ASP A 701 -14.37 -21.59 7.80
CA ASP A 701 -12.99 -22.05 7.75
C ASP A 701 -12.88 -23.37 7.01
N PHE A 702 -13.77 -24.31 7.30
CA PHE A 702 -13.75 -25.59 6.60
C PHE A 702 -14.02 -25.42 5.12
N GLY A 703 -14.96 -24.55 4.76
CA GLY A 703 -15.22 -24.30 3.36
C GLY A 703 -14.00 -23.75 2.64
N GLN A 704 -13.31 -22.79 3.26
CA GLN A 704 -12.12 -22.23 2.65
C GLN A 704 -11.02 -23.28 2.52
N LEU A 705 -10.88 -24.14 3.52
CA LEU A 705 -9.90 -25.22 3.45
C LEU A 705 -10.21 -26.15 2.27
N ALA A 706 -11.49 -26.51 2.10
CA ALA A 706 -11.86 -27.37 0.99
C ALA A 706 -11.57 -26.69 -0.34
N VAL A 707 -11.85 -25.40 -0.44
CA VAL A 707 -11.58 -24.67 -1.68
C VAL A 707 -10.09 -24.68 -1.99
N GLU A 708 -9.26 -24.43 -0.97
CA GLU A 708 -7.82 -24.42 -1.19
C GLU A 708 -7.32 -25.79 -1.62
N LEU A 709 -7.83 -26.85 -0.99
CA LEU A 709 -7.45 -28.20 -1.38
C LEU A 709 -7.84 -28.49 -2.81
N LEU A 710 -9.05 -28.07 -3.21
CA LEU A 710 -9.49 -28.26 -4.59
C LEU A 710 -8.56 -27.52 -5.56
N ASP A 711 -8.21 -26.28 -5.23
CA ASP A 711 -7.33 -25.52 -6.09
C ASP A 711 -5.98 -26.21 -6.24
N GLN A 712 -5.42 -26.70 -5.14
CA GLN A 712 -4.14 -27.39 -5.21
C GLN A 712 -4.23 -28.66 -6.04
N SER A 713 -5.30 -29.43 -5.86
CA SER A 713 -5.47 -30.65 -6.64
C SER A 713 -5.57 -30.34 -8.12
N TYR A 714 -6.32 -29.29 -8.47
CA TYR A 714 -6.42 -28.90 -9.87
C TYR A 714 -5.06 -28.47 -10.40
N LYS A 715 -4.28 -27.76 -9.59
CA LYS A 715 -2.94 -27.35 -10.01
C LYS A 715 -2.08 -28.57 -10.32
N GLN A 716 -2.07 -29.56 -9.44
CA GLN A 716 -1.21 -30.72 -9.65
C GLN A 716 -1.67 -31.54 -10.85
N ASP A 717 -2.98 -31.79 -10.96
CA ASP A 717 -3.49 -32.62 -12.05
C ASP A 717 -4.96 -32.28 -12.25
N GLU A 718 -5.31 -31.80 -13.44
CA GLU A 718 -6.70 -31.42 -13.70
C GLU A 718 -7.60 -32.63 -13.84
N GLN A 719 -7.15 -33.64 -14.59
CA GLN A 719 -7.99 -34.82 -14.81
C GLN A 719 -8.27 -35.56 -13.51
N LEU A 720 -7.25 -35.71 -12.67
CA LEU A 720 -7.45 -36.35 -11.38
C LEU A 720 -8.38 -35.52 -10.50
N ALA A 721 -8.28 -34.18 -10.59
CA ALA A 721 -9.21 -33.34 -9.84
C ALA A 721 -10.64 -33.57 -10.29
N MET A 722 -10.85 -33.65 -11.61
CA MET A 722 -12.19 -33.93 -12.12
C MET A 722 -12.70 -35.27 -11.62
N LYS A 723 -11.84 -36.28 -11.65
CA LYS A 723 -12.25 -37.61 -11.20
C LYS A 723 -12.59 -37.60 -9.70
N LEU A 724 -11.80 -36.87 -8.92
CA LEU A 724 -12.04 -36.82 -7.48
C LEU A 724 -13.33 -36.07 -7.16
N LEU A 725 -13.62 -35.01 -7.91
CA LEU A 725 -14.80 -34.19 -7.61
C LEU A 725 -16.08 -35.02 -7.64
N THR A 726 -16.15 -36.04 -8.49
CA THR A 726 -17.36 -36.83 -8.67
C THR A 726 -17.00 -38.31 -8.61
N TYR A 727 -17.35 -38.95 -7.51
CA TYR A 727 -17.22 -40.40 -7.38
C TYR A 727 -17.96 -40.83 -6.12
N GLU A 728 -18.66 -41.96 -6.21
CA GLU A 728 -19.53 -42.39 -5.13
C GLU A 728 -18.72 -42.61 -3.86
N LEU A 729 -19.25 -42.12 -2.74
CA LEU A 729 -18.66 -42.29 -1.42
C LEU A 729 -19.53 -43.25 -0.63
N LYS A 730 -19.04 -44.48 -0.45
CA LYS A 730 -19.80 -45.46 0.33
C LYS A 730 -19.95 -44.99 1.77
N ASN A 731 -18.92 -44.36 2.32
CA ASN A 731 -18.98 -43.93 3.71
C ASN A 731 -20.03 -42.85 3.93
N TRP A 732 -20.16 -41.92 2.97
CA TRP A 732 -21.00 -40.75 3.12
C TRP A 732 -22.27 -40.86 2.28
N SER A 733 -22.84 -42.07 2.20
CA SER A 733 -24.14 -42.28 1.56
C SER A 733 -24.07 -41.98 0.06
N ASN A 734 -22.96 -42.35 -0.57
CA ASN A 734 -22.80 -42.25 -2.03
C ASN A 734 -23.13 -40.84 -2.53
N ALA A 735 -22.61 -39.84 -1.83
CA ALA A 735 -22.81 -38.45 -2.17
C ALA A 735 -21.49 -37.85 -2.65
N THR A 736 -21.49 -37.33 -3.87
CA THR A 736 -20.28 -36.74 -4.42
C THR A 736 -20.02 -35.38 -3.79
N CYS A 737 -18.83 -34.84 -4.06
CA CYS A 737 -18.45 -33.56 -3.48
C CYS A 737 -19.36 -32.44 -3.97
N LEU A 738 -19.77 -32.49 -5.24
CA LEU A 738 -20.63 -31.45 -5.78
C LEU A 738 -21.96 -31.39 -5.05
N GLN A 739 -22.55 -32.54 -4.77
CA GLN A 739 -23.83 -32.56 -4.06
C GLN A 739 -23.70 -31.95 -2.68
N LEU A 740 -22.62 -32.30 -1.96
CA LEU A 740 -22.42 -31.75 -0.62
C LEU A 740 -22.18 -30.24 -0.68
N ALA A 741 -21.42 -29.78 -1.67
CA ALA A 741 -21.19 -28.35 -1.83
C ALA A 741 -22.50 -27.62 -2.10
N VAL A 742 -23.34 -28.19 -2.97
CA VAL A 742 -24.63 -27.58 -3.26
C VAL A 742 -25.48 -27.51 -2.01
N ALA A 743 -25.50 -28.60 -1.23
CA ALA A 743 -26.26 -28.59 0.01
C ALA A 743 -25.75 -27.54 0.97
N ALA A 744 -24.42 -27.35 1.02
CA ALA A 744 -23.83 -26.31 1.82
C ALA A 744 -23.93 -24.93 1.19
N LYS A 745 -24.35 -24.86 -0.07
CA LYS A 745 -24.50 -23.58 -0.76
C LYS A 745 -23.19 -22.82 -0.80
N HIS A 746 -22.09 -23.54 -0.98
CA HIS A 746 -20.76 -22.94 -1.06
C HIS A 746 -20.54 -22.50 -2.50
N ARG A 747 -20.94 -21.27 -2.80
CA ARG A 747 -20.85 -20.77 -4.17
C ARG A 747 -19.42 -20.76 -4.68
N ASP A 748 -18.45 -20.53 -3.80
CA ASP A 748 -17.06 -20.45 -4.24
C ASP A 748 -16.59 -21.77 -4.84
N PHE A 749 -16.99 -22.89 -4.23
CA PHE A 749 -16.57 -24.19 -4.72
C PHE A 749 -17.06 -24.43 -6.14
N ILE A 750 -18.34 -24.12 -6.37
CA ILE A 750 -18.92 -24.36 -7.69
C ILE A 750 -18.35 -23.40 -8.72
N ALA A 751 -18.15 -22.14 -8.34
CA ALA A 751 -17.65 -21.15 -9.26
C ALA A 751 -16.22 -21.41 -9.70
N HIS A 752 -15.52 -22.35 -9.05
CA HIS A 752 -14.15 -22.62 -9.41
C HIS A 752 -14.07 -23.19 -10.82
N THR A 753 -12.92 -22.98 -11.45
CA THR A 753 -12.78 -23.32 -12.87
C THR A 753 -12.99 -24.80 -13.11
N CYS A 754 -12.46 -25.66 -12.23
CA CYS A 754 -12.58 -27.10 -12.45
C CYS A 754 -14.04 -27.54 -12.44
N SER A 755 -14.80 -27.07 -11.46
CA SER A 755 -16.21 -27.45 -11.39
C SER A 755 -16.99 -26.91 -12.59
N GLN A 756 -16.68 -25.69 -13.01
CA GLN A 756 -17.36 -25.14 -14.18
C GLN A 756 -17.06 -25.95 -15.44
N MET A 757 -15.80 -26.35 -15.60
CA MET A 757 -15.44 -27.17 -16.76
C MET A 757 -16.13 -28.52 -16.71
N LEU A 758 -16.23 -29.11 -15.52
CA LEU A 758 -16.94 -30.37 -15.39
C LEU A 758 -18.42 -30.21 -15.75
N LEU A 759 -19.03 -29.11 -15.29
CA LEU A 759 -20.43 -28.86 -15.61
C LEU A 759 -20.61 -28.68 -17.11
N THR A 760 -19.68 -27.97 -17.75
CA THR A 760 -19.74 -27.80 -19.20
C THR A 760 -19.60 -29.14 -19.92
N ASP A 761 -18.71 -29.99 -19.43
CA ASP A 761 -18.55 -31.32 -20.02
C ASP A 761 -19.84 -32.12 -19.92
N MET A 762 -20.49 -32.05 -18.76
CA MET A 762 -21.76 -32.73 -18.59
C MET A 762 -22.83 -32.15 -19.51
N TRP A 763 -22.81 -30.83 -19.70
CA TRP A 763 -23.83 -30.17 -20.52
C TRP A 763 -23.80 -30.69 -21.95
N MET A 764 -22.60 -30.83 -22.52
CA MET A 764 -22.47 -31.42 -23.85
C MET A 764 -22.78 -32.91 -23.85
N GLY A 765 -22.92 -33.52 -22.69
CA GLY A 765 -23.29 -34.92 -22.63
C GLY A 765 -22.24 -35.79 -23.28
N ARG A 766 -22.65 -36.52 -24.32
CA ARG A 766 -21.79 -37.49 -24.98
C ARG A 766 -20.94 -36.87 -26.09
N LEU A 767 -21.46 -35.86 -26.78
CA LEU A 767 -20.72 -35.28 -27.91
C LEU A 767 -19.38 -34.71 -27.45
N ARG A 768 -19.43 -33.80 -26.47
CA ARG A 768 -18.23 -33.21 -25.88
C ARG A 768 -17.22 -32.80 -26.95
N MET A 769 -17.66 -31.86 -27.79
CA MET A 769 -16.83 -31.35 -28.87
C MET A 769 -16.73 -29.83 -28.79
N GLY A 861 -27.89 -47.35 -33.58
CA GLY A 861 -28.66 -47.09 -32.38
C GLY A 861 -27.95 -46.15 -31.42
N ARG A 862 -26.68 -46.44 -31.15
CA ARG A 862 -25.91 -45.60 -30.23
C ARG A 862 -25.74 -44.19 -30.80
N LYS A 863 -25.53 -44.08 -32.11
CA LYS A 863 -25.35 -42.77 -32.72
C LYS A 863 -26.58 -41.89 -32.49
N ILE A 864 -27.77 -42.45 -32.67
CA ILE A 864 -28.99 -41.70 -32.39
C ILE A 864 -29.11 -41.43 -30.89
N TYR A 865 -28.81 -42.44 -30.07
CA TYR A 865 -29.06 -42.32 -28.63
C TYR A 865 -28.23 -41.21 -28.00
N GLU A 866 -26.94 -41.15 -28.35
CA GLU A 866 -26.06 -40.16 -27.74
C GLU A 866 -26.57 -38.75 -28.02
N PHE A 867 -27.05 -38.51 -29.24
CA PHE A 867 -27.62 -37.21 -29.57
C PHE A 867 -28.95 -37.00 -28.88
N TYR A 868 -29.75 -38.06 -28.76
CA TYR A 868 -31.11 -37.92 -28.28
C TYR A 868 -31.16 -37.59 -26.79
N ASN A 869 -30.39 -38.31 -25.98
CA ASN A 869 -30.49 -38.19 -24.54
C ASN A 869 -29.54 -37.15 -23.95
N ALA A 870 -28.82 -36.40 -24.79
CA ALA A 870 -28.01 -35.32 -24.27
C ALA A 870 -28.90 -34.19 -23.75
N PRO A 871 -28.57 -33.61 -22.60
CA PRO A 871 -29.46 -32.56 -22.04
C PRO A 871 -29.60 -31.34 -22.93
N ILE A 872 -28.56 -30.97 -23.66
CA ILE A 872 -28.61 -29.74 -24.46
C ILE A 872 -29.67 -29.85 -25.54
N VAL A 873 -29.75 -31.00 -26.21
CA VAL A 873 -30.73 -31.16 -27.28
C VAL A 873 -32.13 -31.16 -26.71
N LYS A 874 -32.31 -31.72 -25.52
CA LYS A 874 -33.63 -31.68 -24.88
C LYS A 874 -34.01 -30.25 -24.55
N PHE A 875 -33.05 -29.46 -24.09
CA PHE A 875 -33.31 -28.05 -23.83
C PHE A 875 -33.75 -27.34 -25.10
N TRP A 876 -33.05 -27.60 -26.21
CA TRP A 876 -33.41 -26.94 -27.46
C TRP A 876 -34.80 -27.37 -27.93
N PHE A 877 -35.13 -28.64 -27.80
CA PHE A 877 -36.45 -29.10 -28.21
C PHE A 877 -37.55 -28.47 -27.37
N TYR A 878 -37.35 -28.40 -26.06
CA TYR A 878 -38.34 -27.74 -25.20
C TYR A 878 -38.49 -26.28 -25.59
N THR A 879 -37.38 -25.60 -25.86
CA THR A 879 -37.44 -24.20 -26.25
C THR A 879 -38.22 -24.02 -27.55
N LEU A 880 -37.95 -24.89 -28.54
CA LEU A 880 -38.65 -24.78 -29.82
C LEU A 880 -40.15 -25.03 -29.64
N ALA A 881 -40.51 -26.01 -28.83
CA ALA A 881 -41.92 -26.27 -28.57
C ALA A 881 -42.57 -25.05 -27.92
N TYR A 882 -41.88 -24.44 -26.95
CA TYR A 882 -42.42 -23.25 -26.30
C TYR A 882 -42.61 -22.12 -27.30
N ILE A 883 -41.65 -21.93 -28.20
CA ILE A 883 -41.75 -20.86 -29.19
C ILE A 883 -42.94 -21.10 -30.11
N GLY A 884 -43.13 -22.34 -30.56
CA GLY A 884 -44.27 -22.64 -31.40
C GLY A 884 -45.59 -22.39 -30.70
N TYR A 885 -45.68 -22.81 -29.43
CA TYR A 885 -46.89 -22.55 -28.66
C TYR A 885 -47.15 -21.06 -28.53
N LEU A 886 -46.10 -20.27 -28.31
CA LEU A 886 -46.25 -18.82 -28.20
C LEU A 886 -46.77 -18.23 -29.51
N MET A 887 -46.22 -18.69 -30.64
CA MET A 887 -46.68 -18.20 -31.93
C MET A 887 -48.16 -18.50 -32.14
N LEU A 888 -48.58 -19.72 -31.81
CA LEU A 888 -49.98 -20.07 -31.95
C LEU A 888 -50.86 -19.22 -31.03
N PHE A 889 -50.39 -18.95 -29.82
CA PHE A 889 -51.15 -18.10 -28.91
C PHE A 889 -51.36 -16.71 -29.49
N ASN A 890 -50.30 -16.12 -30.05
CA ASN A 890 -50.44 -14.79 -30.65
C ASN A 890 -51.45 -14.84 -31.80
N TYR A 891 -51.29 -15.80 -32.70
CA TYR A 891 -52.22 -15.91 -33.82
C TYR A 891 -53.65 -16.00 -33.32
N ILE A 892 -53.87 -16.79 -32.26
CA ILE A 892 -55.22 -16.96 -31.72
C ILE A 892 -55.77 -15.64 -31.22
N VAL A 893 -54.99 -14.93 -30.40
CA VAL A 893 -55.55 -13.73 -29.77
C VAL A 893 -55.88 -12.69 -30.82
N LEU A 894 -54.98 -12.47 -31.78
CA LEU A 894 -55.21 -11.38 -32.74
C LEU A 894 -56.42 -11.63 -33.62
N VAL A 895 -56.58 -12.85 -34.12
CA VAL A 895 -57.67 -13.17 -35.04
C VAL A 895 -58.96 -13.39 -34.26
N LYS A 896 -60.08 -13.22 -34.95
CA LYS A 896 -61.39 -13.42 -34.33
C LYS A 896 -61.59 -14.89 -34.00
N MET A 897 -62.30 -15.15 -32.90
CA MET A 897 -62.61 -16.49 -32.45
C MET A 897 -64.11 -16.72 -32.51
N GLU A 898 -64.51 -17.86 -33.05
CA GLU A 898 -65.92 -18.22 -33.16
C GLU A 898 -66.43 -18.72 -31.81
N ARG A 899 -67.67 -19.23 -31.79
CA ARG A 899 -68.24 -19.73 -30.55
C ARG A 899 -67.44 -20.92 -30.02
N TRP A 900 -67.08 -21.85 -30.91
CA TRP A 900 -66.28 -23.00 -30.50
C TRP A 900 -64.82 -22.78 -30.89
N PRO A 901 -63.88 -23.29 -30.09
CA PRO A 901 -62.46 -23.06 -30.38
C PRO A 901 -62.01 -23.80 -31.62
N SER A 902 -60.98 -23.25 -32.26
CA SER A 902 -60.38 -23.86 -33.44
C SER A 902 -59.32 -24.87 -33.01
N THR A 903 -58.67 -25.49 -34.00
CA THR A 903 -57.66 -26.49 -33.71
C THR A 903 -56.49 -25.88 -32.95
N GLN A 904 -56.09 -24.66 -33.31
CA GLN A 904 -54.96 -24.02 -32.65
C GLN A 904 -55.23 -23.85 -31.16
N GLU A 905 -56.43 -23.43 -30.80
CA GLU A 905 -56.74 -23.24 -29.39
C GLU A 905 -56.79 -24.57 -28.65
N TRP A 906 -57.25 -25.62 -29.31
CA TRP A 906 -57.20 -26.95 -28.70
C TRP A 906 -55.77 -27.36 -28.42
N ILE A 907 -54.87 -27.13 -29.38
CA ILE A 907 -53.47 -27.45 -29.19
C ILE A 907 -52.89 -26.67 -28.01
N VAL A 908 -53.19 -25.38 -27.95
CA VAL A 908 -52.69 -24.53 -26.86
C VAL A 908 -53.18 -25.06 -25.52
N ILE A 909 -54.46 -25.37 -25.43
CA ILE A 909 -55.04 -25.85 -24.18
C ILE A 909 -54.41 -27.17 -23.77
N SER A 910 -54.22 -28.08 -24.74
CA SER A 910 -53.59 -29.36 -24.41
C SER A 910 -52.18 -29.16 -23.91
N TYR A 911 -51.43 -28.25 -24.54
CA TYR A 911 -50.07 -27.99 -24.10
C TYR A 911 -50.05 -27.47 -22.67
N ILE A 912 -50.95 -26.53 -22.34
CA ILE A 912 -50.97 -25.98 -21.00
C ILE A 912 -51.34 -27.06 -19.98
N PHE A 913 -52.34 -27.89 -20.33
CA PHE A 913 -52.77 -28.95 -19.41
C PHE A 913 -51.64 -29.94 -19.15
N THR A 914 -50.93 -30.34 -20.20
CA THR A 914 -49.82 -31.27 -20.01
C THR A 914 -48.69 -30.64 -19.22
N LEU A 915 -48.43 -29.34 -19.43
CA LEU A 915 -47.41 -28.67 -18.63
C LEU A 915 -47.78 -28.65 -17.15
N GLY A 916 -49.05 -28.40 -16.85
CA GLY A 916 -49.49 -28.47 -15.47
C GLY A 916 -49.34 -29.86 -14.89
N ILE A 917 -49.67 -30.88 -15.67
CA ILE A 917 -49.47 -32.25 -15.23
C ILE A 917 -48.00 -32.51 -14.94
N GLU A 918 -47.11 -31.99 -15.78
CA GLU A 918 -45.68 -32.19 -15.57
C GLU A 918 -45.20 -31.46 -14.32
N LYS A 919 -45.76 -30.29 -14.03
CA LYS A 919 -45.43 -29.60 -12.79
C LYS A 919 -45.86 -30.43 -11.58
N MET A 920 -47.05 -31.01 -11.63
CA MET A 920 -47.48 -31.89 -10.55
C MET A 920 -46.54 -33.09 -10.42
N ARG A 921 -46.12 -33.64 -11.55
CA ARG A 921 -45.19 -34.76 -11.54
C ARG A 921 -43.87 -34.38 -10.88
N GLU A 922 -43.36 -33.19 -11.19
CA GLU A 922 -42.15 -32.71 -10.53
C GLU A 922 -42.38 -32.56 -9.03
N ILE A 923 -43.57 -32.08 -8.64
CA ILE A 923 -43.88 -31.98 -7.22
C ILE A 923 -43.78 -33.34 -6.55
N LEU A 924 -44.37 -34.36 -7.16
CA LEU A 924 -44.36 -35.70 -6.60
C LEU A 924 -43.11 -36.50 -6.99
N MET A 925 -42.30 -36.00 -7.91
CA MET A 925 -41.08 -36.70 -8.31
C MET A 925 -41.38 -38.13 -8.73
N GLY A 929 -46.55 -37.43 4.49
CA GLY A 929 -45.50 -38.31 4.01
C GLY A 929 -44.44 -37.59 3.21
N LYS A 930 -43.85 -36.57 3.81
CA LYS A 930 -42.79 -35.74 3.24
C LYS A 930 -43.36 -34.75 2.22
N LEU A 931 -44.65 -34.81 1.90
CA LEU A 931 -45.19 -33.92 0.88
C LEU A 931 -45.05 -32.47 1.29
N LEU A 932 -45.24 -32.18 2.58
CA LEU A 932 -45.06 -30.81 3.06
C LEU A 932 -43.62 -30.34 2.83
N GLN A 933 -42.65 -31.21 3.12
CA GLN A 933 -41.25 -30.85 2.87
C GLN A 933 -41.00 -30.64 1.39
N LYS A 934 -41.59 -31.47 0.53
CA LYS A 934 -41.43 -31.28 -0.91
C LYS A 934 -42.00 -29.94 -1.35
N VAL A 935 -43.15 -29.56 -0.82
CA VAL A 935 -43.74 -28.26 -1.16
C VAL A 935 -42.85 -27.13 -0.68
N LYS A 936 -42.31 -27.25 0.53
CA LYS A 936 -41.42 -26.21 1.04
C LYS A 936 -40.19 -26.06 0.16
N VAL A 937 -39.62 -27.17 -0.30
CA VAL A 937 -38.48 -27.10 -1.20
C VAL A 937 -38.89 -26.48 -2.53
N TRP A 938 -40.05 -26.88 -3.04
CA TRP A 938 -40.49 -26.40 -4.34
C TRP A 938 -40.73 -24.89 -4.34
N LEU A 939 -41.21 -24.36 -3.21
CA LEU A 939 -41.47 -22.93 -3.14
C LEU A 939 -40.20 -22.12 -3.34
N GLN A 940 -39.03 -22.72 -3.18
CA GLN A 940 -37.78 -21.98 -3.38
C GLN A 940 -37.70 -21.41 -4.80
N GLU A 941 -38.24 -22.11 -5.78
CA GLU A 941 -38.24 -21.64 -7.16
C GLU A 941 -39.40 -20.66 -7.34
N TYR A 942 -39.07 -19.37 -7.46
CA TYR A 942 -40.11 -18.36 -7.58
C TYR A 942 -40.83 -18.44 -8.92
N TRP A 943 -40.13 -18.85 -9.99
CA TRP A 943 -40.77 -18.95 -11.30
C TRP A 943 -41.93 -19.94 -11.28
N ASN A 944 -41.74 -21.08 -10.61
CA ASN A 944 -42.73 -22.14 -10.61
C ASN A 944 -44.02 -21.75 -9.90
N VAL A 945 -44.00 -20.68 -9.10
CA VAL A 945 -45.21 -20.19 -8.47
C VAL A 945 -46.03 -19.35 -9.45
N THR A 946 -45.36 -18.41 -10.11
CA THR A 946 -46.04 -17.59 -11.10
C THR A 946 -46.56 -18.44 -12.25
N ASP A 947 -45.83 -19.50 -12.60
CA ASP A 947 -46.32 -20.41 -13.65
C ASP A 947 -47.65 -21.01 -13.25
N LEU A 948 -47.74 -21.50 -12.01
CA LEU A 948 -48.99 -22.11 -11.54
C LEU A 948 -50.12 -21.07 -11.50
N ILE A 949 -49.81 -19.86 -11.04
CA ILE A 949 -50.83 -18.82 -10.97
C ILE A 949 -51.35 -18.50 -12.36
N ALA A 950 -50.45 -18.36 -13.33
CA ALA A 950 -50.85 -18.07 -14.70
C ALA A 950 -51.70 -19.20 -15.28
N ILE A 951 -51.33 -20.45 -14.98
CA ILE A 951 -52.11 -21.58 -15.47
C ILE A 951 -53.51 -21.55 -14.89
N LEU A 952 -53.63 -21.22 -13.60
CA LEU A 952 -54.95 -21.14 -12.98
C LEU A 952 -55.79 -20.04 -13.62
N LEU A 953 -55.19 -18.88 -13.87
CA LEU A 953 -55.93 -17.80 -14.53
C LEU A 953 -56.36 -18.21 -15.93
N PHE A 954 -55.50 -18.92 -16.66
CA PHE A 954 -55.86 -19.39 -17.98
C PHE A 954 -57.03 -20.36 -17.91
N SER A 955 -57.02 -21.25 -16.92
CA SER A 955 -58.13 -22.19 -16.77
C SER A 955 -59.43 -21.45 -16.48
N VAL A 956 -59.37 -20.43 -15.62
CA VAL A 956 -60.55 -19.62 -15.35
C VAL A 956 -61.06 -18.98 -16.64
N GLY A 957 -60.14 -18.41 -17.42
CA GLY A 957 -60.53 -17.80 -18.68
C GLY A 957 -61.16 -18.80 -19.64
N MET A 958 -60.60 -20.00 -19.70
CA MET A 958 -61.15 -21.03 -20.57
C MET A 958 -62.56 -21.40 -20.15
N ILE A 959 -62.79 -21.56 -18.85
CA ILE A 959 -64.12 -21.88 -18.37
C ILE A 959 -65.10 -20.76 -18.72
N LEU A 960 -64.68 -19.51 -18.54
CA LEU A 960 -65.58 -18.40 -18.83
C LEU A 960 -65.86 -18.25 -20.32
N ARG A 961 -64.89 -18.65 -21.17
CA ARG A 961 -65.01 -18.36 -22.60
C ARG A 961 -66.04 -19.21 -23.30
N LEU A 962 -66.44 -20.35 -22.72
CA LEU A 962 -67.32 -21.29 -23.39
C LEU A 962 -68.78 -21.10 -23.02
N GLN A 963 -69.12 -20.00 -22.35
CA GLN A 963 -70.49 -19.70 -22.00
C GLN A 963 -71.11 -18.80 -23.07
N ASP A 964 -72.27 -18.22 -22.76
CA ASP A 964 -72.98 -17.39 -23.73
C ASP A 964 -72.19 -16.11 -24.01
N GLN A 965 -72.72 -15.27 -24.89
CA GLN A 965 -72.00 -14.08 -25.33
C GLN A 965 -71.52 -13.19 -24.19
N PRO A 966 -72.31 -12.89 -23.16
CA PRO A 966 -71.85 -11.89 -22.17
C PRO A 966 -70.54 -12.25 -21.48
N PHE A 967 -70.19 -13.54 -21.41
CA PHE A 967 -68.98 -13.97 -20.75
C PHE A 967 -67.82 -14.25 -21.70
N ARG A 968 -68.12 -14.56 -22.96
CA ARG A 968 -67.06 -14.98 -23.88
C ARG A 968 -66.04 -13.88 -24.09
N SER A 969 -66.49 -12.62 -24.21
CA SER A 969 -65.55 -11.53 -24.39
C SER A 969 -64.71 -11.31 -23.14
N ASP A 970 -65.28 -11.54 -21.95
CA ASP A 970 -64.49 -11.49 -20.74
C ASP A 970 -63.42 -12.57 -20.73
N GLY A 971 -63.76 -13.78 -21.18
CA GLY A 971 -62.76 -14.81 -21.32
C GLY A 971 -61.65 -14.43 -22.28
N ARG A 972 -62.03 -13.81 -23.41
CA ARG A 972 -61.03 -13.36 -24.37
C ARG A 972 -60.10 -12.33 -23.74
N VAL A 973 -60.67 -11.39 -22.96
CA VAL A 973 -59.85 -10.39 -22.29
C VAL A 973 -58.90 -11.05 -21.30
N ILE A 974 -59.38 -12.09 -20.62
CA ILE A 974 -58.52 -12.83 -19.71
C ILE A 974 -57.34 -13.43 -20.48
N TYR A 975 -57.61 -14.02 -21.64
CA TYR A 975 -56.52 -14.54 -22.47
C TYR A 975 -55.54 -13.44 -22.82
N CYS A 976 -56.05 -12.28 -23.21
CA CYS A 976 -55.19 -11.19 -23.66
C CYS A 976 -54.29 -10.72 -22.53
N VAL A 977 -54.82 -10.64 -21.32
CA VAL A 977 -54.00 -10.23 -20.18
C VAL A 977 -53.00 -11.33 -19.83
N ASN A 978 -53.40 -12.59 -19.96
CA ASN A 978 -52.53 -13.69 -19.55
C ASN A 978 -51.32 -13.84 -20.47
N ILE A 979 -51.49 -13.56 -21.77
CA ILE A 979 -50.40 -13.77 -22.71
C ILE A 979 -49.13 -13.05 -22.30
N ILE A 980 -49.24 -11.97 -21.55
CA ILE A 980 -48.07 -11.15 -21.21
C ILE A 980 -47.10 -11.94 -20.35
N TYR A 981 -47.61 -12.72 -19.38
CA TYR A 981 -46.72 -13.49 -18.54
C TYR A 981 -45.92 -14.48 -19.36
N TRP A 982 -46.56 -15.18 -20.28
CA TRP A 982 -45.85 -16.15 -21.11
C TRP A 982 -44.87 -15.45 -22.04
N TYR A 983 -45.20 -14.24 -22.49
CA TYR A 983 -44.25 -13.49 -23.31
C TYR A 983 -43.01 -13.10 -22.51
N ILE A 984 -43.19 -12.76 -21.24
CA ILE A 984 -42.07 -12.36 -20.40
C ILE A 984 -41.28 -13.55 -19.88
N ARG A 985 -41.89 -14.73 -19.82
CA ARG A 985 -41.22 -15.91 -19.30
C ARG A 985 -39.96 -16.27 -20.05
N LEU A 986 -39.70 -15.65 -21.21
CA LEU A 986 -38.51 -15.97 -21.98
C LEU A 986 -37.22 -15.59 -21.27
N LEU A 987 -37.28 -14.79 -20.21
CA LEU A 987 -36.07 -14.47 -19.47
C LEU A 987 -35.47 -15.71 -18.82
N ASP A 988 -36.31 -16.59 -18.29
CA ASP A 988 -35.83 -17.85 -17.75
C ASP A 988 -35.10 -18.65 -18.82
N ILE A 989 -35.65 -18.69 -20.04
CA ILE A 989 -34.99 -19.40 -21.12
C ILE A 989 -33.66 -18.75 -21.45
N PHE A 990 -33.62 -17.42 -21.49
CA PHE A 990 -32.39 -16.71 -21.78
C PHE A 990 -31.33 -16.97 -20.71
N GLY A 991 -31.76 -17.26 -19.49
CA GLY A 991 -30.85 -17.43 -18.37
C GLY A 991 -29.63 -18.27 -18.66
N VAL A 992 -29.74 -19.21 -19.61
CA VAL A 992 -28.62 -20.09 -19.90
C VAL A 992 -27.43 -19.32 -20.45
N ASN A 993 -27.68 -18.27 -21.23
CA ASN A 993 -26.58 -17.55 -21.86
C ASN A 993 -25.67 -16.94 -20.81
N LYS A 994 -24.38 -16.86 -21.14
CA LYS A 994 -23.40 -16.33 -20.20
C LYS A 994 -23.70 -14.89 -19.85
N TYR A 995 -23.90 -14.04 -20.86
CA TYR A 995 -24.07 -12.61 -20.62
C TYR A 995 -25.47 -12.27 -20.12
N LEU A 996 -26.49 -12.98 -20.59
CA LEU A 996 -27.86 -12.54 -20.36
C LEU A 996 -28.31 -12.77 -18.93
N GLY A 997 -27.95 -13.90 -18.34
CA GLY A 997 -28.45 -14.27 -17.03
C GLY A 997 -28.13 -13.26 -15.96
N PRO A 998 -26.86 -12.85 -15.89
CA PRO A 998 -26.49 -11.79 -14.93
C PRO A 998 -27.24 -10.50 -15.15
N TYR A 999 -27.51 -10.16 -16.41
CA TYR A 999 -28.30 -8.97 -16.70
C TYR A 999 -29.68 -9.07 -16.07
N VAL A 1000 -30.32 -10.24 -16.20
CA VAL A 1000 -31.63 -10.45 -15.63
C VAL A 1000 -31.57 -10.36 -14.11
N MET A 1001 -30.54 -10.94 -13.51
CA MET A 1001 -30.42 -10.88 -12.05
C MET A 1001 -30.27 -9.45 -11.57
N MET A 1002 -29.45 -8.66 -12.26
CA MET A 1002 -29.28 -7.26 -11.90
C MET A 1002 -30.60 -6.49 -12.04
N ILE A 1003 -31.32 -6.75 -13.14
CA ILE A 1003 -32.62 -6.11 -13.34
C ILE A 1003 -33.55 -6.44 -12.18
N GLY A 1004 -33.56 -7.70 -11.76
CA GLY A 1004 -34.41 -8.08 -10.63
C GLY A 1004 -34.00 -7.40 -9.35
N LYS A 1005 -32.70 -7.21 -9.15
CA LYS A 1005 -32.23 -6.62 -7.91
C LYS A 1005 -32.56 -5.14 -7.82
N MET A 1006 -32.48 -4.41 -8.95
CA MET A 1006 -32.67 -2.97 -8.91
C MET A 1006 -34.10 -2.54 -8.56
N MET A 1007 -35.05 -3.48 -8.55
CA MET A 1007 -36.45 -3.10 -8.40
C MET A 1007 -36.77 -2.57 -7.01
N ILE A 1008 -35.99 -2.93 -5.99
CA ILE A 1008 -36.23 -2.38 -4.66
C ILE A 1008 -35.96 -0.88 -4.64
N ASP A 1009 -34.82 -0.47 -5.20
CA ASP A 1009 -34.54 0.96 -5.33
C ASP A 1009 -35.59 1.63 -6.21
N MET A 1010 -36.01 0.94 -7.27
CA MET A 1010 -37.08 1.50 -8.10
C MET A 1010 -38.33 1.77 -7.29
N MET A 1011 -38.72 0.83 -6.43
CA MET A 1011 -39.91 0.99 -5.61
C MET A 1011 -39.76 2.16 -4.64
N TYR A 1012 -38.59 2.27 -4.02
CA TYR A 1012 -38.37 3.38 -3.09
C TYR A 1012 -38.48 4.72 -3.80
N PHE A 1013 -37.99 4.80 -5.03
CA PHE A 1013 -38.20 5.99 -5.85
C PHE A 1013 -39.69 6.20 -6.14
N VAL A 1014 -40.39 5.10 -6.45
CA VAL A 1014 -41.78 5.18 -6.87
C VAL A 1014 -42.64 5.78 -5.77
N ILE A 1015 -42.35 5.43 -4.52
CA ILE A 1015 -43.18 5.92 -3.42
C ILE A 1015 -43.18 7.46 -3.39
N ILE A 1016 -41.98 8.04 -3.43
CA ILE A 1016 -41.86 9.50 -3.38
C ILE A 1016 -42.48 10.13 -4.61
N MET A 1017 -42.23 9.55 -5.78
CA MET A 1017 -42.82 10.08 -6.99
C MET A 1017 -44.34 10.08 -6.89
N LEU A 1018 -44.89 9.01 -6.33
CA LEU A 1018 -46.34 8.91 -6.16
C LEU A 1018 -46.86 10.00 -5.23
N VAL A 1019 -46.15 10.25 -4.13
CA VAL A 1019 -46.57 11.31 -3.22
C VAL A 1019 -46.64 12.65 -3.95
N VAL A 1020 -45.56 12.98 -4.66
CA VAL A 1020 -45.51 14.28 -5.33
C VAL A 1020 -46.61 14.38 -6.39
N LEU A 1021 -46.79 13.31 -7.17
CA LEU A 1021 -47.81 13.32 -8.21
C LEU A 1021 -49.20 13.49 -7.62
N MET A 1022 -49.50 12.78 -6.53
CA MET A 1022 -50.79 12.93 -5.89
C MET A 1022 -51.02 14.36 -5.44
N SER A 1023 -50.01 14.97 -4.82
CA SER A 1023 -50.17 16.35 -4.35
C SER A 1023 -50.49 17.28 -5.50
N PHE A 1024 -49.71 17.18 -6.59
CA PHE A 1024 -49.93 18.09 -7.72
C PHE A 1024 -51.30 17.86 -8.34
N GLY A 1025 -51.70 16.61 -8.53
CA GLY A 1025 -52.98 16.35 -9.15
C GLY A 1025 -54.15 16.85 -8.31
N VAL A 1026 -54.08 16.62 -7.00
CA VAL A 1026 -55.15 17.10 -6.13
C VAL A 1026 -55.23 18.62 -6.17
N ALA A 1027 -54.08 19.28 -6.14
CA ALA A 1027 -54.09 20.74 -6.18
C ALA A 1027 -54.72 21.24 -7.48
N ARG A 1028 -54.30 20.66 -8.61
CA ARG A 1028 -54.85 21.09 -9.89
C ARG A 1028 -56.35 20.87 -9.95
N GLN A 1029 -56.80 19.70 -9.51
CA GLN A 1029 -58.23 19.40 -9.58
C GLN A 1029 -59.02 20.34 -8.68
N ALA A 1030 -58.50 20.65 -7.50
CA ALA A 1030 -59.24 21.49 -6.56
C ALA A 1030 -59.30 22.93 -7.04
N ILE A 1031 -58.22 23.45 -7.60
CA ILE A 1031 -58.20 24.85 -8.02
C ILE A 1031 -59.31 25.12 -9.03
N LEU A 1032 -59.47 24.23 -10.00
CA LEU A 1032 -60.54 24.32 -10.98
C LEU A 1032 -61.69 23.42 -10.54
N PHE A 1033 -62.77 23.45 -11.32
CA PHE A 1033 -63.96 22.66 -11.06
C PHE A 1033 -64.45 22.84 -9.62
N PRO A 1034 -64.78 24.07 -9.21
CA PRO A 1034 -65.27 24.26 -7.84
C PRO A 1034 -66.58 23.55 -7.57
N ASN A 1035 -67.56 23.69 -8.48
CA ASN A 1035 -68.87 23.09 -8.30
C ASN A 1035 -68.90 21.77 -9.08
N GLU A 1036 -68.35 20.73 -8.46
CA GLU A 1036 -68.29 19.40 -9.04
C GLU A 1036 -68.78 18.39 -8.02
N GLU A 1037 -69.69 17.52 -8.44
CA GLU A 1037 -70.16 16.47 -7.56
C GLU A 1037 -69.08 15.42 -7.38
N PRO A 1038 -69.10 14.69 -6.26
CA PRO A 1038 -68.00 13.74 -5.98
C PRO A 1038 -67.82 12.68 -7.05
N SER A 1039 -68.86 11.90 -7.31
CA SER A 1039 -68.80 10.83 -8.30
C SER A 1039 -67.55 9.99 -8.07
N TRP A 1040 -66.94 9.46 -9.13
CA TRP A 1040 -65.72 8.68 -9.04
C TRP A 1040 -64.61 9.16 -9.96
N LYS A 1041 -64.89 10.07 -10.89
CA LYS A 1041 -63.88 10.49 -11.86
C LYS A 1041 -62.72 11.24 -11.22
N LEU A 1042 -62.92 11.80 -10.03
CA LEU A 1042 -61.87 12.62 -9.42
C LEU A 1042 -60.63 11.79 -9.13
N ALA A 1043 -60.81 10.57 -8.63
CA ALA A 1043 -59.67 9.72 -8.31
C ALA A 1043 -58.84 9.46 -9.55
N LYS A 1044 -59.48 9.19 -10.68
CA LYS A 1044 -58.75 9.05 -11.93
C LYS A 1044 -58.04 10.35 -12.30
N ASN A 1045 -58.80 11.45 -12.33
CA ASN A 1045 -58.26 12.72 -12.80
C ASN A 1045 -56.99 13.10 -12.04
N ILE A 1046 -56.93 12.76 -10.76
CA ILE A 1046 -55.74 13.12 -9.98
C ILE A 1046 -54.50 12.48 -10.58
N PHE A 1047 -54.57 11.18 -10.89
CA PHE A 1047 -53.39 10.45 -11.34
C PHE A 1047 -53.14 10.60 -12.82
N TYR A 1048 -54.21 10.77 -13.61
CA TYR A 1048 -54.12 10.64 -15.06
C TYR A 1048 -53.10 11.59 -15.68
N MET A 1049 -53.37 12.90 -15.62
CA MET A 1049 -52.54 13.84 -16.36
C MET A 1049 -51.11 13.89 -15.85
N PRO A 1050 -50.85 14.04 -14.55
CA PRO A 1050 -49.47 14.25 -14.11
C PRO A 1050 -48.54 13.10 -14.47
N TYR A 1051 -49.04 11.86 -14.50
CA TYR A 1051 -48.17 10.73 -14.75
C TYR A 1051 -47.52 10.81 -16.11
N TRP A 1052 -48.26 11.24 -17.12
CA TRP A 1052 -47.71 11.32 -18.48
C TRP A 1052 -46.72 12.45 -18.64
N MET A 1053 -46.77 13.46 -17.75
CA MET A 1053 -45.81 14.57 -17.85
C MET A 1053 -44.37 14.10 -17.68
N ILE A 1054 -44.16 12.97 -17.00
CA ILE A 1054 -42.81 12.48 -16.81
C ILE A 1054 -42.18 12.06 -18.12
N TYR A 1055 -42.99 11.77 -19.14
CA TYR A 1055 -42.51 11.17 -20.38
C TYR A 1055 -42.62 12.11 -21.58
N GLY A 1056 -42.72 13.42 -21.35
CA GLY A 1056 -42.61 14.38 -22.42
C GLY A 1056 -43.90 14.99 -22.92
N GLU A 1057 -45.04 14.71 -22.28
CA GLU A 1057 -46.32 15.27 -22.67
C GLU A 1057 -46.74 16.31 -21.62
N VAL A 1058 -46.93 17.55 -22.07
CA VAL A 1058 -47.24 18.65 -21.17
C VAL A 1058 -48.63 19.23 -21.39
N PHE A 1059 -49.37 18.72 -22.38
CA PHE A 1059 -50.72 19.20 -22.65
C PHE A 1059 -50.73 20.72 -22.86
N ALA A 1060 -49.96 21.17 -23.85
CA ALA A 1060 -49.81 22.60 -24.07
C ALA A 1060 -51.15 23.28 -24.32
N ASP A 1061 -52.13 22.54 -24.85
CA ASP A 1061 -53.42 23.14 -25.15
C ASP A 1061 -54.10 23.67 -23.89
N GLN A 1062 -54.02 22.92 -22.80
CA GLN A 1062 -54.79 23.19 -21.59
C GLN A 1062 -53.87 23.41 -20.39
N ILE A 1063 -52.83 24.22 -20.57
CA ILE A 1063 -52.00 24.66 -19.45
C ILE A 1063 -52.62 25.91 -18.86
N ASP A 1064 -52.68 26.97 -19.66
CA ASP A 1064 -53.28 28.24 -19.27
C ASP A 1064 -54.25 28.66 -20.36
N PRO A 1065 -55.47 28.13 -20.34
CA PRO A 1065 -56.41 28.45 -21.41
C PRO A 1065 -56.74 29.93 -21.40
N PRO A 1066 -57.06 30.50 -22.56
CA PRO A 1066 -57.36 31.94 -22.60
C PRO A 1066 -58.52 32.34 -21.70
N CYS A 1067 -59.51 31.48 -21.53
CA CYS A 1067 -60.69 31.72 -20.68
C CYS A 1067 -61.22 33.12 -21.01
N GLY A 1068 -61.42 33.98 -20.01
CA GLY A 1068 -62.03 35.28 -20.24
C GLY A 1068 -61.34 36.11 -21.30
N GLN A 1069 -61.93 36.17 -22.48
CA GLN A 1069 -61.40 36.97 -23.58
C GLN A 1069 -62.40 36.89 -24.73
N ASN A 1070 -62.13 37.67 -25.77
CA ASN A 1070 -62.91 37.64 -27.01
C ASN A 1070 -62.15 36.80 -28.03
N GLU A 1071 -62.80 35.76 -28.55
CA GLU A 1071 -62.19 34.83 -29.49
C GLU A 1071 -63.11 34.72 -30.71
N THR A 1072 -62.90 35.58 -31.69
CA THR A 1072 -63.68 35.53 -32.92
C THR A 1072 -63.35 34.28 -33.73
N ARG A 1073 -62.10 33.84 -33.70
CA ARG A 1073 -61.65 32.66 -34.46
C ARG A 1073 -61.84 32.98 -35.95
N GLU A 1074 -62.28 32.02 -36.75
CA GLU A 1074 -62.50 32.25 -38.17
C GLU A 1074 -63.66 31.39 -38.65
N ASP A 1075 -64.33 31.86 -39.69
CA ASP A 1075 -65.47 31.14 -40.27
C ASP A 1075 -66.52 30.85 -39.20
N GLY A 1076 -66.75 31.81 -38.33
CA GLY A 1076 -67.72 31.65 -37.27
C GLY A 1076 -68.00 32.96 -36.58
N LYS A 1077 -69.15 33.02 -35.90
CA LYS A 1077 -69.53 34.21 -35.18
C LYS A 1077 -68.68 34.37 -33.91
N THR A 1078 -68.59 35.61 -33.43
CA THR A 1078 -67.83 35.89 -32.23
C THR A 1078 -68.42 35.13 -31.04
N ILE A 1079 -67.52 34.57 -30.22
CA ILE A 1079 -67.91 33.79 -29.04
C ILE A 1079 -67.23 34.39 -27.83
N GLN A 1080 -67.99 34.62 -26.77
CA GLN A 1080 -67.47 35.15 -25.52
C GLN A 1080 -67.21 33.99 -24.56
N LEU A 1081 -65.95 33.86 -24.12
CA LEU A 1081 -65.56 32.76 -23.26
C LEU A 1081 -65.87 33.08 -21.80
N PRO A 1082 -65.90 32.07 -20.94
CA PRO A 1082 -66.15 32.32 -19.53
C PRO A 1082 -65.07 33.22 -18.96
N PRO A 1083 -65.40 34.03 -17.95
CA PRO A 1083 -64.46 35.00 -17.38
C PRO A 1083 -63.44 34.39 -16.43
N CYS A 1084 -62.79 33.32 -16.88
CA CYS A 1084 -61.76 32.64 -16.10
C CYS A 1084 -62.33 32.32 -14.72
N LYS A 1085 -61.45 32.24 -13.72
CA LYS A 1085 -61.85 31.96 -12.34
C LYS A 1085 -60.76 32.51 -11.42
N THR A 1086 -61.07 32.53 -10.14
CA THR A 1086 -60.15 33.07 -9.14
C THR A 1086 -59.00 32.10 -8.91
N GLY A 1087 -57.79 32.64 -8.87
CA GLY A 1087 -56.62 31.82 -8.62
C GLY A 1087 -56.33 30.80 -9.68
N ALA A 1088 -56.60 31.11 -10.94
CA ALA A 1088 -56.25 30.24 -12.05
C ALA A 1088 -54.83 30.44 -12.54
N TRP A 1089 -54.16 31.49 -12.07
CA TRP A 1089 -52.78 31.76 -12.44
C TRP A 1089 -51.78 31.03 -11.56
N ILE A 1090 -52.25 30.30 -10.56
CA ILE A 1090 -51.35 29.56 -9.69
C ILE A 1090 -51.05 28.17 -10.25
N VAL A 1091 -51.95 27.61 -11.05
CA VAL A 1091 -51.72 26.28 -11.61
C VAL A 1091 -50.48 26.23 -12.48
N PRO A 1092 -50.24 27.16 -13.41
CA PRO A 1092 -49.01 27.08 -14.21
C PRO A 1092 -47.75 27.07 -13.36
N ALA A 1093 -47.64 28.00 -12.41
CA ALA A 1093 -46.46 28.05 -11.56
C ALA A 1093 -46.22 26.71 -10.89
N ILE A 1094 -47.24 26.16 -10.26
CA ILE A 1094 -47.13 24.84 -9.65
C ILE A 1094 -46.65 23.83 -10.67
N MET A 1095 -47.25 23.85 -11.86
CA MET A 1095 -46.91 22.89 -12.89
C MET A 1095 -45.42 22.95 -13.23
N ALA A 1096 -44.77 24.07 -12.99
CA ALA A 1096 -43.32 24.14 -13.18
C ALA A 1096 -42.59 23.39 -12.07
N CYS A 1097 -42.88 23.72 -10.82
CA CYS A 1097 -42.12 23.16 -9.71
C CYS A 1097 -42.16 21.64 -9.74
N TYR A 1098 -43.36 21.08 -9.94
CA TYR A 1098 -43.49 19.63 -10.03
C TYR A 1098 -42.53 19.07 -11.07
N LEU A 1099 -42.53 19.64 -12.27
CA LEU A 1099 -41.65 19.14 -13.33
C LEU A 1099 -40.19 19.30 -12.95
N LEU A 1100 -39.87 20.32 -12.16
CA LEU A 1100 -38.49 20.52 -11.73
C LEU A 1100 -38.03 19.43 -10.76
N VAL A 1101 -38.96 18.76 -10.10
CA VAL A 1101 -38.65 17.77 -9.09
C VAL A 1101 -38.71 16.35 -9.65
N ALA A 1102 -39.82 16.01 -10.31
CA ALA A 1102 -40.01 14.65 -10.79
C ALA A 1102 -38.97 14.28 -11.86
N ASN A 1103 -38.64 15.23 -12.74
CA ASN A 1103 -37.86 14.90 -13.93
C ASN A 1103 -36.36 15.04 -13.71
N ILE A 1104 -35.92 16.12 -13.07
CA ILE A 1104 -34.50 16.43 -13.01
C ILE A 1104 -33.84 16.06 -11.69
N LEU A 1105 -34.61 15.91 -10.62
CA LEU A 1105 -34.03 15.66 -9.30
C LEU A 1105 -34.01 14.17 -8.95
N LEU A 1106 -35.16 13.51 -8.99
CA LEU A 1106 -35.25 12.13 -8.53
C LEU A 1106 -34.61 11.16 -9.52
N VAL A 1107 -34.81 11.39 -10.81
CA VAL A 1107 -34.32 10.45 -11.82
C VAL A 1107 -32.80 10.39 -11.81
N ASN A 1108 -32.15 11.53 -11.71
CA ASN A 1108 -30.69 11.55 -11.67
C ASN A 1108 -30.17 10.88 -10.40
N LEU A 1109 -30.90 11.04 -9.29
CA LEU A 1109 -30.54 10.33 -8.07
C LEU A 1109 -30.62 8.83 -8.29
N LEU A 1110 -31.67 8.38 -8.97
CA LEU A 1110 -31.80 6.95 -9.26
C LEU A 1110 -30.66 6.48 -10.15
N ILE A 1111 -30.26 7.30 -11.11
CA ILE A 1111 -29.12 6.97 -11.97
C ILE A 1111 -27.86 6.78 -11.13
N ALA A 1112 -27.62 7.70 -10.21
CA ALA A 1112 -26.45 7.60 -9.35
C ALA A 1112 -26.50 6.34 -8.50
N VAL A 1113 -27.68 6.01 -7.98
CA VAL A 1113 -27.85 4.81 -7.18
C VAL A 1113 -27.49 3.57 -8.01
N PHE A 1114 -28.00 3.52 -9.24
CA PHE A 1114 -27.67 2.41 -10.13
C PHE A 1114 -26.17 2.31 -10.35
N ASN A 1115 -25.52 3.44 -10.61
CA ASN A 1115 -24.09 3.43 -10.85
C ASN A 1115 -23.34 2.87 -9.65
N ASN A 1116 -23.72 3.29 -8.45
CA ASN A 1116 -23.02 2.80 -7.26
C ASN A 1116 -23.26 1.31 -7.04
N THR A 1117 -24.49 0.84 -7.26
CA THR A 1117 -24.83 -0.55 -6.95
C THR A 1117 -24.39 -1.54 -8.03
N PHE A 1118 -24.03 -1.03 -9.22
CA PHE A 1118 -23.83 -1.90 -10.37
C PHE A 1118 -22.74 -2.93 -10.12
N PHE A 1119 -21.58 -2.51 -9.61
CA PHE A 1119 -20.44 -3.40 -9.52
C PHE A 1119 -20.72 -4.57 -8.59
N GLU A 1120 -21.21 -4.27 -7.39
CA GLU A 1120 -21.51 -5.31 -6.42
C GLU A 1120 -22.58 -6.26 -6.97
N VAL A 1121 -23.64 -5.70 -7.56
CA VAL A 1121 -24.69 -6.56 -8.08
C VAL A 1121 -24.15 -7.44 -9.19
N LYS A 1122 -23.26 -6.91 -10.02
CA LYS A 1122 -22.69 -7.68 -11.12
C LYS A 1122 -21.90 -8.88 -10.58
N SER A 1123 -21.02 -8.63 -9.61
CA SER A 1123 -20.22 -9.72 -9.07
C SER A 1123 -21.11 -10.80 -8.45
N ILE A 1124 -22.06 -10.37 -7.61
CA ILE A 1124 -22.93 -11.33 -6.94
C ILE A 1124 -23.73 -12.13 -7.97
N SER A 1125 -24.24 -11.45 -9.00
CA SER A 1125 -25.04 -12.12 -10.02
C SER A 1125 -24.22 -13.14 -10.78
N ASN A 1126 -22.98 -12.81 -11.12
CA ASN A 1126 -22.12 -13.76 -11.81
C ASN A 1126 -21.94 -15.02 -10.97
N GLN A 1127 -21.60 -14.83 -9.68
CA GLN A 1127 -21.39 -16.00 -8.83
C GLN A 1127 -22.66 -16.83 -8.72
N VAL A 1128 -23.80 -16.17 -8.54
CA VAL A 1128 -25.05 -16.90 -8.33
C VAL A 1128 -25.43 -17.67 -9.58
N TRP A 1129 -25.23 -17.09 -10.76
CA TRP A 1129 -25.54 -17.81 -11.99
C TRP A 1129 -24.62 -19.02 -12.15
N LYS A 1130 -23.33 -18.85 -11.88
CA LYS A 1130 -22.43 -19.98 -11.92
C LYS A 1130 -22.87 -21.08 -10.95
N PHE A 1131 -23.50 -20.69 -9.84
CA PHE A 1131 -24.02 -21.69 -8.92
C PHE A 1131 -25.27 -22.38 -9.46
N GLN A 1132 -26.15 -21.62 -10.12
CA GLN A 1132 -27.41 -22.17 -10.60
C GLN A 1132 -27.24 -23.06 -11.83
N ARG A 1133 -26.09 -22.94 -12.51
CA ARG A 1133 -25.83 -23.79 -13.67
C ARG A 1133 -26.04 -25.26 -13.36
N TYR A 1134 -25.57 -25.71 -12.19
CA TYR A 1134 -25.66 -27.13 -11.85
C TYR A 1134 -27.10 -27.58 -11.73
N GLN A 1135 -27.94 -26.77 -11.07
CA GLN A 1135 -29.34 -27.12 -10.95
C GLN A 1135 -30.00 -27.18 -12.32
N LEU A 1136 -29.69 -26.22 -13.19
CA LEU A 1136 -30.22 -26.24 -14.54
C LEU A 1136 -29.85 -27.54 -15.25
N ILE A 1137 -28.56 -27.89 -15.20
CA ILE A 1137 -28.07 -29.04 -15.94
C ILE A 1137 -28.74 -30.31 -15.44
N MET A 1138 -28.79 -30.50 -14.13
CA MET A 1138 -29.40 -31.72 -13.60
C MET A 1138 -30.89 -31.77 -13.91
N THR A 1139 -31.58 -30.64 -13.79
CA THR A 1139 -33.01 -30.63 -14.07
C THR A 1139 -33.28 -31.05 -15.50
N PHE A 1140 -32.50 -30.54 -16.45
CA PHE A 1140 -32.73 -30.92 -17.84
C PHE A 1140 -32.17 -32.29 -18.18
N HIS A 1141 -31.24 -32.81 -17.38
CA HIS A 1141 -30.81 -34.20 -17.58
C HIS A 1141 -31.88 -35.17 -17.14
N GLU A 1142 -32.62 -34.84 -16.07
CA GLU A 1142 -33.63 -35.75 -15.57
C GLU A 1142 -34.87 -35.79 -16.45
N ARG A 1143 -35.18 -34.69 -17.14
CA ARG A 1143 -36.46 -34.57 -17.82
C ARG A 1143 -36.56 -35.54 -18.99
N PRO A 1144 -37.78 -35.90 -19.39
CA PRO A 1144 -37.95 -36.77 -20.56
C PRO A 1144 -37.59 -36.06 -21.85
N VAL A 1145 -37.36 -36.86 -22.88
CA VAL A 1145 -36.92 -36.33 -24.17
C VAL A 1145 -38.04 -35.55 -24.86
N LEU A 1146 -39.25 -36.08 -24.85
CA LEU A 1146 -40.32 -35.48 -25.63
C LEU A 1146 -40.78 -34.16 -25.01
N PRO A 1147 -40.90 -33.09 -25.79
CA PRO A 1147 -41.36 -31.82 -25.23
C PRO A 1147 -42.77 -31.91 -24.68
N PRO A 1148 -43.22 -30.88 -23.98
CA PRO A 1148 -44.46 -30.97 -23.19
C PRO A 1148 -45.65 -31.41 -24.02
N PRO A 1149 -45.80 -30.94 -25.26
CA PRO A 1149 -46.98 -31.31 -26.05
C PRO A 1149 -47.20 -32.81 -26.15
N LEU A 1150 -46.14 -33.62 -26.10
CA LEU A 1150 -46.25 -35.06 -26.28
C LEU A 1150 -45.81 -35.85 -25.05
N ILE A 1151 -45.60 -35.19 -23.91
CA ILE A 1151 -45.20 -35.90 -22.70
C ILE A 1151 -46.31 -36.75 -22.12
N ILE A 1152 -47.54 -36.63 -22.65
CA ILE A 1152 -48.62 -37.47 -22.16
C ILE A 1152 -48.32 -38.94 -22.38
N PHE A 1153 -47.70 -39.26 -23.52
CA PHE A 1153 -47.30 -40.64 -23.77
C PHE A 1153 -46.24 -41.10 -22.77
N SER A 1154 -45.28 -40.23 -22.45
CA SER A 1154 -44.26 -40.57 -21.47
C SER A 1154 -44.88 -40.82 -20.10
N HIS A 1155 -45.85 -39.99 -19.72
CA HIS A 1155 -46.52 -40.18 -18.44
C HIS A 1155 -47.37 -41.45 -18.43
N MET A 1156 -47.99 -41.78 -19.55
CA MET A 1156 -48.70 -43.05 -19.65
C MET A 1156 -47.74 -44.22 -19.48
N THR A 1157 -46.55 -44.12 -20.07
CA THR A 1157 -45.52 -45.14 -19.85
C THR A 1157 -45.13 -45.20 -18.38
N MET A 1158 -45.01 -44.05 -17.73
CA MET A 1158 -44.74 -44.03 -16.29
C MET A 1158 -45.81 -44.78 -15.53
N ILE A 1159 -47.08 -44.58 -15.87
CA ILE A 1159 -48.18 -45.27 -15.22
C ILE A 1159 -48.00 -46.77 -15.38
N GLY A 1180 -24.94 -41.76 -14.85
CA GLY A 1180 -25.65 -40.60 -14.34
C GLY A 1180 -24.73 -39.48 -13.93
N LEU A 1181 -25.10 -38.78 -12.85
CA LEU A 1181 -24.28 -37.68 -12.35
C LEU A 1181 -22.93 -38.17 -11.88
N LYS A 1182 -22.89 -39.32 -11.20
CA LYS A 1182 -21.68 -39.85 -10.59
C LYS A 1182 -21.26 -41.13 -11.28
N LEU A 1183 -19.95 -41.34 -11.38
CA LEU A 1183 -19.37 -42.52 -12.01
C LEU A 1183 -18.80 -43.42 -10.93
N PHE A 1184 -19.12 -44.71 -11.02
CA PHE A 1184 -18.54 -45.70 -10.11
C PHE A 1184 -17.11 -46.01 -10.51
N ILE A 1185 -16.25 -46.19 -9.52
CA ILE A 1185 -14.82 -46.40 -9.74
C ILE A 1185 -14.40 -47.71 -9.08
N THR A 1186 -13.35 -48.31 -9.61
CA THR A 1186 -12.82 -49.56 -9.10
C THR A 1186 -12.00 -49.31 -7.83
N ASP A 1187 -11.71 -50.40 -7.11
CA ASP A 1187 -11.00 -50.29 -5.85
C ASP A 1187 -9.62 -49.68 -6.03
N ASP A 1188 -8.87 -50.16 -7.03
CA ASP A 1188 -7.54 -49.63 -7.28
C ASP A 1188 -7.59 -48.14 -7.58
N GLU A 1189 -8.56 -47.71 -8.38
CA GLU A 1189 -8.70 -46.30 -8.68
C GLU A 1189 -9.04 -45.50 -7.42
N LEU A 1190 -9.85 -46.08 -6.53
CA LEU A 1190 -10.17 -45.38 -5.29
C LEU A 1190 -8.92 -45.19 -4.44
N LYS A 1191 -8.09 -46.23 -4.33
CA LYS A 1191 -6.85 -46.10 -3.56
C LYS A 1191 -5.92 -45.08 -4.21
N LYS A 1192 -5.85 -45.08 -5.54
CA LYS A 1192 -5.03 -44.11 -6.25
C LYS A 1192 -5.51 -42.68 -5.97
N VAL A 1193 -6.82 -42.47 -5.99
CA VAL A 1193 -7.37 -41.14 -5.71
C VAL A 1193 -7.05 -40.73 -4.28
N HIS A 1194 -7.17 -41.66 -3.33
CA HIS A 1194 -6.84 -41.34 -1.94
C HIS A 1194 -5.37 -40.93 -1.81
N ASP A 1195 -4.48 -41.68 -2.47
CA ASP A 1195 -3.06 -41.33 -2.42
C ASP A 1195 -2.82 -39.96 -3.01
N PHE A 1196 -3.47 -39.66 -4.14
CA PHE A 1196 -3.30 -38.35 -4.76
C PHE A 1196 -3.78 -37.24 -3.84
N GLU A 1197 -4.91 -37.47 -3.17
CA GLU A 1197 -5.43 -36.47 -2.24
C GLU A 1197 -4.48 -36.23 -1.08
N GLU A 1198 -3.91 -37.30 -0.52
CA GLU A 1198 -2.97 -37.14 0.58
C GLU A 1198 -1.73 -36.38 0.12
N GLN A 1199 -1.23 -36.71 -1.07
CA GLN A 1199 -0.09 -35.98 -1.62
C GLN A 1199 -0.42 -34.50 -1.79
N CYS A 1200 -1.62 -34.20 -2.28
CA CYS A 1200 -2.03 -32.81 -2.45
C CYS A 1200 -2.06 -32.08 -1.11
N ILE A 1201 -2.57 -32.75 -0.07
CA ILE A 1201 -2.61 -32.13 1.25
C ILE A 1201 -1.21 -31.85 1.75
N GLU A 1202 -0.30 -32.82 1.59
CA GLU A 1202 1.07 -32.61 2.04
C GLU A 1202 1.71 -31.43 1.32
N GLU A 1203 1.53 -31.35 0.00
CA GLU A 1203 2.07 -30.22 -0.75
C GLU A 1203 1.47 -28.91 -0.29
N TYR A 1204 0.17 -28.89 -0.02
CA TYR A 1204 -0.48 -27.67 0.41
C TYR A 1204 0.10 -27.17 1.73
N PHE A 1205 0.25 -28.08 2.70
CA PHE A 1205 0.80 -27.67 4.00
C PHE A 1205 2.25 -27.22 3.86
N ARG A 1206 3.05 -27.93 3.06
CA ARG A 1206 4.44 -27.53 2.89
C ARG A 1206 4.53 -26.15 2.27
N GLU A 1207 3.73 -25.88 1.24
CA GLU A 1207 3.76 -24.57 0.60
C GLU A 1207 3.29 -23.48 1.56
N LYS A 1208 2.28 -23.78 2.37
CA LYS A 1208 1.79 -22.81 3.33
C LYS A 1208 2.89 -22.45 4.32
N ASP A 1209 3.58 -23.46 4.85
CA ASP A 1209 4.66 -23.19 5.80
C ASP A 1209 5.79 -22.41 5.13
N ASP A 1210 6.15 -22.77 3.89
CA ASP A 1210 7.22 -22.06 3.20
C ASP A 1210 6.86 -20.59 3.00
N ARG A 1211 5.62 -20.31 2.61
CA ARG A 1211 5.20 -18.93 2.45
C ARG A 1211 5.21 -18.20 3.78
N PHE A 1212 4.78 -18.86 4.85
CA PHE A 1212 4.75 -18.22 6.16
C PHE A 1212 6.15 -17.84 6.62
N ASN A 1213 7.12 -18.76 6.47
CA ASN A 1213 8.45 -18.51 7.00
C ASN A 1213 9.23 -17.49 6.20
N SER A 1214 8.79 -17.16 4.99
CA SER A 1214 9.46 -16.17 4.17
C SER A 1214 8.87 -14.77 4.31
N SER A 1215 7.87 -14.60 5.17
CA SER A 1215 7.28 -13.29 5.37
C SER A 1215 8.27 -12.36 6.07
N ASN A 1216 8.19 -11.08 5.70
CA ASN A 1216 9.11 -10.09 6.26
C ASN A 1216 8.91 -9.95 7.76
N ASP A 1217 7.65 -9.98 8.22
CA ASP A 1217 7.37 -9.80 9.63
C ASP A 1217 8.06 -10.87 10.47
N GLU A 1218 7.96 -12.14 10.04
CA GLU A 1218 8.59 -13.21 10.79
C GLU A 1218 10.11 -13.05 10.81
N ARG A 1219 10.69 -12.70 9.66
CA ARG A 1219 12.14 -12.53 9.60
C ARG A 1219 12.61 -11.41 10.51
N ILE A 1220 11.87 -10.30 10.53
CA ILE A 1220 12.21 -9.21 11.44
C ILE A 1220 12.11 -9.65 12.88
N ARG A 1221 11.04 -10.40 13.21
CA ARG A 1221 10.86 -10.86 14.57
C ARG A 1221 12.03 -11.74 15.01
N VAL A 1222 12.41 -12.70 14.15
CA VAL A 1222 13.52 -13.59 14.48
C VAL A 1222 14.81 -12.80 14.61
N THR A 1223 15.05 -11.86 13.69
CA THR A 1223 16.29 -11.08 13.74
C THR A 1223 16.39 -10.30 15.04
N SER A 1224 15.28 -9.66 15.46
CA SER A 1224 15.32 -8.88 16.68
C SER A 1224 15.61 -9.76 17.90
N GLU A 1225 14.95 -10.91 17.98
CA GLU A 1225 15.15 -11.79 19.12
C GLU A 1225 16.57 -12.31 19.18
N ARG A 1226 17.11 -12.73 18.05
CA ARG A 1226 18.48 -13.24 18.03
C ARG A 1226 19.48 -12.14 18.33
N VAL A 1227 19.21 -10.92 17.86
CA VAL A 1227 20.10 -9.81 18.17
C VAL A 1227 20.10 -9.54 19.67
N GLU A 1228 18.93 -9.58 20.30
CA GLU A 1228 18.86 -9.36 21.75
C GLU A 1228 19.68 -10.41 22.49
N ASN A 1229 19.52 -11.69 22.11
CA ASN A 1229 20.28 -12.74 22.76
C ASN A 1229 21.78 -12.56 22.53
N MET A 1230 22.18 -12.19 21.31
CA MET A 1230 23.58 -11.97 21.03
C MET A 1230 24.14 -10.83 21.87
N SER A 1231 23.35 -9.77 22.05
CA SER A 1231 23.81 -8.64 22.85
C SER A 1231 24.07 -9.06 24.29
N MET A 1232 23.16 -9.84 24.88
CA MET A 1232 23.36 -10.31 26.24
C MET A 1232 24.60 -11.19 26.33
N ARG A 1233 24.76 -12.12 25.39
CA ARG A 1233 25.94 -12.98 25.39
C ARG A 1233 27.21 -12.17 25.24
N LEU A 1234 27.18 -11.14 24.38
CA LEU A 1234 28.34 -10.28 24.21
C LEU A 1234 28.70 -9.60 25.52
N GLU A 1235 27.69 -9.10 26.25
CA GLU A 1235 27.96 -8.45 27.52
C GLU A 1235 28.55 -9.43 28.53
N GLU A 1236 27.99 -10.64 28.60
CA GLU A 1236 28.51 -11.64 29.53
C GLU A 1236 29.97 -11.94 29.24
N VAL A 1237 30.31 -12.10 27.96
CA VAL A 1237 31.70 -12.34 27.60
C VAL A 1237 32.56 -11.13 27.96
N ASN A 1238 32.04 -9.93 27.74
CA ASN A 1238 32.80 -8.72 28.05
C ASN A 1238 33.08 -8.63 29.55
N GLU A 1239 32.07 -8.87 30.38
CA GLU A 1239 32.30 -8.89 31.82
C GLU A 1239 33.26 -10.01 32.19
N ARG A 1240 33.10 -11.18 31.58
CA ARG A 1240 34.03 -12.28 31.81
C ARG A 1240 35.42 -11.93 31.32
N GLU A 1241 35.51 -11.26 30.17
CA GLU A 1241 36.81 -10.88 29.65
C GLU A 1241 37.50 -9.89 30.58
N HIS A 1242 36.73 -9.07 31.28
CA HIS A 1242 37.30 -8.16 32.27
C HIS A 1242 37.98 -8.94 33.39
N SER A 1243 37.36 -10.04 33.84
CA SER A 1243 37.95 -10.85 34.90
C SER A 1243 39.30 -11.40 34.46
N MET A 1244 39.40 -11.83 33.20
CA MET A 1244 40.63 -12.40 32.69
C MET A 1244 41.79 -11.40 32.78
N LYS A 1245 41.53 -10.13 32.50
CA LYS A 1245 42.57 -9.11 32.59
C LYS A 1245 43.24 -9.15 33.96
N ALA A 1246 42.45 -9.26 35.02
CA ALA A 1246 43.02 -9.43 36.36
C ALA A 1246 43.78 -10.74 36.48
N SER A 1247 43.26 -11.80 35.87
CA SER A 1247 43.93 -13.09 35.93
C SER A 1247 45.32 -13.03 35.30
N LEU A 1248 45.43 -12.37 34.16
CA LEU A 1248 46.71 -12.22 33.48
C LEU A 1248 47.65 -11.34 34.30
N PHE B 71 50.37 6.27 -41.33
CA PHE B 71 51.40 7.23 -40.93
C PHE B 71 52.31 6.63 -39.87
N TYR B 72 51.73 5.87 -38.96
CA TYR B 72 52.52 5.25 -37.89
C TYR B 72 53.53 4.25 -38.46
N LYS B 73 53.11 3.47 -39.46
CA LYS B 73 54.01 2.48 -40.03
C LYS B 73 55.24 3.14 -40.64
N ARG B 74 55.05 4.24 -41.37
CA ARG B 74 56.19 4.95 -41.93
C ARG B 74 57.01 5.62 -40.85
N GLU B 75 56.35 6.19 -39.83
CA GLU B 75 57.09 6.88 -38.77
C GLU B 75 57.81 5.91 -37.86
N CYS B 76 57.19 4.78 -37.54
CA CYS B 76 57.74 3.80 -36.62
C CYS B 76 58.21 2.57 -37.39
N VAL B 77 59.44 2.14 -37.11
CA VAL B 77 60.03 0.96 -37.73
C VAL B 77 60.38 -0.01 -36.62
N HIS B 78 59.94 -1.26 -36.77
CA HIS B 78 60.13 -2.30 -35.77
C HIS B 78 61.06 -3.37 -36.32
N ILE B 79 62.10 -3.70 -35.56
CA ILE B 79 63.06 -4.72 -35.97
C ILE B 79 62.56 -6.11 -35.56
N GLN B 134 68.72 -7.97 -38.60
CA GLN B 134 69.26 -6.78 -37.95
C GLN B 134 68.15 -5.76 -37.70
N LEU B 135 67.74 -5.08 -38.76
CA LEU B 135 66.69 -4.06 -38.69
C LEU B 135 65.61 -4.38 -39.71
N SER B 136 64.35 -4.17 -39.30
CA SER B 136 63.21 -4.41 -40.16
C SER B 136 62.31 -3.19 -40.17
N PRO B 137 61.66 -2.90 -41.30
CA PRO B 137 60.82 -1.70 -41.40
C PRO B 137 59.37 -1.94 -41.02
N THR B 138 58.77 -0.91 -40.42
CA THR B 138 57.35 -0.89 -40.11
C THR B 138 56.88 -2.20 -39.49
N ASP B 139 55.80 -2.78 -40.04
CA ASP B 139 55.25 -4.05 -39.58
C ASP B 139 54.31 -3.83 -38.40
N ALA B 140 53.42 -4.79 -38.16
CA ALA B 140 52.45 -4.72 -37.05
C ALA B 140 51.54 -3.52 -37.30
N PHE B 141 51.22 -2.73 -36.27
CA PHE B 141 50.33 -1.58 -36.40
C PHE B 141 48.91 -2.02 -36.77
N GLY B 142 48.40 -2.99 -36.03
CA GLY B 142 47.04 -3.47 -36.23
C GLY B 142 46.37 -3.88 -34.94
N THR B 143 45.20 -3.31 -34.67
CA THR B 143 44.46 -3.64 -33.45
C THR B 143 43.83 -5.02 -33.56
N ILE B 144 43.74 -5.71 -32.42
CA ILE B 144 43.15 -7.04 -32.34
C ILE B 144 42.18 -7.06 -31.17
N GLU B 145 41.00 -7.63 -31.40
CA GLU B 145 39.98 -7.77 -30.37
C GLU B 145 39.95 -9.20 -29.87
N PHE B 146 40.10 -9.38 -28.56
CA PHE B 146 40.17 -10.71 -27.95
C PHE B 146 38.74 -11.21 -27.69
N GLN B 147 38.15 -11.76 -28.74
CA GLN B 147 36.80 -12.33 -28.65
C GLN B 147 36.85 -13.79 -28.21
N GLY B 148 37.52 -14.05 -27.08
CA GLY B 148 37.64 -15.38 -26.55
C GLY B 148 36.71 -15.64 -25.38
N GLY B 149 36.62 -14.68 -24.47
CA GLY B 149 35.80 -14.79 -23.28
C GLY B 149 34.47 -14.09 -23.43
N GLY B 150 33.88 -13.73 -22.29
CA GLY B 150 32.59 -13.06 -22.31
C GLY B 150 32.66 -11.69 -22.96
N HIS B 151 33.73 -10.94 -22.71
CA HIS B 151 33.91 -9.59 -23.23
C HIS B 151 34.94 -9.62 -24.36
N SER B 152 34.58 -9.02 -25.50
CA SER B 152 35.51 -8.95 -26.62
C SER B 152 36.75 -8.15 -26.25
N ASN B 153 36.57 -7.03 -25.55
CA ASN B 153 37.67 -6.20 -25.08
C ASN B 153 38.54 -5.74 -26.24
N LYS B 154 37.94 -4.97 -27.14
CA LYS B 154 38.68 -4.38 -28.24
C LYS B 154 39.76 -3.46 -27.72
N ALA B 155 40.93 -3.49 -28.35
CA ALA B 155 42.07 -2.72 -27.88
C ALA B 155 42.99 -2.41 -29.06
N MET B 156 43.85 -1.42 -28.85
CA MET B 156 44.87 -1.06 -29.82
C MET B 156 46.06 -2.00 -29.71
N TYR B 157 46.91 -1.99 -30.74
CA TYR B 157 48.09 -2.85 -30.75
C TYR B 157 49.10 -2.29 -31.74
N VAL B 158 50.30 -2.01 -31.26
CA VAL B 158 51.39 -1.53 -32.11
C VAL B 158 52.70 -2.15 -31.61
N ARG B 159 53.54 -2.57 -32.55
CA ARG B 159 54.82 -3.22 -32.24
C ARG B 159 55.94 -2.25 -32.57
N VAL B 160 56.40 -1.51 -31.56
CA VAL B 160 57.51 -0.58 -31.72
C VAL B 160 58.82 -1.34 -31.60
N SER B 161 59.92 -0.69 -31.98
CA SER B 161 61.24 -1.29 -31.86
C SER B 161 61.75 -1.18 -30.43
N PHE B 162 62.93 -1.75 -30.19
CA PHE B 162 63.56 -1.60 -28.88
C PHE B 162 63.83 -0.13 -28.58
N ASP B 163 64.34 0.61 -29.56
CA ASP B 163 64.48 2.05 -29.43
C ASP B 163 63.13 2.71 -29.64
N THR B 164 62.77 3.63 -28.73
CA THR B 164 61.46 4.26 -28.73
C THR B 164 61.62 5.77 -28.83
N LYS B 165 60.71 6.40 -29.57
CA LYS B 165 60.66 7.85 -29.68
C LYS B 165 59.58 8.37 -28.75
N PRO B 166 59.94 9.08 -27.67
CA PRO B 166 58.88 9.52 -26.72
C PRO B 166 57.79 10.34 -27.39
N ASP B 167 58.17 11.23 -28.32
CA ASP B 167 57.17 12.04 -29.00
C ASP B 167 56.21 11.18 -29.81
N LEU B 168 56.74 10.17 -30.50
CA LEU B 168 55.90 9.30 -31.31
C LEU B 168 54.85 8.59 -30.45
N LEU B 169 55.29 7.97 -29.35
CA LEU B 169 54.35 7.27 -28.47
C LEU B 169 53.36 8.24 -27.86
N LEU B 170 53.82 9.41 -27.42
CA LEU B 170 52.92 10.38 -26.81
C LEU B 170 51.84 10.81 -27.79
N HIS B 171 52.23 11.14 -29.02
CA HIS B 171 51.26 11.55 -30.03
C HIS B 171 50.31 10.42 -30.37
N LEU B 172 50.83 9.20 -30.51
CA LEU B 172 50.00 8.07 -30.88
C LEU B 172 48.94 7.80 -29.80
N MET B 173 49.34 7.84 -28.53
CA MET B 173 48.39 7.59 -27.46
C MET B 173 47.40 8.74 -27.31
N THR B 174 47.90 9.98 -27.34
CA THR B 174 47.04 11.13 -27.09
C THR B 174 46.15 11.45 -28.30
N LYS B 175 46.72 11.38 -29.51
CA LYS B 175 46.02 11.84 -30.72
C LYS B 175 45.50 10.67 -31.55
N GLU B 176 46.38 9.75 -31.94
CA GLU B 176 45.96 8.66 -32.82
C GLU B 176 44.88 7.81 -32.17
N TRP B 177 45.05 7.48 -30.89
CA TRP B 177 44.07 6.69 -30.16
C TRP B 177 43.06 7.54 -29.39
N GLN B 178 43.22 8.86 -29.42
CA GLN B 178 42.27 9.78 -28.79
C GLN B 178 42.10 9.46 -27.31
N LEU B 179 43.20 9.60 -26.57
CA LEU B 179 43.22 9.39 -25.13
C LEU B 179 43.66 10.67 -24.44
N GLU B 180 42.83 11.15 -23.51
CA GLU B 180 43.15 12.37 -22.78
C GLU B 180 44.31 12.12 -21.81
N LEU B 181 45.13 13.15 -21.63
CA LEU B 181 46.26 13.05 -20.72
C LEU B 181 45.75 12.88 -19.29
N PRO B 182 46.23 11.87 -18.55
CA PRO B 182 45.73 11.65 -17.19
C PRO B 182 46.43 12.52 -16.16
N LYS B 183 45.68 12.86 -15.11
CA LYS B 183 46.24 13.62 -14.00
C LYS B 183 47.21 12.77 -13.17
N LEU B 184 47.13 11.45 -13.28
CA LEU B 184 47.99 10.53 -12.56
C LEU B 184 48.49 9.46 -13.52
N LEU B 185 49.71 8.99 -13.29
CA LEU B 185 50.29 7.92 -14.06
C LEU B 185 50.92 6.90 -13.12
N ILE B 186 50.70 5.61 -13.42
CA ILE B 186 51.18 4.51 -12.60
C ILE B 186 51.97 3.56 -13.47
N SER B 187 53.15 3.17 -13.00
CA SER B 187 53.96 2.13 -13.63
C SER B 187 54.12 0.99 -12.64
N VAL B 188 53.72 -0.21 -13.05
CA VAL B 188 53.71 -1.39 -12.18
C VAL B 188 54.71 -2.39 -12.71
N HIS B 189 55.57 -2.89 -11.82
CA HIS B 189 56.58 -3.87 -12.15
C HIS B 189 56.40 -5.09 -11.26
N GLY B 190 56.39 -6.27 -11.87
CA GLY B 190 56.23 -7.51 -11.12
C GLY B 190 56.94 -8.65 -11.80
N GLY B 191 57.18 -9.70 -11.02
CA GLY B 191 57.87 -10.86 -11.56
C GLY B 191 57.03 -11.60 -12.58
N LEU B 192 57.73 -12.17 -13.58
CA LEU B 192 57.04 -12.94 -14.61
C LEU B 192 56.61 -14.31 -14.12
N GLN B 193 57.16 -14.79 -13.01
CA GLN B 193 56.79 -16.09 -12.49
C GLN B 193 55.33 -16.09 -12.03
N ASN B 194 54.64 -17.19 -12.30
CA ASN B 194 53.23 -17.35 -11.92
C ASN B 194 53.17 -18.03 -10.56
N PHE B 195 52.61 -17.33 -9.57
CA PHE B 195 52.49 -17.85 -8.21
C PHE B 195 51.11 -17.51 -7.67
N GLU B 196 50.64 -18.34 -6.74
CA GLU B 196 49.36 -18.10 -6.10
C GLU B 196 49.42 -16.83 -5.26
N LEU B 197 48.31 -16.08 -5.26
CA LEU B 197 48.21 -14.83 -4.52
C LEU B 197 47.44 -15.05 -3.23
N GLN B 198 47.91 -14.44 -2.15
CA GLN B 198 47.24 -14.59 -0.87
C GLN B 198 45.82 -14.02 -0.95
N PRO B 199 44.82 -14.69 -0.36
CA PRO B 199 43.46 -14.15 -0.44
C PRO B 199 43.30 -12.81 0.26
N LYS B 200 43.75 -12.72 1.51
CA LYS B 200 43.54 -11.50 2.28
C LYS B 200 44.23 -10.31 1.62
N LEU B 201 45.48 -10.49 1.18
CA LEU B 201 46.19 -9.40 0.52
C LEU B 201 45.50 -9.00 -0.78
N LYS B 202 45.13 -10.00 -1.60
CA LYS B 202 44.56 -9.71 -2.91
C LYS B 202 43.22 -8.99 -2.78
N GLN B 203 42.41 -9.38 -1.79
CA GLN B 203 41.09 -8.76 -1.63
C GLN B 203 41.22 -7.25 -1.49
N VAL B 204 42.12 -6.79 -0.62
CA VAL B 204 42.34 -5.36 -0.45
C VAL B 204 43.02 -4.77 -1.68
N PHE B 205 44.00 -5.49 -2.22
CA PHE B 205 44.82 -4.95 -3.30
C PHE B 205 43.97 -4.61 -4.52
N GLY B 206 43.16 -5.57 -4.97
CA GLY B 206 42.36 -5.34 -6.16
C GLY B 206 41.38 -4.21 -5.99
N LYS B 207 40.66 -4.21 -4.86
CA LYS B 207 39.67 -3.16 -4.61
C LYS B 207 40.33 -1.80 -4.57
N GLY B 208 41.46 -1.68 -3.86
CA GLY B 208 42.13 -0.40 -3.77
C GLY B 208 42.66 0.08 -5.11
N LEU B 209 43.26 -0.82 -5.88
CA LEU B 209 43.75 -0.45 -7.20
C LEU B 209 42.62 0.02 -8.09
N ILE B 210 41.50 -0.70 -8.10
CA ILE B 210 40.37 -0.32 -8.94
C ILE B 210 39.84 1.04 -8.52
N LYS B 211 39.68 1.25 -7.21
CA LYS B 211 39.14 2.52 -6.74
C LYS B 211 40.07 3.68 -7.09
N ALA B 212 41.37 3.51 -6.89
CA ALA B 212 42.31 4.57 -7.20
C ALA B 212 42.31 4.87 -8.69
N ALA B 213 42.33 3.84 -9.53
CA ALA B 213 42.33 4.07 -10.97
C ALA B 213 41.07 4.77 -11.42
N MET B 214 39.91 4.36 -10.90
CA MET B 214 38.65 4.99 -11.28
C MET B 214 38.61 6.45 -10.84
N THR B 215 39.02 6.72 -9.61
CA THR B 215 38.99 8.09 -9.11
C THR B 215 39.95 8.99 -9.88
N THR B 216 41.16 8.51 -10.15
CA THR B 216 42.15 9.32 -10.85
C THR B 216 41.93 9.35 -12.35
N GLY B 217 41.23 8.36 -12.91
CA GLY B 217 41.08 8.28 -14.35
C GLY B 217 42.44 8.22 -15.01
N ALA B 218 43.31 7.38 -14.48
CA ALA B 218 44.73 7.37 -14.83
C ALA B 218 45.08 6.14 -15.65
N TRP B 219 46.12 6.29 -16.47
CA TRP B 219 46.66 5.17 -17.23
C TRP B 219 47.50 4.29 -16.31
N ILE B 220 47.47 2.99 -16.56
CA ILE B 220 48.21 2.01 -15.79
C ILE B 220 49.13 1.28 -16.75
N PHE B 221 50.43 1.43 -16.55
CA PHE B 221 51.41 0.68 -17.33
C PHE B 221 51.62 -0.68 -16.69
N THR B 222 51.43 -1.74 -17.48
CA THR B 222 51.59 -3.10 -17.00
C THR B 222 52.20 -3.95 -18.10
N GLY B 223 52.72 -5.11 -17.71
CA GLY B 223 53.23 -6.05 -18.70
C GLY B 223 52.11 -6.58 -19.57
N GLY B 224 52.39 -6.69 -20.86
CA GLY B 224 51.42 -7.24 -21.79
C GLY B 224 51.29 -8.74 -21.77
N VAL B 225 52.18 -9.43 -21.06
CA VAL B 225 52.14 -10.89 -20.97
C VAL B 225 51.15 -11.30 -19.90
N ASN B 226 50.23 -12.21 -20.25
CA ASN B 226 49.26 -12.68 -19.28
C ASN B 226 49.94 -13.39 -18.12
N THR B 227 50.94 -14.22 -18.40
CA THR B 227 51.63 -14.96 -17.35
C THR B 227 52.29 -14.00 -16.36
N GLY B 228 52.25 -14.37 -15.09
CA GLY B 228 52.86 -13.58 -14.04
C GLY B 228 51.85 -12.80 -13.24
N VAL B 229 52.36 -11.80 -12.52
CA VAL B 229 51.52 -10.98 -11.66
C VAL B 229 50.45 -10.27 -12.48
N ILE B 230 50.81 -9.86 -13.70
CA ILE B 230 49.90 -9.17 -14.60
C ILE B 230 48.58 -9.93 -14.67
N ARG B 231 48.65 -11.26 -14.78
CA ARG B 231 47.46 -12.08 -14.83
C ARG B 231 46.48 -11.73 -13.72
N HIS B 232 46.93 -11.82 -12.47
CA HIS B 232 46.08 -11.48 -11.34
C HIS B 232 45.58 -10.04 -11.47
N VAL B 233 46.48 -9.12 -11.81
CA VAL B 233 46.09 -7.72 -11.97
C VAL B 233 44.95 -7.59 -12.98
N GLY B 234 45.14 -8.20 -14.16
CA GLY B 234 44.10 -8.15 -15.18
C GLY B 234 42.80 -8.77 -14.69
N ASP B 235 42.89 -9.93 -14.03
CA ASP B 235 41.70 -10.56 -13.48
C ASP B 235 41.01 -9.65 -12.49
N ALA B 236 41.79 -9.04 -11.59
CA ALA B 236 41.22 -8.09 -10.64
C ALA B 236 40.54 -6.93 -11.36
N LEU B 237 41.21 -6.38 -12.36
CA LEU B 237 40.62 -5.31 -13.16
C LEU B 237 39.32 -5.78 -13.81
N LYS B 238 39.35 -7.00 -14.37
CA LYS B 238 38.15 -7.55 -14.98
C LYS B 238 37.03 -7.68 -13.96
N ASP B 239 37.34 -8.21 -12.78
CA ASP B 239 36.33 -8.36 -11.74
C ASP B 239 35.82 -7.01 -11.23
N HIS B 240 36.57 -5.94 -11.47
CA HIS B 240 36.17 -4.59 -11.06
C HIS B 240 35.81 -3.71 -12.24
N ALA B 241 35.79 -4.24 -13.46
CA ALA B 241 35.48 -3.43 -14.63
C ALA B 241 33.97 -3.30 -14.82
N SER B 242 33.29 -4.42 -14.99
CA SER B 242 31.85 -4.42 -15.23
C SER B 242 31.10 -3.85 -14.03
N GLY B 246 34.12 1.77 -15.79
CA GLY B 246 34.96 2.96 -15.76
C GLY B 246 35.79 3.14 -17.02
N LYS B 247 35.96 2.06 -17.78
CA LYS B 247 36.74 2.09 -19.01
C LYS B 247 38.16 2.60 -18.75
N ILE B 248 38.82 2.01 -17.75
CA ILE B 248 40.18 2.41 -17.42
C ILE B 248 41.06 2.20 -18.64
N CYS B 249 41.83 3.23 -19.00
CA CYS B 249 42.70 3.19 -20.18
C CYS B 249 44.07 2.68 -19.74
N THR B 250 44.21 1.36 -19.70
CA THR B 250 45.48 0.75 -19.36
C THR B 250 46.41 0.73 -20.57
N ILE B 251 47.66 0.30 -20.35
CA ILE B 251 48.66 0.19 -21.41
C ILE B 251 49.51 -1.03 -21.08
N GLY B 252 49.44 -2.05 -21.95
CA GLY B 252 50.21 -3.26 -21.78
C GLY B 252 51.39 -3.29 -22.71
N ILE B 253 52.59 -3.37 -22.13
CA ILE B 253 53.84 -3.40 -22.86
C ILE B 253 54.52 -4.74 -22.58
N ALA B 254 54.70 -5.54 -23.61
CA ALA B 254 55.35 -6.84 -23.49
C ALA B 254 56.23 -7.06 -24.72
N PRO B 255 57.23 -7.93 -24.60
CA PRO B 255 58.06 -8.24 -25.78
C PRO B 255 57.24 -8.84 -26.90
N TRP B 256 57.63 -8.49 -28.13
CA TRP B 256 56.95 -9.05 -29.30
C TRP B 256 57.09 -10.57 -29.35
N GLY B 257 58.27 -11.07 -28.95
CA GLY B 257 58.47 -12.51 -28.98
C GLY B 257 57.53 -13.27 -28.07
N ILE B 258 57.19 -12.68 -26.92
CA ILE B 258 56.32 -13.34 -25.96
C ILE B 258 54.92 -13.58 -26.51
N VAL B 259 54.54 -12.88 -27.59
CA VAL B 259 53.21 -13.04 -28.15
C VAL B 259 53.00 -14.48 -28.59
N GLU B 260 51.82 -15.02 -28.26
CA GLU B 260 51.51 -16.41 -28.60
C GLU B 260 51.57 -16.63 -30.11
N ASN B 261 50.88 -15.78 -30.87
CA ASN B 261 50.83 -15.87 -32.33
C ASN B 261 51.27 -14.53 -32.90
N GLN B 262 52.58 -14.36 -33.09
CA GLN B 262 53.10 -13.11 -33.63
C GLN B 262 52.60 -12.87 -35.05
N GLU B 263 52.59 -13.92 -35.88
CA GLU B 263 52.19 -13.78 -37.27
C GLU B 263 50.72 -13.44 -37.44
N ASP B 264 49.88 -13.78 -36.45
CA ASP B 264 48.45 -13.55 -36.59
C ASP B 264 48.13 -12.08 -36.74
N LEU B 265 48.80 -11.22 -35.96
CA LEU B 265 48.50 -9.79 -36.00
C LEU B 265 48.76 -9.22 -37.39
N ILE B 266 49.89 -9.58 -37.99
CA ILE B 266 50.23 -9.09 -39.32
C ILE B 266 50.28 -7.57 -39.34
N ASP B 269 46.70 -3.26 -40.88
CA ASP B 269 45.87 -2.87 -39.75
C ASP B 269 44.43 -3.32 -39.96
N VAL B 270 44.01 -4.32 -39.20
CA VAL B 270 42.65 -4.86 -39.30
C VAL B 270 42.35 -5.62 -38.02
N VAL B 271 41.06 -5.79 -37.73
CA VAL B 271 40.66 -6.51 -36.53
C VAL B 271 41.08 -7.97 -36.64
N ARG B 272 41.69 -8.49 -35.58
CA ARG B 272 42.16 -9.86 -35.54
C ARG B 272 41.43 -10.62 -34.42
N PRO B 273 40.92 -11.82 -34.68
CA PRO B 273 40.23 -12.55 -33.60
C PRO B 273 41.11 -12.81 -32.39
N TYR B 274 42.27 -13.44 -32.60
CA TYR B 274 43.21 -13.74 -31.53
C TYR B 274 42.50 -14.48 -30.38
N GLN B 275 42.02 -15.68 -30.71
CA GLN B 275 41.32 -16.49 -29.71
C GLN B 275 42.21 -16.73 -28.51
N THR B 276 41.63 -16.59 -27.32
CA THR B 276 42.37 -16.76 -26.07
C THR B 276 42.97 -18.16 -25.99
N THR B 285 52.81 -17.89 -25.31
CA THR B 285 51.66 -17.56 -24.48
C THR B 285 50.97 -16.30 -24.98
N VAL B 286 49.63 -16.30 -24.94
CA VAL B 286 48.85 -15.17 -25.43
C VAL B 286 48.83 -14.07 -24.39
N LEU B 287 48.67 -12.84 -24.85
CA LEU B 287 48.64 -11.69 -23.96
C LEU B 287 47.26 -11.55 -23.31
N ASN B 288 47.22 -10.81 -22.21
CA ASN B 288 45.97 -10.59 -21.50
C ASN B 288 45.01 -9.77 -22.35
N SER B 289 43.73 -10.17 -22.34
CA SER B 289 42.73 -9.46 -23.13
C SER B 289 42.29 -8.15 -22.48
N MET B 290 42.31 -8.08 -21.14
CA MET B 290 41.75 -6.91 -20.46
C MET B 290 42.48 -5.63 -20.84
N HIS B 291 43.81 -5.69 -20.87
CA HIS B 291 44.60 -4.48 -21.09
C HIS B 291 44.33 -3.91 -22.48
N SER B 292 44.27 -2.59 -22.56
CA SER B 292 44.06 -1.87 -23.81
C SER B 292 45.30 -1.05 -24.16
N HIS B 293 45.32 -0.55 -25.39
CA HIS B 293 46.42 0.29 -25.89
C HIS B 293 47.76 -0.44 -25.75
N PHE B 294 47.82 -1.61 -26.38
CA PHE B 294 49.01 -2.44 -26.28
C PHE B 294 50.17 -1.86 -27.10
N ILE B 295 51.37 -1.96 -26.55
CA ILE B 295 52.61 -1.64 -27.24
C ILE B 295 53.56 -2.82 -27.07
N LEU B 296 54.48 -2.97 -28.01
CA LEU B 296 55.42 -4.08 -27.97
C LEU B 296 56.76 -3.64 -28.50
N ALA B 297 57.80 -4.40 -28.14
CA ALA B 297 59.17 -4.13 -28.53
C ALA B 297 59.66 -5.22 -29.47
N ASP B 298 60.47 -4.83 -30.46
CA ASP B 298 61.02 -5.77 -31.43
C ASP B 298 62.31 -6.32 -30.86
N ASN B 299 62.19 -7.40 -30.09
CA ASN B 299 63.33 -8.05 -29.45
C ASN B 299 63.91 -9.19 -30.27
N GLY B 300 63.39 -9.44 -31.47
CA GLY B 300 63.86 -10.54 -32.29
C GLY B 300 63.61 -11.88 -31.66
N THR B 301 64.67 -12.66 -31.45
CA THR B 301 64.52 -13.98 -30.85
C THR B 301 63.91 -13.87 -29.45
N THR B 302 63.05 -14.81 -29.11
CA THR B 302 62.35 -14.78 -27.83
C THR B 302 63.25 -15.33 -26.72
N GLU B 308 63.34 -2.38 -24.87
CA GLU B 308 61.96 -2.48 -24.43
C GLU B 308 61.77 -1.81 -23.07
N VAL B 309 62.41 -2.38 -22.04
CA VAL B 309 62.30 -1.82 -20.70
C VAL B 309 62.90 -0.41 -20.68
N LYS B 310 64.06 -0.22 -21.29
CA LYS B 310 64.67 1.10 -21.35
C LYS B 310 63.78 2.07 -22.09
N LEU B 311 63.19 1.64 -23.21
CA LEU B 311 62.29 2.52 -23.95
C LEU B 311 61.07 2.89 -23.12
N ARG B 312 60.50 1.92 -22.40
CA ARG B 312 59.35 2.21 -21.55
C ARG B 312 59.71 3.21 -20.46
N ARG B 313 60.85 3.02 -19.80
CA ARG B 313 61.27 3.94 -18.76
C ARG B 313 61.49 5.34 -19.33
N GLN B 314 62.17 5.44 -20.48
CA GLN B 314 62.42 6.74 -21.07
C GLN B 314 61.11 7.44 -21.45
N LEU B 315 60.18 6.70 -22.05
CA LEU B 315 58.89 7.29 -22.43
C LEU B 315 58.13 7.76 -21.21
N GLU B 316 58.12 6.96 -20.14
CA GLU B 316 57.42 7.36 -18.92
C GLU B 316 58.04 8.61 -18.33
N LYS B 317 59.37 8.66 -18.25
CA LYS B 317 60.03 9.84 -17.69
C LYS B 317 59.75 11.07 -18.53
N HIS B 318 59.80 10.93 -19.86
CA HIS B 318 59.50 12.06 -20.73
C HIS B 318 58.06 12.54 -20.56
N ILE B 319 57.11 11.60 -20.46
CA ILE B 319 55.71 11.98 -20.31
C ILE B 319 55.50 12.70 -18.99
N SER B 320 56.13 12.22 -17.91
CA SER B 320 55.97 12.86 -16.62
C SER B 320 56.41 14.33 -16.63
N LEU B 321 57.30 14.70 -17.55
CA LEU B 321 57.78 16.07 -17.63
C LEU B 321 56.77 17.01 -18.27
N GLN B 322 55.71 16.49 -18.89
CA GLN B 322 54.72 17.35 -19.54
C GLN B 322 54.06 18.26 -18.51
N LYS B 323 53.86 19.52 -18.91
CA LYS B 323 53.23 20.49 -18.02
C LYS B 323 51.78 20.11 -17.75
N ILE B 324 51.32 20.38 -16.53
CA ILE B 324 49.95 20.09 -16.14
C ILE B 324 49.11 21.35 -16.19
N GLN B 330 51.38 21.35 -12.19
CA GLN B 330 52.65 21.61 -12.85
C GLN B 330 53.14 20.38 -13.61
N GLY B 331 53.69 19.42 -12.88
CA GLY B 331 54.19 18.18 -13.45
C GLY B 331 53.30 17.01 -13.04
N VAL B 332 53.08 16.10 -14.00
CA VAL B 332 52.22 14.94 -13.75
C VAL B 332 52.94 14.00 -12.79
N PRO B 333 52.35 13.67 -11.65
CA PRO B 333 53.02 12.77 -10.71
C PRO B 333 53.00 11.33 -11.21
N VAL B 334 53.96 10.56 -10.70
CA VAL B 334 54.09 9.14 -11.05
C VAL B 334 54.34 8.36 -9.77
N VAL B 335 53.63 7.23 -9.63
CA VAL B 335 53.77 6.34 -8.48
C VAL B 335 53.96 4.93 -9.00
N ALA B 336 54.85 4.18 -8.35
CA ALA B 336 55.15 2.81 -8.73
C ALA B 336 54.69 1.86 -7.63
N LEU B 337 54.10 0.74 -8.03
CA LEU B 337 53.63 -0.28 -7.12
C LEU B 337 54.34 -1.60 -7.43
N ILE B 338 54.78 -2.29 -6.38
CA ILE B 338 55.58 -3.50 -6.50
C ILE B 338 54.95 -4.59 -5.66
N VAL B 339 54.70 -5.73 -6.29
CA VAL B 339 54.09 -6.88 -5.63
C VAL B 339 55.11 -8.01 -5.68
N GLU B 340 55.85 -8.19 -4.59
CA GLU B 340 56.86 -9.26 -4.48
C GLU B 340 57.86 -9.06 -5.61
N GLY B 341 58.12 -10.07 -6.44
CA GLY B 341 59.07 -9.95 -7.52
C GLY B 341 60.46 -10.44 -7.13
N GLY B 342 61.31 -10.60 -8.14
CA GLY B 342 62.65 -11.07 -7.95
C GLY B 342 63.62 -9.94 -7.67
N PRO B 343 64.92 -10.25 -7.63
CA PRO B 343 65.92 -9.19 -7.40
C PRO B 343 65.89 -8.12 -8.47
N ASN B 344 65.45 -8.47 -9.69
CA ASN B 344 65.27 -7.44 -10.71
C ASN B 344 64.32 -6.35 -10.24
N VAL B 345 63.32 -6.71 -9.44
CA VAL B 345 62.41 -5.71 -8.89
C VAL B 345 63.16 -4.75 -7.97
N ILE B 346 64.06 -5.28 -7.14
CA ILE B 346 64.84 -4.42 -6.24
C ILE B 346 65.76 -3.51 -7.03
N SER B 347 66.41 -4.05 -8.05
CA SER B 347 67.26 -3.21 -8.90
C SER B 347 66.44 -2.14 -9.60
N ILE B 348 65.21 -2.46 -9.98
CA ILE B 348 64.33 -1.48 -10.60
C ILE B 348 63.95 -0.41 -9.60
N VAL B 349 63.75 -0.78 -8.33
CA VAL B 349 63.47 0.20 -7.28
C VAL B 349 64.64 1.18 -7.18
N LEU B 350 65.85 0.64 -7.11
CA LEU B 350 67.03 1.49 -7.00
C LEU B 350 67.15 2.41 -8.21
N GLU B 351 66.95 1.86 -9.41
CA GLU B 351 67.07 2.66 -10.63
C GLU B 351 66.01 3.74 -10.68
N TYR B 352 64.78 3.44 -10.26
CA TYR B 352 63.72 4.43 -10.25
C TYR B 352 64.02 5.55 -9.28
N LEU B 353 64.52 5.22 -8.09
CA LEU B 353 64.89 6.26 -7.14
C LEU B 353 66.02 7.12 -7.70
N ARG B 354 67.01 6.49 -8.35
CA ARG B 354 68.14 7.24 -8.87
C ARG B 354 67.73 8.14 -10.03
N ASP B 355 66.83 7.67 -10.89
CA ASP B 355 66.53 8.38 -12.13
C ASP B 355 65.96 9.76 -11.85
N THR B 356 64.94 9.84 -11.00
CA THR B 356 64.30 11.11 -10.69
C THR B 356 63.99 11.16 -9.20
N PRO B 357 64.07 12.34 -8.58
CA PRO B 357 63.70 12.45 -7.17
C PRO B 357 62.28 11.99 -6.92
N PRO B 358 61.32 12.34 -7.79
CA PRO B 358 59.92 11.89 -7.56
C PRO B 358 59.64 10.49 -8.12
N VAL B 359 60.13 9.48 -7.41
CA VAL B 359 59.90 8.09 -7.78
C VAL B 359 59.41 7.34 -6.54
N PRO B 360 58.25 7.69 -6.01
CA PRO B 360 57.73 6.97 -4.84
C PRO B 360 57.39 5.53 -5.18
N VAL B 361 57.55 4.65 -4.20
CA VAL B 361 57.29 3.23 -4.36
C VAL B 361 56.53 2.75 -3.13
N VAL B 362 55.55 1.89 -3.35
CA VAL B 362 54.72 1.33 -2.28
C VAL B 362 55.01 -0.16 -2.18
N VAL B 363 55.31 -0.62 -0.97
CA VAL B 363 55.58 -2.03 -0.73
C VAL B 363 54.27 -2.77 -0.56
N CYS B 364 54.27 -4.05 -0.91
CA CYS B 364 53.10 -4.90 -0.82
C CYS B 364 53.38 -6.08 0.09
N ASP B 365 52.31 -6.66 0.65
CA ASP B 365 52.44 -7.79 1.56
C ASP B 365 52.98 -9.04 0.87
N GLY B 366 52.99 -9.08 -0.46
CA GLY B 366 53.48 -10.24 -1.17
C GLY B 366 54.90 -10.59 -0.82
N SER B 367 55.14 -11.86 -0.50
CA SER B 367 56.47 -12.31 -0.12
C SER B 367 57.42 -12.27 -1.32
N GLY B 368 58.68 -11.93 -1.05
CA GLY B 368 59.69 -11.87 -2.09
C GLY B 368 60.57 -10.64 -1.96
N ARG B 369 60.85 -9.98 -3.09
CA ARG B 369 61.64 -8.75 -3.04
C ARG B 369 60.91 -7.68 -2.23
N ALA B 370 59.59 -7.61 -2.36
CA ALA B 370 58.82 -6.67 -1.55
C ALA B 370 59.00 -6.97 -0.07
N SER B 371 59.02 -8.24 0.31
CA SER B 371 59.26 -8.59 1.71
C SER B 371 60.64 -8.14 2.16
N ASP B 372 61.65 -8.30 1.32
CA ASP B 372 63.00 -7.87 1.68
C ASP B 372 63.04 -6.35 1.88
N ILE B 373 62.41 -5.60 0.96
CA ILE B 373 62.42 -4.15 1.09
C ILE B 373 61.65 -3.71 2.34
N LEU B 374 60.54 -4.40 2.65
CA LEU B 374 59.78 -4.08 3.84
C LEU B 374 60.60 -4.34 5.10
N ALA B 375 61.34 -5.46 5.12
CA ALA B 375 62.20 -5.76 6.25
C ALA B 375 63.29 -4.70 6.39
N PHE B 376 63.88 -4.28 5.27
CA PHE B 376 64.91 -3.24 5.32
C PHE B 376 64.33 -1.94 5.86
N GLY B 377 63.13 -1.57 5.41
CA GLY B 377 62.51 -0.36 5.91
C GLY B 377 62.20 -0.44 7.40
N HIS B 378 61.69 -1.59 7.85
CA HIS B 378 61.42 -1.75 9.28
C HIS B 378 62.70 -1.65 10.09
N LYS B 379 63.78 -2.27 9.62
CA LYS B 379 65.06 -2.14 10.30
C LYS B 379 65.59 -0.71 10.23
N TYR B 380 65.34 -0.02 9.11
CA TYR B 380 65.80 1.35 8.91
C TYR B 380 67.31 1.38 9.13
N SER B 381 67.84 2.35 9.87
CA SER B 381 69.28 2.42 10.10
C SER B 381 69.60 3.38 11.25
N SER B 390 73.28 -9.73 13.81
CA SER B 390 71.89 -10.10 13.98
C SER B 390 71.08 -9.80 12.72
N LEU B 391 70.86 -8.51 12.47
CA LEU B 391 70.10 -8.11 11.28
C LEU B 391 70.83 -8.52 10.01
N ARG B 392 72.15 -8.33 9.97
CA ARG B 392 72.91 -8.72 8.79
C ARG B 392 72.85 -10.22 8.57
N ASP B 393 72.97 -11.00 9.65
CA ASP B 393 72.86 -12.45 9.53
C ASP B 393 71.49 -12.87 9.03
N GLN B 394 70.44 -12.24 9.54
CA GLN B 394 69.09 -12.57 9.08
C GLN B 394 68.92 -12.23 7.60
N LEU B 395 69.44 -11.08 7.18
CA LEU B 395 69.36 -10.71 5.77
C LEU B 395 70.11 -11.70 4.90
N LEU B 396 71.31 -12.11 5.33
CA LEU B 396 72.07 -13.07 4.55
C LEU B 396 71.34 -14.41 4.46
N VAL B 397 70.73 -14.85 5.56
CA VAL B 397 69.98 -16.10 5.55
C VAL B 397 68.80 -15.99 4.60
N THR B 398 68.08 -14.86 4.64
CA THR B 398 66.95 -14.68 3.74
C THR B 398 67.39 -14.69 2.28
N ILE B 399 68.52 -14.05 1.99
CA ILE B 399 69.04 -14.01 0.62
C ILE B 399 69.41 -15.42 0.18
N THR B 408 78.12 -14.67 -1.85
CA THR B 408 78.04 -13.76 -2.99
C THR B 408 76.63 -13.23 -3.16
N GLN B 409 75.64 -14.10 -3.03
CA GLN B 409 74.25 -13.66 -3.15
C GLN B 409 73.90 -12.65 -2.06
N ALA B 410 74.36 -12.90 -0.83
CA ALA B 410 74.09 -11.95 0.26
C ALA B 410 74.74 -10.61 -0.02
N GLN B 411 75.98 -10.61 -0.52
CA GLN B 411 76.66 -9.37 -0.84
C GLN B 411 75.93 -8.62 -1.96
N HIS B 412 75.49 -9.34 -2.99
CA HIS B 412 74.77 -8.71 -4.08
C HIS B 412 73.46 -8.09 -3.58
N LEU B 413 72.73 -8.81 -2.73
CA LEU B 413 71.49 -8.29 -2.18
C LEU B 413 71.76 -7.05 -1.33
N PHE B 414 72.81 -7.10 -0.50
CA PHE B 414 73.12 -5.97 0.36
C PHE B 414 73.53 -4.75 -0.44
N ILE B 415 74.13 -4.95 -1.63
CA ILE B 415 74.57 -3.82 -2.43
C ILE B 415 73.40 -2.91 -2.78
N ILE B 416 72.21 -3.48 -2.92
CA ILE B 416 71.01 -2.70 -3.24
C ILE B 416 70.25 -2.41 -1.96
N LEU B 417 70.34 -3.32 -0.98
CA LEU B 417 69.62 -3.13 0.26
C LEU B 417 70.10 -1.88 1.01
N MET B 418 71.40 -1.59 0.93
CA MET B 418 71.93 -0.40 1.60
C MET B 418 71.26 0.86 1.07
N GLU B 419 71.16 0.98 -0.25
CA GLU B 419 70.49 2.13 -0.84
C GLU B 419 69.01 2.14 -0.49
N CYS B 420 68.36 0.98 -0.54
CA CYS B 420 66.94 0.90 -0.24
C CYS B 420 66.64 1.36 1.18
N MET B 421 67.43 0.89 2.15
CA MET B 421 67.23 1.29 3.53
C MET B 421 67.57 2.76 3.74
N LYS B 422 68.64 3.23 3.10
CA LYS B 422 69.05 4.63 3.26
C LYS B 422 67.96 5.58 2.76
N LYS B 423 67.36 5.27 1.62
CA LYS B 423 66.30 6.08 1.03
C LYS B 423 64.91 5.54 1.35
N LYS B 424 64.77 4.80 2.45
CA LYS B 424 63.47 4.23 2.81
C LYS B 424 62.44 5.30 3.16
N GLU B 425 62.88 6.49 3.58
CA GLU B 425 61.93 7.54 3.95
C GLU B 425 61.08 7.95 2.75
N LEU B 426 61.71 8.16 1.59
CA LEU B 426 60.96 8.53 0.40
C LEU B 426 59.99 7.43 -0.02
N ILE B 427 60.44 6.18 0.06
CA ILE B 427 59.62 5.05 -0.37
C ILE B 427 58.45 4.87 0.60
N THR B 428 57.25 4.72 0.05
CA THR B 428 56.08 4.50 0.88
C THR B 428 56.11 3.09 1.47
N VAL B 429 55.41 2.93 2.59
CA VAL B 429 55.35 1.67 3.31
C VAL B 429 53.87 1.28 3.47
N PHE B 430 53.56 0.02 3.17
CA PHE B 430 52.21 -0.50 3.29
C PHE B 430 52.23 -1.76 4.14
N ARG B 431 51.17 -1.96 4.92
CA ARG B 431 51.06 -3.12 5.79
C ARG B 431 49.58 -3.36 6.06
N MET B 432 49.29 -4.24 7.03
CA MET B 432 47.92 -4.58 7.39
C MET B 432 47.46 -3.91 8.68
N GLY B 436 48.03 -0.83 9.76
CA GLY B 436 47.58 0.51 9.49
C GLY B 436 47.56 0.78 8.00
N HIS B 437 46.89 1.87 7.64
CA HIS B 437 46.74 2.28 6.24
C HIS B 437 46.15 1.15 5.41
N GLN B 438 45.02 0.61 5.88
CA GLN B 438 44.38 -0.50 5.19
C GLN B 438 43.93 -0.10 3.79
N ASP B 439 43.37 1.10 3.65
CA ASP B 439 42.89 1.56 2.36
C ASP B 439 44.07 1.78 1.42
N ILE B 440 44.06 1.08 0.28
CA ILE B 440 45.13 1.24 -0.70
C ILE B 440 45.06 2.62 -1.35
N ASP B 441 43.85 3.10 -1.62
CA ASP B 441 43.71 4.42 -2.24
C ASP B 441 44.26 5.51 -1.34
N LEU B 442 43.98 5.44 -0.04
CA LEU B 442 44.54 6.42 0.89
C LEU B 442 46.05 6.35 0.92
N ALA B 443 46.60 5.13 0.90
CA ALA B 443 48.05 4.98 0.88
C ALA B 443 48.64 5.62 -0.38
N ILE B 444 48.00 5.39 -1.53
CA ILE B 444 48.49 5.98 -2.78
C ILE B 444 48.46 7.49 -2.70
N LEU B 445 47.36 8.05 -2.19
CA LEU B 445 47.23 9.50 -2.11
C LEU B 445 48.31 10.08 -1.20
N THR B 446 48.50 9.47 -0.03
CA THR B 446 49.51 9.98 0.90
C THR B 446 50.91 9.87 0.31
N ALA B 447 51.21 8.74 -0.36
CA ALA B 447 52.52 8.56 -0.95
C ALA B 447 52.77 9.59 -2.04
N LEU B 448 51.77 9.83 -2.88
CA LEU B 448 51.92 10.85 -3.93
C LEU B 448 52.13 12.23 -3.33
N LEU B 449 51.36 12.57 -2.29
CA LEU B 449 51.52 13.87 -1.66
C LEU B 449 52.92 14.03 -1.08
N LYS B 450 53.41 13.00 -0.39
CA LYS B 450 54.74 13.07 0.20
C LYS B 450 55.82 13.16 -0.87
N GLY B 451 55.70 12.36 -1.94
CA GLY B 451 56.71 12.36 -2.98
C GLY B 451 56.77 13.67 -3.74
N ALA B 452 55.60 14.25 -4.04
CA ALA B 452 55.58 15.50 -4.78
C ALA B 452 56.32 16.60 -4.02
N ASN B 453 56.11 16.68 -2.71
CA ASN B 453 56.79 17.68 -1.87
C ASN B 453 56.50 19.09 -2.37
N ALA B 456 49.95 24.07 1.76
CA ALA B 456 50.47 23.36 0.59
C ALA B 456 49.64 23.68 -0.65
N PRO B 457 49.94 24.80 -1.31
CA PRO B 457 49.22 25.13 -2.55
C PRO B 457 49.29 24.02 -3.60
N ASP B 458 50.45 23.38 -3.74
CA ASP B 458 50.58 22.30 -4.72
C ASP B 458 49.74 21.10 -4.31
N GLN B 459 49.77 20.73 -3.03
CA GLN B 459 48.98 19.59 -2.56
C GLN B 459 47.50 19.86 -2.73
N LEU B 460 47.05 21.08 -2.38
CA LEU B 460 45.65 21.42 -2.55
C LEU B 460 45.26 21.39 -4.03
N SER B 461 46.12 21.91 -4.89
CA SER B 461 45.82 21.87 -6.33
C SER B 461 45.71 20.44 -6.83
N LEU B 462 46.62 19.57 -6.39
CA LEU B 462 46.55 18.17 -6.80
C LEU B 462 45.27 17.51 -6.31
N ALA B 463 44.89 17.78 -5.06
CA ALA B 463 43.66 17.20 -4.53
C ALA B 463 42.44 17.68 -5.31
N LEU B 464 42.42 18.98 -5.64
CA LEU B 464 41.31 19.51 -6.44
C LEU B 464 41.28 18.86 -7.82
N ALA B 465 42.45 18.67 -8.42
CA ALA B 465 42.51 18.02 -9.73
C ALA B 465 41.98 16.59 -9.65
N TRP B 466 42.33 15.87 -8.58
CA TRP B 466 41.85 14.52 -8.40
C TRP B 466 40.37 14.46 -8.03
N ASN B 467 39.77 15.57 -7.64
CA ASN B 467 38.36 15.60 -7.25
C ASN B 467 38.11 14.70 -6.04
N ARG B 468 38.92 14.90 -5.00
CA ARG B 468 38.83 14.10 -3.78
C ARG B 468 38.96 15.05 -2.58
N VAL B 469 37.82 15.35 -1.95
CA VAL B 469 37.82 16.24 -0.80
C VAL B 469 38.43 15.57 0.43
N ASP B 470 38.25 14.25 0.56
CA ASP B 470 38.70 13.57 1.76
C ASP B 470 40.21 13.69 1.93
N ILE B 471 40.96 13.48 0.85
CA ILE B 471 42.42 13.55 0.94
C ILE B 471 42.86 14.95 1.31
N ALA B 472 42.23 15.97 0.71
CA ALA B 472 42.60 17.35 1.02
C ALA B 472 42.31 17.67 2.48
N ARG B 473 41.16 17.23 2.99
CA ARG B 473 40.80 17.51 4.37
C ARG B 473 41.75 16.82 5.33
N SER B 474 42.03 15.53 5.09
CA SER B 474 42.90 14.78 6.00
C SER B 474 44.36 15.16 5.81
N GLN B 475 44.81 15.32 4.57
CA GLN B 475 46.22 15.53 4.26
C GLN B 475 46.54 16.99 4.00
N ILE B 476 45.86 17.62 3.04
CA ILE B 476 46.21 18.98 2.66
C ILE B 476 46.00 19.96 3.81
N PHE B 477 45.04 19.67 4.68
CA PHE B 477 44.70 20.55 5.80
C PHE B 477 45.35 20.02 7.07
N ILE B 478 46.37 20.74 7.55
CA ILE B 478 47.07 20.38 8.78
C ILE B 478 47.42 21.66 9.53
N TYR B 479 47.51 21.54 10.86
CA TYR B 479 47.86 22.69 11.67
C TYR B 479 49.25 23.20 11.30
N GLY B 480 49.40 24.52 11.29
CA GLY B 480 50.66 25.12 10.93
C GLY B 480 50.92 25.20 9.44
N GLN B 481 49.92 24.96 8.61
CA GLN B 481 50.12 25.04 7.17
C GLN B 481 50.54 26.44 6.77
N GLN B 482 51.47 26.53 5.83
CA GLN B 482 51.99 27.84 5.43
C GLN B 482 50.89 28.70 4.84
N TRP B 483 50.14 28.15 3.88
CA TRP B 483 49.05 28.88 3.24
C TRP B 483 49.47 30.30 2.84
N PRO B 484 50.29 30.44 1.80
CA PRO B 484 50.74 31.78 1.39
C PRO B 484 49.57 32.69 1.06
N VAL B 485 49.73 33.98 1.39
CA VAL B 485 48.68 34.95 1.18
C VAL B 485 48.48 35.18 -0.31
N GLY B 486 47.23 35.09 -0.76
CA GLY B 486 46.85 35.44 -2.12
C GLY B 486 46.64 34.25 -3.03
N SER B 487 47.30 33.12 -2.76
CA SER B 487 47.12 31.95 -3.60
C SER B 487 45.80 31.25 -3.31
N LEU B 488 45.32 31.30 -2.07
CA LEU B 488 44.10 30.60 -1.71
C LEU B 488 42.90 31.18 -2.47
N GLU B 489 42.86 32.50 -2.63
CA GLU B 489 41.79 33.12 -3.42
C GLU B 489 41.83 32.65 -4.87
N GLN B 490 43.03 32.55 -5.45
CA GLN B 490 43.15 32.06 -6.81
C GLN B 490 42.67 30.62 -6.93
N ALA B 491 43.01 29.80 -5.93
CA ALA B 491 42.54 28.42 -5.91
C ALA B 491 41.02 28.37 -5.80
N MET B 492 40.45 29.25 -4.98
CA MET B 492 39.00 29.32 -4.86
C MET B 492 38.35 29.66 -6.20
N LEU B 493 38.92 30.65 -6.91
CA LEU B 493 38.40 31.01 -8.21
C LEU B 493 38.50 29.84 -9.19
N ASP B 494 39.63 29.15 -9.19
CA ASP B 494 39.80 28.01 -10.08
C ASP B 494 38.78 26.92 -9.77
N ALA B 495 38.51 26.68 -8.48
CA ALA B 495 37.50 25.70 -8.10
C ALA B 495 36.12 26.13 -8.58
N LEU B 496 35.81 27.42 -8.46
CA LEU B 496 34.53 27.92 -8.93
C LEU B 496 34.39 27.70 -10.44
N VAL B 497 35.48 27.91 -11.18
CA VAL B 497 35.42 27.64 -12.62
C VAL B 497 34.99 26.20 -12.87
N LEU B 498 35.52 25.26 -12.08
CA LEU B 498 35.13 23.88 -12.18
C LEU B 498 33.85 23.62 -11.40
N ASP B 499 33.37 22.38 -11.44
CA ASP B 499 32.13 21.99 -10.77
C ASP B 499 32.39 21.23 -9.48
N ARG B 500 33.47 21.57 -8.77
CA ARG B 500 33.81 20.90 -7.51
C ARG B 500 33.09 21.61 -6.37
N VAL B 501 31.78 21.34 -6.27
CA VAL B 501 30.96 22.00 -5.26
C VAL B 501 31.45 21.66 -3.86
N ASP B 502 31.76 20.38 -3.62
CA ASP B 502 32.20 19.96 -2.30
C ASP B 502 33.50 20.64 -1.91
N PHE B 503 34.39 20.88 -2.88
CA PHE B 503 35.61 21.62 -2.58
C PHE B 503 35.29 23.06 -2.18
N VAL B 504 34.32 23.69 -2.83
CA VAL B 504 33.91 25.03 -2.44
C VAL B 504 33.37 25.02 -1.03
N LYS B 505 32.56 24.01 -0.69
CA LYS B 505 32.04 23.90 0.66
C LYS B 505 33.17 23.76 1.67
N LEU B 506 34.15 22.92 1.34
CA LEU B 506 35.28 22.71 2.24
C LEU B 506 36.05 24.01 2.46
N LEU B 507 36.31 24.75 1.37
CA LEU B 507 37.02 26.02 1.51
C LEU B 507 36.22 27.00 2.34
N ILE B 508 34.90 27.07 2.13
CA ILE B 508 34.07 27.98 2.90
C ILE B 508 34.13 27.63 4.38
N GLU B 509 34.01 26.33 4.69
CA GLU B 509 34.12 25.88 6.08
C GLU B 509 35.53 26.06 6.63
N ASN B 510 36.53 26.19 5.76
CA ASN B 510 37.91 26.37 6.18
C ASN B 510 38.26 27.83 6.42
N GLY B 511 37.33 28.75 6.21
CA GLY B 511 37.56 30.17 6.43
C GLY B 511 37.65 31.00 5.17
N VAL B 512 37.46 30.40 4.00
CA VAL B 512 37.47 31.16 2.75
C VAL B 512 36.13 31.88 2.62
N SER B 513 36.18 33.21 2.61
CA SER B 513 34.98 34.04 2.63
C SER B 513 34.75 34.66 1.27
N MET B 514 33.55 34.45 0.72
CA MET B 514 33.18 35.10 -0.53
C MET B 514 32.93 36.59 -0.33
N HIS B 515 32.64 37.01 0.90
CA HIS B 515 32.24 38.39 1.14
C HIS B 515 33.28 39.38 0.62
N ARG B 516 34.55 39.10 0.87
CA ARG B 516 35.64 39.97 0.43
C ARG B 516 36.34 39.48 -0.82
N PHE B 517 36.27 38.18 -1.11
CA PHE B 517 36.99 37.64 -2.26
C PHE B 517 36.43 38.16 -3.57
N LEU B 518 35.11 38.16 -3.72
CA LEU B 518 34.50 38.46 -5.01
C LEU B 518 34.78 39.90 -5.43
N THR B 519 35.09 40.06 -6.71
CA THR B 519 35.35 41.37 -7.29
C THR B 519 34.77 41.39 -8.70
N ILE B 520 34.61 42.61 -9.23
CA ILE B 520 33.98 42.77 -10.54
C ILE B 520 34.74 41.97 -11.59
N SER B 521 36.07 42.10 -11.59
CA SER B 521 36.88 41.41 -12.59
C SER B 521 36.75 39.90 -12.44
N ARG B 522 36.70 39.41 -11.20
CA ARG B 522 36.55 37.97 -10.99
C ARG B 522 35.23 37.48 -11.56
N LEU B 523 34.15 38.22 -11.31
CA LEU B 523 32.85 37.83 -11.84
C LEU B 523 32.83 37.87 -13.36
N GLU B 524 33.45 38.89 -13.95
CA GLU B 524 33.53 38.96 -15.40
C GLU B 524 34.28 37.77 -15.97
N GLU B 525 35.40 37.41 -15.34
CA GLU B 525 36.16 36.24 -15.80
C GLU B 525 35.33 34.97 -15.67
N LEU B 526 34.60 34.83 -14.56
CA LEU B 526 33.76 33.66 -14.38
C LEU B 526 32.71 33.57 -15.48
N TYR B 527 32.09 34.70 -15.82
CA TYR B 527 31.07 34.69 -16.87
C TYR B 527 31.67 34.37 -18.22
N ASN B 528 32.85 34.94 -18.53
CA ASN B 528 33.43 34.78 -19.85
C ASN B 528 34.14 33.46 -20.06
N THR B 529 34.57 32.81 -18.98
CA THR B 529 35.34 31.58 -19.12
C THR B 529 34.50 30.50 -19.78
N ARG B 530 35.11 29.77 -20.71
CA ARG B 530 34.45 28.67 -21.41
C ARG B 530 34.71 27.31 -20.78
N HIS B 531 35.55 27.24 -19.76
CA HIS B 531 35.83 25.97 -19.12
C HIS B 531 34.61 25.46 -18.36
N GLY B 532 34.48 24.13 -18.30
CA GLY B 532 33.39 23.51 -17.60
C GLY B 532 32.24 23.13 -18.52
N PRO B 533 31.10 22.75 -17.94
CA PRO B 533 29.96 22.35 -18.76
C PRO B 533 29.51 23.47 -19.69
N SER B 534 29.01 23.07 -20.86
CA SER B 534 28.60 24.04 -21.86
C SER B 534 27.35 24.79 -21.43
N ASN B 535 27.21 26.02 -21.94
CA ASN B 535 26.06 26.86 -21.65
C ASN B 535 25.61 27.54 -22.93
N THR B 536 24.35 27.97 -22.94
CA THR B 536 23.74 28.60 -24.10
C THR B 536 23.65 30.12 -23.96
N LEU B 537 24.43 30.71 -23.07
CA LEU B 537 24.36 32.15 -22.83
C LEU B 537 24.80 32.92 -24.07
N TYR B 538 25.80 32.43 -24.79
CA TYR B 538 26.31 33.13 -25.96
C TYR B 538 25.22 33.31 -27.00
N HIS B 539 24.40 32.28 -27.20
CA HIS B 539 23.29 32.38 -28.16
C HIS B 539 22.32 33.48 -27.75
N LEU B 540 22.00 33.54 -26.46
CA LEU B 540 21.07 34.56 -25.97
C LEU B 540 21.66 35.95 -26.16
N VAL B 541 22.96 36.11 -25.88
CA VAL B 541 23.59 37.42 -26.06
C VAL B 541 23.53 37.84 -27.52
N ARG B 542 23.86 36.92 -28.43
CA ARG B 542 23.82 37.23 -29.84
C ARG B 542 22.41 37.63 -30.26
N ASP B 543 21.41 36.92 -29.76
CA ASP B 543 20.03 37.27 -30.07
C ASP B 543 19.67 38.66 -29.51
N VAL B 544 20.12 38.97 -28.29
CA VAL B 544 19.70 40.20 -27.63
C VAL B 544 20.28 41.41 -28.35
N LYS B 545 21.59 41.39 -28.63
CA LYS B 545 22.20 42.60 -29.16
C LYS B 545 21.67 42.94 -30.55
N LYS B 546 21.31 41.94 -31.34
CA LYS B 546 20.73 42.17 -32.66
C LYS B 546 21.68 42.94 -33.57
N GLY B 547 22.97 42.84 -33.30
CA GLY B 547 23.97 43.50 -34.12
C GLY B 547 25.19 42.62 -34.27
N ASN B 548 25.94 42.85 -35.35
CA ASN B 548 27.15 42.08 -35.60
C ASN B 548 28.10 42.21 -34.41
N LEU B 549 28.62 41.08 -33.95
CA LEU B 549 29.48 41.04 -32.78
C LEU B 549 30.77 40.31 -33.12
N PRO B 550 31.88 40.65 -32.45
CA PRO B 550 33.13 39.94 -32.73
C PRO B 550 33.03 38.48 -32.32
N PRO B 551 33.77 37.59 -32.98
CA PRO B 551 33.76 36.18 -32.56
C PRO B 551 34.40 36.02 -31.19
N ASP B 552 33.70 35.33 -30.30
CA ASP B 552 34.17 35.13 -28.93
C ASP B 552 34.44 36.47 -28.25
N TYR B 553 33.60 37.46 -28.54
CA TYR B 553 33.77 38.78 -27.97
C TYR B 553 33.56 38.74 -26.46
N ARG B 554 34.28 39.61 -25.75
CA ARG B 554 34.17 39.67 -24.31
C ARG B 554 32.74 40.02 -23.91
N ILE B 555 32.20 39.28 -22.93
CA ILE B 555 30.85 39.47 -22.45
C ILE B 555 30.92 40.33 -21.19
N SER B 556 30.26 41.49 -21.23
CA SER B 556 30.25 42.42 -20.11
C SER B 556 28.96 42.28 -19.30
N LEU B 557 28.91 43.00 -18.18
CA LEU B 557 27.77 42.92 -17.28
C LEU B 557 26.55 43.67 -17.79
N ILE B 558 26.74 44.70 -18.59
CA ILE B 558 25.59 45.36 -19.22
C ILE B 558 24.86 44.39 -20.13
N ASP B 559 25.60 43.58 -20.89
CA ASP B 559 24.97 42.61 -21.76
C ASP B 559 24.19 41.55 -20.98
N ILE B 560 24.78 41.05 -19.89
CA ILE B 560 24.07 40.05 -19.11
C ILE B 560 22.84 40.67 -18.45
N GLY B 561 22.93 41.93 -18.05
CA GLY B 561 21.74 42.62 -17.55
C GLY B 561 20.66 42.71 -18.60
N LEU B 562 21.04 43.00 -19.84
CA LEU B 562 20.06 43.05 -20.93
C LEU B 562 19.42 41.69 -21.13
N VAL B 563 20.22 40.62 -21.08
CA VAL B 563 19.67 39.28 -21.27
C VAL B 563 18.71 38.94 -20.13
N ILE B 564 19.07 39.32 -18.91
CA ILE B 564 18.19 39.09 -17.76
C ILE B 564 16.88 39.84 -17.95
N GLU B 565 16.93 41.07 -18.45
CA GLU B 565 15.71 41.80 -18.73
C GLU B 565 14.88 41.09 -19.77
N TYR B 566 15.51 40.58 -20.83
CA TYR B 566 14.77 39.88 -21.88
C TYR B 566 14.05 38.67 -21.32
N LEU B 567 14.74 37.86 -20.51
CA LEU B 567 14.15 36.61 -20.05
C LEU B 567 13.14 36.83 -18.93
N MET B 568 13.41 37.77 -18.02
CA MET B 568 12.56 37.92 -16.84
C MET B 568 11.15 38.33 -17.23
N GLY B 569 11.02 39.27 -18.16
CA GLY B 569 9.74 39.71 -18.65
C GLY B 569 9.65 41.22 -18.66
N GLY B 570 8.42 41.72 -18.83
CA GLY B 570 8.22 43.15 -18.91
C GLY B 570 8.52 43.84 -17.59
N ALA B 571 8.94 45.10 -17.71
CA ALA B 571 9.25 45.92 -16.54
C ALA B 571 10.41 45.24 -15.81
N TYR B 572 10.53 45.47 -14.50
CA TYR B 572 11.57 44.85 -13.68
C TYR B 572 12.95 45.16 -14.26
N ARG B 573 13.30 46.46 -14.22
CA ARG B 573 14.59 46.89 -14.73
C ARG B 573 15.72 46.19 -13.97
N CYS B 574 16.74 45.78 -14.71
CA CYS B 574 17.85 45.04 -14.12
C CYS B 574 18.73 45.96 -13.29
N ASN B 575 19.25 45.42 -12.19
CA ASN B 575 20.16 46.19 -11.34
C ASN B 575 21.44 46.54 -12.07
N TYR B 576 21.90 45.66 -12.97
CA TYR B 576 23.11 45.93 -13.73
C TYR B 576 22.93 47.15 -14.63
N THR B 577 21.79 47.24 -15.32
CA THR B 577 21.49 48.38 -16.19
C THR B 577 20.87 49.48 -15.32
N ARG B 578 21.72 50.07 -14.48
CA ARG B 578 21.34 51.20 -13.64
C ARG B 578 22.41 52.27 -13.73
N LYS B 579 22.01 53.51 -13.46
CA LYS B 579 22.91 54.64 -13.63
C LYS B 579 24.07 54.58 -12.64
N ARG B 580 23.80 54.27 -11.37
CA ARG B 580 24.86 54.25 -10.37
C ARG B 580 25.83 53.10 -10.63
N PHE B 581 25.31 51.92 -10.95
CA PHE B 581 26.21 50.83 -11.31
C PHE B 581 26.99 51.16 -12.57
N ARG B 582 26.35 51.84 -13.53
CA ARG B 582 27.06 52.21 -14.75
C ARG B 582 28.20 53.17 -14.42
N THR B 583 27.96 54.13 -13.52
CA THR B 583 29.03 55.02 -13.08
C THR B 583 30.15 54.22 -12.41
N LEU B 584 29.80 53.28 -11.53
CA LEU B 584 30.82 52.48 -10.88
C LEU B 584 31.62 51.68 -11.90
N TYR B 585 30.95 51.08 -12.88
CA TYR B 585 31.62 50.25 -13.87
C TYR B 585 32.56 51.08 -14.73
N HIS B 586 32.12 52.27 -15.13
CA HIS B 586 32.98 53.16 -15.91
C HIS B 586 34.20 53.57 -15.11
N ASN B 587 34.02 53.88 -13.82
CA ASN B 587 35.17 54.31 -13.02
C ASN B 587 36.14 53.17 -12.79
N LEU B 588 35.65 51.97 -12.45
CA LEU B 588 36.54 50.85 -12.18
C LEU B 588 37.33 50.45 -13.42
N PHE B 589 36.65 50.28 -14.54
CA PHE B 589 37.31 49.92 -15.80
C PHE B 589 37.33 51.10 -16.75
N ILE B 631 33.36 48.96 -2.46
CA ILE B 631 34.65 48.98 -3.12
C ILE B 631 34.79 47.78 -4.05
N ASN B 632 33.93 47.74 -5.07
CA ASN B 632 33.93 46.67 -6.07
C ASN B 632 33.60 45.31 -5.47
N HIS B 633 33.01 45.29 -4.28
CA HIS B 633 32.54 44.05 -3.64
C HIS B 633 31.06 44.20 -3.36
N PHE B 634 30.27 43.26 -3.86
CA PHE B 634 28.82 43.37 -3.77
C PHE B 634 28.36 43.12 -2.33
N PRO B 635 27.37 43.88 -1.85
CA PRO B 635 26.86 43.63 -0.49
C PRO B 635 26.22 42.26 -0.32
N PHE B 636 25.66 41.69 -1.38
CA PHE B 636 24.97 40.41 -1.34
C PHE B 636 25.55 39.51 -2.43
N PRO B 637 26.79 39.06 -2.25
CA PRO B 637 27.42 38.25 -3.32
C PRO B 637 26.67 36.98 -3.65
N PHE B 638 25.95 36.42 -2.67
CA PHE B 638 25.23 35.19 -2.91
C PHE B 638 24.21 35.34 -4.02
N HIS B 639 23.57 36.52 -4.11
CA HIS B 639 22.59 36.74 -5.16
C HIS B 639 23.23 36.64 -6.54
N GLU B 640 24.34 37.35 -6.75
CA GLU B 640 24.99 37.32 -8.04
C GLU B 640 25.55 35.94 -8.36
N LEU B 641 26.09 35.25 -7.36
CA LEU B 641 26.61 33.91 -7.58
C LEU B 641 25.50 32.94 -7.95
N MET B 642 24.34 33.04 -7.29
CA MET B 642 23.20 32.23 -7.66
C MET B 642 22.76 32.52 -9.08
N VAL B 643 22.70 33.80 -9.45
CA VAL B 643 22.30 34.18 -10.80
C VAL B 643 23.25 33.57 -11.81
N TRP B 644 24.55 33.69 -11.56
CA TRP B 644 25.54 33.14 -12.48
C TRP B 644 25.40 31.62 -12.59
N ALA B 645 25.24 30.94 -11.45
CA ALA B 645 25.14 29.50 -11.48
C ALA B 645 23.92 29.04 -12.27
N VAL B 646 22.78 29.69 -12.06
CA VAL B 646 21.57 29.31 -12.79
C VAL B 646 21.73 29.62 -14.28
N LEU B 647 22.40 30.74 -14.59
CA LEU B 647 22.57 31.11 -15.99
C LEU B 647 23.38 30.07 -16.74
N MET B 648 24.41 29.51 -16.09
CA MET B 648 25.29 28.54 -16.72
C MET B 648 24.85 27.10 -16.48
N LYS B 649 23.64 26.89 -15.96
CA LYS B 649 23.04 25.56 -15.92
C LYS B 649 23.77 24.63 -14.96
N ARG B 650 24.03 25.12 -13.73
CA ARG B 650 24.71 24.36 -12.69
C ARG B 650 23.77 24.24 -11.50
N GLN B 651 23.13 23.08 -11.37
CA GLN B 651 22.06 22.91 -10.39
C GLN B 651 22.58 22.86 -8.96
N LYS B 652 23.63 22.06 -8.71
CA LYS B 652 24.08 21.85 -7.34
C LYS B 652 24.62 23.14 -6.74
N MET B 653 25.41 23.89 -7.52
CA MET B 653 25.92 25.18 -7.05
C MET B 653 24.77 26.11 -6.73
N ALA B 654 23.75 26.14 -7.58
CA ALA B 654 22.60 26.99 -7.34
C ALA B 654 21.91 26.62 -6.04
N LEU B 655 21.71 25.33 -5.80
CA LEU B 655 21.07 24.90 -4.57
C LEU B 655 21.89 25.30 -3.34
N PHE B 656 23.20 25.12 -3.40
CA PHE B 656 24.05 25.49 -2.27
C PHE B 656 23.99 26.98 -1.98
N PHE B 657 24.10 27.80 -3.04
CA PHE B 657 24.07 29.24 -2.85
C PHE B 657 22.70 29.71 -2.40
N TRP B 658 21.64 29.00 -2.80
CA TRP B 658 20.33 29.27 -2.22
C TRP B 658 20.32 28.95 -0.73
N GLN B 659 21.00 27.86 -0.34
CA GLN B 659 21.03 27.48 1.06
C GLN B 659 21.64 28.59 1.91
N HIS B 660 22.76 29.17 1.47
CA HIS B 660 23.51 30.06 2.35
C HIS B 660 23.20 31.54 2.19
N GLY B 661 22.53 31.96 1.14
CA GLY B 661 22.24 33.37 0.95
C GLY B 661 21.19 33.94 1.89
N GLU B 662 20.65 35.10 1.54
CA GLU B 662 19.63 35.79 2.32
C GLU B 662 18.40 36.04 1.45
N GLU B 663 17.27 36.28 2.10
CA GLU B 663 15.98 36.43 1.43
C GLU B 663 15.83 35.36 0.34
N ALA B 664 15.84 34.11 0.78
CA ALA B 664 15.97 32.98 -0.13
C ALA B 664 14.74 32.83 -1.02
N MET B 665 13.54 33.05 -0.47
CA MET B 665 12.33 32.78 -1.22
C MET B 665 12.26 33.64 -2.49
N ALA B 666 12.64 34.91 -2.38
CA ALA B 666 12.58 35.80 -3.54
C ALA B 666 13.45 35.27 -4.67
N LYS B 667 14.69 34.91 -4.36
CA LYS B 667 15.58 34.44 -5.41
C LYS B 667 15.20 33.05 -5.90
N ALA B 668 14.54 32.25 -5.06
CA ALA B 668 14.03 30.97 -5.54
C ALA B 668 12.95 31.19 -6.59
N LEU B 669 12.02 32.11 -6.33
CA LEU B 669 11.00 32.40 -7.32
C LEU B 669 11.62 32.98 -8.59
N VAL B 670 12.61 33.85 -8.42
CA VAL B 670 13.31 34.42 -9.58
C VAL B 670 13.94 33.31 -10.40
N ALA B 671 14.56 32.33 -9.74
CA ALA B 671 15.19 31.22 -10.44
C ALA B 671 14.16 30.39 -11.18
N CYS B 672 13.02 30.11 -10.55
CA CYS B 672 11.96 29.37 -11.22
C CYS B 672 11.52 30.08 -12.49
N LYS B 673 11.24 31.38 -12.38
CA LYS B 673 10.81 32.15 -13.54
C LYS B 673 11.86 32.14 -14.63
N LEU B 674 13.13 32.33 -14.25
CA LEU B 674 14.19 32.45 -15.23
C LEU B 674 14.45 31.13 -15.94
N CYS B 675 14.39 30.02 -15.21
CA CYS B 675 14.55 28.70 -15.82
C CYS B 675 13.40 28.40 -16.77
N LYS B 676 12.16 28.77 -16.39
CA LYS B 676 11.05 28.58 -17.32
C LYS B 676 11.26 29.38 -18.59
N ALA B 677 11.71 30.63 -18.46
CA ALA B 677 11.97 31.45 -19.63
C ALA B 677 13.06 30.83 -20.50
N MET B 678 14.13 30.32 -19.88
CA MET B 678 15.18 29.68 -20.65
C MET B 678 14.67 28.47 -21.40
N ALA B 679 13.84 27.64 -20.76
CA ALA B 679 13.32 26.46 -21.42
C ALA B 679 12.45 26.85 -22.61
N HIS B 680 11.60 27.86 -22.43
CA HIS B 680 10.77 28.32 -23.54
C HIS B 680 11.63 28.84 -24.69
N GLU B 681 12.65 29.64 -24.38
CA GLU B 681 13.52 30.20 -25.41
C GLU B 681 14.25 29.10 -26.17
N ALA B 682 14.73 28.09 -25.44
CA ALA B 682 15.41 26.96 -26.09
C ALA B 682 14.45 26.19 -26.99
N SER B 683 13.24 25.92 -26.51
CA SER B 683 12.26 25.20 -27.32
C SER B 683 11.91 25.97 -28.58
N GLU B 684 11.86 27.30 -28.48
CA GLU B 684 11.41 28.10 -29.61
C GLU B 684 12.28 27.88 -30.84
N ASN B 685 13.61 27.93 -30.68
CA ASN B 685 14.54 27.85 -31.81
C ASN B 685 15.64 26.85 -31.52
N ASP B 686 15.87 25.94 -32.47
CA ASP B 686 17.02 25.03 -32.45
C ASP B 686 17.05 24.31 -31.10
N MET B 687 18.16 24.32 -30.38
CA MET B 687 18.28 23.69 -29.06
C MET B 687 18.16 22.17 -29.16
N VAL B 688 18.13 21.48 -28.02
CA VAL B 688 18.10 20.02 -27.95
C VAL B 688 17.07 19.62 -26.91
N ASP B 689 17.00 18.32 -26.62
CA ASP B 689 16.05 17.80 -25.66
C ASP B 689 16.40 18.21 -24.22
N ASP B 690 17.57 18.78 -23.99
CA ASP B 690 17.96 19.15 -22.63
C ASP B 690 16.94 20.10 -22.00
N ILE B 691 16.22 20.86 -22.82
CA ILE B 691 15.21 21.77 -22.28
C ILE B 691 14.20 20.99 -21.46
N SER B 692 13.79 19.81 -21.95
CA SER B 692 12.85 18.99 -21.19
C SER B 692 13.42 18.66 -19.81
N GLN B 693 14.71 18.38 -19.74
CA GLN B 693 15.35 18.14 -18.45
C GLN B 693 15.31 19.38 -17.58
N GLU B 694 15.46 20.55 -18.19
CA GLU B 694 15.47 21.80 -17.43
C GLU B 694 14.07 22.23 -17.04
N LEU B 695 13.21 22.44 -18.03
CA LEU B 695 11.91 23.09 -17.82
C LEU B 695 11.21 22.61 -16.55
N ASN B 696 10.96 21.30 -16.46
CA ASN B 696 10.17 20.75 -15.37
C ASN B 696 11.02 20.09 -14.29
N HIS B 697 12.34 20.29 -14.31
CA HIS B 697 13.18 19.73 -13.26
C HIS B 697 14.23 20.70 -12.75
N ASN B 698 14.26 21.94 -13.23
CA ASN B 698 15.04 23.00 -12.64
C ASN B 698 14.17 24.11 -12.06
N SER B 699 13.29 24.69 -12.88
CA SER B 699 12.33 25.66 -12.35
C SER B 699 11.38 25.01 -11.36
N ARG B 700 10.93 23.79 -11.66
CA ARG B 700 10.00 23.10 -10.79
C ARG B 700 10.60 22.86 -9.41
N ASP B 701 11.87 22.47 -9.35
CA ASP B 701 12.50 22.23 -8.06
C ASP B 701 12.54 23.49 -7.22
N PHE B 702 12.94 24.62 -7.83
CA PHE B 702 12.98 25.87 -7.09
C PHE B 702 11.58 26.28 -6.63
N GLY B 703 10.57 26.11 -7.48
CA GLY B 703 9.22 26.42 -7.07
C GLY B 703 8.77 25.61 -5.89
N GLN B 704 9.05 24.30 -5.90
CA GLN B 704 8.67 23.45 -4.78
C GLN B 704 9.42 23.85 -3.52
N LEU B 705 10.69 24.21 -3.64
CA LEU B 705 11.45 24.67 -2.48
C LEU B 705 10.82 25.93 -1.89
N ALA B 706 10.43 26.88 -2.75
CA ALA B 706 9.81 28.10 -2.27
C ALA B 706 8.49 27.79 -1.57
N VAL B 707 7.71 26.87 -2.13
CA VAL B 707 6.44 26.50 -1.51
C VAL B 707 6.68 25.89 -0.13
N GLU B 708 7.66 25.00 -0.02
CA GLU B 708 7.94 24.37 1.27
C GLU B 708 8.40 25.41 2.28
N LEU B 709 9.24 26.35 1.86
CA LEU B 709 9.69 27.41 2.76
C LEU B 709 8.52 28.26 3.23
N LEU B 710 7.60 28.58 2.31
CA LEU B 710 6.41 29.34 2.68
C LEU B 710 5.58 28.59 3.70
N ASP B 711 5.38 27.29 3.47
CA ASP B 711 4.60 26.49 4.40
C ASP B 711 5.23 26.47 5.78
N GLN B 712 6.55 26.30 5.84
CA GLN B 712 7.23 26.29 7.13
C GLN B 712 7.11 27.64 7.82
N SER B 713 7.28 28.74 7.08
CA SER B 713 7.16 30.06 7.68
C SER B 713 5.76 30.28 8.23
N TYR B 714 4.74 29.86 7.48
CA TYR B 714 3.38 29.97 7.98
C TYR B 714 3.18 29.13 9.23
N LYS B 715 3.77 27.95 9.27
CA LYS B 715 3.67 27.10 10.45
C LYS B 715 4.25 27.79 11.67
N GLN B 716 5.45 28.36 11.53
CA GLN B 716 6.10 28.99 12.68
C GLN B 716 5.35 30.24 13.13
N ASP B 717 4.95 31.09 12.19
CA ASP B 717 4.28 32.34 12.54
C ASP B 717 3.49 32.81 11.33
N GLU B 718 2.16 32.91 11.48
CA GLU B 718 1.32 33.32 10.37
C GLU B 718 1.47 34.80 10.05
N GLN B 719 1.49 35.65 11.07
CA GLN B 719 1.58 37.09 10.84
C GLN B 719 2.90 37.45 10.19
N LEU B 720 4.00 36.86 10.66
CA LEU B 720 5.29 37.11 10.04
C LEU B 720 5.32 36.60 8.61
N ALA B 721 4.66 35.47 8.33
CA ALA B 721 4.57 34.98 6.97
C ALA B 721 3.84 35.98 6.08
N MET B 722 2.73 36.53 6.57
CA MET B 722 2.01 37.53 5.81
C MET B 722 2.89 38.74 5.54
N LYS B 723 3.61 39.20 6.55
CA LYS B 723 4.48 40.36 6.38
C LYS B 723 5.58 40.08 5.35
N LEU B 724 6.15 38.88 5.41
CA LEU B 724 7.22 38.53 4.49
C LEU B 724 6.72 38.42 3.06
N LEU B 725 5.51 37.89 2.88
CA LEU B 725 5.00 37.67 1.53
C LEU B 725 4.94 38.97 0.73
N THR B 726 4.69 40.09 1.40
CA THR B 726 4.52 41.38 0.72
C THR B 726 5.39 42.42 1.41
N TYR B 727 6.48 42.80 0.77
CA TYR B 727 7.31 43.91 1.24
C TYR B 727 8.30 44.25 0.13
N GLU B 728 8.53 45.55 -0.07
CA GLU B 728 9.34 45.99 -1.19
C GLU B 728 10.76 45.44 -1.09
N LEU B 729 11.26 44.95 -2.21
CA LEU B 729 12.62 44.42 -2.32
C LEU B 729 13.44 45.40 -3.14
N LYS B 730 14.32 46.15 -2.47
CA LYS B 730 15.18 47.09 -3.19
C LYS B 730 16.09 46.37 -4.17
N ASN B 731 16.58 45.19 -3.77
CA ASN B 731 17.50 44.45 -4.63
C ASN B 731 16.82 43.99 -5.92
N TRP B 732 15.58 43.55 -5.82
CA TRP B 732 14.86 42.93 -6.93
C TRP B 732 13.82 43.86 -7.52
N SER B 733 14.13 45.15 -7.60
CA SER B 733 13.28 46.12 -8.28
C SER B 733 11.93 46.28 -7.58
N ASN B 734 11.95 46.25 -6.25
CA ASN B 734 10.76 46.52 -5.44
C ASN B 734 9.58 45.65 -5.88
N ALA B 735 9.85 44.36 -6.08
CA ALA B 735 8.84 43.39 -6.49
C ALA B 735 8.61 42.42 -5.34
N THR B 736 7.36 42.33 -4.88
CA THR B 736 7.02 41.44 -3.79
C THR B 736 6.99 40.00 -4.29
N CYS B 737 6.91 39.07 -3.34
CA CYS B 737 6.90 37.65 -3.68
C CYS B 737 5.68 37.29 -4.51
N LEU B 738 4.53 37.90 -4.21
CA LEU B 738 3.31 37.58 -4.95
C LEU B 738 3.45 37.94 -6.42
N GLN B 739 4.04 39.11 -6.72
CA GLN B 739 4.21 39.51 -8.10
C GLN B 739 5.10 38.53 -8.85
N LEU B 740 6.20 38.12 -8.23
CA LEU B 740 7.11 37.17 -8.87
C LEU B 740 6.42 35.84 -9.08
N ALA B 741 5.65 35.37 -8.10
CA ALA B 741 4.92 34.11 -8.26
C ALA B 741 3.93 34.20 -9.40
N VAL B 742 3.21 35.32 -9.51
CA VAL B 742 2.27 35.50 -10.60
C VAL B 742 2.99 35.48 -11.93
N ALA B 743 4.13 36.17 -12.02
CA ALA B 743 4.90 36.17 -13.26
C ALA B 743 5.36 34.76 -13.61
N ALA B 744 5.74 33.98 -12.61
CA ALA B 744 6.11 32.59 -12.81
C ALA B 744 4.91 31.68 -12.99
N LYS B 745 3.70 32.18 -12.73
CA LYS B 745 2.49 31.39 -12.89
C LYS B 745 2.52 30.14 -12.01
N HIS B 746 3.07 30.28 -10.82
CA HIS B 746 3.16 29.17 -9.86
C HIS B 746 1.85 29.13 -9.10
N ARG B 747 0.89 28.38 -9.63
CA ARG B 747 -0.44 28.32 -9.04
C ARG B 747 -0.41 27.79 -7.62
N ASP B 748 0.52 26.88 -7.31
CA ASP B 748 0.57 26.29 -5.98
C ASP B 748 0.86 27.34 -4.92
N PHE B 749 1.76 28.29 -5.22
CA PHE B 749 2.10 29.31 -4.25
C PHE B 749 0.88 30.17 -3.90
N ILE B 750 0.12 30.58 -4.91
CA ILE B 750 -1.02 31.44 -4.68
C ILE B 750 -2.14 30.65 -3.98
N ALA B 751 -2.35 29.41 -4.37
CA ALA B 751 -3.41 28.60 -3.79
C ALA B 751 -3.18 28.29 -2.33
N HIS B 752 -1.98 28.55 -1.81
CA HIS B 752 -1.70 28.24 -0.42
C HIS B 752 -2.58 29.09 0.50
N THR B 753 -2.82 28.55 1.70
CA THR B 753 -3.77 29.18 2.61
C THR B 753 -3.35 30.59 2.98
N CYS B 754 -2.05 30.80 3.23
CA CYS B 754 -1.59 32.12 3.66
C CYS B 754 -1.85 33.17 2.59
N SER B 755 -1.52 32.85 1.35
CA SER B 755 -1.73 33.81 0.26
C SER B 755 -3.22 34.07 0.06
N GLN B 756 -4.06 33.03 0.16
CA GLN B 756 -5.49 33.23 0.02
C GLN B 756 -6.04 34.13 1.12
N MET B 757 -5.58 33.92 2.35
CA MET B 757 -6.02 34.77 3.45
C MET B 757 -5.58 36.21 3.25
N LEU B 758 -4.35 36.40 2.76
CA LEU B 758 -3.88 37.75 2.47
C LEU B 758 -4.73 38.41 1.39
N LEU B 759 -5.07 37.66 0.34
CA LEU B 759 -5.91 38.20 -0.71
C LEU B 759 -7.29 38.56 -0.18
N THR B 760 -7.84 37.72 0.70
CA THR B 760 -9.13 38.03 1.31
C THR B 760 -9.05 39.28 2.15
N ASP B 761 -7.95 39.44 2.90
CA ASP B 761 -7.77 40.64 3.71
C ASP B 761 -7.73 41.88 2.83
N MET B 762 -7.02 41.80 1.70
CA MET B 762 -6.97 42.93 0.78
C MET B 762 -8.35 43.19 0.18
N TRP B 763 -9.12 42.14 -0.09
CA TRP B 763 -10.43 42.31 -0.72
C TRP B 763 -11.35 43.14 0.16
N MET B 764 -11.37 42.86 1.47
CA MET B 764 -12.14 43.68 2.40
C MET B 764 -11.54 45.07 2.58
N GLY B 765 -10.34 45.30 2.07
CA GLY B 765 -9.76 46.63 2.14
C GLY B 765 -9.54 47.05 3.58
N ARG B 766 -10.19 48.15 3.96
CA ARG B 766 -9.99 48.74 5.28
C ARG B 766 -10.92 48.16 6.34
N LEU B 767 -12.14 47.75 5.96
CA LEU B 767 -13.09 47.26 6.95
C LEU B 767 -12.56 46.02 7.65
N ARG B 768 -12.19 45.00 6.87
CA ARG B 768 -11.58 43.78 7.39
C ARG B 768 -12.33 43.27 8.63
N MET B 769 -13.60 42.94 8.40
CA MET B 769 -14.46 42.44 9.47
C MET B 769 -15.07 41.09 9.07
N GLY B 861 -14.41 62.33 7.36
CA GLY B 861 -13.80 62.13 6.06
C GLY B 861 -13.22 60.73 5.90
N ARG B 862 -12.44 60.30 6.89
CA ARG B 862 -11.84 58.97 6.83
C ARG B 862 -12.91 57.88 6.84
N LYS B 863 -13.97 58.08 7.62
CA LYS B 863 -15.03 57.07 7.69
C LYS B 863 -15.65 56.85 6.32
N ILE B 864 -15.93 57.93 5.58
CA ILE B 864 -16.44 57.79 4.23
C ILE B 864 -15.38 57.20 3.31
N TYR B 865 -14.13 57.64 3.45
CA TYR B 865 -13.09 57.25 2.50
C TYR B 865 -12.81 55.76 2.55
N GLU B 866 -12.72 55.20 3.77
CA GLU B 866 -12.39 53.78 3.90
C GLU B 866 -13.45 52.93 3.21
N PHE B 867 -14.73 53.31 3.34
CA PHE B 867 -15.79 52.58 2.66
C PHE B 867 -15.75 52.84 1.16
N TYR B 868 -15.41 54.06 0.76
CA TYR B 868 -15.52 54.45 -0.64
C TYR B 868 -14.47 53.76 -1.50
N ASN B 869 -13.22 53.76 -1.06
CA ASN B 869 -12.13 53.28 -1.89
C ASN B 869 -11.83 51.80 -1.69
N ALA B 870 -12.62 51.09 -0.91
CA ALA B 870 -12.45 49.65 -0.81
C ALA B 870 -12.85 48.98 -2.12
N PRO B 871 -12.07 48.00 -2.59
CA PRO B 871 -12.39 47.39 -3.89
C PRO B 871 -13.73 46.70 -3.94
N ILE B 872 -14.17 46.11 -2.82
CA ILE B 872 -15.42 45.33 -2.83
C ILE B 872 -16.60 46.25 -3.14
N VAL B 873 -16.64 47.43 -2.54
CA VAL B 873 -17.76 48.33 -2.77
C VAL B 873 -17.75 48.83 -4.21
N LYS B 874 -16.56 49.04 -4.78
CA LYS B 874 -16.48 49.44 -6.18
C LYS B 874 -17.01 48.34 -7.07
N PHE B 875 -16.69 47.08 -6.75
CA PHE B 875 -17.22 45.95 -7.49
C PHE B 875 -18.74 45.94 -7.44
N TRP B 876 -19.30 46.14 -6.25
CA TRP B 876 -20.75 46.13 -6.12
C TRP B 876 -21.40 47.27 -6.91
N PHE B 877 -20.78 48.46 -6.88
CA PHE B 877 -21.34 49.58 -7.62
C PHE B 877 -21.31 49.32 -9.11
N TYR B 878 -20.20 48.79 -9.62
CA TYR B 878 -20.13 48.46 -11.03
C TYR B 878 -21.17 47.42 -11.40
N THR B 879 -21.35 46.41 -10.56
CA THR B 879 -22.35 45.39 -10.82
C THR B 879 -23.76 45.98 -10.86
N LEU B 880 -24.09 46.86 -9.92
CA LEU B 880 -25.41 47.47 -9.89
C LEU B 880 -25.63 48.33 -11.14
N ALA B 881 -24.62 49.09 -11.55
CA ALA B 881 -24.75 49.89 -12.76
C ALA B 881 -24.99 48.98 -13.96
N TYR B 882 -24.27 47.87 -14.05
CA TYR B 882 -24.46 46.94 -15.15
C TYR B 882 -25.87 46.38 -15.16
N ILE B 883 -26.39 46.03 -13.98
CA ILE B 883 -27.74 45.48 -13.89
C ILE B 883 -28.76 46.51 -14.35
N GLY B 884 -28.61 47.76 -13.91
CA GLY B 884 -29.54 48.79 -14.35
C GLY B 884 -29.50 48.99 -15.86
N TYR B 885 -28.30 49.02 -16.43
CA TYR B 885 -28.17 49.15 -17.88
C TYR B 885 -28.86 47.98 -18.59
N LEU B 886 -28.70 46.78 -18.06
CA LEU B 886 -29.35 45.61 -18.65
C LEU B 886 -30.86 45.74 -18.61
N MET B 887 -31.40 46.19 -17.47
CA MET B 887 -32.84 46.37 -17.36
C MET B 887 -33.35 47.37 -18.39
N LEU B 888 -32.64 48.49 -18.54
CA LEU B 888 -33.04 49.48 -19.52
C LEU B 888 -32.98 48.93 -20.93
N PHE B 889 -31.96 48.12 -21.22
CA PHE B 889 -31.85 47.51 -22.54
C PHE B 889 -33.05 46.62 -22.83
N ASN B 890 -33.44 45.79 -21.86
CA ASN B 890 -34.60 44.93 -22.07
C ASN B 890 -35.85 45.76 -22.32
N TYR B 891 -36.09 46.76 -21.47
CA TYR B 891 -37.26 47.61 -21.65
C TYR B 891 -37.27 48.21 -23.04
N ILE B 892 -36.10 48.66 -23.52
CA ILE B 892 -36.02 49.28 -24.84
C ILE B 892 -36.41 48.30 -25.92
N VAL B 893 -35.82 47.10 -25.90
CA VAL B 893 -36.04 46.17 -27.00
C VAL B 893 -37.51 45.77 -27.07
N LEU B 894 -38.10 45.45 -25.91
CA LEU B 894 -39.47 44.92 -25.95
C LEU B 894 -40.47 45.96 -26.45
N VAL B 895 -40.36 47.19 -25.97
CA VAL B 895 -41.32 48.23 -26.33
C VAL B 895 -40.99 48.80 -27.70
N LYS B 896 -42.00 49.38 -28.34
CA LYS B 896 -41.82 49.99 -29.65
C LYS B 896 -40.94 51.22 -29.56
N MET B 897 -40.14 51.44 -30.61
CA MET B 897 -39.23 52.58 -30.69
C MET B 897 -39.67 53.49 -31.82
N GLU B 898 -39.70 54.78 -31.56
CA GLU B 898 -40.08 55.78 -32.55
C GLU B 898 -38.91 56.04 -33.49
N ARG B 899 -39.05 57.03 -34.37
CA ARG B 899 -37.98 57.36 -35.30
C ARG B 899 -36.74 57.82 -34.56
N TRP B 900 -36.91 58.70 -33.55
CA TRP B 900 -35.77 59.15 -32.76
C TRP B 900 -35.72 58.40 -31.43
N PRO B 901 -34.52 58.15 -30.91
CA PRO B 901 -34.41 57.37 -29.67
C PRO B 901 -34.93 58.14 -28.47
N SER B 902 -35.38 57.39 -27.47
CA SER B 902 -35.87 57.96 -26.23
C SER B 902 -34.70 58.18 -25.26
N THR B 903 -35.01 58.68 -24.07
CA THR B 903 -33.97 58.95 -23.09
C THR B 903 -33.25 57.68 -22.68
N GLN B 904 -33.99 56.58 -22.54
CA GLN B 904 -33.38 55.32 -22.11
C GLN B 904 -32.33 54.86 -23.11
N GLU B 905 -32.62 54.98 -24.40
CA GLU B 905 -31.66 54.55 -25.41
C GLU B 905 -30.44 55.47 -25.42
N TRP B 906 -30.64 56.75 -25.17
CA TRP B 906 -29.50 57.66 -25.04
C TRP B 906 -28.61 57.26 -23.88
N ILE B 907 -29.22 56.92 -22.75
CA ILE B 907 -28.45 56.47 -21.59
C ILE B 907 -27.67 55.21 -21.92
N VAL B 908 -28.31 54.25 -22.58
CA VAL B 908 -27.65 52.99 -22.94
C VAL B 908 -26.46 53.27 -23.85
N ILE B 909 -26.67 54.11 -24.86
CA ILE B 909 -25.59 54.41 -25.81
C ILE B 909 -24.43 55.11 -25.10
N SER B 910 -24.73 56.06 -24.21
CA SER B 910 -23.68 56.73 -23.48
C SER B 910 -22.89 55.75 -22.63
N TYR B 911 -23.59 54.83 -21.96
CA TYR B 911 -22.91 53.84 -21.14
C TYR B 911 -21.97 52.99 -21.98
N ILE B 912 -22.44 52.54 -23.14
CA ILE B 912 -21.60 51.69 -23.99
C ILE B 912 -20.38 52.47 -24.48
N PHE B 913 -20.60 53.73 -24.88
CA PHE B 913 -19.49 54.54 -25.38
C PHE B 913 -18.45 54.77 -24.30
N THR B 914 -18.89 55.08 -23.08
CA THR B 914 -17.94 55.28 -21.99
C THR B 914 -17.21 53.98 -21.63
N LEU B 915 -17.90 52.85 -21.70
CA LEU B 915 -17.24 51.58 -21.44
C LEU B 915 -16.16 51.30 -22.48
N GLY B 916 -16.44 51.60 -23.75
CA GLY B 916 -15.41 51.46 -24.77
C GLY B 916 -14.23 52.38 -24.52
N ILE B 917 -14.52 53.62 -24.11
CA ILE B 917 -13.44 54.54 -23.76
C ILE B 917 -12.59 53.97 -22.63
N GLU B 918 -13.24 53.37 -21.63
CA GLU B 918 -12.52 52.80 -20.50
C GLU B 918 -11.67 51.60 -20.93
N LYS B 919 -12.17 50.81 -21.87
CA LYS B 919 -11.35 49.72 -22.42
C LYS B 919 -10.11 50.26 -23.12
N MET B 920 -10.28 51.33 -23.90
CA MET B 920 -9.11 51.94 -24.53
C MET B 920 -8.14 52.46 -23.48
N ARG B 921 -8.68 53.06 -22.41
CA ARG B 921 -7.84 53.56 -21.32
C ARG B 921 -7.05 52.42 -20.69
N GLU B 922 -7.69 51.28 -20.46
CA GLU B 922 -6.98 50.11 -19.93
C GLU B 922 -5.90 49.67 -20.90
N ILE B 923 -6.18 49.70 -22.20
CA ILE B 923 -5.17 49.35 -23.19
C ILE B 923 -3.94 50.24 -23.03
N LEU B 924 -4.16 51.55 -22.92
CA LEU B 924 -3.07 52.50 -22.80
C LEU B 924 -2.61 52.71 -21.36
N MET B 925 -3.33 52.18 -20.38
CA MET B 925 -2.95 52.30 -18.98
C MET B 925 -2.72 53.76 -18.60
N GLY B 929 6.14 51.75 -29.54
CA GLY B 929 6.50 52.14 -28.19
C GLY B 929 5.84 51.27 -27.14
N LYS B 930 6.06 49.95 -27.24
CA LYS B 930 5.54 48.93 -26.34
C LYS B 930 4.05 48.67 -26.59
N LEU B 931 3.40 49.43 -27.47
CA LEU B 931 1.97 49.24 -27.67
C LEU B 931 1.66 47.84 -28.18
N LEU B 932 2.53 47.30 -29.05
CA LEU B 932 2.34 45.94 -29.54
C LEU B 932 2.40 44.95 -28.39
N GLN B 933 3.36 45.13 -27.47
CA GLN B 933 3.44 44.25 -26.32
C GLN B 933 2.20 44.38 -25.44
N LYS B 934 1.70 45.60 -25.26
CA LYS B 934 0.49 45.79 -24.48
C LYS B 934 -0.69 45.07 -25.11
N VAL B 935 -0.82 45.14 -26.44
CA VAL B 935 -1.89 44.43 -27.13
C VAL B 935 -1.74 42.93 -26.96
N LYS B 936 -0.51 42.43 -27.07
CA LYS B 936 -0.29 41.00 -26.90
C LYS B 936 -0.70 40.55 -25.51
N VAL B 937 -0.36 41.34 -24.49
CA VAL B 937 -0.76 41.01 -23.12
C VAL B 937 -2.27 41.06 -22.99
N TRP B 938 -2.89 42.09 -23.57
CA TRP B 938 -4.34 42.28 -23.45
C TRP B 938 -5.10 41.13 -24.08
N LEU B 939 -4.58 40.59 -25.18
CA LEU B 939 -5.28 39.49 -25.84
C LEU B 939 -5.42 38.28 -24.94
N GLN B 940 -4.62 38.18 -23.87
CA GLN B 940 -4.73 37.05 -22.97
C GLN B 940 -6.13 36.94 -22.37
N GLU B 941 -6.79 38.07 -22.13
CA GLU B 941 -8.14 38.07 -21.59
C GLU B 941 -9.12 37.85 -22.73
N TYR B 942 -9.72 36.66 -22.78
CA TYR B 942 -10.64 36.34 -23.88
C TYR B 942 -11.93 37.13 -23.79
N TRP B 943 -12.38 37.46 -22.57
CA TRP B 943 -13.62 38.22 -22.42
C TRP B 943 -13.52 39.58 -23.10
N ASN B 944 -12.37 40.25 -22.93
CA ASN B 944 -12.19 41.61 -23.44
C ASN B 944 -12.21 41.67 -24.96
N VAL B 945 -12.05 40.54 -25.65
CA VAL B 945 -12.16 40.51 -27.09
C VAL B 945 -13.62 40.48 -27.53
N THR B 946 -14.39 39.58 -26.94
CA THR B 946 -15.81 39.50 -27.23
C THR B 946 -16.53 40.78 -26.85
N ASP B 947 -16.08 41.43 -25.77
CA ASP B 947 -16.67 42.72 -25.40
C ASP B 947 -16.49 43.74 -26.52
N LEU B 948 -15.27 43.84 -27.05
CA LEU B 948 -15.01 44.78 -28.14
C LEU B 948 -15.83 44.44 -29.38
N ILE B 949 -15.91 43.14 -29.70
CA ILE B 949 -16.68 42.75 -30.89
C ILE B 949 -18.15 43.12 -30.72
N ALA B 950 -18.71 42.88 -29.53
CA ALA B 950 -20.10 43.21 -29.29
C ALA B 950 -20.32 44.71 -29.37
N ILE B 951 -19.37 45.49 -28.85
CA ILE B 951 -19.50 46.95 -28.92
C ILE B 951 -19.49 47.41 -30.37
N LEU B 952 -18.62 46.82 -31.19
CA LEU B 952 -18.58 47.19 -32.60
C LEU B 952 -19.90 46.85 -33.29
N LEU B 953 -20.45 45.67 -33.02
CA LEU B 953 -21.73 45.32 -33.62
C LEU B 953 -22.83 46.27 -33.17
N PHE B 954 -22.82 46.66 -31.89
CA PHE B 954 -23.81 47.61 -31.41
C PHE B 954 -23.67 48.95 -32.11
N SER B 955 -22.44 49.40 -32.33
CA SER B 955 -22.24 50.66 -33.05
C SER B 955 -22.76 50.57 -34.46
N VAL B 956 -22.52 49.44 -35.14
CA VAL B 956 -23.07 49.24 -36.48
C VAL B 956 -24.59 49.32 -36.44
N GLY B 957 -25.19 48.65 -35.47
CA GLY B 957 -26.64 48.68 -35.35
C GLY B 957 -27.17 50.09 -35.11
N MET B 958 -26.47 50.85 -34.28
CA MET B 958 -26.88 52.22 -33.99
C MET B 958 -26.81 53.06 -35.25
N ILE B 959 -25.75 52.92 -36.04
CA ILE B 959 -25.64 53.68 -37.27
C ILE B 959 -26.77 53.32 -38.22
N LEU B 960 -27.07 52.01 -38.34
CA LEU B 960 -28.12 51.60 -39.26
C LEU B 960 -29.50 52.04 -38.79
N ARG B 961 -29.71 52.16 -37.48
CA ARG B 961 -31.05 52.39 -36.95
C ARG B 961 -31.56 53.80 -37.21
N LEU B 962 -30.68 54.75 -37.49
CA LEU B 962 -31.07 56.15 -37.60
C LEU B 962 -31.33 56.57 -39.04
N GLN B 963 -31.42 55.62 -39.97
CA GLN B 963 -31.71 55.91 -41.35
C GLN B 963 -33.21 55.76 -41.60
N ASP B 964 -33.61 55.74 -42.86
CA ASP B 964 -35.02 55.65 -43.22
C ASP B 964 -35.60 54.30 -42.79
N GLN B 965 -36.88 54.11 -43.05
CA GLN B 965 -37.57 52.90 -42.60
C GLN B 965 -36.90 51.59 -43.01
N PRO B 966 -36.44 51.42 -44.26
CA PRO B 966 -35.96 50.08 -44.66
C PRO B 966 -34.80 49.58 -43.81
N PHE B 967 -34.02 50.46 -43.19
CA PHE B 967 -32.87 50.06 -42.40
C PHE B 967 -33.15 50.03 -40.90
N ARG B 968 -34.14 50.78 -40.43
CA ARG B 968 -34.35 50.91 -38.99
C ARG B 968 -34.71 49.57 -38.37
N SER B 969 -35.55 48.78 -39.05
CA SER B 969 -35.91 47.47 -38.50
C SER B 969 -34.70 46.54 -38.49
N ASP B 970 -33.81 46.65 -39.48
CA ASP B 970 -32.57 45.88 -39.44
C ASP B 970 -31.71 46.27 -38.24
N GLY B 971 -31.64 47.57 -37.96
CA GLY B 971 -30.93 48.00 -36.76
C GLY B 971 -31.54 47.45 -35.49
N ARG B 972 -32.88 47.43 -35.43
CA ARG B 972 -33.55 46.87 -34.26
C ARG B 972 -33.23 45.39 -34.11
N VAL B 973 -33.21 44.65 -35.23
CA VAL B 973 -32.86 43.24 -35.18
C VAL B 973 -31.43 43.06 -34.70
N ILE B 974 -30.54 43.95 -35.13
CA ILE B 974 -29.16 43.90 -34.64
C ILE B 974 -29.13 44.06 -33.13
N TYR B 975 -29.89 45.02 -32.61
CA TYR B 975 -29.97 45.18 -31.15
C TYR B 975 -30.46 43.91 -30.49
N CYS B 976 -31.50 43.29 -31.06
CA CYS B 976 -32.10 42.11 -30.45
C CYS B 976 -31.10 40.97 -30.40
N VAL B 977 -30.31 40.80 -31.46
CA VAL B 977 -29.30 39.75 -31.46
C VAL B 977 -28.17 40.09 -30.49
N ASN B 978 -27.82 41.37 -30.39
CA ASN B 978 -26.69 41.76 -29.55
C ASN B 978 -26.98 41.59 -28.07
N ILE B 979 -28.24 41.81 -27.66
CA ILE B 979 -28.56 41.75 -26.23
C ILE B 979 -28.14 40.42 -25.60
N ILE B 980 -28.07 39.35 -26.38
CA ILE B 980 -27.79 38.04 -25.83
C ILE B 980 -26.40 37.98 -25.22
N TYR B 981 -25.41 38.58 -25.88
CA TYR B 981 -24.06 38.57 -25.35
C TYR B 981 -24.01 39.25 -23.99
N TRP B 982 -24.65 40.42 -23.86
CA TRP B 982 -24.65 41.12 -22.60
C TRP B 982 -25.42 40.36 -21.53
N TYR B 983 -26.46 39.62 -21.94
CA TYR B 983 -27.18 38.79 -20.97
C TYR B 983 -26.31 37.66 -20.46
N ILE B 984 -25.47 37.09 -21.33
CA ILE B 984 -24.61 35.98 -20.93
C ILE B 984 -23.36 36.45 -20.20
N ARG B 985 -22.96 37.71 -20.39
CA ARG B 985 -21.76 38.23 -19.75
C ARG B 985 -21.81 38.15 -18.23
N LEU B 986 -22.96 37.85 -17.63
CA LEU B 986 -23.06 37.78 -16.18
C LEU B 986 -22.24 36.65 -15.58
N LEU B 987 -21.76 35.71 -16.39
CA LEU B 987 -20.91 34.65 -15.85
C LEU B 987 -19.60 35.23 -15.31
N ASP B 988 -19.02 36.19 -16.01
CA ASP B 988 -17.83 36.87 -15.51
C ASP B 988 -18.10 37.50 -14.16
N ILE B 989 -19.26 38.14 -14.00
CA ILE B 989 -19.61 38.74 -12.72
C ILE B 989 -19.74 37.67 -11.65
N PHE B 990 -20.39 36.55 -11.99
CA PHE B 990 -20.56 35.46 -11.04
C PHE B 990 -19.22 34.87 -10.62
N GLY B 991 -18.22 34.97 -11.50
CA GLY B 991 -16.92 34.35 -11.24
C GLY B 991 -16.37 34.57 -9.85
N VAL B 992 -16.74 35.68 -9.20
CA VAL B 992 -16.20 35.97 -7.88
C VAL B 992 -16.63 34.93 -6.87
N ASN B 993 -17.84 34.40 -6.99
CA ASN B 993 -18.34 33.47 -5.99
C ASN B 993 -17.47 32.23 -5.93
N LYS B 994 -17.36 31.66 -4.74
CA LYS B 994 -16.52 30.48 -4.54
C LYS B 994 -17.01 29.30 -5.39
N TYR B 995 -18.30 29.00 -5.30
CA TYR B 995 -18.83 27.81 -5.97
C TYR B 995 -19.02 28.04 -7.47
N LEU B 996 -19.42 29.25 -7.87
CA LEU B 996 -19.89 29.45 -9.24
C LEU B 996 -18.74 29.44 -10.24
N GLY B 997 -17.60 30.04 -9.91
CA GLY B 997 -16.53 30.20 -10.85
C GLY B 997 -16.01 28.90 -11.40
N PRO B 998 -15.73 27.94 -10.52
CA PRO B 998 -15.32 26.60 -10.99
C PRO B 998 -16.35 25.95 -11.89
N TYR B 999 -17.63 26.16 -11.58
CA TYR B 999 -18.69 25.62 -12.43
C TYR B 999 -18.58 26.16 -13.84
N VAL B 1000 -18.35 27.48 -13.96
CA VAL B 1000 -18.20 28.11 -15.26
C VAL B 1000 -16.98 27.56 -15.98
N MET B 1001 -15.87 27.38 -15.27
CA MET B 1001 -14.67 26.85 -15.89
C MET B 1001 -14.89 25.45 -16.43
N MET B 1002 -15.57 24.61 -15.64
CA MET B 1002 -15.88 23.25 -16.09
C MET B 1002 -16.79 23.29 -17.32
N ILE B 1003 -17.79 24.16 -17.31
CA ILE B 1003 -18.68 24.28 -18.46
C ILE B 1003 -17.87 24.65 -19.69
N GLY B 1004 -16.94 25.60 -19.56
CA GLY B 1004 -16.12 25.98 -20.69
C GLY B 1004 -15.25 24.85 -21.18
N LYS B 1005 -14.75 24.02 -20.26
CA LYS B 1005 -13.85 22.94 -20.66
C LYS B 1005 -14.59 21.83 -21.41
N MET B 1006 -15.82 21.53 -21.00
CA MET B 1006 -16.54 20.40 -21.60
C MET B 1006 -16.90 20.62 -23.07
N MET B 1007 -16.77 21.83 -23.57
CA MET B 1007 -17.28 22.13 -24.90
C MET B 1007 -16.49 21.44 -26.00
N ILE B 1008 -15.23 21.07 -25.76
CA ILE B 1008 -14.47 20.35 -26.77
C ILE B 1008 -15.08 18.97 -27.00
N ASP B 1009 -15.36 18.25 -25.91
CA ASP B 1009 -16.04 16.97 -26.02
C ASP B 1009 -17.42 17.15 -26.65
N MET B 1010 -18.11 18.24 -26.29
CA MET B 1010 -19.40 18.51 -26.90
C MET B 1010 -19.26 18.64 -28.42
N MET B 1011 -18.24 19.35 -28.88
CA MET B 1011 -18.03 19.54 -30.32
C MET B 1011 -17.73 18.21 -31.01
N TYR B 1012 -16.91 17.38 -30.38
CA TYR B 1012 -16.58 16.10 -30.98
C TYR B 1012 -17.83 15.23 -31.11
N PHE B 1013 -18.72 15.29 -30.12
CA PHE B 1013 -20.02 14.63 -30.24
C PHE B 1013 -20.84 15.24 -31.38
N VAL B 1014 -20.81 16.57 -31.48
CA VAL B 1014 -21.64 17.28 -32.44
C VAL B 1014 -21.29 16.87 -33.87
N ILE B 1015 -20.01 16.66 -34.14
CA ILE B 1015 -19.62 16.32 -35.51
C ILE B 1015 -20.30 15.03 -35.96
N ILE B 1016 -20.22 13.99 -35.13
CA ILE B 1016 -20.81 12.71 -35.48
C ILE B 1016 -22.33 12.83 -35.57
N MET B 1017 -22.93 13.54 -34.62
CA MET B 1017 -24.38 13.72 -34.67
C MET B 1017 -24.79 14.42 -35.96
N LEU B 1018 -24.00 15.41 -36.39
CA LEU B 1018 -24.28 16.11 -37.63
C LEU B 1018 -24.20 15.17 -38.82
N VAL B 1019 -23.19 14.32 -38.86
CA VAL B 1019 -23.07 13.37 -39.96
C VAL B 1019 -24.32 12.50 -40.05
N VAL B 1020 -24.72 11.92 -38.91
CA VAL B 1020 -25.85 11.00 -38.91
C VAL B 1020 -27.13 11.75 -39.33
N LEU B 1021 -27.34 12.95 -38.78
CA LEU B 1021 -28.52 13.72 -39.11
C LEU B 1021 -28.57 14.07 -40.59
N MET B 1022 -27.43 14.48 -41.16
CA MET B 1022 -27.40 14.77 -42.58
C MET B 1022 -27.77 13.55 -43.40
N SER B 1023 -27.22 12.38 -43.06
CA SER B 1023 -27.53 11.18 -43.82
C SER B 1023 -29.03 10.89 -43.79
N PHE B 1024 -29.61 10.92 -42.59
CA PHE B 1024 -31.03 10.60 -42.48
C PHE B 1024 -31.89 11.61 -43.24
N GLY B 1025 -31.59 12.89 -43.10
CA GLY B 1025 -32.38 13.90 -43.78
C GLY B 1025 -32.31 13.78 -45.28
N VAL B 1026 -31.11 13.56 -45.81
CA VAL B 1026 -30.96 13.41 -47.26
C VAL B 1026 -31.73 12.20 -47.74
N ALA B 1027 -31.65 11.09 -47.00
CA ALA B 1027 -32.37 9.89 -47.42
C ALA B 1027 -33.87 10.15 -47.45
N ARG B 1028 -34.40 10.76 -46.38
CA ARG B 1028 -35.83 11.03 -46.32
C ARG B 1028 -36.26 11.94 -47.46
N GLN B 1029 -35.50 13.01 -47.71
CA GLN B 1029 -35.87 13.94 -48.77
C GLN B 1029 -35.83 13.27 -50.13
N ALA B 1030 -34.84 12.42 -50.36
CA ALA B 1030 -34.71 11.80 -51.67
C ALA B 1030 -35.80 10.76 -51.92
N ILE B 1031 -36.15 9.99 -50.89
CA ILE B 1031 -37.14 8.93 -51.09
C ILE B 1031 -38.46 9.52 -51.58
N LEU B 1032 -38.89 10.62 -50.96
CA LEU B 1032 -40.08 11.33 -51.39
C LEU B 1032 -39.68 12.50 -52.30
N PHE B 1033 -40.68 13.20 -52.81
CA PHE B 1033 -40.48 14.35 -53.68
C PHE B 1033 -39.54 14.00 -54.84
N PRO B 1034 -39.89 13.01 -55.67
CA PRO B 1034 -39.01 12.68 -56.80
C PRO B 1034 -38.88 13.82 -57.81
N ASN B 1035 -40.01 14.42 -58.21
CA ASN B 1035 -40.01 15.49 -59.20
C ASN B 1035 -40.05 16.83 -58.46
N GLU B 1036 -38.86 17.25 -58.00
CA GLU B 1036 -38.71 18.50 -57.29
C GLU B 1036 -37.55 19.28 -57.89
N GLU B 1037 -37.78 20.55 -58.19
CA GLU B 1037 -36.72 21.40 -58.69
C GLU B 1037 -35.72 21.72 -57.59
N PRO B 1038 -34.47 22.00 -57.94
CA PRO B 1038 -33.44 22.20 -56.91
C PRO B 1038 -33.76 23.31 -55.92
N SER B 1039 -33.94 24.52 -56.42
CA SER B 1039 -34.25 25.68 -55.58
C SER B 1039 -33.24 25.72 -54.42
N TRP B 1040 -33.67 26.18 -53.24
CA TRP B 1040 -32.83 26.23 -52.06
C TRP B 1040 -33.45 25.59 -50.83
N LYS B 1041 -34.74 25.23 -50.87
CA LYS B 1041 -35.40 24.69 -49.69
C LYS B 1041 -34.86 23.33 -49.28
N LEU B 1042 -34.20 22.61 -50.17
CA LEU B 1042 -33.74 21.26 -49.86
C LEU B 1042 -32.72 21.27 -48.74
N ALA B 1043 -31.80 22.23 -48.78
CA ALA B 1043 -30.76 22.31 -47.75
C ALA B 1043 -31.38 22.50 -46.38
N LYS B 1044 -32.39 23.36 -46.28
CA LYS B 1044 -33.12 23.50 -45.02
C LYS B 1044 -33.80 22.20 -44.65
N ASN B 1045 -34.59 21.64 -45.56
CA ASN B 1045 -35.39 20.46 -45.26
C ASN B 1045 -34.54 19.34 -44.70
N ILE B 1046 -33.30 19.21 -45.18
CA ILE B 1046 -32.45 18.12 -44.69
C ILE B 1046 -32.24 18.25 -43.18
N PHE B 1047 -31.90 19.45 -42.72
CA PHE B 1047 -31.55 19.64 -41.32
C PHE B 1047 -32.77 19.84 -40.43
N TYR B 1048 -33.83 20.42 -40.96
CA TYR B 1048 -34.93 20.91 -40.14
C TYR B 1048 -35.55 19.82 -39.28
N MET B 1049 -36.21 18.84 -39.91
CA MET B 1049 -37.00 17.88 -39.15
C MET B 1049 -36.14 17.02 -38.24
N PRO B 1050 -35.05 16.39 -38.71
CA PRO B 1050 -34.33 15.45 -37.85
C PRO B 1050 -33.78 16.07 -36.57
N TYR B 1051 -33.40 17.35 -36.61
CA TYR B 1051 -32.78 17.96 -35.44
C TYR B 1051 -33.74 17.98 -34.25
N TRP B 1052 -35.01 18.26 -34.50
CA TRP B 1052 -35.97 18.33 -33.41
C TRP B 1052 -36.32 16.96 -32.84
N MET B 1053 -36.08 15.89 -33.60
CA MET B 1053 -36.37 14.55 -33.09
C MET B 1053 -35.54 14.21 -31.86
N ILE B 1054 -34.40 14.86 -31.69
CA ILE B 1054 -33.55 14.58 -30.54
C ILE B 1054 -34.24 15.01 -29.25
N TYR B 1055 -35.20 15.93 -29.33
CA TYR B 1055 -35.79 16.56 -28.16
C TYR B 1055 -37.24 16.19 -27.93
N GLY B 1056 -37.70 15.07 -28.50
CA GLY B 1056 -39.00 14.53 -28.17
C GLY B 1056 -40.11 14.77 -29.16
N GLU B 1057 -39.82 15.35 -30.33
CA GLU B 1057 -40.82 15.60 -31.35
C GLU B 1057 -40.59 14.63 -32.51
N VAL B 1058 -41.59 13.82 -32.82
CA VAL B 1058 -41.47 12.78 -33.83
C VAL B 1058 -42.38 13.02 -35.03
N PHE B 1059 -43.20 14.07 -35.00
CA PHE B 1059 -44.08 14.38 -36.12
C PHE B 1059 -44.96 13.19 -36.47
N ALA B 1060 -45.73 12.74 -35.49
CA ALA B 1060 -46.54 11.54 -35.66
C ALA B 1060 -47.51 11.67 -36.83
N ASP B 1061 -47.90 12.90 -37.16
CA ASP B 1061 -48.86 13.09 -38.25
C ASP B 1061 -48.29 12.61 -39.58
N GLN B 1062 -47.01 12.89 -39.84
CA GLN B 1062 -46.40 12.66 -41.14
C GLN B 1062 -45.23 11.70 -41.04
N ILE B 1063 -45.41 10.59 -40.33
CA ILE B 1063 -44.43 9.51 -40.33
C ILE B 1063 -44.73 8.58 -41.49
N ASP B 1064 -45.91 7.95 -41.45
CA ASP B 1064 -46.38 7.06 -42.51
C ASP B 1064 -47.78 7.49 -42.89
N PRO B 1065 -47.91 8.51 -43.75
CA PRO B 1065 -49.25 8.98 -44.09
C PRO B 1065 -50.04 7.90 -44.80
N PRO B 1066 -51.37 7.91 -44.66
CA PRO B 1066 -52.18 6.86 -45.30
C PRO B 1066 -52.00 6.81 -46.81
N CYS B 1067 -51.77 7.94 -47.45
CA CYS B 1067 -51.57 8.05 -48.91
C CYS B 1067 -52.66 7.23 -49.60
N GLY B 1068 -52.32 6.31 -50.50
CA GLY B 1068 -53.31 5.60 -51.26
C GLY B 1068 -54.35 4.88 -50.42
N GLN B 1069 -55.55 5.45 -50.34
CA GLN B 1069 -56.65 4.85 -49.60
C GLN B 1069 -57.88 5.72 -49.83
N ASN B 1070 -59.02 5.25 -49.33
CA ASN B 1070 -60.27 6.01 -49.35
C ASN B 1070 -60.47 6.64 -47.98
N GLU B 1071 -60.63 7.97 -47.96
CA GLU B 1071 -60.76 8.73 -46.72
C GLU B 1071 -62.00 9.61 -46.85
N THR B 1072 -63.15 9.07 -46.44
CA THR B 1072 -64.38 9.85 -46.46
C THR B 1072 -64.36 10.96 -45.43
N ARG B 1073 -63.72 10.73 -44.29
CA ARG B 1073 -63.64 11.72 -43.21
C ARG B 1073 -65.08 11.98 -42.73
N GLU B 1074 -65.43 13.22 -42.41
CA GLU B 1074 -66.77 13.55 -41.96
C GLU B 1074 -67.14 14.95 -42.43
N ASP B 1075 -68.43 15.18 -42.61
CA ASP B 1075 -68.94 16.47 -43.06
C ASP B 1075 -68.26 16.90 -44.35
N GLY B 1076 -68.08 15.95 -45.25
CA GLY B 1076 -67.45 16.24 -46.53
C GLY B 1076 -67.58 15.07 -47.47
N LYS B 1077 -67.43 15.37 -48.76
CA LYS B 1077 -67.51 14.34 -49.78
C LYS B 1077 -66.28 13.44 -49.75
N THR B 1078 -66.44 12.23 -50.27
CA THR B 1078 -65.33 11.28 -50.32
C THR B 1078 -64.19 11.84 -51.17
N ILE B 1079 -62.96 11.66 -50.67
CA ILE B 1079 -61.76 12.15 -51.34
C ILE B 1079 -60.82 10.97 -51.55
N GLN B 1080 -60.30 10.84 -52.76
CA GLN B 1080 -59.36 9.78 -53.10
C GLN B 1080 -57.94 10.34 -53.02
N LEU B 1081 -57.11 9.75 -52.16
CA LEU B 1081 -55.76 10.22 -51.95
C LEU B 1081 -54.82 9.68 -53.01
N PRO B 1082 -53.65 10.29 -53.16
CA PRO B 1082 -52.69 9.78 -54.14
C PRO B 1082 -52.28 8.36 -53.80
N PRO B 1083 -51.95 7.54 -54.80
CA PRO B 1083 -51.63 6.12 -54.59
C PRO B 1083 -50.23 5.88 -54.03
N CYS B 1084 -49.88 6.60 -52.98
CA CYS B 1084 -48.59 6.46 -52.31
C CYS B 1084 -47.48 6.59 -53.36
N LYS B 1085 -46.34 5.96 -53.11
CA LYS B 1085 -45.22 5.97 -54.03
C LYS B 1085 -44.37 4.74 -53.76
N THR B 1086 -43.42 4.49 -54.64
CA THR B 1086 -42.56 3.31 -54.53
C THR B 1086 -41.53 3.52 -53.42
N GLY B 1087 -41.37 2.49 -52.59
CA GLY B 1087 -40.39 2.55 -51.52
C GLY B 1087 -40.69 3.57 -50.46
N ALA B 1088 -41.96 3.81 -50.16
CA ALA B 1088 -42.35 4.69 -49.07
C ALA B 1088 -42.39 4.00 -47.72
N TRP B 1089 -42.28 2.68 -47.70
CA TRP B 1089 -42.26 1.91 -46.47
C TRP B 1089 -40.86 1.79 -45.87
N ILE B 1090 -39.86 2.32 -46.54
CA ILE B 1090 -38.50 2.28 -46.02
C ILE B 1090 -38.21 3.45 -45.08
N VAL B 1091 -38.90 4.58 -45.27
CA VAL B 1091 -38.66 5.74 -44.42
C VAL B 1091 -38.94 5.45 -42.96
N PRO B 1092 -40.07 4.84 -42.58
CA PRO B 1092 -40.29 4.55 -41.15
C PRO B 1092 -39.17 3.73 -40.54
N ALA B 1093 -38.79 2.63 -41.18
CA ALA B 1093 -37.74 1.77 -40.64
C ALA B 1093 -36.48 2.59 -40.38
N ILE B 1094 -36.04 3.35 -41.37
CA ILE B 1094 -34.88 4.22 -41.19
C ILE B 1094 -35.09 5.12 -40.00
N MET B 1095 -36.27 5.74 -39.92
CA MET B 1095 -36.56 6.67 -38.85
C MET B 1095 -36.38 6.04 -37.48
N ALA B 1096 -36.50 4.72 -37.39
CA ALA B 1096 -36.22 4.04 -36.13
C ALA B 1096 -34.73 4.01 -35.85
N CYS B 1097 -33.94 3.49 -36.80
CA CYS B 1097 -32.52 3.28 -36.56
C CYS B 1097 -31.84 4.58 -36.14
N TYR B 1098 -32.13 5.67 -36.86
CA TYR B 1098 -31.57 6.96 -36.50
C TYR B 1098 -31.85 7.28 -35.03
N LEU B 1099 -33.10 7.15 -34.61
CA LEU B 1099 -33.44 7.46 -33.23
C LEU B 1099 -32.74 6.54 -32.26
N LEU B 1100 -32.46 5.30 -32.68
CA LEU B 1100 -31.75 4.37 -31.82
C LEU B 1100 -30.31 4.78 -31.60
N VAL B 1101 -29.75 5.59 -32.50
CA VAL B 1101 -28.35 5.97 -32.45
C VAL B 1101 -28.17 7.34 -31.80
N ALA B 1102 -28.91 8.33 -32.30
CA ALA B 1102 -28.73 9.70 -31.81
C ALA B 1102 -29.09 9.83 -30.34
N ASN B 1103 -30.15 9.15 -29.91
CA ASN B 1103 -30.72 9.40 -28.59
C ASN B 1103 -30.12 8.51 -27.51
N ILE B 1104 -29.96 7.22 -27.77
CA ILE B 1104 -29.60 6.27 -26.72
C ILE B 1104 -28.12 5.89 -26.73
N LEU B 1105 -27.42 6.07 -27.83
CA LEU B 1105 -26.03 5.63 -27.94
C LEU B 1105 -25.04 6.75 -27.65
N LEU B 1106 -25.14 7.85 -28.39
CA LEU B 1106 -24.14 8.91 -28.29
C LEU B 1106 -24.29 9.71 -27.00
N VAL B 1107 -25.53 9.98 -26.59
CA VAL B 1107 -25.75 10.83 -25.42
C VAL B 1107 -25.22 10.17 -24.16
N ASN B 1108 -25.47 8.87 -24.00
CA ASN B 1108 -24.97 8.16 -22.84
C ASN B 1108 -23.44 8.11 -22.83
N LEU B 1109 -22.85 7.99 -24.02
CA LEU B 1109 -21.39 8.06 -24.12
C LEU B 1109 -20.89 9.42 -23.65
N LEU B 1110 -21.58 10.49 -24.04
CA LEU B 1110 -21.19 11.82 -23.59
C LEU B 1110 -21.33 11.93 -22.08
N ILE B 1111 -22.38 11.34 -21.52
CA ILE B 1111 -22.55 11.34 -20.07
C ILE B 1111 -21.37 10.66 -19.39
N ALA B 1112 -20.96 9.51 -19.91
CA ALA B 1112 -19.83 8.79 -19.34
C ALA B 1112 -18.56 9.63 -19.44
N VAL B 1113 -18.37 10.30 -20.57
CA VAL B 1113 -17.19 11.16 -20.75
C VAL B 1113 -17.18 12.26 -19.68
N PHE B 1114 -18.33 12.90 -19.48
CA PHE B 1114 -18.43 13.93 -18.46
C PHE B 1114 -18.08 13.37 -17.09
N ASN B 1115 -18.61 12.20 -16.76
CA ASN B 1115 -18.35 11.60 -15.46
C ASN B 1115 -16.85 11.37 -15.27
N ASN B 1116 -16.18 10.85 -16.29
CA ASN B 1116 -14.75 10.58 -16.15
C ASN B 1116 -13.95 11.86 -16.03
N THR B 1117 -14.31 12.90 -16.79
CA THR B 1117 -13.52 14.13 -16.81
C THR B 1117 -13.79 15.06 -15.64
N PHE B 1118 -14.89 14.82 -14.90
CA PHE B 1118 -15.36 15.79 -13.92
C PHE B 1118 -14.32 16.06 -12.85
N PHE B 1119 -13.72 15.02 -12.29
CA PHE B 1119 -12.86 15.19 -11.12
C PHE B 1119 -11.63 16.04 -11.47
N GLU B 1120 -10.95 15.66 -12.55
CA GLU B 1120 -9.77 16.39 -12.97
C GLU B 1120 -10.12 17.84 -13.30
N VAL B 1121 -11.20 18.05 -14.04
CA VAL B 1121 -11.57 19.41 -14.39
C VAL B 1121 -11.90 20.21 -13.15
N LYS B 1122 -12.54 19.59 -12.17
CA LYS B 1122 -12.89 20.28 -10.94
C LYS B 1122 -11.64 20.76 -10.21
N SER B 1123 -10.67 19.85 -10.03
CA SER B 1123 -9.45 20.23 -9.33
C SER B 1123 -8.73 21.37 -10.05
N ILE B 1124 -8.55 21.22 -11.36
CA ILE B 1124 -7.83 22.23 -12.12
C ILE B 1124 -8.56 23.57 -12.04
N SER B 1125 -9.89 23.54 -12.15
CA SER B 1125 -10.67 24.77 -12.12
C SER B 1125 -10.54 25.46 -10.78
N ASN B 1126 -10.58 24.70 -9.68
CA ASN B 1126 -10.42 25.29 -8.37
C ASN B 1126 -9.08 26.00 -8.26
N GLN B 1127 -8.00 25.32 -8.66
CA GLN B 1127 -6.69 25.95 -8.57
C GLN B 1127 -6.61 27.20 -9.44
N VAL B 1128 -7.16 27.14 -10.65
CA VAL B 1128 -7.04 28.27 -11.56
C VAL B 1128 -7.83 29.46 -11.04
N TRP B 1129 -9.01 29.22 -10.46
CA TRP B 1129 -9.77 30.33 -9.91
C TRP B 1129 -9.06 30.95 -8.72
N LYS B 1130 -8.49 30.12 -7.84
CA LYS B 1130 -7.69 30.65 -6.75
C LYS B 1130 -6.52 31.49 -7.27
N PHE B 1131 -6.00 31.14 -8.45
CA PHE B 1131 -4.94 31.95 -9.04
C PHE B 1131 -5.47 33.27 -9.60
N GLN B 1132 -6.65 33.24 -10.23
CA GLN B 1132 -7.21 34.43 -10.86
C GLN B 1132 -7.74 35.45 -9.85
N ARG B 1133 -7.97 35.00 -8.61
CA ARG B 1133 -8.45 35.93 -7.58
C ARG B 1133 -7.57 37.16 -7.48
N TYR B 1134 -6.25 36.98 -7.53
CA TYR B 1134 -5.33 38.11 -7.36
C TYR B 1134 -5.49 39.12 -8.47
N GLN B 1135 -5.60 38.65 -9.72
CA GLN B 1135 -5.80 39.57 -10.83
C GLN B 1135 -7.11 40.33 -10.68
N LEU B 1136 -8.17 39.62 -10.28
CA LEU B 1136 -9.43 40.29 -10.05
C LEU B 1136 -9.29 41.41 -9.01
N ILE B 1137 -8.66 41.08 -7.88
CA ILE B 1137 -8.58 42.02 -6.78
C ILE B 1137 -7.79 43.25 -7.20
N MET B 1138 -6.63 43.05 -7.84
CA MET B 1138 -5.83 44.20 -8.24
C MET B 1138 -6.54 45.03 -9.29
N THR B 1139 -7.20 44.38 -10.25
CA THR B 1139 -7.89 45.12 -11.29
C THR B 1139 -8.97 46.01 -10.69
N PHE B 1140 -9.73 45.50 -9.73
CA PHE B 1140 -10.77 46.33 -9.13
C PHE B 1140 -10.22 47.31 -8.10
N HIS B 1141 -9.02 47.08 -7.58
CA HIS B 1141 -8.39 48.08 -6.72
C HIS B 1141 -7.93 49.28 -7.54
N GLU B 1142 -7.44 49.03 -8.76
CA GLU B 1142 -6.92 50.12 -9.58
C GLU B 1142 -8.04 50.99 -10.15
N ARG B 1143 -9.22 50.42 -10.38
CA ARG B 1143 -10.25 51.12 -11.13
C ARG B 1143 -10.79 52.32 -10.36
N PRO B 1144 -11.35 53.30 -11.06
CA PRO B 1144 -11.95 54.45 -10.37
C PRO B 1144 -13.23 54.06 -9.65
N VAL B 1145 -13.63 54.93 -8.72
CA VAL B 1145 -14.79 54.65 -7.88
C VAL B 1145 -16.07 54.73 -8.69
N LEU B 1146 -16.22 55.73 -9.54
CA LEU B 1146 -17.49 55.96 -10.21
C LEU B 1146 -17.75 54.90 -11.27
N PRO B 1147 -18.93 54.29 -11.31
CA PRO B 1147 -19.22 53.28 -12.32
C PRO B 1147 -19.18 53.85 -13.72
N PRO B 1148 -19.23 53.00 -14.74
CA PRO B 1148 -18.95 53.44 -16.12
C PRO B 1148 -19.81 54.60 -16.57
N PRO B 1149 -21.10 54.63 -16.21
CA PRO B 1149 -21.94 55.74 -16.69
C PRO B 1149 -21.40 57.12 -16.37
N LEU B 1150 -20.64 57.28 -15.29
CA LEU B 1150 -20.14 58.58 -14.88
C LEU B 1150 -18.62 58.68 -14.89
N ILE B 1151 -17.93 57.69 -15.47
CA ILE B 1151 -16.47 57.74 -15.53
C ILE B 1151 -15.97 58.81 -16.48
N ILE B 1152 -16.84 59.45 -17.26
CA ILE B 1152 -16.41 60.50 -18.15
C ILE B 1152 -15.80 61.65 -17.35
N PHE B 1153 -16.38 61.96 -16.20
CA PHE B 1153 -15.80 62.99 -15.35
C PHE B 1153 -14.42 62.59 -14.83
N SER B 1154 -14.27 61.32 -14.46
CA SER B 1154 -12.96 60.85 -14.00
C SER B 1154 -11.92 60.94 -15.11
N HIS B 1155 -12.31 60.60 -16.34
CA HIS B 1155 -11.39 60.70 -17.46
C HIS B 1155 -11.06 62.15 -17.80
N MET B 1156 -12.03 63.05 -17.65
CA MET B 1156 -11.75 64.47 -17.81
C MET B 1156 -10.74 64.94 -16.77
N THR B 1157 -10.89 64.47 -15.53
CA THR B 1157 -9.90 64.77 -14.51
C THR B 1157 -8.54 64.22 -14.89
N MET B 1158 -8.51 63.01 -15.45
CA MET B 1158 -7.24 62.44 -15.93
C MET B 1158 -6.61 63.35 -16.97
N ILE B 1159 -7.40 63.87 -17.90
CA ILE B 1159 -6.91 64.78 -18.92
C ILE B 1159 -6.26 66.00 -18.26
N GLY B 1180 -0.69 50.83 -1.04
CA GLY B 1180 -1.06 50.06 -2.21
C GLY B 1180 -0.94 48.57 -1.98
N LEU B 1181 -0.50 47.85 -3.03
CA LEU B 1181 -0.34 46.40 -2.92
C LEU B 1181 0.71 46.04 -1.89
N LYS B 1182 1.82 46.78 -1.86
CA LYS B 1182 2.97 46.48 -1.01
C LYS B 1182 3.14 47.55 0.04
N LEU B 1183 3.58 47.14 1.23
CA LEU B 1183 3.80 48.04 2.36
C LEU B 1183 5.30 48.21 2.56
N PHE B 1184 5.73 49.46 2.72
CA PHE B 1184 7.12 49.75 3.04
C PHE B 1184 7.40 49.45 4.50
N ILE B 1185 8.59 48.90 4.77
CA ILE B 1185 8.97 48.48 6.11
C ILE B 1185 10.25 49.19 6.50
N THR B 1186 10.44 49.34 7.81
CA THR B 1186 11.62 49.98 8.35
C THR B 1186 12.81 49.02 8.33
N ASP B 1187 14.01 49.58 8.54
CA ASP B 1187 15.23 48.80 8.46
C ASP B 1187 15.24 47.69 9.51
N ASP B 1188 14.87 48.03 10.75
CA ASP B 1188 14.87 47.04 11.82
C ASP B 1188 13.91 45.90 11.50
N GLU B 1189 12.73 46.23 10.97
CA GLU B 1189 11.78 45.21 10.59
C GLU B 1189 12.33 44.34 9.46
N LEU B 1190 13.06 44.94 8.53
CA LEU B 1190 13.65 44.15 7.45
C LEU B 1190 14.67 43.15 8.00
N LYS B 1191 15.52 43.60 8.93
CA LYS B 1191 16.49 42.68 9.54
C LYS B 1191 15.77 41.59 10.32
N LYS B 1192 14.71 41.94 11.03
CA LYS B 1192 13.94 40.95 11.77
C LYS B 1192 13.35 39.91 10.82
N VAL B 1193 12.80 40.35 9.69
CA VAL B 1193 12.23 39.43 8.72
C VAL B 1193 13.31 38.51 8.16
N HIS B 1194 14.49 39.07 7.86
CA HIS B 1194 15.58 38.24 7.36
C HIS B 1194 15.98 37.18 8.38
N ASP B 1195 16.07 37.57 9.66
CA ASP B 1195 16.41 36.60 10.70
C ASP B 1195 15.36 35.51 10.79
N PHE B 1196 14.08 35.90 10.73
CA PHE B 1196 13.02 34.91 10.79
C PHE B 1196 13.10 33.95 9.61
N GLU B 1197 13.39 34.47 8.42
CA GLU B 1197 13.51 33.61 7.25
C GLU B 1197 14.66 32.62 7.39
N GLU B 1198 15.81 33.09 7.89
CA GLU B 1198 16.94 32.19 8.09
C GLU B 1198 16.61 31.12 9.11
N GLN B 1199 15.95 31.49 10.20
CA GLN B 1199 15.52 30.50 11.19
C GLN B 1199 14.58 29.48 10.58
N CYS B 1200 13.65 29.94 9.74
CA CYS B 1200 12.72 29.01 9.08
C CYS B 1200 13.48 28.04 8.18
N ILE B 1201 14.48 28.53 7.45
CA ILE B 1201 15.27 27.66 6.59
C ILE B 1201 15.99 26.61 7.41
N GLU B 1202 16.60 27.04 8.52
CA GLU B 1202 17.33 26.09 9.37
C GLU B 1202 16.39 25.02 9.89
N GLU B 1203 15.21 25.43 10.36
CA GLU B 1203 14.25 24.45 10.86
C GLU B 1203 13.81 23.50 9.75
N TYR B 1204 13.60 24.02 8.55
CA TYR B 1204 13.17 23.17 7.44
C TYR B 1204 14.21 22.10 7.14
N PHE B 1205 15.48 22.51 7.05
CA PHE B 1205 16.53 21.53 6.74
C PHE B 1205 16.67 20.52 7.87
N ARG B 1206 16.62 20.97 9.13
CA ARG B 1206 16.73 20.03 10.24
C ARG B 1206 15.60 19.01 10.22
N GLU B 1207 14.38 19.47 9.98
CA GLU B 1207 13.24 18.55 9.94
C GLU B 1207 13.37 17.58 8.77
N LYS B 1208 13.84 18.08 7.61
CA LYS B 1208 14.02 17.21 6.47
C LYS B 1208 15.02 16.10 6.78
N ASP B 1209 16.15 16.47 7.39
CA ASP B 1209 17.15 15.46 7.73
C ASP B 1209 16.61 14.47 8.75
N ASP B 1210 15.89 14.97 9.75
CA ASP B 1210 15.33 14.08 10.77
C ASP B 1210 14.36 13.08 10.15
N ARG B 1211 13.50 13.54 9.24
CA ARG B 1211 12.58 12.63 8.57
C ARG B 1211 13.34 11.64 7.71
N PHE B 1212 14.39 12.08 7.02
CA PHE B 1212 15.15 11.17 6.18
C PHE B 1212 15.81 10.06 6.99
N ASN B 1213 16.42 10.41 8.13
CA ASN B 1213 17.18 9.44 8.88
C ASN B 1213 16.29 8.44 9.61
N SER B 1214 15.00 8.73 9.75
CA SER B 1214 14.08 7.82 10.43
C SER B 1214 13.36 6.90 9.46
N SER B 1215 13.65 6.98 8.17
CA SER B 1215 13.01 6.10 7.20
C SER B 1215 13.46 4.65 7.41
N ASN B 1216 12.53 3.73 7.15
CA ASN B 1216 12.84 2.32 7.34
C ASN B 1216 13.93 1.85 6.40
N ASP B 1217 13.92 2.34 5.16
CA ASP B 1217 14.90 1.91 4.17
C ASP B 1217 16.32 2.24 4.63
N GLU B 1218 16.53 3.45 5.13
CA GLU B 1218 17.85 3.84 5.60
C GLU B 1218 18.29 3.00 6.79
N ARG B 1219 17.37 2.76 7.72
CA ARG B 1219 17.71 1.96 8.90
C ARG B 1219 18.08 0.54 8.50
N ILE B 1220 17.34 -0.05 7.57
CA ILE B 1220 17.68 -1.39 7.09
C ILE B 1220 19.04 -1.38 6.42
N ARG B 1221 19.31 -0.36 5.61
CA ARG B 1221 20.60 -0.28 4.92
C ARG B 1221 21.74 -0.22 5.92
N VAL B 1222 21.60 0.65 6.94
CA VAL B 1222 22.65 0.77 7.95
C VAL B 1222 22.81 -0.53 8.71
N THR B 1223 21.70 -1.15 9.09
CA THR B 1223 21.77 -2.39 9.84
C THR B 1223 22.51 -3.48 9.06
N SER B 1224 22.19 -3.61 7.78
CA SER B 1224 22.84 -4.64 6.97
C SER B 1224 24.34 -4.40 6.87
N GLU B 1225 24.73 -3.15 6.62
CA GLU B 1225 26.15 -2.83 6.47
C GLU B 1225 26.91 -3.10 7.77
N ARG B 1226 26.36 -2.66 8.89
CA ARG B 1226 27.02 -2.88 10.18
C ARG B 1226 27.08 -4.36 10.53
N VAL B 1227 26.03 -5.10 10.18
CA VAL B 1227 26.05 -6.54 10.43
C VAL B 1227 27.15 -7.21 9.63
N GLU B 1228 27.32 -6.80 8.37
CA GLU B 1228 28.38 -7.37 7.54
C GLU B 1228 29.74 -7.09 8.15
N ASN B 1229 29.98 -5.85 8.58
CA ASN B 1229 31.26 -5.51 9.19
C ASN B 1229 31.47 -6.30 10.48
N MET B 1230 30.43 -6.44 11.29
CA MET B 1230 30.55 -7.21 12.52
C MET B 1230 30.88 -8.66 12.23
N SER B 1231 30.27 -9.24 11.19
CA SER B 1231 30.55 -10.62 10.84
C SER B 1231 32.02 -10.81 10.47
N MET B 1232 32.57 -9.89 9.66
CA MET B 1232 33.97 -10.01 9.30
C MET B 1232 34.87 -9.87 10.53
N ARG B 1233 34.57 -8.90 11.40
CA ARG B 1233 35.37 -8.74 12.61
C ARG B 1233 35.27 -9.97 13.50
N LEU B 1234 34.08 -10.55 13.59
CA LEU B 1234 33.91 -11.77 14.37
C LEU B 1234 34.78 -12.89 13.83
N GLU B 1235 34.82 -13.04 12.50
CA GLU B 1235 35.65 -14.08 11.89
C GLU B 1235 37.13 -13.83 12.17
N GLU B 1236 37.57 -12.58 12.03
CA GLU B 1236 38.97 -12.26 12.29
C GLU B 1236 39.35 -12.62 13.72
N VAL B 1237 38.48 -12.27 14.68
CA VAL B 1237 38.75 -12.62 16.08
C VAL B 1237 38.76 -14.13 16.24
N ASN B 1238 37.84 -14.83 15.59
CA ASN B 1238 37.78 -16.28 15.70
C ASN B 1238 39.06 -16.93 15.17
N GLU B 1239 39.52 -16.49 14.00
CA GLU B 1239 40.79 -17.01 13.49
C GLU B 1239 41.94 -16.62 14.41
N ARG B 1240 41.92 -15.39 14.92
CA ARG B 1240 42.94 -14.98 15.89
C ARG B 1240 42.82 -15.79 17.17
N GLU B 1241 41.59 -16.05 17.62
CA GLU B 1241 41.40 -16.83 18.84
C GLU B 1241 41.94 -18.24 18.66
N HIS B 1242 41.87 -18.78 17.43
CA HIS B 1242 42.45 -20.08 17.16
C HIS B 1242 43.95 -20.08 17.39
N SER B 1243 44.63 -19.02 16.98
CA SER B 1243 46.07 -18.92 17.19
C SER B 1243 46.41 -18.96 18.67
N MET B 1244 45.61 -18.28 19.49
CA MET B 1244 45.86 -18.24 20.92
C MET B 1244 45.84 -19.63 21.53
N LYS B 1245 44.93 -20.50 21.09
CA LYS B 1245 44.87 -21.86 21.60
C LYS B 1245 46.22 -22.55 21.49
N ALA B 1246 46.89 -22.38 20.35
CA ALA B 1246 48.25 -22.90 20.21
C ALA B 1246 49.21 -22.21 21.17
N SER B 1247 49.04 -20.90 21.35
CA SER B 1247 49.92 -20.15 22.24
C SER B 1247 49.82 -20.68 23.67
N LEU B 1248 48.61 -20.94 24.14
CA LEU B 1248 48.40 -21.47 25.47
C LEU B 1248 48.95 -22.89 25.58
N PHE C 71 6.17 -64.33 -10.38
CA PHE C 71 7.38 -64.75 -11.07
C PHE C 71 8.57 -64.77 -10.11
N TYR C 72 8.62 -63.79 -9.22
CA TYR C 72 9.72 -63.72 -8.26
C TYR C 72 9.72 -64.92 -7.32
N LYS C 73 8.53 -65.34 -6.88
CA LYS C 73 8.46 -66.48 -5.96
C LYS C 73 9.02 -67.73 -6.60
N ARG C 74 8.69 -67.99 -7.87
CA ARG C 74 9.24 -69.15 -8.55
C ARG C 74 10.73 -68.98 -8.81
N GLU C 75 11.16 -67.77 -9.18
CA GLU C 75 12.57 -67.54 -9.49
C GLU C 75 13.42 -67.55 -8.24
N CYS C 76 12.93 -66.97 -7.15
CA CYS C 76 13.68 -66.84 -5.90
C CYS C 76 13.11 -67.81 -4.87
N VAL C 77 14.01 -68.56 -4.23
CA VAL C 77 13.65 -69.51 -3.19
C VAL C 77 14.39 -69.11 -1.93
N HIS C 78 13.66 -68.98 -0.82
CA HIS C 78 14.21 -68.55 0.45
C HIS C 78 14.15 -69.69 1.46
N ILE C 79 15.27 -69.98 2.09
CA ILE C 79 15.35 -71.04 3.08
C ILE C 79 14.93 -70.52 4.45
N GLN C 134 16.39 -77.26 6.23
CA GLN C 134 17.52 -77.12 5.31
C GLN C 134 17.23 -76.06 4.26
N LEU C 135 16.40 -76.40 3.29
CA LEU C 135 16.03 -75.50 2.20
C LEU C 135 14.52 -75.40 2.12
N SER C 136 14.03 -74.19 1.86
CA SER C 136 12.61 -73.93 1.74
C SER C 136 12.33 -73.17 0.45
N PRO C 137 11.19 -73.43 -0.19
CA PRO C 137 10.89 -72.77 -1.47
C PRO C 137 10.13 -71.46 -1.32
N THR C 138 10.43 -70.53 -2.23
CA THR C 138 9.71 -69.27 -2.34
C THR C 138 9.48 -68.63 -0.98
N ASP C 139 8.22 -68.24 -0.70
CA ASP C 139 7.84 -67.63 0.56
C ASP C 139 8.10 -66.13 0.54
N ALA C 140 7.42 -65.39 1.41
CA ALA C 140 7.57 -63.93 1.51
C ALA C 140 7.12 -63.32 0.19
N PHE C 141 7.83 -62.33 -0.35
CA PHE C 141 7.47 -61.67 -1.60
C PHE C 141 6.15 -60.90 -1.44
N GLY C 142 6.07 -60.11 -0.38
CA GLY C 142 4.90 -59.28 -0.15
C GLY C 142 5.24 -57.95 0.49
N THR C 143 4.81 -56.86 -0.13
CA THR C 143 5.08 -55.53 0.41
C THR C 143 4.22 -55.25 1.63
N ILE C 144 4.77 -54.48 2.57
CA ILE C 144 4.08 -54.10 3.80
C ILE C 144 4.24 -52.60 3.99
N GLU C 145 3.15 -51.93 4.34
CA GLU C 145 3.16 -50.49 4.61
C GLU C 145 3.10 -50.26 6.10
N PHE C 146 4.06 -49.51 6.63
CA PHE C 146 4.18 -49.26 8.07
C PHE C 146 3.28 -48.08 8.44
N GLN C 147 2.01 -48.39 8.63
CA GLN C 147 1.03 -47.38 9.04
C GLN C 147 0.97 -47.24 10.56
N GLY C 148 2.14 -47.00 11.17
CA GLY C 148 2.22 -46.84 12.60
C GLY C 148 2.36 -45.40 13.03
N GLY C 149 3.19 -44.65 12.33
CA GLY C 149 3.45 -43.25 12.64
C GLY C 149 2.65 -42.31 11.76
N GLY C 150 3.15 -41.09 11.63
CA GLY C 150 2.47 -40.09 10.83
C GLY C 150 2.43 -40.46 9.36
N HIS C 151 3.52 -41.02 8.84
CA HIS C 151 3.63 -41.39 7.44
C HIS C 151 3.52 -42.91 7.30
N SER C 152 2.64 -43.35 6.39
CA SER C 152 2.50 -44.79 6.16
C SER C 152 3.79 -45.39 5.63
N ASN C 153 4.46 -44.69 4.71
CA ASN C 153 5.75 -45.12 4.17
C ASN C 153 5.64 -46.51 3.54
N LYS C 154 4.82 -46.59 2.50
CA LYS C 154 4.69 -47.83 1.75
C LYS C 154 6.04 -48.20 1.12
N ALA C 155 6.35 -49.50 1.14
CA ALA C 155 7.64 -49.96 0.66
C ALA C 155 7.52 -51.40 0.17
N MET C 156 8.50 -51.81 -0.62
CA MET C 156 8.59 -53.18 -1.09
C MET C 156 9.20 -54.07 -0.01
N TYR C 157 9.05 -55.39 -0.18
CA TYR C 157 9.59 -56.33 0.78
C TYR C 157 9.72 -57.70 0.12
N VAL C 158 10.92 -58.25 0.12
CA VAL C 158 11.18 -59.58 -0.42
C VAL C 158 12.23 -60.26 0.45
N ARG C 159 12.02 -61.54 0.73
CA ARG C 159 12.90 -62.34 1.58
C ARG C 159 13.68 -63.31 0.70
N VAL C 160 14.89 -62.91 0.31
CA VAL C 160 15.76 -63.76 -0.49
C VAL C 160 16.51 -64.71 0.43
N SER C 161 17.16 -65.72 -0.15
CA SER C 161 17.94 -66.67 0.62
C SER C 161 19.31 -66.08 0.94
N PHE C 162 20.11 -66.84 1.69
CA PHE C 162 21.49 -66.42 1.96
C PHE C 162 22.27 -66.29 0.65
N ASP C 163 22.12 -67.27 -0.24
CA ASP C 163 22.69 -67.16 -1.58
C ASP C 163 21.83 -66.25 -2.42
N THR C 164 22.47 -65.30 -3.12
CA THR C 164 21.78 -64.28 -3.89
C THR C 164 22.22 -64.34 -5.35
N LYS C 165 21.27 -64.11 -6.25
CA LYS C 165 21.55 -64.03 -7.67
C LYS C 165 21.63 -62.56 -8.06
N PRO C 166 22.81 -62.05 -8.42
CA PRO C 166 22.89 -60.60 -8.73
C PRO C 166 21.92 -60.17 -9.82
N ASP C 167 21.76 -60.99 -10.87
CA ASP C 167 20.84 -60.64 -11.94
C ASP C 167 19.41 -60.55 -11.44
N LEU C 168 19.01 -61.48 -10.58
CA LEU C 168 17.65 -61.47 -10.05
C LEU C 168 17.37 -60.18 -9.29
N LEU C 169 18.26 -59.83 -8.36
CA LEU C 169 18.06 -58.61 -7.58
C LEU C 169 18.09 -57.38 -8.47
N LEU C 170 19.02 -57.33 -9.42
CA LEU C 170 19.12 -56.17 -10.31
C LEU C 170 17.83 -56.00 -11.10
N HIS C 171 17.32 -57.08 -11.69
CA HIS C 171 16.08 -57.00 -12.46
C HIS C 171 14.90 -56.62 -11.58
N LEU C 172 14.83 -57.20 -10.38
CA LEU C 172 13.71 -56.92 -9.49
C LEU C 172 13.69 -55.45 -9.09
N MET C 173 14.86 -54.89 -8.75
CA MET C 173 14.91 -53.49 -8.35
C MET C 173 14.66 -52.57 -9.54
N THR C 174 15.31 -52.85 -10.68
CA THR C 174 15.22 -51.96 -11.82
C THR C 174 13.88 -52.08 -12.54
N LYS C 175 13.39 -53.31 -12.72
CA LYS C 175 12.21 -53.57 -13.55
C LYS C 175 10.96 -53.84 -12.71
N GLU C 176 11.03 -54.82 -11.81
CA GLU C 176 9.84 -55.19 -11.04
C GLU C 176 9.35 -54.03 -10.19
N TRP C 177 10.27 -53.32 -9.53
CA TRP C 177 9.92 -52.18 -8.70
C TRP C 177 10.01 -50.85 -9.45
N GLN C 178 10.45 -50.87 -10.70
CA GLN C 178 10.51 -49.68 -11.54
C GLN C 178 11.35 -48.58 -10.88
N LEU C 179 12.63 -48.89 -10.69
CA LEU C 179 13.59 -47.96 -10.12
C LEU C 179 14.72 -47.72 -11.12
N GLU C 180 14.95 -46.45 -11.44
CA GLU C 180 16.00 -46.10 -12.38
C GLU C 180 17.38 -46.33 -11.76
N LEU C 181 18.32 -46.72 -12.60
CA LEU C 181 19.68 -46.96 -12.14
C LEU C 181 20.30 -45.64 -11.67
N PRO C 182 20.86 -45.58 -10.45
CA PRO C 182 21.42 -44.32 -9.96
C PRO C 182 22.84 -44.08 -10.45
N LYS C 183 23.16 -42.79 -10.60
CA LYS C 183 24.52 -42.40 -10.97
C LYS C 183 25.51 -42.64 -9.83
N LEU C 184 25.02 -42.77 -8.60
CA LEU C 184 25.85 -42.99 -7.43
C LEU C 184 25.22 -44.09 -6.59
N LEU C 185 26.07 -44.88 -5.93
CA LEU C 185 25.62 -45.92 -5.03
C LEU C 185 26.42 -45.84 -3.73
N ILE C 186 25.72 -45.98 -2.60
CA ILE C 186 26.31 -45.87 -1.28
C ILE C 186 25.97 -47.12 -0.49
N SER C 187 26.97 -47.72 0.15
CA SER C 187 26.79 -48.82 1.08
C SER C 187 27.28 -48.37 2.45
N VAL C 188 26.40 -48.45 3.45
CA VAL C 188 26.68 -47.96 4.80
C VAL C 188 26.71 -49.14 5.75
N HIS C 189 27.76 -49.21 6.56
CA HIS C 189 27.94 -50.27 7.54
C HIS C 189 28.11 -49.64 8.91
N GLY C 190 27.36 -50.14 9.90
CA GLY C 190 27.44 -49.62 11.25
C GLY C 190 27.14 -50.70 12.26
N GLY C 191 27.55 -50.44 13.49
CA GLY C 191 27.32 -51.41 14.55
C GLY C 191 25.85 -51.53 14.90
N LEU C 192 25.46 -52.76 15.28
CA LEU C 192 24.08 -53.00 15.67
C LEU C 192 23.76 -52.47 17.06
N GLN C 193 24.78 -52.18 17.87
CA GLN C 193 24.54 -51.66 19.20
C GLN C 193 23.90 -50.28 19.14
N ASN C 194 22.96 -50.04 20.04
CA ASN C 194 22.25 -48.76 20.12
C ASN C 194 22.97 -47.86 21.11
N PHE C 195 23.48 -46.72 20.62
CA PHE C 195 24.21 -45.78 21.46
C PHE C 195 23.77 -44.36 21.09
N GLU C 196 23.88 -43.46 22.07
CA GLU C 196 23.55 -42.07 21.85
C GLU C 196 24.51 -41.45 20.84
N LEU C 197 23.98 -40.57 19.99
CA LEU C 197 24.77 -39.90 18.97
C LEU C 197 25.10 -38.48 19.41
N GLN C 198 26.33 -38.05 19.16
CA GLN C 198 26.74 -36.72 19.55
C GLN C 198 25.90 -35.67 18.81
N PRO C 199 25.47 -34.60 19.49
CA PRO C 199 24.65 -33.60 18.78
C PRO C 199 25.40 -32.90 17.65
N LYS C 200 26.60 -32.38 17.93
CA LYS C 200 27.33 -31.62 16.93
C LYS C 200 27.64 -32.47 15.71
N LEU C 201 28.11 -33.70 15.93
CA LEU C 201 28.42 -34.58 14.80
C LEU C 201 27.16 -34.90 14.00
N LYS C 202 26.08 -35.26 14.70
CA LYS C 202 24.86 -35.69 14.02
C LYS C 202 24.26 -34.55 13.20
N GLN C 203 24.31 -33.32 13.72
CA GLN C 203 23.71 -32.19 13.01
C GLN C 203 24.30 -32.06 11.61
N VAL C 204 25.64 -32.11 11.51
CA VAL C 204 26.28 -32.04 10.20
C VAL C 204 26.04 -33.33 9.42
N PHE C 205 26.11 -34.47 10.08
CA PHE C 205 26.04 -35.75 9.39
C PHE C 205 24.72 -35.91 8.65
N GLY C 206 23.61 -35.69 9.35
CA GLY C 206 22.31 -35.88 8.73
C GLY C 206 22.08 -34.94 7.57
N LYS C 207 22.40 -33.66 7.77
CA LYS C 207 22.20 -32.67 6.71
C LYS C 207 23.03 -33.01 5.49
N GLY C 208 24.31 -33.37 5.70
CA GLY C 208 25.17 -33.70 4.57
C GLY C 208 24.70 -34.94 3.84
N LEU C 209 24.32 -35.98 4.58
CA LEU C 209 23.83 -37.19 3.95
C LEU C 209 22.58 -36.91 3.13
N ILE C 210 21.64 -36.15 3.69
CA ILE C 210 20.40 -35.85 2.97
C ILE C 210 20.71 -35.06 1.70
N LYS C 211 21.58 -34.05 1.82
CA LYS C 211 21.90 -33.23 0.66
C LYS C 211 22.58 -34.06 -0.43
N ALA C 212 23.54 -34.90 -0.06
CA ALA C 212 24.22 -35.71 -1.04
C ALA C 212 23.26 -36.68 -1.71
N ALA C 213 22.41 -37.33 -0.93
CA ALA C 213 21.47 -38.29 -1.52
C ALA C 213 20.50 -37.59 -2.46
N MET C 214 19.99 -36.42 -2.08
CA MET C 214 19.06 -35.70 -2.93
C MET C 214 19.74 -35.25 -4.23
N THR C 215 20.95 -34.71 -4.12
CA THR C 215 21.64 -34.24 -5.31
C THR C 215 21.98 -35.38 -6.26
N THR C 216 22.46 -36.50 -5.71
CA THR C 216 22.85 -37.63 -6.55
C THR C 216 21.66 -38.47 -6.99
N GLY C 217 20.54 -38.41 -6.26
CA GLY C 217 19.41 -39.27 -6.58
C GLY C 217 19.83 -40.72 -6.52
N ALA C 218 20.56 -41.08 -5.47
CA ALA C 218 21.25 -42.36 -5.37
C ALA C 218 20.58 -43.27 -4.36
N TRP C 219 20.73 -44.58 -4.58
CA TRP C 219 20.26 -45.58 -3.64
C TRP C 219 21.22 -45.65 -2.46
N ILE C 220 20.67 -45.91 -1.28
CA ILE C 220 21.44 -46.02 -0.05
C ILE C 220 21.18 -47.40 0.52
N PHE C 221 22.22 -48.23 0.59
CA PHE C 221 22.12 -49.53 1.22
C PHE C 221 22.34 -49.37 2.72
N THR C 222 21.37 -49.84 3.50
CA THR C 222 21.45 -49.75 4.96
C THR C 222 20.86 -51.02 5.57
N GLY C 223 21.16 -51.23 6.84
CA GLY C 223 20.56 -52.35 7.55
C GLY C 223 19.06 -52.14 7.70
N GLY C 224 18.31 -53.23 7.52
CA GLY C 224 16.88 -53.18 7.68
C GLY C 224 16.40 -53.19 9.11
N VAL C 225 17.30 -53.44 10.07
CA VAL C 225 16.94 -53.47 11.49
C VAL C 225 16.92 -52.05 12.03
N ASN C 226 15.82 -51.69 12.70
CA ASN C 226 15.72 -50.35 13.28
C ASN C 226 16.80 -50.14 14.34
N THR C 227 17.04 -51.14 15.18
CA THR C 227 18.03 -51.00 16.24
C THR C 227 19.42 -50.75 15.66
N GLY C 228 20.18 -49.91 16.34
CA GLY C 228 21.53 -49.59 15.92
C GLY C 228 21.63 -48.24 15.24
N VAL C 229 22.75 -48.05 14.54
CA VAL C 229 23.01 -46.79 13.87
C VAL C 229 21.92 -46.49 12.84
N ILE C 230 21.42 -47.54 12.18
CA ILE C 230 20.37 -47.41 11.18
C ILE C 230 19.24 -46.54 11.73
N ARG C 231 18.85 -46.78 12.98
CA ARG C 231 17.80 -46.00 13.62
C ARG C 231 18.03 -44.50 13.44
N HIS C 232 19.18 -44.01 13.91
CA HIS C 232 19.50 -42.60 13.76
C HIS C 232 19.46 -42.19 12.29
N VAL C 233 20.07 -43.01 11.42
CA VAL C 233 20.08 -42.71 9.99
C VAL C 233 18.65 -42.54 9.48
N GLY C 234 17.78 -43.51 9.78
CA GLY C 234 16.40 -43.42 9.35
C GLY C 234 15.72 -42.18 9.91
N ASP C 235 15.92 -41.91 11.20
CA ASP C 235 15.35 -40.72 11.80
C ASP C 235 15.83 -39.46 11.08
N ALA C 236 17.13 -39.40 10.82
CA ALA C 236 17.68 -38.25 10.09
C ALA C 236 17.04 -38.14 8.72
N LEU C 237 16.94 -39.26 8.01
CA LEU C 237 16.27 -39.26 6.71
C LEU C 237 14.83 -38.78 6.84
N LYS C 238 14.13 -39.27 7.87
CA LYS C 238 12.76 -38.84 8.09
C LYS C 238 12.70 -37.34 8.34
N ASP C 239 13.58 -36.82 9.18
CA ASP C 239 13.60 -35.40 9.47
C ASP C 239 13.98 -34.57 8.25
N HIS C 240 14.60 -35.19 7.25
CA HIS C 240 14.99 -34.52 6.01
C HIS C 240 14.16 -34.96 4.82
N ALA C 241 13.16 -35.81 5.02
CA ALA C 241 12.35 -36.30 3.91
C ALA C 241 11.25 -35.30 3.55
N SER C 242 10.38 -34.99 4.50
CA SER C 242 9.26 -34.09 4.26
C SER C 242 9.75 -32.69 3.93
N GLY C 246 12.04 -35.63 -1.54
CA GLY C 246 12.94 -36.13 -2.58
C GLY C 246 12.66 -37.57 -2.97
N LYS C 247 11.95 -38.29 -2.10
CA LYS C 247 11.61 -39.69 -2.35
C LYS C 247 12.87 -40.52 -2.60
N ILE C 248 13.84 -40.39 -1.70
CA ILE C 248 15.08 -41.15 -1.83
C ILE C 248 14.76 -42.63 -1.83
N CYS C 249 15.29 -43.35 -2.82
CA CYS C 249 15.04 -44.78 -2.97
C CYS C 249 16.12 -45.54 -2.21
N THR C 250 15.89 -45.73 -0.91
CA THR C 250 16.80 -46.50 -0.08
C THR C 250 16.56 -47.99 -0.26
N ILE C 251 17.42 -48.81 0.36
CA ILE C 251 17.32 -50.26 0.32
C ILE C 251 17.78 -50.78 1.67
N GLY C 252 16.85 -51.38 2.43
CA GLY C 252 17.15 -51.94 3.72
C GLY C 252 17.28 -53.44 3.66
N ILE C 253 18.45 -53.94 4.03
CA ILE C 253 18.76 -55.36 4.03
C ILE C 253 19.05 -55.78 5.47
N ALA C 254 18.23 -56.68 6.00
CA ALA C 254 18.39 -57.18 7.35
C ALA C 254 18.06 -58.67 7.35
N PRO C 255 18.57 -59.41 8.35
CA PRO C 255 18.22 -60.83 8.44
C PRO C 255 16.73 -61.03 8.63
N TRP C 256 16.21 -62.11 8.03
CA TRP C 256 14.80 -62.43 8.19
C TRP C 256 14.45 -62.70 9.65
N GLY C 257 15.36 -63.34 10.38
CA GLY C 257 15.10 -63.63 11.77
C GLY C 257 14.90 -62.39 12.62
N ILE C 258 15.64 -61.32 12.30
CA ILE C 258 15.56 -60.09 13.07
C ILE C 258 14.19 -59.44 12.98
N VAL C 259 13.37 -59.83 12.00
CA VAL C 259 12.05 -59.24 11.85
C VAL C 259 11.21 -59.49 13.10
N GLU C 260 10.51 -58.44 13.55
CA GLU C 260 9.70 -58.56 14.76
C GLU C 260 8.63 -59.63 14.59
N ASN C 261 7.87 -59.55 13.50
CA ASN C 261 6.79 -60.51 13.21
C ASN C 261 7.04 -61.09 11.83
N GLN C 262 7.82 -62.17 11.78
CA GLN C 262 8.13 -62.81 10.51
C GLN C 262 6.86 -63.38 9.86
N GLU C 263 6.00 -64.01 10.66
CA GLU C 263 4.80 -64.64 10.11
C GLU C 263 3.80 -63.63 9.56
N ASP C 264 3.84 -62.39 10.03
CA ASP C 264 2.85 -61.40 9.61
C ASP C 264 2.94 -61.14 8.12
N LEU C 265 4.15 -61.04 7.58
CA LEU C 265 4.32 -60.73 6.16
C LEU C 265 3.67 -61.80 5.28
N ILE C 266 3.90 -63.07 5.62
CA ILE C 266 3.34 -64.17 4.85
C ILE C 266 3.77 -64.09 3.39
N ASP C 269 1.48 -62.11 -1.57
CA ASP C 269 1.82 -60.72 -1.75
C ASP C 269 0.60 -59.83 -1.56
N VAL C 270 0.59 -59.08 -0.45
CA VAL C 270 -0.53 -58.20 -0.13
C VAL C 270 -0.04 -57.19 0.90
N VAL C 271 -0.73 -56.05 0.97
CA VAL C 271 -0.36 -55.01 1.91
C VAL C 271 -0.55 -55.52 3.34
N ARG C 272 0.45 -55.30 4.18
CA ARG C 272 0.42 -55.73 5.57
C ARG C 272 0.52 -54.52 6.49
N PRO C 273 -0.33 -54.41 7.51
CA PRO C 273 -0.23 -53.24 8.40
C PRO C 273 1.14 -53.11 9.07
N TYR C 274 1.58 -54.15 9.76
CA TYR C 274 2.88 -54.16 10.44
C TYR C 274 3.00 -52.93 11.36
N GLN C 275 2.13 -52.89 12.36
CA GLN C 275 2.15 -51.78 13.31
C GLN C 275 3.52 -51.65 13.96
N THR C 276 4.01 -50.41 14.05
CA THR C 276 5.32 -50.14 14.63
C THR C 276 5.39 -50.64 16.06
N THR C 285 12.46 -57.44 17.17
CA THR C 285 12.36 -56.01 16.93
C THR C 285 11.90 -55.72 15.51
N VAL C 286 11.05 -54.71 15.36
CA VAL C 286 10.49 -54.37 14.06
C VAL C 286 11.50 -53.56 13.27
N LEU C 287 11.40 -53.65 11.94
CA LEU C 287 12.31 -52.94 11.06
C LEU C 287 11.89 -51.48 10.92
N ASN C 288 12.84 -50.65 10.49
CA ASN C 288 12.57 -49.23 10.31
C ASN C 288 11.55 -49.02 9.19
N SER C 289 10.61 -48.10 9.41
CA SER C 289 9.58 -47.83 8.41
C SER C 289 10.10 -46.97 7.27
N MET C 290 11.06 -46.08 7.54
CA MET C 290 11.48 -45.11 6.53
C MET C 290 12.05 -45.80 5.29
N HIS C 291 12.89 -46.81 5.50
CA HIS C 291 13.59 -47.43 4.38
C HIS C 291 12.59 -48.12 3.45
N SER C 292 12.85 -48.02 2.15
CA SER C 292 12.03 -48.64 1.12
C SER C 292 12.84 -49.72 0.40
N HIS C 293 12.12 -50.52 -0.40
CA HIS C 293 12.73 -51.59 -1.19
C HIS C 293 13.52 -52.55 -0.30
N PHE C 294 12.80 -53.12 0.68
CA PHE C 294 13.43 -54.00 1.65
C PHE C 294 13.79 -55.35 1.02
N ILE C 295 14.94 -55.88 1.41
CA ILE C 295 15.36 -57.23 1.07
C ILE C 295 15.79 -57.92 2.36
N LEU C 296 15.71 -59.24 2.38
CA LEU C 296 16.05 -60.00 3.57
C LEU C 296 16.69 -61.31 3.17
N ALA C 297 17.43 -61.90 4.13
CA ALA C 297 18.14 -63.15 3.93
C ALA C 297 17.51 -64.24 4.80
N ASP C 298 17.46 -65.46 4.27
CA ASP C 298 16.89 -66.59 4.99
C ASP C 298 17.99 -67.22 5.83
N ASN C 299 18.16 -66.69 7.05
CA ASN C 299 19.19 -67.17 7.97
C ASN C 299 18.69 -68.24 8.92
N GLY C 300 17.44 -68.67 8.80
CA GLY C 300 16.89 -69.66 9.70
C GLY C 300 16.80 -69.17 11.12
N THR C 301 17.44 -69.87 12.05
CA THR C 301 17.40 -69.47 13.45
C THR C 301 18.00 -68.08 13.62
N THR C 302 17.42 -67.29 14.50
CA THR C 302 17.85 -65.92 14.72
C THR C 302 19.08 -65.89 15.63
N GLU C 308 23.92 -63.64 3.70
CA GLU C 308 23.29 -62.33 3.74
C GLU C 308 24.30 -61.23 3.42
N VAL C 309 25.28 -61.06 4.30
CA VAL C 309 26.31 -60.04 4.09
C VAL C 309 27.10 -60.34 2.82
N LYS C 310 27.48 -61.60 2.63
CA LYS C 310 28.21 -61.98 1.42
C LYS C 310 27.36 -61.74 0.19
N LEU C 311 26.07 -62.09 0.24
CA LEU C 311 25.20 -61.85 -0.90
C LEU C 311 25.07 -60.35 -1.20
N ARG C 312 24.94 -59.53 -0.15
CA ARG C 312 24.84 -58.09 -0.35
C ARG C 312 26.11 -57.55 -1.00
N ARG C 313 27.28 -57.97 -0.50
CA ARG C 313 28.53 -57.51 -1.06
C ARG C 313 28.66 -57.93 -2.53
N GLN C 314 28.33 -59.19 -2.83
CA GLN C 314 28.43 -59.66 -4.20
C GLN C 314 27.50 -58.90 -5.13
N LEU C 315 26.26 -58.66 -4.68
CA LEU C 315 25.30 -57.92 -5.50
C LEU C 315 25.78 -56.50 -5.74
N GLU C 316 26.30 -55.84 -4.69
CA GLU C 316 26.79 -54.48 -4.85
C GLU C 316 27.96 -54.43 -5.83
N LYS C 317 28.90 -55.36 -5.69
CA LYS C 317 30.05 -55.38 -6.60
C LYS C 317 29.61 -55.63 -8.03
N HIS C 318 28.67 -56.57 -8.23
CA HIS C 318 28.17 -56.84 -9.58
C HIS C 318 27.47 -55.62 -10.16
N ILE C 319 26.66 -54.93 -9.35
CA ILE C 319 25.94 -53.76 -9.84
C ILE C 319 26.92 -52.66 -10.23
N SER C 320 27.96 -52.45 -9.42
CA SER C 320 28.93 -51.41 -9.72
C SER C 320 29.60 -51.62 -11.08
N LEU C 321 29.66 -52.86 -11.56
CA LEU C 321 30.28 -53.15 -12.84
C LEU C 321 29.42 -52.76 -14.03
N GLN C 322 28.15 -52.44 -13.82
CA GLN C 322 27.28 -52.07 -14.92
C GLN C 322 27.80 -50.81 -15.62
N LYS C 323 27.72 -50.83 -16.95
CA LYS C 323 28.19 -49.69 -17.73
C LYS C 323 27.31 -48.47 -17.48
N ILE C 324 27.94 -47.29 -17.48
CA ILE C 324 27.22 -46.04 -17.27
C ILE C 324 26.98 -45.35 -18.60
N GLN C 330 31.27 -44.35 -17.31
CA GLN C 330 31.72 -45.71 -17.57
C GLN C 330 31.18 -46.68 -16.52
N GLY C 331 31.80 -46.68 -15.34
CA GLY C 331 31.40 -47.53 -14.24
C GLY C 331 30.78 -46.71 -13.13
N VAL C 332 29.72 -47.25 -12.52
CA VAL C 332 29.01 -46.55 -11.45
C VAL C 332 29.90 -46.52 -10.21
N PRO C 333 30.22 -45.34 -9.68
CA PRO C 333 31.08 -45.29 -8.49
C PRO C 333 30.34 -45.73 -7.24
N VAL C 334 31.11 -46.16 -6.25
CA VAL C 334 30.57 -46.61 -4.97
C VAL C 334 31.42 -46.00 -3.86
N VAL C 335 30.74 -45.48 -2.83
CA VAL C 335 31.40 -44.89 -1.67
C VAL C 335 30.78 -45.50 -0.42
N ALA C 336 31.62 -45.78 0.58
CA ALA C 336 31.19 -46.37 1.83
C ALA C 336 31.39 -45.37 2.96
N LEU C 337 30.42 -45.30 3.86
CA LEU C 337 30.47 -44.43 5.02
C LEU C 337 30.37 -45.27 6.28
N ILE C 338 31.21 -44.94 7.27
CA ILE C 338 31.33 -45.73 8.49
C ILE C 338 31.20 -44.78 9.68
N VAL C 339 30.28 -45.11 10.59
CA VAL C 339 30.03 -44.31 11.79
C VAL C 339 30.37 -45.20 12.98
N GLU C 340 31.58 -45.03 13.52
CA GLU C 340 32.03 -45.79 14.70
C GLU C 340 31.96 -47.28 14.34
N GLY C 341 31.27 -48.10 15.13
CA GLY C 341 31.19 -49.52 14.86
C GLY C 341 32.25 -50.33 15.59
N GLY C 342 32.05 -51.64 15.60
CA GLY C 342 32.95 -52.55 16.26
C GLY C 342 34.09 -52.98 15.37
N PRO C 343 34.90 -53.94 15.83
CA PRO C 343 36.01 -54.44 14.99
C PRO C 343 35.53 -55.05 13.69
N ASN C 344 34.30 -55.56 13.66
CA ASN C 344 33.74 -56.03 12.40
C ASN C 344 33.73 -54.92 11.35
N VAL C 345 33.53 -53.67 11.78
CA VAL C 345 33.58 -52.55 10.85
C VAL C 345 34.98 -52.41 10.25
N ILE C 346 36.01 -52.57 11.08
CA ILE C 346 37.39 -52.46 10.58
C ILE C 346 37.69 -53.60 9.62
N SER C 347 37.27 -54.81 9.95
CA SER C 347 37.46 -55.93 9.04
C SER C 347 36.72 -55.70 7.73
N ILE C 348 35.55 -55.08 7.79
CA ILE C 348 34.80 -54.76 6.59
C ILE C 348 35.54 -53.72 5.77
N VAL C 349 36.19 -52.75 6.43
CA VAL C 349 37.00 -51.77 5.71
C VAL C 349 38.11 -52.48 4.94
N LEU C 350 38.82 -53.38 5.63
CA LEU C 350 39.91 -54.10 4.99
C LEU C 350 39.39 -54.92 3.81
N GLU C 351 38.27 -55.63 4.00
CA GLU C 351 37.71 -56.46 2.95
C GLU C 351 37.27 -55.62 1.76
N TYR C 352 36.66 -54.45 2.01
CA TYR C 352 36.23 -53.58 0.93
C TYR C 352 37.42 -53.06 0.14
N LEU C 353 38.49 -52.66 0.82
CA LEU C 353 39.68 -52.22 0.11
C LEU C 353 40.27 -53.35 -0.71
N ARG C 354 40.30 -54.57 -0.16
CA ARG C 354 40.89 -55.70 -0.87
C ARG C 354 40.05 -56.09 -2.08
N ASP C 355 38.72 -56.04 -1.96
CA ASP C 355 37.85 -56.59 -2.99
C ASP C 355 38.04 -55.87 -4.32
N THR C 356 37.98 -54.54 -4.30
CA THR C 356 38.11 -53.75 -5.52
C THR C 356 38.96 -52.53 -5.22
N PRO C 357 39.76 -52.07 -6.19
CA PRO C 357 40.54 -50.85 -5.98
C PRO C 357 39.65 -49.66 -5.65
N PRO C 358 38.50 -49.51 -6.33
CA PRO C 358 37.61 -48.36 -6.00
C PRO C 358 36.66 -48.64 -4.84
N VAL C 359 37.21 -48.61 -3.63
CA VAL C 359 36.42 -48.81 -2.42
C VAL C 359 36.76 -47.68 -1.44
N PRO C 360 36.45 -46.44 -1.79
CA PRO C 360 36.73 -45.33 -0.85
C PRO C 360 35.88 -45.42 0.39
N VAL C 361 36.43 -44.96 1.50
CA VAL C 361 35.77 -44.98 2.79
C VAL C 361 35.99 -43.65 3.48
N VAL C 362 34.96 -43.14 4.13
CA VAL C 362 35.01 -41.87 4.84
C VAL C 362 34.87 -42.13 6.32
N VAL C 363 35.79 -41.59 7.11
CA VAL C 363 35.76 -41.75 8.55
C VAL C 363 34.81 -40.72 9.15
N CYS C 364 34.21 -41.06 10.29
CA CYS C 364 33.28 -40.20 10.98
C CYS C 364 33.78 -39.90 12.38
N ASP C 365 33.31 -38.79 12.95
CA ASP C 365 33.72 -38.37 14.28
C ASP C 365 33.26 -39.33 15.37
N GLY C 366 32.33 -40.23 15.07
CA GLY C 366 31.84 -41.17 16.06
C GLY C 366 32.93 -42.01 16.67
N SER C 367 32.97 -42.09 17.99
CA SER C 367 34.00 -42.85 18.69
C SER C 367 33.80 -44.34 18.46
N GLY C 368 34.91 -45.07 18.36
CA GLY C 368 34.87 -46.50 18.15
C GLY C 368 35.88 -46.96 17.12
N ARG C 369 35.45 -47.88 16.23
CA ARG C 369 36.34 -48.32 15.16
C ARG C 369 36.71 -47.16 14.25
N ALA C 370 35.77 -46.26 13.98
CA ALA C 370 36.07 -45.08 13.20
C ALA C 370 37.15 -44.24 13.87
N SER C 371 37.09 -44.11 15.20
CA SER C 371 38.12 -43.37 15.92
C SER C 371 39.48 -44.05 15.77
N ASP C 372 39.51 -45.38 15.84
CA ASP C 372 40.78 -46.09 15.67
C ASP C 372 41.35 -45.88 14.28
N ILE C 373 40.50 -45.95 13.25
CA ILE C 373 40.99 -45.75 11.89
C ILE C 373 41.46 -44.32 11.70
N LEU C 374 40.76 -43.35 12.30
CA LEU C 374 41.18 -41.96 12.20
C LEU C 374 42.53 -41.75 12.88
N ALA C 375 42.73 -42.37 14.04
CA ALA C 375 44.01 -42.27 14.72
C ALA C 375 45.11 -42.90 13.87
N PHE C 376 44.84 -44.06 13.26
CA PHE C 376 45.83 -44.70 12.40
C PHE C 376 46.18 -43.80 11.21
N GLY C 377 45.17 -43.18 10.60
CA GLY C 377 45.44 -42.29 9.49
C GLY C 377 46.25 -41.08 9.91
N HIS C 378 45.92 -40.48 11.06
CA HIS C 378 46.69 -39.35 11.56
C HIS C 378 48.14 -39.74 11.82
N LYS C 379 48.35 -40.91 12.43
CA LYS C 379 49.71 -41.39 12.63
C LYS C 379 50.40 -41.71 11.31
N TYR C 380 49.64 -42.21 10.33
CA TYR C 380 50.17 -42.57 9.02
C TYR C 380 51.34 -43.54 9.23
N SER C 381 52.47 -43.36 8.55
CA SER C 381 53.60 -44.26 8.72
C SER C 381 54.87 -43.64 8.14
N SER C 390 55.56 -45.76 21.81
CA SER C 390 54.66 -44.64 22.04
C SER C 390 53.33 -44.86 21.33
N LEU C 391 53.35 -44.75 20.00
CA LEU C 391 52.13 -44.95 19.22
C LEU C 391 51.61 -46.38 19.38
N ARG C 392 52.50 -47.37 19.34
CA ARG C 392 52.08 -48.75 19.51
C ARG C 392 51.49 -48.97 20.89
N ASP C 393 52.10 -48.40 21.93
CA ASP C 393 51.56 -48.54 23.28
C ASP C 393 50.18 -47.88 23.38
N GLN C 394 50.02 -46.71 22.78
CA GLN C 394 48.72 -46.05 22.81
C GLN C 394 47.66 -46.88 22.09
N LEU C 395 48.02 -47.45 20.95
CA LEU C 395 47.08 -48.30 20.22
C LEU C 395 46.70 -49.52 21.04
N LEU C 396 47.69 -50.16 21.69
CA LEU C 396 47.39 -51.32 22.51
C LEU C 396 46.48 -50.95 23.68
N VAL C 397 46.73 -49.80 24.31
CA VAL C 397 45.89 -49.36 25.42
C VAL C 397 44.47 -49.11 24.93
N THR C 398 44.32 -48.46 23.77
CA THR C 398 42.99 -48.21 23.22
C THR C 398 42.27 -49.51 22.91
N ILE C 399 42.98 -50.49 22.36
CA ILE C 399 42.38 -51.78 22.03
C ILE C 399 41.94 -52.47 23.31
N THR C 408 46.48 -60.21 23.16
CA THR C 408 45.88 -60.84 21.99
C THR C 408 44.97 -59.86 21.25
N GLN C 409 44.17 -59.10 22.01
CA GLN C 409 43.30 -58.13 21.38
C GLN C 409 44.09 -57.06 20.65
N ALA C 410 45.19 -56.59 21.26
CA ALA C 410 46.02 -55.60 20.59
C ALA C 410 46.62 -56.15 19.31
N GLN C 411 47.10 -57.40 19.34
CA GLN C 411 47.66 -58.00 18.14
C GLN C 411 46.60 -58.15 17.06
N HIS C 412 45.39 -58.58 17.43
CA HIS C 412 44.32 -58.72 16.46
C HIS C 412 43.97 -57.37 15.84
N LEU C 413 43.88 -56.32 16.66
CA LEU C 413 43.59 -54.99 16.14
C LEU C 413 44.70 -54.51 15.20
N PHE C 414 45.96 -54.75 15.59
CA PHE C 414 47.07 -54.31 14.76
C PHE C 414 47.12 -55.04 13.43
N ILE C 415 46.62 -56.29 13.40
CA ILE C 415 46.66 -57.06 12.17
C ILE C 415 45.89 -56.36 11.06
N ILE C 416 44.84 -55.61 11.42
CA ILE C 416 44.04 -54.88 10.44
C ILE C 416 44.50 -53.44 10.40
N LEU C 417 45.00 -52.93 11.53
CA LEU C 417 45.45 -51.54 11.58
C LEU C 417 46.63 -51.30 10.64
N MET C 418 47.51 -52.29 10.49
CA MET C 418 48.65 -52.13 9.59
C MET C 418 48.18 -51.89 8.16
N GLU C 419 47.22 -52.69 7.70
CA GLU C 419 46.67 -52.49 6.36
C GLU C 419 45.94 -51.16 6.26
N CYS C 420 45.17 -50.81 7.29
CA CYS C 420 44.41 -49.57 7.26
C CYS C 420 45.34 -48.36 7.15
N MET C 421 46.41 -48.34 7.94
CA MET C 421 47.34 -47.23 7.88
C MET C 421 48.11 -47.22 6.57
N LYS C 422 48.50 -48.40 6.08
CA LYS C 422 49.26 -48.48 4.83
C LYS C 422 48.45 -47.92 3.66
N LYS C 423 47.16 -48.27 3.59
CA LYS C 423 46.27 -47.82 2.53
C LYS C 423 45.43 -46.62 2.97
N LYS C 424 45.91 -45.84 3.94
CA LYS C 424 45.15 -44.69 4.42
C LYS C 424 45.00 -43.61 3.35
N GLU C 425 45.90 -43.55 2.38
CA GLU C 425 45.81 -42.51 1.35
C GLU C 425 44.53 -42.65 0.55
N LEU C 426 44.19 -43.87 0.13
CA LEU C 426 42.96 -44.08 -0.63
C LEU C 426 41.73 -43.74 0.20
N ILE C 427 41.74 -44.12 1.48
CA ILE C 427 40.59 -43.90 2.35
C ILE C 427 40.44 -42.40 2.62
N THR C 428 39.23 -41.89 2.48
CA THR C 428 38.97 -40.49 2.76
C THR C 428 39.03 -40.23 4.27
N VAL C 429 39.29 -38.99 4.63
CA VAL C 429 39.42 -38.56 6.01
C VAL C 429 38.45 -37.40 6.24
N PHE C 430 37.70 -37.47 7.33
CA PHE C 430 36.74 -36.44 7.70
C PHE C 430 37.01 -35.99 9.13
N ARG C 431 36.80 -34.70 9.39
CA ARG C 431 37.02 -34.14 10.71
C ARG C 431 36.16 -32.87 10.83
N MET C 432 36.42 -32.09 11.88
CA MET C 432 35.67 -30.86 12.14
C MET C 432 36.45 -29.61 11.76
N GLY C 436 38.42 -29.05 9.16
CA GLY C 436 38.28 -28.79 7.75
C GLY C 436 37.30 -29.75 7.10
N HIS C 437 36.90 -29.40 5.88
CA HIS C 437 35.94 -30.19 5.12
C HIS C 437 34.65 -30.40 5.92
N GLN C 438 34.10 -29.30 6.42
CA GLN C 438 32.89 -29.38 7.23
C GLN C 438 31.72 -29.95 6.43
N ASP C 439 31.57 -29.53 5.18
CA ASP C 439 30.47 -30.00 4.35
C ASP C 439 30.65 -31.48 4.04
N ILE C 440 29.67 -32.29 4.42
CA ILE C 440 29.74 -33.72 4.15
C ILE C 440 29.60 -33.99 2.66
N ASP C 441 28.75 -33.23 1.97
CA ASP C 441 28.58 -33.44 0.53
C ASP C 441 29.86 -33.16 -0.22
N LEU C 442 30.57 -32.08 0.15
CA LEU C 442 31.85 -31.79 -0.48
C LEU C 442 32.86 -32.90 -0.23
N ALA C 443 32.88 -33.42 1.00
CA ALA C 443 33.79 -34.52 1.32
C ALA C 443 33.48 -35.75 0.46
N ILE C 444 32.18 -36.06 0.31
CA ILE C 444 31.79 -37.21 -0.51
C ILE C 444 32.23 -37.00 -1.95
N LEU C 445 32.00 -35.80 -2.49
CA LEU C 445 32.37 -35.53 -3.87
C LEU C 445 33.87 -35.68 -4.07
N THR C 446 34.66 -35.08 -3.16
CA THR C 446 36.12 -35.17 -3.29
C THR C 446 36.60 -36.60 -3.16
N ALA C 447 36.03 -37.36 -2.22
CA ALA C 447 36.43 -38.74 -2.03
C ALA C 447 36.11 -39.57 -3.27
N LEU C 448 34.93 -39.38 -3.84
CA LEU C 448 34.57 -40.11 -5.06
C LEU C 448 35.50 -39.75 -6.20
N LEU C 449 35.81 -38.45 -6.36
CA LEU C 449 36.71 -38.04 -7.43
C LEU C 449 38.09 -38.67 -7.26
N LYS C 450 38.61 -38.66 -6.04
CA LYS C 450 39.92 -39.25 -5.79
C LYS C 450 39.91 -40.75 -6.02
N GLY C 451 38.87 -41.44 -5.54
CA GLY C 451 38.82 -42.89 -5.68
C GLY C 451 38.67 -43.33 -7.12
N ALA C 452 37.85 -42.61 -7.90
CA ALA C 452 37.66 -42.99 -9.29
C ALA C 452 38.98 -42.94 -10.06
N ASN C 453 39.77 -41.90 -9.83
CA ASN C 453 41.07 -41.76 -10.49
C ASN C 453 40.92 -41.77 -12.01
N ALA C 456 40.80 -33.74 -16.54
CA ALA C 456 40.15 -34.96 -16.10
C ALA C 456 38.81 -35.16 -16.81
N PRO C 457 38.86 -35.73 -18.02
CA PRO C 457 37.60 -35.99 -18.74
C PRO C 457 36.61 -36.84 -17.93
N ASP C 458 37.12 -37.85 -17.21
CA ASP C 458 36.22 -38.69 -16.41
C ASP C 458 35.63 -37.89 -15.25
N GLN C 459 36.45 -37.09 -14.57
CA GLN C 459 35.94 -36.30 -13.45
C GLN C 459 34.91 -35.28 -13.94
N LEU C 460 35.19 -34.62 -15.07
CA LEU C 460 34.24 -33.67 -15.61
C LEU C 460 32.94 -34.36 -16.01
N SER C 461 33.04 -35.55 -16.62
CA SER C 461 31.83 -36.29 -16.99
C SER C 461 31.02 -36.66 -15.76
N LEU C 462 31.69 -37.11 -14.70
CA LEU C 462 30.98 -37.45 -13.47
C LEU C 462 30.30 -36.23 -12.87
N ALA C 463 30.99 -35.09 -12.85
CA ALA C 463 30.39 -33.87 -12.32
C ALA C 463 29.17 -33.45 -13.13
N LEU C 464 29.28 -33.55 -14.46
CA LEU C 464 28.13 -33.22 -15.30
C LEU C 464 26.97 -34.18 -15.04
N ALA C 465 27.27 -35.46 -14.87
CA ALA C 465 26.22 -36.43 -14.56
C ALA C 465 25.54 -36.10 -13.24
N TRP C 466 26.32 -35.71 -12.24
CA TRP C 466 25.76 -35.34 -10.95
C TRP C 466 25.02 -34.01 -10.98
N ASN C 467 25.21 -33.21 -12.02
CA ASN C 467 24.55 -31.90 -12.12
C ASN C 467 24.98 -30.99 -10.97
N ARG C 468 26.30 -30.87 -10.80
CA ARG C 468 26.89 -30.06 -9.74
C ARG C 468 28.06 -29.27 -10.33
N VAL C 469 27.83 -27.99 -10.59
CA VAL C 469 28.87 -27.15 -11.16
C VAL C 469 29.95 -26.83 -10.13
N ASP C 470 29.57 -26.72 -8.85
CA ASP C 470 30.52 -26.30 -7.83
C ASP C 470 31.68 -27.30 -7.72
N ILE C 471 31.36 -28.59 -7.70
CA ILE C 471 32.41 -29.60 -7.57
C ILE C 471 33.34 -29.57 -8.77
N ALA C 472 32.78 -29.42 -9.97
CA ALA C 472 33.61 -29.36 -11.17
C ALA C 472 34.53 -28.15 -11.14
N ARG C 473 34.00 -26.99 -10.74
CA ARG C 473 34.81 -25.78 -10.70
C ARG C 473 35.92 -25.90 -9.67
N SER C 474 35.58 -26.38 -8.47
CA SER C 474 36.58 -26.48 -7.40
C SER C 474 37.53 -27.65 -7.64
N GLN C 475 37.00 -28.80 -8.05
CA GLN C 475 37.78 -30.03 -8.16
C GLN C 475 38.20 -30.32 -9.59
N ILE C 476 37.25 -30.40 -10.52
CA ILE C 476 37.58 -30.80 -11.88
C ILE C 476 38.51 -29.80 -12.55
N PHE C 477 38.41 -28.52 -12.17
CA PHE C 477 39.20 -27.45 -12.78
C PHE C 477 40.38 -27.14 -11.86
N ILE C 478 41.58 -27.51 -12.30
CA ILE C 478 42.81 -27.24 -11.55
C ILE C 478 43.91 -26.88 -12.55
N TYR C 479 44.87 -26.07 -12.09
CA TYR C 479 45.98 -25.69 -12.95
C TYR C 479 46.78 -26.92 -13.36
N GLY C 480 47.23 -26.93 -14.60
CA GLY C 480 47.97 -28.06 -15.12
C GLY C 480 47.13 -29.23 -15.54
N GLN C 481 45.81 -29.07 -15.65
CA GLN C 481 44.96 -30.17 -16.07
C GLN C 481 45.35 -30.63 -17.46
N GLN C 482 45.33 -31.95 -17.67
CA GLN C 482 45.74 -32.49 -18.97
C GLN C 482 44.83 -31.99 -20.08
N TRP C 483 43.52 -32.13 -19.89
CA TRP C 483 42.54 -31.69 -20.89
C TRP C 483 42.93 -32.15 -22.29
N PRO C 484 42.79 -33.44 -22.59
CA PRO C 484 43.16 -33.93 -23.93
C PRO C 484 42.39 -33.22 -25.02
N VAL C 485 43.08 -33.01 -26.16
CA VAL C 485 42.50 -32.29 -27.28
C VAL C 485 41.39 -33.12 -27.90
N GLY C 486 40.22 -32.50 -28.09
CA GLY C 486 39.12 -33.10 -28.80
C GLY C 486 38.01 -33.65 -27.92
N SER C 487 38.34 -34.05 -26.69
CA SER C 487 37.32 -34.58 -25.80
C SER C 487 36.45 -33.47 -25.22
N LEU C 488 37.02 -32.28 -25.01
CA LEU C 488 36.27 -31.19 -24.40
C LEU C 488 35.11 -30.77 -25.29
N GLU C 489 35.32 -30.74 -26.61
CA GLU C 489 34.22 -30.42 -27.53
C GLU C 489 33.11 -31.46 -27.45
N GLN C 490 33.48 -32.74 -27.35
CA GLN C 490 32.47 -33.78 -27.22
C GLN C 490 31.69 -33.63 -25.92
N ALA C 491 32.39 -33.28 -24.84
CA ALA C 491 31.71 -33.03 -23.57
C ALA C 491 30.77 -31.84 -23.67
N MET C 492 31.20 -30.80 -24.38
CA MET C 492 30.34 -29.64 -24.59
C MET C 492 29.08 -30.03 -25.35
N LEU C 493 29.22 -30.84 -26.40
CA LEU C 493 28.06 -31.29 -27.14
C LEU C 493 27.13 -32.11 -26.26
N ASP C 494 27.69 -33.01 -25.45
CA ASP C 494 26.88 -33.83 -24.56
C ASP C 494 26.13 -32.96 -23.57
N ALA C 495 26.78 -31.92 -23.04
CA ALA C 495 26.11 -31.00 -22.13
C ALA C 495 24.98 -30.27 -22.84
N LEU C 496 25.21 -29.85 -24.08
CA LEU C 496 24.16 -29.18 -24.83
C LEU C 496 22.96 -30.09 -25.03
N VAL C 497 23.21 -31.38 -25.28
CA VAL C 497 22.10 -32.32 -25.39
C VAL C 497 21.25 -32.29 -24.13
N LEU C 498 21.90 -32.23 -22.96
CA LEU C 498 21.20 -32.13 -21.71
C LEU C 498 20.83 -30.68 -21.43
N ASP C 499 20.14 -30.45 -20.30
CA ASP C 499 19.69 -29.12 -19.91
C ASP C 499 20.56 -28.51 -18.82
N ARG C 500 21.87 -28.80 -18.84
CA ARG C 500 22.78 -28.28 -17.82
C ARG C 500 23.29 -26.92 -18.30
N VAL C 501 22.44 -25.91 -18.17
CA VAL C 501 22.77 -24.57 -18.66
C VAL C 501 23.98 -24.03 -17.91
N ASP C 502 24.00 -24.20 -16.59
CA ASP C 502 25.11 -23.68 -15.80
C ASP C 502 26.43 -24.33 -16.19
N PHE C 503 26.40 -25.61 -16.56
CA PHE C 503 27.62 -26.25 -17.05
C PHE C 503 28.07 -25.62 -18.36
N VAL C 504 27.14 -25.29 -19.25
CA VAL C 504 27.51 -24.62 -20.49
C VAL C 504 28.13 -23.27 -20.19
N LYS C 505 27.56 -22.53 -19.23
CA LYS C 505 28.13 -21.26 -18.85
C LYS C 505 29.54 -21.43 -18.31
N LEU C 506 29.74 -22.44 -17.47
CA LEU C 506 31.06 -22.70 -16.91
C LEU C 506 32.07 -23.01 -18.00
N LEU C 507 31.69 -23.86 -18.96
CA LEU C 507 32.59 -24.19 -20.05
C LEU C 507 32.91 -22.96 -20.88
N ILE C 508 31.91 -22.12 -21.16
CA ILE C 508 32.15 -20.92 -21.94
C ILE C 508 33.13 -20.00 -21.21
N GLU C 509 32.91 -19.81 -19.91
CA GLU C 509 33.83 -19.01 -19.11
C GLU C 509 35.20 -19.67 -18.97
N ASN C 510 35.29 -20.98 -19.19
CA ASN C 510 36.54 -21.70 -19.09
C ASN C 510 37.34 -21.68 -20.38
N GLY C 511 36.83 -21.05 -21.44
CA GLY C 511 37.51 -20.96 -22.71
C GLY C 511 36.92 -21.80 -23.82
N VAL C 512 35.81 -22.49 -23.56
CA VAL C 512 35.15 -23.27 -24.62
C VAL C 512 34.37 -22.30 -25.49
N SER C 513 34.75 -22.24 -26.77
CA SER C 513 34.20 -21.27 -27.71
C SER C 513 33.25 -21.96 -28.68
N MET C 514 32.02 -21.46 -28.77
CA MET C 514 31.08 -21.97 -29.75
C MET C 514 31.46 -21.53 -31.16
N HIS C 515 32.23 -20.45 -31.29
CA HIS C 515 32.51 -19.88 -32.59
C HIS C 515 33.10 -20.91 -33.55
N ARG C 516 34.04 -21.71 -33.07
CA ARG C 516 34.69 -22.73 -33.88
C ARG C 516 34.15 -24.13 -33.64
N PHE C 517 33.55 -24.38 -32.48
CA PHE C 517 33.08 -25.73 -32.16
C PHE C 517 31.93 -26.15 -33.06
N LEU C 518 30.95 -25.26 -33.26
CA LEU C 518 29.73 -25.66 -33.95
C LEU C 518 30.01 -26.03 -35.40
N THR C 519 29.36 -27.10 -35.85
CA THR C 519 29.48 -27.56 -37.22
C THR C 519 28.12 -28.07 -37.67
N ILE C 520 27.97 -28.21 -38.99
CA ILE C 520 26.68 -28.60 -39.56
C ILE C 520 26.24 -29.94 -38.97
N SER C 521 27.15 -30.91 -38.93
CA SER C 521 26.80 -32.23 -38.42
C SER C 521 26.41 -32.16 -36.95
N ARG C 522 27.11 -31.34 -36.17
CA ARG C 522 26.77 -31.21 -34.75
C ARG C 522 25.37 -30.65 -34.59
N LEU C 523 25.02 -29.63 -35.37
CA LEU C 523 23.69 -29.05 -35.28
C LEU C 523 22.62 -30.05 -35.72
N GLU C 524 22.90 -30.82 -36.77
CA GLU C 524 21.96 -31.84 -37.20
C GLU C 524 21.74 -32.87 -36.10
N GLU C 525 22.82 -33.31 -35.46
CA GLU C 525 22.68 -34.28 -34.37
C GLU C 525 21.89 -33.69 -33.21
N LEU C 526 22.14 -32.42 -32.88
CA LEU C 526 21.39 -31.77 -31.82
C LEU C 526 19.91 -31.73 -32.14
N TYR C 527 19.57 -31.41 -33.39
CA TYR C 527 18.16 -31.36 -33.77
C TYR C 527 17.52 -32.73 -33.74
N ASN C 528 18.24 -33.76 -34.22
CA ASN C 528 17.65 -35.09 -34.34
C ASN C 528 17.63 -35.86 -33.02
N THR C 529 18.49 -35.51 -32.08
CA THR C 529 18.57 -36.28 -30.84
C THR C 529 17.25 -36.19 -30.07
N ARG C 530 16.81 -37.32 -29.54
CA ARG C 530 15.59 -37.39 -28.75
C ARG C 530 15.83 -37.28 -27.25
N HIS C 531 17.08 -37.22 -26.82
CA HIS C 531 17.37 -37.10 -25.40
C HIS C 531 16.96 -35.74 -24.87
N GLY C 532 16.56 -35.71 -23.59
CA GLY C 532 16.16 -34.49 -22.95
C GLY C 532 14.65 -34.29 -22.96
N PRO C 533 14.21 -33.09 -22.59
CA PRO C 533 12.76 -32.83 -22.56
C PRO C 533 12.12 -33.02 -23.92
N SER C 534 10.86 -33.47 -23.90
CA SER C 534 10.15 -33.76 -25.13
C SER C 534 9.83 -32.48 -25.89
N ASN C 535 9.71 -32.62 -27.22
CA ASN C 535 9.38 -31.50 -28.10
C ASN C 535 8.37 -31.97 -29.12
N THR C 536 7.64 -31.01 -29.70
CA THR C 536 6.60 -31.27 -30.67
C THR C 536 7.04 -30.99 -32.10
N LEU C 537 8.35 -30.92 -32.35
CA LEU C 537 8.85 -30.60 -33.67
C LEU C 537 8.49 -31.68 -34.68
N TYR C 538 8.52 -32.94 -34.26
CA TYR C 538 8.23 -34.04 -35.18
C TYR C 538 6.82 -33.92 -35.75
N HIS C 539 5.86 -33.53 -34.91
CA HIS C 539 4.48 -33.34 -35.38
C HIS C 539 4.44 -32.26 -36.45
N LEU C 540 5.13 -31.16 -36.22
CA LEU C 540 5.13 -30.07 -37.19
C LEU C 540 5.77 -30.50 -38.50
N VAL C 541 6.86 -31.27 -38.42
CA VAL C 541 7.51 -31.74 -39.65
C VAL C 541 6.56 -32.64 -40.43
N ARG C 542 5.90 -33.57 -39.74
CA ARG C 542 4.97 -34.46 -40.40
C ARG C 542 3.85 -33.67 -41.06
N ASP C 543 3.34 -32.64 -40.38
CA ASP C 543 2.31 -31.80 -40.96
C ASP C 543 2.84 -31.05 -42.19
N VAL C 544 4.06 -30.55 -42.12
CA VAL C 544 4.59 -29.70 -43.19
C VAL C 544 4.79 -30.50 -44.46
N LYS C 545 5.46 -31.65 -44.35
CA LYS C 545 5.83 -32.36 -45.57
C LYS C 545 4.59 -32.87 -46.32
N LYS C 546 3.53 -33.21 -45.62
CA LYS C 546 2.28 -33.65 -46.23
C LYS C 546 2.49 -34.89 -47.09
N GLY C 547 3.50 -35.68 -46.76
CA GLY C 547 3.77 -36.91 -47.48
C GLY C 547 4.24 -37.99 -46.53
N ASN C 548 4.04 -39.24 -46.94
CA ASN C 548 4.46 -40.36 -46.11
C ASN C 548 5.95 -40.26 -45.82
N LEU C 549 6.32 -40.42 -44.55
CA LEU C 549 7.69 -40.29 -44.11
C LEU C 549 8.11 -41.53 -43.33
N PRO C 550 9.40 -41.88 -43.36
CA PRO C 550 9.85 -43.04 -42.60
C PRO C 550 9.68 -42.82 -41.10
N PRO C 551 9.46 -43.87 -40.33
CA PRO C 551 9.37 -43.70 -38.87
C PRO C 551 10.71 -43.28 -38.29
N ASP C 552 10.68 -42.23 -37.48
CA ASP C 552 11.89 -41.67 -36.88
C ASP C 552 12.91 -41.31 -37.96
N TYR C 553 12.42 -40.80 -39.09
CA TYR C 553 13.29 -40.43 -40.19
C TYR C 553 14.19 -39.27 -39.79
N ARG C 554 15.40 -39.26 -40.37
CA ARG C 554 16.35 -38.20 -40.07
C ARG C 554 15.77 -36.85 -40.47
N ILE C 555 15.90 -35.86 -39.58
CA ILE C 555 15.40 -34.53 -39.81
C ILE C 555 16.55 -33.66 -40.30
N SER C 556 16.40 -33.11 -41.50
CA SER C 556 17.43 -32.28 -42.12
C SER C 556 17.10 -30.79 -41.93
N LEU C 557 18.04 -29.95 -42.35
CA LEU C 557 17.90 -28.51 -42.17
C LEU C 557 16.94 -27.89 -43.18
N ILE C 558 16.78 -28.48 -44.35
CA ILE C 558 15.76 -27.99 -45.28
C ILE C 558 14.37 -28.14 -44.66
N ASP C 559 14.12 -29.26 -43.99
CA ASP C 559 12.82 -29.46 -43.36
C ASP C 559 12.57 -28.45 -42.24
N ILE C 560 13.58 -28.20 -41.41
CA ILE C 560 13.40 -27.23 -40.34
C ILE C 560 13.20 -25.84 -40.91
N GLY C 561 13.89 -25.52 -42.02
CA GLY C 561 13.64 -24.26 -42.69
C GLY C 561 12.21 -24.15 -43.18
N LEU C 562 11.67 -25.24 -43.73
CA LEU C 562 10.28 -25.23 -44.17
C LEU C 562 9.34 -25.01 -42.99
N VAL C 563 9.61 -25.66 -41.86
CA VAL C 563 8.76 -25.49 -40.69
C VAL C 563 8.83 -24.05 -40.19
N ILE C 564 10.03 -23.47 -40.20
CA ILE C 564 10.19 -22.07 -39.80
C ILE C 564 9.38 -21.17 -40.72
N GLU C 565 9.41 -21.43 -42.02
CA GLU C 565 8.60 -20.65 -42.95
C GLU C 565 7.12 -20.80 -42.63
N TYR C 566 6.66 -22.02 -42.33
CA TYR C 566 5.26 -22.23 -42.03
C TYR C 566 4.85 -21.42 -40.80
N LEU C 567 5.65 -21.46 -39.74
CA LEU C 567 5.24 -20.81 -38.49
C LEU C 567 5.41 -19.30 -38.54
N MET C 568 6.48 -18.82 -39.18
CA MET C 568 6.78 -17.39 -39.12
C MET C 568 5.69 -16.57 -39.79
N GLY C 569 5.20 -17.02 -40.94
CA GLY C 569 4.13 -16.36 -41.66
C GLY C 569 4.47 -16.17 -43.11
N GLY C 570 3.67 -15.34 -43.78
CA GLY C 570 3.87 -15.13 -45.20
C GLY C 570 5.18 -14.41 -45.50
N ALA C 571 5.71 -14.70 -46.68
CA ALA C 571 6.96 -14.08 -47.13
C ALA C 571 8.06 -14.50 -46.15
N TYR C 572 9.11 -13.70 -46.02
CA TYR C 572 10.21 -13.97 -45.10
C TYR C 572 10.80 -15.35 -45.37
N ARG C 573 11.40 -15.48 -46.55
CA ARG C 573 12.02 -16.73 -46.94
C ARG C 573 13.11 -17.12 -45.94
N CYS C 574 13.16 -18.40 -45.62
CA CYS C 574 14.10 -18.89 -44.62
C CYS C 574 15.52 -18.91 -45.18
N ASN C 575 16.49 -18.60 -44.32
CA ASN C 575 17.89 -18.64 -44.74
C ASN C 575 18.32 -20.06 -45.09
N TYR C 576 17.76 -21.06 -44.43
CA TYR C 576 18.10 -22.44 -44.73
C TYR C 576 17.69 -22.81 -46.15
N THR C 577 16.47 -22.42 -46.55
CA THR C 577 15.98 -22.68 -47.90
C THR C 577 16.47 -21.56 -48.82
N ARG C 578 17.78 -21.57 -49.06
CA ARG C 578 18.42 -20.64 -49.98
C ARG C 578 19.36 -21.40 -50.90
N LYS C 579 19.61 -20.82 -52.07
CA LYS C 579 20.39 -21.50 -53.09
C LYS C 579 21.84 -21.71 -52.64
N ARG C 580 22.46 -20.68 -52.04
CA ARG C 580 23.85 -20.80 -51.64
C ARG C 580 24.01 -21.79 -50.48
N PHE C 581 23.12 -21.71 -49.50
CA PHE C 581 23.17 -22.71 -48.43
C PHE C 581 22.90 -24.10 -48.98
N ARG C 582 21.98 -24.22 -49.95
CA ARG C 582 21.71 -25.52 -50.53
C ARG C 582 22.95 -26.06 -51.23
N THR C 583 23.67 -25.20 -51.95
CA THR C 583 24.93 -25.63 -52.56
C THR C 583 25.93 -26.07 -51.49
N LEU C 584 26.06 -25.31 -50.41
CA LEU C 584 26.97 -25.69 -49.34
C LEU C 584 26.58 -27.03 -48.74
N TYR C 585 25.29 -27.24 -48.50
CA TYR C 585 24.81 -28.47 -47.87
C TYR C 585 25.05 -29.67 -48.77
N HIS C 586 24.80 -29.51 -50.07
CA HIS C 586 25.06 -30.60 -51.01
C HIS C 586 26.55 -30.93 -51.06
N ASN C 587 27.42 -29.91 -51.04
CA ASN C 587 28.85 -30.18 -51.12
C ASN C 587 29.35 -30.84 -49.84
N LEU C 588 28.93 -30.35 -48.67
CA LEU C 588 29.41 -30.93 -47.41
C LEU C 588 28.96 -32.37 -47.25
N PHE C 589 27.68 -32.63 -47.45
CA PHE C 589 27.14 -33.99 -47.34
C PHE C 589 26.81 -34.54 -48.72
N ILE C 631 33.59 -22.23 -43.51
CA ILE C 631 33.99 -23.63 -43.54
C ILE C 631 33.11 -24.45 -42.61
N ASN C 632 31.81 -24.50 -42.93
CA ASN C 632 30.83 -25.25 -42.17
C ASN C 632 30.66 -24.73 -40.75
N HIS C 633 31.10 -23.50 -40.50
CA HIS C 633 30.90 -22.83 -39.21
C HIS C 633 30.15 -21.53 -39.46
N PHE C 634 29.02 -21.36 -38.78
CA PHE C 634 28.16 -20.22 -39.04
C PHE C 634 28.80 -18.93 -38.50
N PRO C 635 28.68 -17.82 -39.22
CA PRO C 635 29.22 -16.55 -38.70
C PRO C 635 28.55 -16.08 -37.41
N PHE C 636 27.28 -16.43 -37.21
CA PHE C 636 26.50 -15.99 -36.05
C PHE C 636 25.89 -17.22 -35.40
N PRO C 637 26.71 -18.06 -34.77
CA PRO C 637 26.17 -19.31 -34.19
C PRO C 637 25.10 -19.08 -33.14
N PHE C 638 25.15 -17.94 -32.45
CA PHE C 638 24.18 -17.67 -31.41
C PHE C 638 22.77 -17.64 -31.97
N HIS C 639 22.60 -17.14 -33.19
CA HIS C 639 21.27 -17.10 -33.79
C HIS C 639 20.70 -18.50 -33.97
N GLU C 640 21.48 -19.39 -34.57
CA GLU C 640 21.01 -20.75 -34.79
C GLU C 640 20.78 -21.48 -33.48
N LEU C 641 21.66 -21.27 -32.50
CA LEU C 641 21.48 -21.92 -31.21
C LEU C 641 20.22 -21.43 -30.50
N MET C 642 19.95 -20.12 -30.57
CA MET C 642 18.71 -19.59 -30.03
C MET C 642 17.50 -20.19 -30.73
N VAL C 643 17.55 -20.29 -32.06
CA VAL C 643 16.44 -20.86 -32.81
C VAL C 643 16.20 -22.29 -32.36
N TRP C 644 17.27 -23.08 -32.26
CA TRP C 644 17.14 -24.46 -31.85
C TRP C 644 16.56 -24.56 -30.43
N ALA C 645 17.07 -23.74 -29.51
CA ALA C 645 16.59 -23.81 -28.15
C ALA C 645 15.10 -23.47 -28.05
N VAL C 646 14.67 -22.43 -28.77
CA VAL C 646 13.26 -22.06 -28.74
C VAL C 646 12.41 -23.14 -29.39
N LEU C 647 12.93 -23.75 -30.46
CA LEU C 647 12.17 -24.78 -31.15
C LEU C 647 11.90 -25.98 -30.25
N MET C 648 12.88 -26.34 -29.43
CA MET C 648 12.76 -27.50 -28.54
C MET C 648 12.26 -27.13 -27.16
N LYS C 649 11.76 -25.90 -26.97
CA LYS C 649 11.03 -25.55 -25.76
C LYS C 649 11.94 -25.52 -24.53
N ARG C 650 13.10 -24.86 -24.66
CA ARG C 650 14.07 -24.73 -23.58
C ARG C 650 14.25 -23.24 -23.27
N GLN C 651 13.60 -22.78 -22.20
CA GLN C 651 13.53 -21.35 -21.93
C GLN C 651 14.87 -20.79 -21.45
N LYS C 652 15.51 -21.45 -20.49
CA LYS C 652 16.72 -20.89 -19.89
C LYS C 652 17.84 -20.78 -20.91
N MET C 653 18.02 -21.82 -21.73
CA MET C 653 19.03 -21.78 -22.78
C MET C 653 18.75 -20.63 -23.73
N ALA C 654 17.48 -20.45 -24.10
CA ALA C 654 17.12 -19.37 -25.00
C ALA C 654 17.47 -18.02 -24.40
N LEU C 655 17.17 -17.82 -23.12
CA LEU C 655 17.48 -16.56 -22.47
C LEU C 655 18.99 -16.31 -22.45
N PHE C 656 19.77 -17.34 -22.13
CA PHE C 656 21.22 -17.18 -22.08
C PHE C 656 21.78 -16.82 -23.45
N PHE C 657 21.34 -17.53 -24.50
CA PHE C 657 21.84 -17.26 -25.83
C PHE C 657 21.37 -15.91 -26.34
N TRP C 658 20.20 -15.46 -25.89
CA TRP C 658 19.81 -14.08 -26.16
C TRP C 658 20.76 -13.10 -25.48
N GLN C 659 21.19 -13.43 -24.24
CA GLN C 659 22.09 -12.55 -23.52
C GLN C 659 23.39 -12.34 -24.29
N HIS C 660 23.97 -13.42 -24.83
CA HIS C 660 25.32 -13.32 -25.36
C HIS C 660 25.41 -13.06 -26.86
N GLY C 661 24.34 -13.24 -27.61
CA GLY C 661 24.40 -13.03 -29.05
C GLY C 661 24.51 -11.58 -29.48
N GLU C 662 24.22 -11.32 -30.75
CA GLU C 662 24.28 -9.99 -31.35
C GLU C 662 22.93 -9.64 -31.95
N GLU C 663 22.70 -8.35 -32.16
CA GLU C 663 21.41 -7.83 -32.63
C GLU C 663 20.27 -8.54 -31.90
N ALA C 664 20.24 -8.35 -30.58
CA ALA C 664 19.39 -9.16 -29.72
C ALA C 664 17.91 -8.85 -29.95
N MET C 665 17.56 -7.58 -30.17
CA MET C 665 16.16 -7.21 -30.25
C MET C 665 15.46 -7.93 -31.41
N ALA C 666 16.12 -8.03 -32.56
CA ALA C 666 15.52 -8.69 -33.70
C ALA C 666 15.16 -10.13 -33.38
N LYS C 667 16.11 -10.88 -32.81
CA LYS C 667 15.84 -12.27 -32.51
C LYS C 667 14.86 -12.43 -31.35
N ALA C 668 14.81 -11.45 -30.44
CA ALA C 668 13.78 -11.50 -29.41
C ALA C 668 12.39 -11.38 -30.01
N LEU C 669 12.20 -10.45 -30.94
CA LEU C 669 10.92 -10.32 -31.61
C LEU C 669 10.60 -11.58 -32.41
N VAL C 670 11.60 -12.14 -33.08
CA VAL C 670 11.41 -13.38 -33.83
C VAL C 670 10.95 -14.49 -32.89
N ALA C 671 11.56 -14.58 -31.71
CA ALA C 671 11.19 -15.61 -30.75
C ALA C 671 9.77 -15.42 -30.27
N CYS C 672 9.38 -14.17 -29.98
CA CYS C 672 8.00 -13.90 -29.57
C CYS C 672 7.02 -14.37 -30.63
N LYS C 673 7.26 -13.98 -31.88
CA LYS C 673 6.37 -14.37 -32.97
C LYS C 673 6.30 -15.87 -33.11
N LEU C 674 7.46 -16.54 -33.04
CA LEU C 674 7.51 -17.98 -33.27
C LEU C 674 6.83 -18.75 -32.15
N CYS C 675 7.00 -18.30 -30.91
CA CYS C 675 6.32 -18.95 -29.78
C CYS C 675 4.82 -18.75 -29.88
N LYS C 676 4.36 -17.56 -30.28
CA LYS C 676 2.93 -17.37 -30.48
C LYS C 676 2.40 -18.31 -31.54
N ALA C 677 3.12 -18.44 -32.65
CA ALA C 677 2.70 -19.36 -33.70
C ALA C 677 2.64 -20.80 -33.20
N MET C 678 3.64 -21.21 -32.42
CA MET C 678 3.64 -22.56 -31.87
C MET C 678 2.44 -22.78 -30.96
N ALA C 679 2.12 -21.81 -30.11
CA ALA C 679 0.99 -21.97 -29.21
C ALA C 679 -0.31 -22.09 -29.99
N HIS C 680 -0.48 -21.25 -31.01
CA HIS C 680 -1.68 -21.34 -31.84
C HIS C 680 -1.77 -22.71 -32.53
N GLU C 681 -0.66 -23.18 -33.09
CA GLU C 681 -0.66 -24.47 -33.79
C GLU C 681 -1.00 -25.60 -32.83
N ALA C 682 -0.45 -25.56 -31.62
CA ALA C 682 -0.75 -26.59 -30.62
C ALA C 682 -2.22 -26.55 -30.23
N SER C 683 -2.76 -25.35 -30.00
CA SER C 683 -4.17 -25.23 -29.63
C SER C 683 -5.08 -25.75 -30.73
N GLU C 684 -4.68 -25.53 -31.99
CA GLU C 684 -5.56 -25.89 -33.10
C GLU C 684 -5.91 -27.38 -33.09
N ASN C 685 -4.89 -28.25 -32.94
CA ASN C 685 -5.09 -29.69 -33.04
C ASN C 685 -4.43 -30.40 -31.87
N ASP C 686 -5.18 -31.28 -31.21
CA ASP C 686 -4.65 -32.19 -30.19
C ASP C 686 -3.89 -31.37 -29.15
N MET C 687 -2.64 -31.71 -28.84
CA MET C 687 -1.81 -30.96 -27.89
C MET C 687 -2.37 -31.07 -26.47
N VAL C 688 -1.78 -30.35 -25.52
CA VAL C 688 -2.15 -30.40 -24.11
C VAL C 688 -2.20 -28.97 -23.58
N ASP C 689 -2.40 -28.84 -22.27
CA ASP C 689 -2.49 -27.53 -21.65
C ASP C 689 -1.16 -26.80 -21.63
N ASP C 690 -0.06 -27.47 -21.97
CA ASP C 690 1.24 -26.81 -21.94
C ASP C 690 1.27 -25.56 -22.81
N ILE C 691 0.42 -25.51 -23.84
CA ILE C 691 0.38 -24.33 -24.69
C ILE C 691 0.07 -23.09 -23.86
N SER C 692 -0.86 -23.22 -22.91
CA SER C 692 -1.18 -22.09 -22.04
C SER C 692 0.07 -21.61 -21.30
N GLN C 693 0.91 -22.54 -20.86
CA GLN C 693 2.17 -22.17 -20.22
C GLN C 693 3.08 -21.46 -21.19
N GLU C 694 3.07 -21.88 -22.46
CA GLU C 694 3.95 -21.28 -23.46
C GLU C 694 3.41 -19.94 -23.94
N LEU C 695 2.21 -19.95 -24.50
CA LEU C 695 1.66 -18.80 -25.23
C LEU C 695 1.96 -17.47 -24.53
N ASN C 696 1.50 -17.33 -23.28
CA ASN C 696 1.60 -16.07 -22.57
C ASN C 696 2.73 -16.03 -21.56
N HIS C 697 3.65 -17.00 -21.60
CA HIS C 697 4.78 -16.96 -20.69
C HIS C 697 6.10 -17.32 -21.36
N ASN C 698 6.12 -17.57 -22.67
CA ASN C 698 7.34 -17.66 -23.44
C ASN C 698 7.47 -16.53 -24.46
N SER C 699 6.47 -16.38 -25.34
CA SER C 699 6.47 -15.24 -26.25
C SER C 699 6.35 -13.93 -25.49
N ARG C 700 5.51 -13.90 -24.45
CA ARG C 700 5.31 -12.69 -23.68
C ARG C 700 6.61 -12.23 -23.03
N ASP C 701 7.39 -13.15 -22.49
CA ASP C 701 8.64 -12.78 -21.85
C ASP C 701 9.60 -12.14 -22.84
N PHE C 702 9.74 -12.75 -24.03
CA PHE C 702 10.62 -12.18 -25.04
C PHE C 702 10.13 -10.81 -25.49
N GLY C 703 8.82 -10.65 -25.66
CA GLY C 703 8.29 -9.35 -26.02
C GLY C 703 8.61 -8.28 -24.99
N GLN C 704 8.43 -8.62 -23.71
CA GLN C 704 8.73 -7.66 -22.66
C GLN C 704 10.22 -7.33 -22.63
N LEU C 705 11.07 -8.32 -22.84
CA LEU C 705 12.51 -8.08 -22.90
C LEU C 705 12.84 -7.11 -24.04
N ALA C 706 12.24 -7.32 -25.21
CA ALA C 706 12.49 -6.43 -26.34
C ALA C 706 12.02 -5.02 -26.02
N VAL C 707 10.87 -4.89 -25.38
CA VAL C 707 10.36 -3.57 -25.01
C VAL C 707 11.32 -2.87 -24.05
N GLU C 708 11.80 -3.60 -23.05
CA GLU C 708 12.72 -3.00 -22.09
C GLU C 708 14.02 -2.57 -22.77
N LEU C 709 14.53 -3.40 -23.68
CA LEU C 709 15.74 -3.04 -24.41
C LEU C 709 15.52 -1.79 -25.24
N LEU C 710 14.37 -1.70 -25.90
CA LEU C 710 14.04 -0.51 -26.68
C LEU C 710 13.99 0.72 -25.80
N ASP C 711 13.36 0.61 -24.64
CA ASP C 711 13.27 1.74 -23.73
C ASP C 711 14.65 2.20 -23.29
N GLN C 712 15.52 1.24 -22.95
CA GLN C 712 16.87 1.60 -22.52
C GLN C 712 17.64 2.27 -23.65
N SER C 713 17.53 1.74 -24.87
CA SER C 713 18.22 2.34 -26.01
C SER C 713 17.74 3.76 -26.25
N TYR C 714 16.43 3.98 -26.16
CA TYR C 714 15.91 5.33 -26.31
C TYR C 714 16.42 6.24 -25.21
N LYS C 715 16.51 5.73 -23.99
CA LYS C 715 17.05 6.52 -22.89
C LYS C 715 18.47 6.97 -23.17
N GLN C 716 19.32 6.04 -23.60
CA GLN C 716 20.72 6.37 -23.84
C GLN C 716 20.88 7.33 -25.01
N ASP C 717 20.19 7.07 -26.12
CA ASP C 717 20.32 7.90 -27.31
C ASP C 717 19.08 7.72 -28.17
N GLU C 718 18.34 8.81 -28.39
CA GLU C 718 17.11 8.73 -29.17
C GLU C 718 17.40 8.52 -30.64
N GLN C 719 18.35 9.26 -31.20
CA GLN C 719 18.64 9.16 -32.63
C GLN C 719 19.15 7.77 -32.98
N LEU C 720 20.04 7.23 -32.16
CA LEU C 720 20.54 5.88 -32.40
C LEU C 720 19.42 4.86 -32.27
N ALA C 721 18.49 5.07 -31.34
CA ALA C 721 17.34 4.18 -31.22
C ALA C 721 16.50 4.21 -32.49
N MET C 722 16.27 5.41 -33.03
CA MET C 722 15.52 5.52 -34.28
C MET C 722 16.24 4.79 -35.41
N LYS C 723 17.55 4.96 -35.49
CA LYS C 723 18.32 4.31 -36.55
C LYS C 723 18.26 2.78 -36.40
N LEU C 724 18.35 2.30 -35.17
CA LEU C 724 18.32 0.86 -34.93
C LEU C 724 16.95 0.27 -35.26
N LEU C 725 15.89 1.00 -34.94
CA LEU C 725 14.54 0.46 -35.14
C LEU C 725 14.30 0.08 -36.59
N THR C 726 14.90 0.80 -37.53
CA THR C 726 14.66 0.57 -38.96
C THR C 726 16.00 0.49 -39.68
N TYR C 727 16.38 -0.72 -40.07
CA TYR C 727 17.56 -0.92 -40.91
C TYR C 727 17.53 -2.37 -41.40
N GLU C 728 17.89 -2.56 -42.67
CA GLU C 728 17.78 -3.87 -43.29
C GLU C 728 18.63 -4.90 -42.55
N LEU C 729 18.05 -6.07 -42.30
CA LEU C 729 18.73 -7.19 -41.66
C LEU C 729 18.96 -8.26 -42.72
N LYS C 730 20.21 -8.41 -43.15
CA LYS C 730 20.53 -9.44 -44.14
C LYS C 730 20.26 -10.83 -43.57
N ASN C 731 20.54 -11.02 -42.28
CA ASN C 731 20.35 -12.33 -41.68
C ASN C 731 18.89 -12.74 -41.64
N TRP C 732 18.00 -11.78 -41.36
CA TRP C 732 16.59 -12.05 -41.13
C TRP C 732 15.73 -11.59 -42.30
N SER C 733 16.24 -11.77 -43.52
CA SER C 733 15.46 -11.52 -44.73
C SER C 733 15.09 -10.04 -44.86
N ASN C 734 16.02 -9.17 -44.50
CA ASN C 734 15.88 -7.73 -44.69
C ASN C 734 14.56 -7.22 -44.11
N ALA C 735 14.25 -7.66 -42.90
CA ALA C 735 13.04 -7.27 -42.19
C ALA C 735 13.42 -6.41 -41.00
N THR C 736 12.89 -5.18 -40.96
CA THR C 736 13.18 -4.28 -39.86
C THR C 736 12.43 -4.71 -38.60
N CYS C 737 12.79 -4.09 -37.48
CA CYS C 737 12.16 -4.43 -36.21
C CYS C 737 10.67 -4.12 -36.22
N LEU C 738 10.28 -3.02 -36.88
CA LEU C 738 8.88 -2.64 -36.91
C LEU C 738 8.04 -3.69 -37.61
N GLN C 739 8.54 -4.22 -38.73
CA GLN C 739 7.78 -5.24 -39.45
C GLN C 739 7.59 -6.48 -38.60
N LEU C 740 8.64 -6.92 -37.91
CA LEU C 740 8.54 -8.09 -37.04
C LEU C 740 7.59 -7.85 -35.90
N ALA C 741 7.63 -6.65 -35.30
CA ALA C 741 6.69 -6.32 -34.22
C ALA C 741 5.26 -6.34 -34.72
N VAL C 742 5.01 -5.79 -35.91
CA VAL C 742 3.68 -5.81 -36.48
C VAL C 742 3.21 -7.24 -36.71
N ALA C 743 4.10 -8.08 -37.25
CA ALA C 743 3.74 -9.48 -37.47
C ALA C 743 3.42 -10.17 -36.15
N ALA C 744 4.16 -9.84 -35.10
CA ALA C 744 3.89 -10.37 -33.77
C ALA C 744 2.72 -9.68 -33.10
N LYS C 745 2.24 -8.57 -33.66
CA LYS C 745 1.11 -7.84 -33.08
C LYS C 745 1.41 -7.39 -31.66
N HIS C 746 2.65 -6.99 -31.43
CA HIS C 746 3.07 -6.50 -30.11
C HIS C 746 2.73 -5.03 -30.04
N ARG C 747 1.52 -4.74 -29.56
CA ARG C 747 1.03 -3.36 -29.52
C ARG C 747 1.92 -2.49 -28.65
N ASP C 748 2.49 -3.04 -27.59
CA ASP C 748 3.30 -2.23 -26.67
C ASP C 748 4.51 -1.65 -27.38
N PHE C 749 5.15 -2.44 -28.25
CA PHE C 749 6.33 -1.96 -28.95
C PHE C 749 6.00 -0.75 -29.83
N ILE C 750 4.91 -0.83 -30.57
CA ILE C 750 4.54 0.24 -31.47
C ILE C 750 4.08 1.47 -30.69
N ALA C 751 3.32 1.26 -29.61
CA ALA C 751 2.81 2.36 -28.82
C ALA C 751 3.90 3.14 -28.12
N HIS C 752 5.13 2.63 -28.09
CA HIS C 752 6.20 3.32 -27.41
C HIS C 752 6.49 4.65 -28.09
N THR C 753 7.03 5.59 -27.30
CA THR C 753 7.20 6.96 -27.79
C THR C 753 8.12 7.01 -28.99
N CYS C 754 9.21 6.23 -28.97
CA CYS C 754 10.17 6.29 -30.07
C CYS C 754 9.54 5.85 -31.38
N SER C 755 8.80 4.75 -31.36
CA SER C 755 8.16 4.26 -32.58
C SER C 755 7.10 5.25 -33.06
N GLN C 756 6.34 5.84 -32.14
CA GLN C 756 5.35 6.83 -32.54
C GLN C 756 6.00 8.05 -33.19
N MET C 757 7.10 8.51 -32.63
CA MET C 757 7.81 9.65 -33.22
C MET C 757 8.35 9.30 -34.59
N LEU C 758 8.87 8.09 -34.75
CA LEU C 758 9.35 7.66 -36.06
C LEU C 758 8.20 7.62 -37.07
N LEU C 759 7.05 7.10 -36.66
CA LEU C 759 5.89 7.07 -37.55
C LEU C 759 5.46 8.47 -37.93
N THR C 760 5.47 9.40 -36.97
CA THR C 760 5.13 10.78 -37.26
C THR C 760 6.12 11.39 -38.25
N ASP C 761 7.41 11.09 -38.06
CA ASP C 761 8.41 11.60 -38.99
C ASP C 761 8.16 11.08 -40.40
N MET C 762 7.83 9.79 -40.52
CA MET C 762 7.51 9.24 -41.83
C MET C 762 6.25 9.88 -42.41
N TRP C 763 5.27 10.18 -41.56
CA TRP C 763 4.01 10.75 -42.04
C TRP C 763 4.24 12.08 -42.73
N MET C 764 5.07 12.95 -42.13
CA MET C 764 5.42 14.21 -42.78
C MET C 764 6.32 14.00 -43.99
N GLY C 765 6.82 12.79 -44.20
CA GLY C 765 7.62 12.52 -45.38
C GLY C 765 8.88 13.36 -45.40
N ARG C 766 9.01 14.18 -46.43
CA ARG C 766 10.22 14.96 -46.64
C ARG C 766 10.19 16.31 -45.92
N LEU C 767 9.02 16.92 -45.78
CA LEU C 767 8.95 18.25 -45.16
C LEU C 767 9.46 18.22 -43.73
N ARG C 768 8.88 17.34 -42.91
CA ARG C 768 9.31 17.14 -41.53
C ARG C 768 9.54 18.47 -40.82
N MET C 769 8.46 19.24 -40.71
CA MET C 769 8.49 20.55 -40.07
C MET C 769 7.46 20.62 -38.95
N GLY C 861 12.42 20.75 -59.68
CA GLY C 861 11.86 19.41 -59.75
C GLY C 861 11.75 18.76 -58.38
N ARG C 862 12.85 18.81 -57.62
CA ARG C 862 12.84 18.22 -56.28
C ARG C 862 11.85 18.93 -55.36
N LYS C 863 11.75 20.25 -55.48
CA LYS C 863 10.82 20.99 -54.63
C LYS C 863 9.39 20.52 -54.85
N ILE C 864 8.99 20.32 -56.10
CA ILE C 864 7.66 19.78 -56.37
C ILE C 864 7.56 18.33 -55.91
N TYR C 865 8.61 17.54 -56.15
CA TYR C 865 8.53 16.10 -55.89
C TYR C 865 8.36 15.81 -54.41
N GLU C 866 9.11 16.51 -53.55
CA GLU C 866 9.03 16.24 -52.12
C GLU C 866 7.62 16.48 -51.60
N PHE C 867 6.97 17.55 -52.09
CA PHE C 867 5.59 17.82 -51.70
C PHE C 867 4.64 16.82 -52.31
N TYR C 868 4.91 16.39 -53.55
CA TYR C 868 3.96 15.57 -54.29
C TYR C 868 3.87 14.16 -53.72
N ASN C 869 5.01 13.54 -53.46
CA ASN C 869 5.03 12.13 -53.08
C ASN C 869 4.96 11.92 -51.57
N ALA C 870 4.79 12.97 -50.79
CA ALA C 870 4.59 12.79 -49.36
C ALA C 870 3.23 12.15 -49.10
N PRO C 871 3.15 11.18 -48.18
CA PRO C 871 1.86 10.49 -47.96
C PRO C 871 0.76 11.40 -47.48
N ILE C 872 1.09 12.42 -46.68
CA ILE C 872 0.04 13.27 -46.10
C ILE C 872 -0.71 14.02 -47.19
N VAL C 873 0.01 14.54 -48.18
CA VAL C 873 -0.66 15.29 -49.25
C VAL C 873 -1.52 14.36 -50.08
N LYS C 874 -1.07 13.12 -50.29
CA LYS C 874 -1.89 12.16 -51.02
C LYS C 874 -3.16 11.86 -50.25
N PHE C 875 -3.06 11.74 -48.92
CA PHE C 875 -4.24 11.54 -48.10
C PHE C 875 -5.21 12.70 -48.25
N TRP C 876 -4.70 13.93 -48.22
CA TRP C 876 -5.57 15.09 -48.35
C TRP C 876 -6.23 15.12 -49.72
N PHE C 877 -5.49 14.79 -50.78
CA PHE C 877 -6.07 14.81 -52.11
C PHE C 877 -7.17 13.76 -52.24
N TYR C 878 -6.93 12.56 -51.72
CA TYR C 878 -7.96 11.53 -51.76
C TYR C 878 -9.20 11.97 -50.98
N THR C 879 -9.00 12.59 -49.82
CA THR C 879 -10.12 13.06 -49.03
C THR C 879 -10.92 14.13 -49.78
N LEU C 880 -10.23 15.07 -50.42
CA LEU C 880 -10.93 16.11 -51.16
C LEU C 880 -11.72 15.52 -52.33
N ALA C 881 -11.13 14.56 -53.04
CA ALA C 881 -11.84 13.91 -54.13
C ALA C 881 -13.09 13.21 -53.60
N TYR C 882 -12.97 12.52 -52.46
CA TYR C 882 -14.12 11.85 -51.88
C TYR C 882 -15.21 12.85 -51.52
N ILE C 883 -14.82 13.99 -50.94
CA ILE C 883 -15.81 15.00 -50.55
C ILE C 883 -16.53 15.53 -51.79
N GLY C 884 -15.79 15.82 -52.85
CA GLY C 884 -16.43 16.30 -54.07
C GLY C 884 -17.40 15.28 -54.64
N TYR C 885 -16.99 14.01 -54.66
CA TYR C 885 -17.89 12.96 -55.14
C TYR C 885 -19.15 12.89 -54.29
N LEU C 886 -19.01 13.03 -52.98
CA LEU C 886 -20.17 13.02 -52.09
C LEU C 886 -21.11 14.17 -52.39
N MET C 887 -20.54 15.37 -52.60
CA MET C 887 -21.37 16.52 -52.92
C MET C 887 -22.16 16.29 -54.20
N LEU C 888 -21.49 15.76 -55.23
CA LEU C 888 -22.17 15.49 -56.48
C LEU C 888 -23.27 14.45 -56.30
N PHE C 889 -23.01 13.44 -55.47
CA PHE C 889 -24.03 12.43 -55.21
C PHE C 889 -25.27 13.04 -54.57
N ASN C 890 -25.07 13.91 -53.58
CA ASN C 890 -26.21 14.56 -52.95
C ASN C 890 -27.00 15.39 -53.97
N TYR C 891 -26.29 16.21 -54.73
CA TYR C 891 -26.97 17.03 -55.74
C TYR C 891 -27.78 16.15 -56.67
N ILE C 892 -27.22 15.01 -57.08
CA ILE C 892 -27.91 14.13 -58.01
C ILE C 892 -29.19 13.60 -57.38
N VAL C 893 -29.10 13.08 -56.15
CA VAL C 893 -30.28 12.43 -55.57
C VAL C 893 -31.40 13.43 -55.38
N LEU C 894 -31.08 14.62 -54.85
CA LEU C 894 -32.16 15.56 -54.52
C LEU C 894 -32.88 16.06 -55.77
N VAL C 895 -32.14 16.40 -56.82
CA VAL C 895 -32.75 16.95 -58.02
C VAL C 895 -33.34 15.84 -58.87
N LYS C 896 -34.30 16.21 -59.72
CA LYS C 896 -34.93 15.25 -60.62
C LYS C 896 -33.95 14.75 -61.66
N MET C 897 -34.09 13.49 -62.04
CA MET C 897 -33.24 12.86 -63.04
C MET C 897 -34.08 12.50 -64.26
N GLU C 898 -33.56 12.81 -65.45
CA GLU C 898 -34.25 12.51 -66.69
C GLU C 898 -34.05 11.03 -67.04
N ARG C 899 -34.49 10.64 -68.24
CA ARG C 899 -34.35 9.25 -68.66
C ARG C 899 -32.88 8.86 -68.76
N TRP C 900 -32.05 9.74 -69.36
CA TRP C 900 -30.63 9.46 -69.45
C TRP C 900 -29.86 10.25 -68.39
N PRO C 901 -28.78 9.69 -67.87
CA PRO C 901 -28.04 10.37 -66.80
C PRO C 901 -27.35 11.62 -67.29
N SER C 902 -27.15 12.55 -66.37
CA SER C 902 -26.44 13.80 -66.66
C SER C 902 -24.94 13.60 -66.49
N THR C 903 -24.18 14.67 -66.70
CA THR C 903 -22.73 14.58 -66.58
C THR C 903 -22.31 14.21 -65.17
N GLN C 904 -23.00 14.76 -64.17
CA GLN C 904 -22.64 14.49 -62.78
C GLN C 904 -22.76 13.01 -62.46
N GLU C 905 -23.82 12.37 -62.94
CA GLU C 905 -24.01 10.95 -62.67
C GLU C 905 -22.96 10.12 -63.40
N TRP C 906 -22.56 10.55 -64.60
CA TRP C 906 -21.48 9.86 -65.30
C TRP C 906 -20.18 9.95 -64.51
N ILE C 907 -19.89 11.13 -63.96
CA ILE C 907 -18.69 11.29 -63.14
C ILE C 907 -18.75 10.39 -61.93
N VAL C 908 -19.89 10.35 -61.25
CA VAL C 908 -20.04 9.51 -60.06
C VAL C 908 -19.82 8.05 -60.41
N ILE C 909 -20.43 7.59 -61.50
CA ILE C 909 -20.30 6.19 -61.90
C ILE C 909 -18.85 5.87 -62.24
N SER C 910 -18.18 6.76 -62.96
CA SER C 910 -16.78 6.52 -63.29
C SER C 910 -15.93 6.43 -62.04
N TYR C 911 -16.18 7.31 -61.07
CA TYR C 911 -15.42 7.28 -59.83
C TYR C 911 -15.61 5.96 -59.11
N ILE C 912 -16.86 5.49 -59.03
CA ILE C 912 -17.12 4.22 -58.34
C ILE C 912 -16.45 3.07 -59.06
N PHE C 913 -16.53 3.06 -60.39
CA PHE C 913 -15.93 1.98 -61.17
C PHE C 913 -14.42 1.94 -60.98
N THR C 914 -13.77 3.11 -61.03
CA THR C 914 -12.33 3.16 -60.82
C THR C 914 -11.95 2.75 -59.40
N LEU C 915 -12.76 3.12 -58.41
CA LEU C 915 -12.48 2.70 -57.05
C LEU C 915 -12.56 1.18 -56.91
N GLY C 916 -13.56 0.57 -57.55
CA GLY C 916 -13.63 -0.88 -57.56
C GLY C 916 -12.43 -1.51 -58.23
N ILE C 917 -11.98 -0.93 -59.35
CA ILE C 917 -10.78 -1.41 -60.01
C ILE C 917 -9.59 -1.33 -59.07
N GLU C 918 -9.48 -0.23 -58.32
CA GLU C 918 -8.37 -0.06 -57.41
C GLU C 918 -8.43 -1.07 -56.26
N LYS C 919 -9.64 -1.40 -55.79
CA LYS C 919 -9.77 -2.46 -54.79
C LYS C 919 -9.29 -3.80 -55.34
N MET C 920 -9.66 -4.11 -56.57
CA MET C 920 -9.16 -5.35 -57.18
C MET C 920 -7.64 -5.32 -57.30
N ARG C 921 -7.09 -4.15 -57.67
CA ARG C 921 -5.64 -4.01 -57.76
C ARG C 921 -4.97 -4.26 -56.41
N GLU C 922 -5.56 -3.73 -55.34
CA GLU C 922 -5.03 -4.00 -54.00
C GLU C 922 -5.11 -5.49 -53.68
N ILE C 923 -6.20 -6.14 -54.09
CA ILE C 923 -6.31 -7.58 -53.88
C ILE C 923 -5.15 -8.31 -54.54
N LEU C 924 -4.86 -7.96 -55.80
CA LEU C 924 -3.80 -8.61 -56.54
C LEU C 924 -2.43 -7.97 -56.32
N MET C 925 -2.37 -6.83 -55.65
CA MET C 925 -1.11 -6.16 -55.36
C MET C 925 -0.30 -5.96 -56.64
N GLY C 929 -2.61 -19.98 -56.41
CA GLY C 929 -1.33 -19.32 -56.40
C GLY C 929 -1.26 -18.20 -55.37
N LYS C 930 -1.54 -18.53 -54.11
CA LYS C 930 -1.53 -17.63 -52.97
C LYS C 930 -2.76 -16.72 -52.96
N LEU C 931 -3.61 -16.76 -53.99
CA LEU C 931 -4.75 -15.85 -54.04
C LEU C 931 -5.69 -16.09 -52.86
N LEU C 932 -5.86 -17.36 -52.46
CA LEU C 932 -6.70 -17.65 -51.31
C LEU C 932 -6.12 -17.01 -50.05
N GLN C 933 -4.79 -17.09 -49.87
CA GLN C 933 -4.16 -16.46 -48.73
C GLN C 933 -4.34 -14.94 -48.78
N LYS C 934 -4.22 -14.35 -49.96
CA LYS C 934 -4.43 -12.92 -50.10
C LYS C 934 -5.85 -12.53 -49.71
N VAL C 935 -6.83 -13.32 -50.12
CA VAL C 935 -8.22 -13.04 -49.76
C VAL C 935 -8.41 -13.16 -48.25
N LYS C 936 -7.81 -14.19 -47.65
CA LYS C 936 -7.93 -14.36 -46.21
C LYS C 936 -7.35 -13.16 -45.47
N VAL C 937 -6.20 -12.67 -45.94
CA VAL C 937 -5.59 -11.49 -45.32
C VAL C 937 -6.49 -10.27 -45.52
N TRP C 938 -7.03 -10.12 -46.74
CA TRP C 938 -7.85 -8.95 -47.05
C TRP C 938 -9.11 -8.91 -46.21
N LEU C 939 -9.68 -10.06 -45.91
CA LEU C 939 -10.90 -10.09 -45.11
C LEU C 939 -10.69 -9.48 -43.73
N GLN C 940 -9.44 -9.37 -43.27
CA GLN C 940 -9.19 -8.78 -41.96
C GLN C 940 -9.73 -7.35 -41.88
N GLU C 941 -9.69 -6.61 -42.98
CA GLU C 941 -10.21 -5.25 -43.02
C GLU C 941 -11.72 -5.31 -43.21
N TYR C 942 -12.47 -4.99 -42.15
CA TYR C 942 -13.92 -5.08 -42.23
C TYR C 942 -14.50 -3.99 -43.14
N TRP C 943 -13.87 -2.82 -43.20
CA TRP C 943 -14.38 -1.74 -44.04
C TRP C 943 -14.42 -2.16 -45.50
N ASN C 944 -13.36 -2.84 -45.96
CA ASN C 944 -13.23 -3.20 -47.37
C ASN C 944 -14.29 -4.19 -47.82
N VAL C 945 -14.96 -4.86 -46.89
CA VAL C 945 -16.06 -5.75 -47.25
C VAL C 945 -17.34 -4.97 -47.51
N THR C 946 -17.68 -4.08 -46.59
CA THR C 946 -18.85 -3.23 -46.76
C THR C 946 -18.71 -2.34 -47.98
N ASP C 947 -17.48 -1.89 -48.28
CA ASP C 947 -17.26 -1.11 -49.49
C ASP C 947 -17.65 -1.90 -50.73
N LEU C 948 -17.19 -3.15 -50.81
CA LEU C 948 -17.52 -3.99 -51.95
C LEU C 948 -19.03 -4.24 -52.04
N ILE C 949 -19.66 -4.51 -50.89
CA ILE C 949 -21.10 -4.76 -50.91
C ILE C 949 -21.85 -3.54 -51.40
N ALA C 950 -21.46 -2.35 -50.94
CA ALA C 950 -22.12 -1.13 -51.37
C ALA C 950 -21.92 -0.89 -52.85
N ILE C 951 -20.72 -1.18 -53.35
CA ILE C 951 -20.46 -1.01 -54.78
C ILE C 951 -21.34 -1.95 -55.59
N LEU C 952 -21.50 -3.19 -55.13
CA LEU C 952 -22.36 -4.13 -55.84
C LEU C 952 -23.80 -3.65 -55.85
N LEU C 953 -24.29 -3.16 -54.72
CA LEU C 953 -25.66 -2.64 -54.69
C LEU C 953 -25.82 -1.45 -55.62
N PHE C 954 -24.81 -0.57 -55.67
CA PHE C 954 -24.87 0.56 -56.58
C PHE C 954 -24.91 0.10 -58.03
N SER C 955 -24.13 -0.92 -58.36
CA SER C 955 -24.15 -1.44 -59.73
C SER C 955 -25.52 -2.01 -60.07
N VAL C 956 -26.13 -2.73 -59.12
CA VAL C 956 -27.49 -3.24 -59.35
C VAL C 956 -28.44 -2.09 -59.60
N GLY C 957 -28.35 -1.04 -58.78
CA GLY C 957 -29.22 0.11 -58.96
C GLY C 957 -29.02 0.77 -60.31
N MET C 958 -27.77 0.88 -60.74
CA MET C 958 -27.47 1.49 -62.04
C MET C 958 -28.08 0.67 -63.16
N ILE C 959 -27.96 -0.65 -63.09
CA ILE C 959 -28.54 -1.50 -64.12
C ILE C 959 -30.06 -1.33 -64.15
N LEU C 960 -30.68 -1.29 -62.96
CA LEU C 960 -32.14 -1.16 -62.92
C LEU C 960 -32.61 0.20 -63.40
N ARG C 961 -31.79 1.25 -63.21
CA ARG C 961 -32.25 2.61 -63.46
C ARG C 961 -32.39 2.93 -64.94
N LEU C 962 -31.74 2.17 -65.81
CA LEU C 962 -31.71 2.51 -67.23
C LEU C 962 -32.78 1.77 -68.03
N GLN C 963 -33.72 1.13 -67.37
CA GLN C 963 -34.82 0.44 -68.03
C GLN C 963 -36.02 1.38 -68.14
N ASP C 964 -37.17 0.83 -68.49
CA ASP C 964 -38.38 1.62 -68.67
C ASP C 964 -38.83 2.22 -67.34
N GLN C 965 -39.92 2.98 -67.37
CA GLN C 965 -40.38 3.69 -66.18
C GLN C 965 -40.58 2.81 -64.95
N PRO C 966 -41.20 1.63 -65.05
CA PRO C 966 -41.52 0.89 -63.81
C PRO C 966 -40.29 0.56 -62.97
N PHE C 967 -39.10 0.47 -63.56
CA PHE C 967 -37.90 0.12 -62.83
C PHE C 967 -37.04 1.33 -62.45
N ARG C 968 -37.16 2.44 -63.19
CA ARG C 968 -36.27 3.56 -62.96
C ARG C 968 -36.43 4.13 -61.56
N SER C 969 -37.67 4.24 -61.08
CA SER C 969 -37.88 4.76 -59.73
C SER C 969 -37.32 3.79 -58.69
N ASP C 970 -37.40 2.49 -58.93
CA ASP C 970 -36.76 1.53 -58.04
C ASP C 970 -35.25 1.73 -58.00
N GLY C 971 -34.65 1.97 -59.17
CA GLY C 971 -33.22 2.28 -59.19
C GLY C 971 -32.89 3.54 -58.41
N ARG C 972 -33.74 4.57 -58.54
CA ARG C 972 -33.52 5.79 -57.79
C ARG C 972 -33.60 5.53 -56.29
N VAL C 973 -34.57 4.72 -55.86
CA VAL C 973 -34.68 4.37 -54.45
C VAL C 973 -33.45 3.61 -53.98
N ILE C 974 -32.91 2.75 -54.84
CA ILE C 974 -31.68 2.05 -54.50
C ILE C 974 -30.56 3.06 -54.27
N TYR C 975 -30.44 4.05 -55.14
CA TYR C 975 -29.43 5.09 -54.94
C TYR C 975 -29.64 5.79 -53.61
N CYS C 976 -30.89 6.12 -53.28
CA CYS C 976 -31.18 6.87 -52.07
C CYS C 976 -30.79 6.07 -50.84
N VAL C 977 -31.05 4.77 -50.86
CA VAL C 977 -30.66 3.93 -49.73
C VAL C 977 -29.15 3.78 -49.66
N ASN C 978 -28.49 3.69 -50.83
CA ASN C 978 -27.06 3.44 -50.84
C ASN C 978 -26.26 4.63 -50.34
N ILE C 979 -26.74 5.86 -50.59
CA ILE C 979 -25.98 7.05 -50.22
C ILE C 979 -25.61 7.05 -48.74
N ILE C 980 -26.41 6.39 -47.90
CA ILE C 980 -26.19 6.44 -46.45
C ILE C 980 -24.86 5.81 -46.08
N TYR C 981 -24.51 4.69 -46.71
CA TYR C 981 -23.24 4.04 -46.39
C TYR C 981 -22.07 4.97 -46.70
N TRP C 982 -22.10 5.63 -47.86
CA TRP C 982 -21.01 6.53 -48.21
C TRP C 982 -20.99 7.76 -47.30
N TYR C 983 -22.17 8.19 -46.83
CA TYR C 983 -22.19 9.30 -45.88
C TYR C 983 -21.55 8.91 -44.55
N ILE C 984 -21.77 7.66 -44.12
CA ILE C 984 -21.22 7.19 -42.86
C ILE C 984 -19.76 6.80 -42.97
N ARG C 985 -19.28 6.48 -44.17
CA ARG C 985 -17.90 6.06 -44.36
C ARG C 985 -16.89 7.11 -43.91
N LEU C 986 -17.32 8.33 -43.61
CA LEU C 986 -16.39 9.37 -43.18
C LEU C 986 -15.73 9.07 -41.85
N LEU C 987 -16.23 8.10 -41.09
CA LEU C 987 -15.58 7.74 -39.84
C LEU C 987 -14.18 7.18 -40.09
N ASP C 988 -14.02 6.37 -41.12
CA ASP C 988 -12.70 5.87 -41.50
C ASP C 988 -11.77 7.03 -41.79
N ILE C 989 -12.25 8.05 -42.51
CA ILE C 989 -11.42 9.21 -42.80
C ILE C 989 -11.05 9.94 -41.52
N PHE C 990 -12.03 10.10 -40.61
CA PHE C 990 -11.76 10.76 -39.34
C PHE C 990 -10.74 10.00 -38.51
N GLY C 991 -10.66 8.69 -38.70
CA GLY C 991 -9.79 7.85 -37.88
C GLY C 991 -8.39 8.39 -37.67
N VAL C 992 -7.89 9.19 -38.62
CA VAL C 992 -6.54 9.70 -38.50
C VAL C 992 -6.38 10.60 -37.29
N ASN C 993 -7.42 11.38 -36.96
CA ASN C 993 -7.30 12.33 -35.88
C ASN C 993 -7.02 11.63 -34.56
N LYS C 994 -6.27 12.29 -33.70
CA LYS C 994 -5.89 11.71 -32.42
C LYS C 994 -7.12 11.40 -31.56
N TYR C 995 -8.00 12.39 -31.40
CA TYR C 995 -9.14 12.24 -30.50
C TYR C 995 -10.25 11.40 -31.13
N LEU C 996 -10.47 11.53 -32.43
CA LEU C 996 -11.68 10.97 -33.04
C LEU C 996 -11.63 9.45 -33.14
N GLY C 997 -10.47 8.89 -33.50
CA GLY C 997 -10.38 7.48 -33.76
C GLY C 997 -10.78 6.61 -32.58
N PRO C 998 -10.23 6.92 -31.41
CA PRO C 998 -10.65 6.19 -30.19
C PRO C 998 -12.14 6.30 -29.92
N TYR C 999 -12.72 7.46 -30.20
CA TYR C 999 -14.15 7.63 -30.02
C TYR C 999 -14.92 6.66 -30.89
N VAL C 1000 -14.49 6.51 -32.16
CA VAL C 1000 -15.14 5.59 -33.07
C VAL C 1000 -14.98 4.16 -32.58
N MET C 1001 -13.79 3.81 -32.10
CA MET C 1001 -13.57 2.46 -31.60
C MET C 1001 -14.48 2.14 -30.41
N MET C 1002 -14.60 3.10 -29.49
CA MET C 1002 -15.49 2.91 -28.35
C MET C 1002 -16.95 2.76 -28.79
N ILE C 1003 -17.36 3.59 -29.76
CA ILE C 1003 -18.72 3.48 -30.28
C ILE C 1003 -18.95 2.09 -30.85
N GLY C 1004 -17.98 1.58 -31.61
CA GLY C 1004 -18.12 0.24 -32.16
C GLY C 1004 -18.19 -0.82 -31.09
N LYS C 1005 -17.44 -0.65 -30.00
CA LYS C 1005 -17.42 -1.66 -28.96
C LYS C 1005 -18.73 -1.71 -28.18
N MET C 1006 -19.35 -0.56 -27.93
CA MET C 1006 -20.54 -0.52 -27.09
C MET C 1006 -21.75 -1.21 -27.71
N MET C 1007 -21.69 -1.54 -28.99
CA MET C 1007 -22.88 -2.04 -29.68
C MET C 1007 -23.31 -3.41 -29.20
N ILE C 1008 -22.40 -4.21 -28.63
CA ILE C 1008 -22.80 -5.51 -28.10
C ILE C 1008 -23.74 -5.32 -26.91
N ASP C 1009 -23.36 -4.45 -25.98
CA ASP C 1009 -24.23 -4.12 -24.86
C ASP C 1009 -25.53 -3.51 -25.37
N MET C 1010 -25.44 -2.67 -26.40
CA MET C 1010 -26.66 -2.10 -26.97
C MET C 1010 -27.59 -3.21 -27.47
N MET C 1011 -27.05 -4.21 -28.15
CA MET C 1011 -27.85 -5.31 -28.66
C MET C 1011 -28.50 -6.10 -27.53
N TYR C 1012 -27.74 -6.36 -26.48
CA TYR C 1012 -28.29 -7.12 -25.36
C TYR C 1012 -29.44 -6.35 -24.71
N PHE C 1013 -29.32 -5.03 -24.62
CA PHE C 1013 -30.45 -4.20 -24.18
C PHE C 1013 -31.62 -4.30 -25.16
N VAL C 1014 -31.31 -4.28 -26.46
CA VAL C 1014 -32.35 -4.25 -27.49
C VAL C 1014 -33.21 -5.49 -27.41
N ILE C 1015 -32.62 -6.64 -27.12
CA ILE C 1015 -33.41 -7.88 -27.10
C ILE C 1015 -34.52 -7.78 -26.06
N ILE C 1016 -34.17 -7.37 -24.84
CA ILE C 1016 -35.15 -7.28 -23.77
C ILE C 1016 -36.19 -6.20 -24.09
N MET C 1017 -35.73 -5.06 -24.61
CA MET C 1017 -36.67 -4.01 -24.97
C MET C 1017 -37.66 -4.51 -26.02
N LEU C 1018 -37.17 -5.30 -26.98
CA LEU C 1018 -38.03 -5.87 -28.00
C LEU C 1018 -39.07 -6.80 -27.40
N VAL C 1019 -38.66 -7.64 -26.46
CA VAL C 1019 -39.60 -8.55 -25.82
C VAL C 1019 -40.72 -7.75 -25.16
N VAL C 1020 -40.35 -6.75 -24.36
CA VAL C 1020 -41.35 -5.98 -23.63
C VAL C 1020 -42.29 -5.26 -24.60
N LEU C 1021 -41.72 -4.64 -25.63
CA LEU C 1021 -42.52 -3.92 -26.61
C LEU C 1021 -43.49 -4.85 -27.32
N MET C 1022 -43.03 -6.03 -27.72
CA MET C 1022 -43.92 -6.98 -28.35
C MET C 1022 -45.07 -7.36 -27.44
N SER C 1023 -44.78 -7.63 -26.17
CA SER C 1023 -45.84 -8.01 -25.24
C SER C 1023 -46.89 -6.91 -25.14
N PHE C 1024 -46.43 -5.67 -24.94
CA PHE C 1024 -47.39 -4.58 -24.78
C PHE C 1024 -48.21 -4.36 -26.04
N GLY C 1025 -47.56 -4.39 -27.20
CA GLY C 1025 -48.29 -4.17 -28.44
C GLY C 1025 -49.33 -5.23 -28.70
N VAL C 1026 -48.96 -6.50 -28.48
CA VAL C 1026 -49.92 -7.59 -28.68
C VAL C 1026 -51.09 -7.44 -27.74
N ALA C 1027 -50.82 -7.10 -26.47
CA ALA C 1027 -51.91 -6.95 -25.51
C ALA C 1027 -52.85 -5.83 -25.96
N ARG C 1028 -52.29 -4.68 -26.34
CA ARG C 1028 -53.13 -3.56 -26.75
C ARG C 1028 -53.97 -3.93 -27.97
N GLN C 1029 -53.35 -4.56 -28.97
CA GLN C 1029 -54.08 -4.92 -30.17
C GLN C 1029 -55.19 -5.92 -29.87
N ALA C 1030 -54.93 -6.87 -28.99
CA ALA C 1030 -55.92 -7.90 -28.72
C ALA C 1030 -57.09 -7.35 -27.91
N ILE C 1031 -56.82 -6.46 -26.96
CA ILE C 1031 -57.90 -5.95 -26.11
C ILE C 1031 -58.95 -5.25 -26.96
N LEU C 1032 -58.51 -4.43 -27.92
CA LEU C 1032 -59.41 -3.78 -28.85
C LEU C 1032 -59.47 -4.59 -30.15
N PHE C 1033 -60.29 -4.13 -31.08
CA PHE C 1033 -60.46 -4.77 -32.38
C PHE C 1033 -60.74 -6.26 -32.23
N PRO C 1034 -61.82 -6.64 -31.53
CA PRO C 1034 -62.12 -8.08 -31.40
C PRO C 1034 -62.43 -8.75 -32.72
N ASN C 1035 -63.29 -8.14 -33.54
CA ASN C 1035 -63.69 -8.70 -34.82
C ASN C 1035 -62.84 -8.07 -35.92
N GLU C 1036 -61.63 -8.61 -36.06
CA GLU C 1036 -60.68 -8.14 -37.07
C GLU C 1036 -60.13 -9.34 -37.82
N GLU C 1037 -60.14 -9.26 -39.14
CA GLU C 1037 -59.57 -10.31 -39.96
C GLU C 1037 -58.05 -10.29 -39.86
N PRO C 1038 -57.39 -11.42 -40.07
CA PRO C 1038 -55.93 -11.48 -39.87
C PRO C 1038 -55.15 -10.49 -40.72
N SER C 1039 -55.29 -10.58 -42.03
CA SER C 1039 -54.59 -9.70 -42.97
C SER C 1039 -53.11 -9.66 -42.59
N TRP C 1040 -52.45 -8.52 -42.78
CA TRP C 1040 -51.05 -8.35 -42.43
C TRP C 1040 -50.78 -7.12 -41.57
N LYS C 1041 -51.75 -6.23 -41.39
CA LYS C 1041 -51.51 -4.99 -40.66
C LYS C 1041 -51.23 -5.23 -39.19
N LEU C 1042 -51.62 -6.38 -38.64
CA LEU C 1042 -51.46 -6.62 -37.21
C LEU C 1042 -49.99 -6.62 -36.81
N ALA C 1043 -49.15 -7.25 -37.63
CA ALA C 1043 -47.72 -7.32 -37.32
C ALA C 1043 -47.13 -5.93 -37.23
N LYS C 1044 -47.50 -5.05 -38.15
CA LYS C 1044 -47.06 -3.66 -38.05
C LYS C 1044 -47.60 -3.01 -36.79
N ASN C 1045 -48.91 -3.09 -36.59
CA ASN C 1045 -49.55 -2.39 -35.47
C ASN C 1045 -48.90 -2.74 -34.15
N ILE C 1046 -48.45 -3.99 -34.00
CA ILE C 1046 -47.83 -4.38 -32.73
C ILE C 1046 -46.61 -3.52 -32.44
N PHE C 1047 -45.74 -3.35 -33.44
CA PHE C 1047 -44.47 -2.67 -33.22
C PHE C 1047 -44.61 -1.15 -33.33
N TYR C 1048 -45.53 -0.67 -34.15
CA TYR C 1048 -45.55 0.72 -34.55
C TYR C 1048 -45.65 1.67 -33.36
N MET C 1049 -46.79 1.66 -32.66
CA MET C 1049 -47.04 2.67 -31.64
C MET C 1049 -46.06 2.56 -30.47
N PRO C 1050 -45.84 1.40 -29.86
CA PRO C 1050 -45.01 1.37 -28.66
C PRO C 1050 -43.60 1.87 -28.85
N TYR C 1051 -43.03 1.67 -30.05
CA TYR C 1051 -41.64 2.03 -30.26
C TYR C 1051 -41.43 3.54 -30.09
N TRP C 1052 -42.37 4.34 -30.57
CA TRP C 1052 -42.23 5.78 -30.49
C TRP C 1052 -42.43 6.30 -29.07
N MET C 1053 -43.09 5.53 -28.21
CA MET C 1053 -43.29 5.98 -26.83
C MET C 1053 -41.98 6.16 -26.08
N ILE C 1054 -40.92 5.47 -26.53
CA ILE C 1054 -39.63 5.60 -25.86
C ILE C 1054 -39.07 7.00 -26.03
N TYR C 1055 -39.52 7.74 -27.05
CA TYR C 1055 -38.91 9.01 -27.44
C TYR C 1055 -39.82 10.20 -27.20
N GLY C 1056 -40.82 10.07 -26.33
CA GLY C 1056 -41.60 11.21 -25.87
C GLY C 1056 -42.96 11.39 -26.50
N GLU C 1057 -43.43 10.44 -27.32
CA GLU C 1057 -44.74 10.52 -27.94
C GLU C 1057 -45.66 9.49 -27.28
N VAL C 1058 -46.75 9.95 -26.70
CA VAL C 1058 -47.67 9.11 -25.94
C VAL C 1058 -49.03 9.00 -26.59
N PHE C 1059 -49.27 9.70 -27.68
CA PHE C 1059 -50.56 9.64 -28.38
C PHE C 1059 -51.71 9.95 -27.44
N ALA C 1060 -51.65 11.15 -26.85
CA ALA C 1060 -52.63 11.53 -25.84
C ALA C 1060 -54.06 11.47 -26.38
N ASP C 1061 -54.22 11.64 -27.69
CA ASP C 1061 -55.56 11.63 -28.27
C ASP C 1061 -56.24 10.29 -28.08
N GLN C 1062 -55.50 9.19 -28.25
CA GLN C 1062 -56.07 7.85 -28.29
C GLN C 1062 -55.49 6.97 -27.20
N ILE C 1063 -55.41 7.49 -25.98
CA ILE C 1063 -55.05 6.67 -24.82
C ILE C 1063 -56.31 6.05 -24.26
N ASP C 1064 -57.23 6.89 -23.79
CA ASP C 1064 -58.52 6.45 -23.26
C ASP C 1064 -59.60 7.28 -23.94
N PRO C 1065 -60.02 6.88 -25.14
CA PRO C 1065 -61.01 7.68 -25.86
C PRO C 1065 -62.32 7.71 -25.10
N PRO C 1066 -63.10 8.78 -25.24
CA PRO C 1066 -64.37 8.86 -24.49
C PRO C 1066 -65.32 7.72 -24.80
N CYS C 1067 -65.31 7.21 -26.03
CA CYS C 1067 -66.17 6.10 -26.48
C CYS C 1067 -67.59 6.38 -26.00
N GLY C 1068 -68.25 5.44 -25.30
CA GLY C 1068 -69.63 5.61 -24.94
C GLY C 1068 -69.92 6.88 -24.16
N GLN C 1069 -70.51 7.86 -24.83
CA GLN C 1069 -70.88 9.12 -24.21
C GLN C 1069 -71.61 9.96 -25.25
N ASN C 1070 -72.15 11.09 -24.81
CA ASN C 1070 -72.79 12.06 -25.69
C ASN C 1070 -71.80 13.18 -25.98
N GLU C 1071 -71.53 13.42 -27.27
CA GLU C 1071 -70.54 14.41 -27.70
C GLU C 1071 -71.21 15.32 -28.73
N THR C 1072 -71.84 16.39 -28.24
CA THR C 1072 -72.46 17.35 -29.15
C THR C 1072 -71.42 18.12 -29.95
N ARG C 1073 -70.26 18.38 -29.36
CA ARG C 1073 -69.19 19.13 -30.03
C ARG C 1073 -69.74 20.54 -30.33
N GLU C 1074 -69.41 21.11 -31.48
CA GLU C 1074 -69.90 22.43 -31.84
C GLU C 1074 -70.09 22.51 -33.35
N ASP C 1075 -71.01 23.37 -33.77
CA ASP C 1075 -71.30 23.55 -35.20
C ASP C 1075 -71.65 22.22 -35.85
N GLY C 1076 -72.41 21.40 -35.15
CA GLY C 1076 -72.81 20.10 -35.67
C GLY C 1076 -73.87 19.48 -34.80
N LYS C 1077 -74.59 18.53 -35.40
CA LYS C 1077 -75.64 17.82 -34.68
C LYS C 1077 -75.04 16.86 -33.67
N THR C 1078 -75.84 16.52 -32.65
CA THR C 1078 -75.39 15.60 -31.62
C THR C 1078 -75.07 14.24 -32.24
N ILE C 1079 -73.97 13.64 -31.78
CA ILE C 1079 -73.51 12.35 -32.28
C ILE C 1079 -73.35 11.41 -31.08
N GLN C 1080 -73.89 10.21 -31.20
CA GLN C 1080 -73.79 9.19 -30.16
C GLN C 1080 -72.64 8.25 -30.50
N LEU C 1081 -71.65 8.16 -29.61
CA LEU C 1081 -70.48 7.35 -29.85
C LEU C 1081 -70.74 5.89 -29.48
N PRO C 1082 -69.91 4.98 -29.96
CA PRO C 1082 -70.09 3.57 -29.60
C PRO C 1082 -69.97 3.38 -28.11
N PRO C 1083 -70.67 2.40 -27.53
CA PRO C 1083 -70.70 2.19 -26.08
C PRO C 1083 -69.45 1.50 -25.54
N CYS C 1084 -68.28 2.01 -25.92
CA CYS C 1084 -67.00 1.49 -25.45
C CYS C 1084 -66.97 -0.02 -25.71
N LYS C 1085 -66.21 -0.75 -24.90
CA LYS C 1085 -66.10 -2.19 -25.00
C LYS C 1085 -65.68 -2.74 -23.66
N THR C 1086 -65.74 -4.06 -23.52
CA THR C 1086 -65.41 -4.71 -22.26
C THR C 1086 -63.89 -4.71 -22.05
N GLY C 1087 -63.49 -4.37 -20.83
CA GLY C 1087 -62.07 -4.37 -20.50
C GLY C 1087 -61.25 -3.34 -21.25
N ALA C 1088 -61.82 -2.19 -21.56
CA ALA C 1088 -61.08 -1.11 -22.17
C ALA C 1088 -60.35 -0.23 -21.17
N TRP C 1089 -60.63 -0.42 -19.87
CA TRP C 1089 -59.95 0.33 -18.83
C TRP C 1089 -58.64 -0.30 -18.39
N ILE C 1090 -58.30 -1.45 -18.95
CA ILE C 1090 -57.04 -2.12 -18.60
C ILE C 1090 -55.88 -1.60 -19.46
N VAL C 1091 -56.17 -1.12 -20.67
CA VAL C 1091 -55.10 -0.64 -21.55
C VAL C 1091 -54.35 0.53 -20.92
N PRO C 1092 -54.99 1.55 -20.38
CA PRO C 1092 -54.22 2.65 -19.77
C PRO C 1092 -53.27 2.17 -18.68
N ALA C 1093 -53.77 1.37 -17.75
CA ALA C 1093 -52.92 0.88 -16.66
C ALA C 1093 -51.69 0.19 -17.22
N ILE C 1094 -51.88 -0.74 -18.15
CA ILE C 1094 -50.76 -1.40 -18.79
C ILE C 1094 -49.81 -0.37 -19.39
N MET C 1095 -50.38 0.61 -20.10
CA MET C 1095 -49.57 1.61 -20.76
C MET C 1095 -48.66 2.33 -19.78
N ALA C 1096 -49.03 2.38 -18.50
CA ALA C 1096 -48.15 2.95 -17.50
C ALA C 1096 -46.97 2.04 -17.21
N CYS C 1097 -47.26 0.78 -16.87
CA CYS C 1097 -46.21 -0.13 -16.43
C CYS C 1097 -45.11 -0.24 -17.49
N TYR C 1098 -45.51 -0.42 -18.75
CA TYR C 1098 -44.54 -0.48 -19.83
C TYR C 1098 -43.62 0.73 -19.80
N LEU C 1099 -44.19 1.93 -19.72
CA LEU C 1099 -43.36 3.13 -19.71
C LEU C 1099 -42.47 3.18 -18.49
N LEU C 1100 -42.91 2.59 -17.37
CA LEU C 1100 -42.09 2.56 -16.18
C LEU C 1100 -40.87 1.68 -16.33
N VAL C 1101 -40.90 0.73 -17.28
CA VAL C 1101 -39.85 -0.23 -17.45
C VAL C 1101 -38.91 0.17 -18.58
N ALA C 1102 -39.47 0.48 -19.75
CA ALA C 1102 -38.64 0.77 -20.92
C ALA C 1102 -37.82 2.04 -20.71
N ASN C 1103 -38.41 3.05 -20.08
CA ASN C 1103 -37.79 4.38 -20.05
C ASN C 1103 -36.87 4.59 -18.85
N ILE C 1104 -37.31 4.18 -17.65
CA ILE C 1104 -36.58 4.54 -16.44
C ILE C 1104 -35.71 3.41 -15.89
N LEU C 1105 -35.98 2.17 -16.26
CA LEU C 1105 -35.25 1.03 -15.70
C LEU C 1105 -34.09 0.58 -16.57
N LEU C 1106 -34.37 0.26 -17.83
CA LEU C 1106 -33.36 -0.33 -18.70
C LEU C 1106 -32.34 0.72 -19.15
N VAL C 1107 -32.80 1.93 -19.46
CA VAL C 1107 -31.90 2.94 -20.01
C VAL C 1107 -30.85 3.33 -18.99
N ASN C 1108 -31.25 3.52 -17.74
CA ASN C 1108 -30.30 3.87 -16.70
C ASN C 1108 -29.30 2.74 -16.46
N LEU C 1109 -29.76 1.49 -16.58
CA LEU C 1109 -28.85 0.36 -16.49
C LEU C 1109 -27.82 0.41 -17.61
N LEU C 1110 -28.26 0.75 -18.83
CA LEU C 1110 -27.33 0.88 -19.93
C LEU C 1110 -26.34 2.00 -19.68
N ILE C 1111 -26.80 3.10 -19.10
CA ILE C 1111 -25.90 4.19 -18.75
C ILE C 1111 -24.82 3.72 -17.78
N ALA C 1112 -25.23 2.98 -16.76
CA ALA C 1112 -24.28 2.46 -15.79
C ALA C 1112 -23.28 1.52 -16.45
N VAL C 1113 -23.75 0.68 -17.36
CA VAL C 1113 -22.88 -0.23 -18.09
C VAL C 1113 -21.83 0.56 -18.87
N PHE C 1114 -22.28 1.60 -19.57
CA PHE C 1114 -21.35 2.44 -20.31
C PHE C 1114 -20.31 3.05 -19.38
N ASN C 1115 -20.75 3.57 -18.24
CA ASN C 1115 -19.83 4.19 -17.31
C ASN C 1115 -18.77 3.20 -16.85
N ASN C 1116 -19.18 1.97 -16.54
CA ASN C 1116 -18.21 0.99 -16.07
C ASN C 1116 -17.23 0.59 -17.17
N THR C 1117 -17.73 0.43 -18.40
CA THR C 1117 -16.89 -0.08 -19.49
C THR C 1117 -16.00 1.00 -20.11
N PHE C 1118 -16.28 2.27 -19.83
CA PHE C 1118 -15.64 3.36 -20.56
C PHE C 1118 -14.13 3.33 -20.42
N PHE C 1119 -13.61 3.17 -19.21
CA PHE C 1119 -12.19 3.33 -18.98
C PHE C 1119 -11.39 2.27 -19.72
N GLU C 1120 -11.80 1.01 -19.55
CA GLU C 1120 -11.11 -0.09 -20.22
C GLU C 1120 -11.18 0.07 -21.73
N VAL C 1121 -12.36 0.40 -22.26
CA VAL C 1121 -12.49 0.54 -23.70
C VAL C 1121 -11.62 1.68 -24.19
N LYS C 1122 -11.53 2.76 -23.43
CA LYS C 1122 -10.71 3.90 -23.82
C LYS C 1122 -9.24 3.51 -23.93
N SER C 1123 -8.72 2.83 -22.90
CA SER C 1123 -7.32 2.43 -22.94
C SER C 1123 -7.03 1.51 -24.12
N ILE C 1124 -7.88 0.49 -24.29
CA ILE C 1124 -7.66 -0.46 -25.37
C ILE C 1124 -7.73 0.23 -26.72
N SER C 1125 -8.69 1.14 -26.88
CA SER C 1125 -8.85 1.84 -28.15
C SER C 1125 -7.64 2.70 -28.46
N ASN C 1126 -7.11 3.40 -27.45
CA ASN C 1126 -5.93 4.21 -27.67
C ASN C 1126 -4.77 3.35 -28.16
N GLN C 1127 -4.53 2.23 -27.47
CA GLN C 1127 -3.42 1.37 -27.89
C GLN C 1127 -3.63 0.84 -29.31
N VAL C 1128 -4.86 0.42 -29.61
CA VAL C 1128 -5.12 -0.17 -30.92
C VAL C 1128 -4.95 0.86 -32.03
N TRP C 1129 -5.40 2.10 -31.79
CA TRP C 1129 -5.21 3.12 -32.81
C TRP C 1129 -3.74 3.44 -33.02
N LYS C 1130 -2.97 3.53 -31.93
CA LYS C 1130 -1.54 3.73 -32.07
C LYS C 1130 -0.90 2.58 -32.86
N PHE C 1131 -1.48 1.38 -32.76
CA PHE C 1131 -0.97 0.27 -33.56
C PHE C 1131 -1.35 0.40 -35.02
N GLN C 1132 -2.58 0.84 -35.31
CA GLN C 1132 -3.07 0.93 -36.67
C GLN C 1132 -2.44 2.08 -37.46
N ARG C 1133 -1.85 3.05 -36.75
CA ARG C 1133 -1.19 4.16 -37.43
C ARG C 1133 -0.21 3.69 -38.48
N TYR C 1134 0.58 2.66 -38.16
CA TYR C 1134 1.61 2.19 -39.08
C TYR C 1134 1.00 1.65 -40.36
N GLN C 1135 -0.07 0.86 -40.24
CA GLN C 1135 -0.73 0.33 -41.43
C GLN C 1135 -1.29 1.47 -42.27
N LEU C 1136 -1.90 2.46 -41.63
CA LEU C 1136 -2.40 3.60 -42.37
C LEU C 1136 -1.28 4.28 -43.15
N ILE C 1137 -0.16 4.54 -42.47
CA ILE C 1137 0.92 5.30 -43.09
C ILE C 1137 1.49 4.54 -44.28
N MET C 1138 1.75 3.24 -44.11
CA MET C 1138 2.31 2.47 -45.22
C MET C 1138 1.32 2.37 -46.37
N THR C 1139 0.04 2.16 -46.06
CA THR C 1139 -0.94 2.04 -47.12
C THR C 1139 -0.99 3.31 -47.96
N PHE C 1140 -0.96 4.47 -47.32
CA PHE C 1140 -1.01 5.71 -48.08
C PHE C 1140 0.34 6.07 -48.70
N HIS C 1141 1.44 5.52 -48.19
CA HIS C 1141 2.72 5.71 -48.86
C HIS C 1141 2.78 4.92 -50.16
N GLU C 1142 2.18 3.72 -50.18
CA GLU C 1142 2.25 2.88 -51.37
C GLU C 1142 1.34 3.40 -52.48
N ARG C 1143 0.24 4.06 -52.14
CA ARG C 1143 -0.77 4.38 -53.13
C ARG C 1143 -0.27 5.40 -54.15
N PRO C 1144 -0.86 5.42 -55.33
CA PRO C 1144 -0.47 6.43 -56.34
C PRO C 1144 -0.91 7.82 -55.93
N VAL C 1145 -0.29 8.81 -56.58
CA VAL C 1145 -0.55 10.21 -56.24
C VAL C 1145 -1.95 10.62 -56.68
N LEU C 1146 -2.37 10.24 -57.87
CA LEU C 1146 -3.62 10.75 -58.42
C LEU C 1146 -4.82 10.15 -57.70
N PRO C 1147 -5.78 10.95 -57.27
CA PRO C 1147 -6.96 10.40 -56.59
C PRO C 1147 -7.76 9.48 -57.50
N PRO C 1148 -8.73 8.77 -56.95
CA PRO C 1148 -9.39 7.67 -57.68
C PRO C 1148 -9.97 8.11 -59.02
N PRO C 1149 -10.55 9.31 -59.12
CA PRO C 1149 -11.15 9.70 -60.40
C PRO C 1149 -10.21 9.62 -61.58
N LEU C 1150 -8.90 9.79 -61.36
CA LEU C 1150 -7.92 9.82 -62.45
C LEU C 1150 -6.91 8.69 -62.36
N ILE C 1151 -7.11 7.71 -61.47
CA ILE C 1151 -6.18 6.59 -61.36
C ILE C 1151 -6.21 5.67 -62.56
N ILE C 1152 -7.18 5.86 -63.48
CA ILE C 1152 -7.23 5.02 -64.67
C ILE C 1152 -5.95 5.20 -65.49
N PHE C 1153 -5.45 6.43 -65.56
CA PHE C 1153 -4.19 6.67 -66.27
C PHE C 1153 -3.03 5.95 -65.58
N SER C 1154 -3.00 5.97 -64.25
CA SER C 1154 -1.95 5.28 -63.52
C SER C 1154 -2.01 3.78 -63.76
N HIS C 1155 -3.22 3.21 -63.80
CA HIS C 1155 -3.36 1.79 -64.06
C HIS C 1155 -2.99 1.44 -65.50
N MET C 1156 -3.29 2.34 -66.45
CA MET C 1156 -2.83 2.14 -67.82
C MET C 1156 -1.31 2.13 -67.88
N THR C 1157 -0.67 3.03 -67.13
CA THR C 1157 0.79 3.00 -67.04
C THR C 1157 1.27 1.70 -66.44
N MET C 1158 0.57 1.20 -65.42
CA MET C 1158 0.92 -0.10 -64.85
C MET C 1158 0.86 -1.19 -65.90
N ILE C 1159 -0.17 -1.19 -66.74
CA ILE C 1159 -0.31 -2.15 -67.81
C ILE C 1159 0.90 -2.09 -68.72
N GLY C 1180 12.53 4.04 -49.12
CA GLY C 1180 11.26 3.46 -48.71
C GLY C 1180 11.10 3.40 -47.21
N LEU C 1181 10.47 2.32 -46.73
CA LEU C 1181 10.26 2.16 -45.30
C LEU C 1181 11.58 2.04 -44.56
N LYS C 1182 12.53 1.30 -45.13
CA LYS C 1182 13.80 0.99 -44.48
C LYS C 1182 14.94 1.66 -45.22
N LEU C 1183 15.95 2.10 -44.47
CA LEU C 1183 17.13 2.76 -45.02
C LEU C 1183 18.31 1.80 -44.95
N PHE C 1184 19.04 1.70 -46.05
CA PHE C 1184 20.26 0.89 -46.07
C PHE C 1184 21.39 1.64 -45.39
N ILE C 1185 22.22 0.91 -44.65
CA ILE C 1185 23.29 1.48 -43.85
C ILE C 1185 24.62 0.85 -44.27
N THR C 1186 25.69 1.60 -44.06
CA THR C 1186 27.03 1.15 -44.40
C THR C 1186 27.54 0.17 -43.33
N ASP C 1187 28.63 -0.52 -43.68
CA ASP C 1187 29.17 -1.54 -42.80
C ASP C 1187 29.61 -0.94 -41.46
N ASP C 1188 30.34 0.18 -41.51
CA ASP C 1188 30.80 0.81 -40.30
C ASP C 1188 29.63 1.22 -39.41
N GLU C 1189 28.57 1.76 -40.00
CA GLU C 1189 27.40 2.13 -39.24
C GLU C 1189 26.74 0.89 -38.62
N LEU C 1190 26.74 -0.22 -39.34
CA LEU C 1190 26.17 -1.44 -38.78
C LEU C 1190 26.95 -1.91 -37.56
N LYS C 1191 28.29 -1.88 -37.66
CA LYS C 1191 29.10 -2.26 -36.50
C LYS C 1191 28.88 -1.30 -35.34
N LYS C 1192 28.77 -0.01 -35.62
CA LYS C 1192 28.51 0.97 -34.59
C LYS C 1192 27.17 0.68 -33.90
N VAL C 1193 26.14 0.36 -34.68
CA VAL C 1193 24.83 0.07 -34.11
C VAL C 1193 24.91 -1.18 -33.24
N HIS C 1194 25.63 -2.21 -33.70
CA HIS C 1194 25.79 -3.42 -32.90
C HIS C 1194 26.48 -3.12 -31.58
N ASP C 1195 27.53 -2.30 -31.61
CA ASP C 1195 28.23 -1.94 -30.38
C ASP C 1195 27.30 -1.19 -29.44
N PHE C 1196 26.51 -0.26 -29.98
CA PHE C 1196 25.58 0.49 -29.15
C PHE C 1196 24.56 -0.44 -28.52
N GLU C 1197 24.06 -1.41 -29.28
CA GLU C 1197 23.08 -2.35 -28.74
C GLU C 1197 23.68 -3.18 -27.62
N GLU C 1198 24.91 -3.66 -27.80
CA GLU C 1198 25.56 -4.44 -26.75
C GLU C 1198 25.77 -3.61 -25.50
N GLN C 1199 26.19 -2.35 -25.66
CA GLN C 1199 26.34 -1.46 -24.52
C GLN C 1199 25.00 -1.26 -23.80
N CYS C 1200 23.93 -1.09 -24.57
CA CYS C 1200 22.61 -0.92 -23.97
C CYS C 1200 22.21 -2.17 -23.17
N ILE C 1201 22.49 -3.35 -23.70
CA ILE C 1201 22.18 -4.59 -22.99
C ILE C 1201 22.95 -4.66 -21.68
N GLU C 1202 24.25 -4.33 -21.73
CA GLU C 1202 25.06 -4.38 -20.53
C GLU C 1202 24.53 -3.43 -19.48
N GLU C 1203 24.18 -2.20 -19.90
CA GLU C 1203 23.62 -1.24 -18.95
C GLU C 1203 22.30 -1.74 -18.37
N TYR C 1204 21.46 -2.34 -19.20
CA TYR C 1204 20.18 -2.84 -18.72
C TYR C 1204 20.37 -3.89 -17.65
N PHE C 1205 21.25 -4.86 -17.90
CA PHE C 1205 21.47 -5.92 -16.92
C PHE C 1205 22.08 -5.36 -15.64
N ARG C 1206 23.05 -4.44 -15.76
CA ARG C 1206 23.65 -3.86 -14.56
C ARG C 1206 22.61 -3.13 -13.73
N GLU C 1207 21.75 -2.34 -14.38
CA GLU C 1207 20.72 -1.60 -13.64
C GLU C 1207 19.73 -2.56 -13.00
N LYS C 1208 19.38 -3.64 -13.71
CA LYS C 1208 18.45 -4.62 -13.15
C LYS C 1208 19.03 -5.24 -11.88
N ASP C 1209 20.30 -5.63 -11.94
CA ASP C 1209 20.93 -6.23 -10.76
C ASP C 1209 21.02 -5.23 -9.62
N ASP C 1210 21.38 -3.98 -9.94
CA ASP C 1210 21.48 -2.97 -8.89
C ASP C 1210 20.13 -2.75 -8.21
N ARG C 1211 19.05 -2.68 -8.99
CA ARG C 1211 17.73 -2.52 -8.40
C ARG C 1211 17.37 -3.74 -7.57
N PHE C 1212 17.70 -4.94 -8.04
CA PHE C 1212 17.36 -6.14 -7.29
C PHE C 1212 18.07 -6.18 -5.94
N ASN C 1213 19.37 -5.84 -5.91
CA ASN C 1213 20.13 -5.98 -4.69
C ASN C 1213 19.79 -4.92 -3.65
N SER C 1214 19.11 -3.84 -4.06
CA SER C 1214 18.72 -2.79 -3.13
C SER C 1214 17.32 -2.98 -2.58
N SER C 1215 16.64 -4.05 -2.94
CA SER C 1215 15.30 -4.30 -2.43
C SER C 1215 15.35 -4.62 -0.93
N ASN C 1216 14.31 -4.18 -0.23
CA ASN C 1216 14.26 -4.39 1.21
C ASN C 1216 14.20 -5.87 1.55
N ASP C 1217 13.45 -6.65 0.77
CA ASP C 1217 13.30 -8.07 1.05
C ASP C 1217 14.65 -8.78 1.03
N GLU C 1218 15.46 -8.50 0.01
CA GLU C 1218 16.77 -9.14 -0.08
C GLU C 1218 17.67 -8.73 1.09
N ARG C 1219 17.65 -7.45 1.44
CA ARG C 1219 18.47 -6.98 2.55
C ARG C 1219 18.07 -7.64 3.86
N ILE C 1220 16.76 -7.76 4.09
CA ILE C 1220 16.29 -8.45 5.30
C ILE C 1220 16.73 -9.90 5.28
N ARG C 1221 16.60 -10.56 4.13
CA ARG C 1221 17.01 -11.96 4.04
C ARG C 1221 18.48 -12.13 4.37
N VAL C 1222 19.32 -11.28 3.79
CA VAL C 1222 20.77 -11.37 4.05
C VAL C 1222 21.06 -11.09 5.51
N THR C 1223 20.41 -10.06 6.07
CA THR C 1223 20.65 -9.71 7.46
C THR C 1223 20.30 -10.88 8.39
N SER C 1224 19.16 -11.51 8.16
CA SER C 1224 18.75 -12.61 9.02
C SER C 1224 19.74 -13.77 8.94
N GLU C 1225 20.16 -14.12 7.73
CA GLU C 1225 21.08 -15.24 7.56
C GLU C 1225 22.41 -14.96 8.25
N ARG C 1226 22.95 -13.76 8.04
CA ARG C 1226 24.23 -13.41 8.65
C ARG C 1226 24.12 -13.34 10.17
N VAL C 1227 22.98 -12.87 10.67
CA VAL C 1227 22.78 -12.83 12.12
C VAL C 1227 22.77 -14.24 12.68
N GLU C 1228 22.10 -15.17 11.99
CA GLU C 1228 22.07 -16.55 12.46
C GLU C 1228 23.48 -17.13 12.52
N ASN C 1229 24.27 -16.92 11.47
CA ASN C 1229 25.64 -17.43 11.45
C ASN C 1229 26.46 -16.79 12.57
N MET C 1230 26.30 -15.48 12.77
CA MET C 1230 27.04 -14.81 13.83
C MET C 1230 26.66 -15.37 15.19
N SER C 1231 25.38 -15.66 15.41
CA SER C 1231 24.94 -16.22 16.68
C SER C 1231 25.60 -17.57 16.95
N MET C 1232 25.65 -18.44 15.93
CA MET C 1232 26.30 -19.73 16.12
C MET C 1232 27.79 -19.56 16.41
N ARG C 1233 28.46 -18.68 15.67
CA ARG C 1233 29.88 -18.44 15.92
C ARG C 1233 30.10 -17.88 17.31
N LEU C 1234 29.22 -16.99 17.75
CA LEU C 1234 29.33 -16.44 19.09
C LEU C 1234 29.22 -17.54 20.14
N GLU C 1235 28.28 -18.47 19.95
CA GLU C 1235 28.12 -19.57 20.89
C GLU C 1235 29.36 -20.46 20.91
N GLU C 1236 29.90 -20.78 19.72
CA GLU C 1236 31.09 -21.61 19.66
C GLU C 1236 32.24 -20.96 20.41
N VAL C 1237 32.44 -19.65 20.21
CA VAL C 1237 33.49 -18.95 20.94
C VAL C 1237 33.21 -18.97 22.43
N ASN C 1238 31.95 -18.78 22.82
CA ASN C 1238 31.61 -18.79 24.23
C ASN C 1238 31.91 -20.14 24.88
N GLU C 1239 31.51 -21.23 24.22
CA GLU C 1239 31.85 -22.55 24.73
C GLU C 1239 33.36 -22.75 24.74
N ARG C 1240 34.04 -22.30 23.69
CA ARG C 1240 35.50 -22.37 23.67
C ARG C 1240 36.10 -21.49 24.75
N GLU C 1241 35.53 -20.30 24.97
CA GLU C 1241 36.04 -19.42 26.00
C GLU C 1241 35.89 -20.04 27.38
N HIS C 1242 34.85 -20.86 27.57
CA HIS C 1242 34.69 -21.58 28.83
C HIS C 1242 35.85 -22.53 29.06
N SER C 1243 36.30 -23.22 28.02
CA SER C 1243 37.42 -24.14 28.16
C SER C 1243 38.67 -23.40 28.62
N MET C 1244 38.90 -22.21 28.07
CA MET C 1244 40.07 -21.43 28.43
C MET C 1244 40.11 -21.13 29.92
N LYS C 1245 38.96 -20.82 30.53
CA LYS C 1245 38.91 -20.55 31.96
C LYS C 1245 39.55 -21.68 32.75
N ALA C 1246 39.24 -22.93 32.39
CA ALA C 1246 39.91 -24.07 33.02
C ALA C 1246 41.39 -24.07 32.71
N SER C 1247 41.76 -23.71 31.48
CA SER C 1247 43.17 -23.71 31.09
C SER C 1247 43.96 -22.73 31.95
N LEU C 1248 43.41 -21.54 32.18
CA LEU C 1248 44.07 -20.54 33.00
C LEU C 1248 44.13 -20.99 34.46
N PHE D 71 23.67 53.76 28.88
CA PHE D 71 23.69 53.74 30.33
C PHE D 71 24.87 52.92 30.84
N TYR D 72 25.16 51.81 30.15
CA TYR D 72 26.27 50.96 30.57
C TYR D 72 27.61 51.69 30.46
N LYS D 73 27.78 52.47 29.40
CA LYS D 73 29.05 53.19 29.22
C LYS D 73 29.30 54.16 30.36
N ARG D 74 28.26 54.89 30.78
CA ARG D 74 28.43 55.80 31.91
C ARG D 74 28.62 55.04 33.21
N GLU D 75 27.88 53.93 33.38
CA GLU D 75 27.98 53.18 34.64
C GLU D 75 29.29 52.41 34.72
N CYS D 76 29.75 51.84 33.61
CA CYS D 76 30.96 51.02 33.57
C CYS D 76 32.08 51.80 32.89
N VAL D 77 33.25 51.82 33.53
CA VAL D 77 34.43 52.47 33.00
C VAL D 77 35.52 51.42 32.87
N HIS D 78 36.14 51.34 31.69
CA HIS D 78 37.15 50.35 31.38
C HIS D 78 38.49 51.04 31.18
N ILE D 79 39.52 50.56 31.87
CA ILE D 79 40.85 51.13 31.77
C ILE D 79 41.60 50.49 30.59
N GLN D 134 46.69 54.91 32.88
CA GLN D 134 46.24 54.53 34.22
C GLN D 134 44.79 54.08 34.19
N LEU D 135 43.88 55.04 34.08
CA LEU D 135 42.44 54.78 34.05
C LEU D 135 41.84 55.43 32.82
N SER D 136 40.89 54.73 32.19
CA SER D 136 40.22 55.21 31.00
C SER D 136 38.71 55.09 31.20
N PRO D 137 37.94 56.02 30.65
CA PRO D 137 36.48 55.99 30.84
C PRO D 137 35.74 55.21 29.76
N THR D 138 34.65 54.56 30.18
CA THR D 138 33.74 53.88 29.28
C THR D 138 34.47 53.05 28.23
N ASP D 139 34.12 53.24 26.95
CA ASP D 139 34.75 52.54 25.84
C ASP D 139 34.11 51.18 25.63
N ALA D 140 34.26 50.63 24.42
CA ALA D 140 33.70 49.31 24.07
C ALA D 140 32.18 49.40 24.18
N PHE D 141 31.51 48.39 24.74
CA PHE D 141 30.05 48.37 24.86
C PHE D 141 29.39 48.31 23.47
N GLY D 142 29.86 47.38 22.66
CA GLY D 142 29.29 47.17 21.34
C GLY D 142 29.30 45.71 20.92
N THR D 143 28.14 45.18 20.55
CA THR D 143 28.04 43.79 20.13
C THR D 143 28.63 43.61 18.74
N ILE D 144 29.22 42.43 18.50
CA ILE D 144 29.83 42.08 17.23
C ILE D 144 29.34 40.70 16.83
N GLU D 145 28.95 40.55 15.57
CA GLU D 145 28.51 39.27 15.02
C GLU D 145 29.61 38.68 14.17
N PHE D 146 29.99 37.44 14.49
CA PHE D 146 31.10 36.76 13.80
C PHE D 146 30.56 36.09 12.54
N GLN D 147 30.45 36.89 11.49
CA GLN D 147 29.99 36.39 10.19
C GLN D 147 31.15 35.86 9.36
N GLY D 148 31.92 34.93 9.94
CA GLY D 148 33.05 34.34 9.27
C GLY D 148 32.77 32.95 8.75
N GLY D 149 32.11 32.13 9.56
CA GLY D 149 31.79 30.77 9.21
C GLY D 149 30.38 30.61 8.72
N GLY D 150 29.86 29.39 8.83
CA GLY D 150 28.51 29.12 8.38
C GLY D 150 27.46 29.87 9.17
N HIS D 151 27.65 29.98 10.49
CA HIS D 151 26.71 30.64 11.38
C HIS D 151 27.27 32.00 11.79
N SER D 152 26.45 33.05 11.64
CA SER D 152 26.88 34.37 12.06
C SER D 152 27.15 34.42 13.56
N ASN D 153 26.29 33.79 14.36
CA ASN D 153 26.47 33.71 15.80
C ASN D 153 26.56 35.10 16.43
N LYS D 154 25.48 35.86 16.29
CA LYS D 154 25.41 37.17 16.92
C LYS D 154 25.50 37.03 18.42
N ALA D 155 26.22 37.96 19.06
CA ALA D 155 26.46 37.87 20.49
C ALA D 155 26.70 39.28 21.04
N MET D 156 26.56 39.39 22.36
CA MET D 156 26.85 40.63 23.06
C MET D 156 28.35 40.76 23.29
N TYR D 157 28.78 41.98 23.63
CA TYR D 157 30.20 42.24 23.88
C TYR D 157 30.33 43.51 24.71
N VAL D 158 30.98 43.40 25.86
CA VAL D 158 31.24 44.55 26.72
C VAL D 158 32.62 44.37 27.35
N ARG D 159 33.38 45.46 27.42
CA ARG D 159 34.74 45.46 27.95
C ARG D 159 34.73 46.16 29.31
N VAL D 160 34.61 45.37 30.38
CA VAL D 160 34.63 45.90 31.73
C VAL D 160 36.08 46.08 32.17
N SER D 161 36.29 46.79 33.29
CA SER D 161 37.62 46.98 33.83
C SER D 161 38.05 45.76 34.63
N PHE D 162 39.29 45.80 35.13
CA PHE D 162 39.75 44.72 36.01
C PHE D 162 38.87 44.63 37.25
N ASP D 163 38.55 45.77 37.85
CA ASP D 163 37.59 45.80 38.94
C ASP D 163 36.19 45.69 38.39
N THR D 164 35.38 44.80 38.98
CA THR D 164 34.04 44.51 38.49
C THR D 164 33.02 44.77 39.59
N LYS D 165 31.86 45.29 39.18
CA LYS D 165 30.75 45.50 40.09
C LYS D 165 29.76 44.35 39.92
N PRO D 166 29.60 43.48 40.92
CA PRO D 166 28.70 42.32 40.71
C PRO D 166 27.29 42.73 40.33
N ASP D 167 26.76 43.80 40.95
CA ASP D 167 25.42 44.25 40.62
C ASP D 167 25.32 44.70 39.18
N LEU D 168 26.34 45.41 38.69
CA LEU D 168 26.32 45.89 37.31
C LEU D 168 26.26 44.73 36.33
N LEU D 169 27.14 43.74 36.51
CA LEU D 169 27.14 42.59 35.60
C LEU D 169 25.84 41.81 35.71
N LEU D 170 25.34 41.61 36.92
CA LEU D 170 24.10 40.86 37.11
C LEU D 170 22.95 41.55 36.39
N HIS D 171 22.81 42.86 36.56
CA HIS D 171 21.74 43.60 35.90
C HIS D 171 21.90 43.58 34.40
N LEU D 172 23.14 43.75 33.91
CA LEU D 172 23.37 43.79 32.48
C LEU D 172 23.00 42.45 31.83
N MET D 173 23.40 41.34 32.47
CA MET D 173 23.09 40.03 31.91
C MET D 173 21.59 39.72 32.02
N THR D 174 21.01 39.98 33.19
CA THR D 174 19.62 39.61 33.42
C THR D 174 18.65 40.56 32.71
N LYS D 175 18.92 41.86 32.75
CA LYS D 175 17.98 42.87 32.26
C LYS D 175 18.39 43.44 30.90
N GLU D 176 19.61 43.97 30.80
CA GLU D 176 20.03 44.61 29.56
C GLU D 176 20.02 43.62 28.40
N TRP D 177 20.53 42.41 28.62
CA TRP D 177 20.56 41.38 27.60
C TRP D 177 19.36 40.44 27.66
N GLN D 178 18.48 40.62 28.64
CA GLN D 178 17.25 39.84 28.75
C GLN D 178 17.55 38.34 28.80
N LEU D 179 18.26 37.94 29.85
CA LEU D 179 18.61 36.55 30.09
C LEU D 179 18.04 36.12 31.43
N GLU D 180 17.25 35.04 31.40
CA GLU D 180 16.66 34.53 32.63
C GLU D 180 17.72 33.89 33.52
N LEU D 181 17.52 34.03 34.83
CA LEU D 181 18.46 33.45 35.78
C LEU D 181 18.43 31.92 35.68
N PRO D 182 19.58 31.25 35.52
CA PRO D 182 19.57 29.80 35.38
C PRO D 182 19.52 29.07 36.71
N LYS D 183 18.90 27.89 36.67
CA LYS D 183 18.85 27.04 37.86
C LYS D 183 20.22 26.43 38.18
N LEU D 184 21.13 26.42 37.21
CA LEU D 184 22.46 25.87 37.39
C LEU D 184 23.47 26.84 36.78
N LEU D 185 24.65 26.91 37.38
CA LEU D 185 25.74 27.72 36.87
C LEU D 185 27.02 26.90 36.86
N ILE D 186 27.79 27.02 35.77
CA ILE D 186 29.02 26.27 35.58
C ILE D 186 30.14 27.24 35.28
N SER D 187 31.27 27.08 35.96
CA SER D 187 32.49 27.81 35.67
C SER D 187 33.57 26.81 35.27
N VAL D 188 34.14 27.00 34.08
CA VAL D 188 35.11 26.06 33.51
C VAL D 188 36.45 26.76 33.41
N HIS D 189 37.49 26.09 33.90
CA HIS D 189 38.85 26.61 33.87
C HIS D 189 39.74 25.60 33.15
N GLY D 190 40.54 26.09 32.19
CA GLY D 190 41.43 25.22 31.45
C GLY D 190 42.66 25.97 31.02
N GLY D 191 43.70 25.20 30.68
CA GLY D 191 44.94 25.81 30.25
C GLY D 191 44.81 26.50 28.90
N LEU D 192 45.57 27.59 28.76
CA LEU D 192 45.56 28.33 27.50
C LEU D 192 46.35 27.63 26.40
N GLN D 193 47.20 26.68 26.76
CA GLN D 193 47.98 25.97 25.75
C GLN D 193 47.07 25.14 24.86
N ASN D 194 47.39 25.11 23.57
CA ASN D 194 46.62 24.36 22.58
C ASN D 194 47.25 22.98 22.43
N PHE D 195 46.48 21.94 22.75
CA PHE D 195 46.96 20.56 22.66
C PHE D 195 45.85 19.69 22.07
N GLU D 196 46.27 18.60 21.42
CA GLU D 196 45.32 17.66 20.85
C GLU D 196 44.52 16.99 21.95
N LEU D 197 43.24 16.75 21.68
CA LEU D 197 42.35 16.12 22.63
C LEU D 197 42.15 14.65 22.28
N GLN D 198 42.14 13.79 23.28
CA GLN D 198 41.97 12.37 23.05
C GLN D 198 40.59 12.11 22.42
N PRO D 199 40.50 11.22 21.42
CA PRO D 199 39.19 10.98 20.80
C PRO D 199 38.18 10.37 21.77
N LYS D 200 38.56 9.31 22.46
CA LYS D 200 37.62 8.61 23.33
C LYS D 200 37.11 9.53 24.44
N LEU D 201 38.02 10.27 25.08
CA LEU D 201 37.61 11.19 26.13
C LEU D 201 36.69 12.28 25.59
N LYS D 202 37.08 12.88 24.46
CA LYS D 202 36.33 14.01 23.91
C LYS D 202 34.93 13.58 23.49
N GLN D 203 34.80 12.38 22.91
CA GLN D 203 33.49 11.93 22.45
C GLN D 203 32.47 11.95 23.59
N VAL D 204 32.85 11.39 24.75
CA VAL D 204 31.95 11.41 25.89
C VAL D 204 31.83 12.82 26.46
N PHE D 205 32.93 13.55 26.52
CA PHE D 205 32.94 14.85 27.18
C PHE D 205 31.98 15.82 26.50
N GLY D 206 32.09 15.95 25.18
CA GLY D 206 31.25 16.90 24.47
C GLY D 206 29.78 16.57 24.58
N LYS D 207 29.45 15.29 24.37
CA LYS D 207 28.05 14.87 24.44
C LYS D 207 27.48 15.13 25.83
N GLY D 208 28.23 14.75 26.88
CA GLY D 208 27.74 14.95 28.22
C GLY D 208 27.57 16.42 28.57
N LEU D 209 28.54 17.25 28.19
CA LEU D 209 28.43 18.67 28.45
C LEU D 209 27.22 19.27 27.74
N ILE D 210 27.02 18.91 26.47
CA ILE D 210 25.88 19.45 25.73
C ILE D 210 24.58 19.01 26.37
N LYS D 211 24.47 17.73 26.73
CA LYS D 211 23.24 17.23 27.33
C LYS D 211 22.96 17.92 28.66
N ALA D 212 23.97 18.06 29.51
CA ALA D 212 23.77 18.71 30.79
C ALA D 212 23.36 20.16 30.62
N ALA D 213 24.03 20.88 29.72
CA ALA D 213 23.69 22.29 29.51
C ALA D 213 22.28 22.44 28.98
N MET D 214 21.88 21.59 28.03
CA MET D 214 20.53 21.67 27.48
C MET D 214 19.48 21.36 28.54
N THR D 215 19.70 20.31 29.32
CA THR D 215 18.73 19.93 30.34
C THR D 215 18.60 21.00 31.42
N THR D 216 19.73 21.55 31.87
CA THR D 216 19.70 22.56 32.93
C THR D 216 19.35 23.94 32.41
N GLY D 217 19.55 24.20 31.12
CA GLY D 217 19.33 25.54 30.60
C GLY D 217 20.20 26.54 31.34
N ALA D 218 21.46 26.19 31.52
CA ALA D 218 22.36 26.91 32.41
C ALA D 218 23.41 27.69 31.63
N TRP D 219 23.89 28.77 32.25
CA TRP D 219 24.98 29.55 31.69
C TRP D 219 26.29 28.82 31.92
N ILE D 220 27.20 28.95 30.96
CA ILE D 220 28.52 28.32 31.02
C ILE D 220 29.55 29.43 30.93
N PHE D 221 30.33 29.61 31.99
CA PHE D 221 31.43 30.56 31.98
C PHE D 221 32.65 29.89 31.37
N THR D 222 33.21 30.50 30.33
CA THR D 222 34.38 29.97 29.66
C THR D 222 35.28 31.12 29.24
N GLY D 223 36.53 30.79 28.93
CA GLY D 223 37.44 31.80 28.41
C GLY D 223 36.98 32.29 27.04
N GLY D 224 37.10 33.60 26.84
CA GLY D 224 36.74 34.18 25.56
C GLY D 224 37.77 34.00 24.47
N VAL D 225 38.96 33.50 24.81
CA VAL D 225 40.02 33.28 23.83
C VAL D 225 39.79 31.95 23.13
N ASN D 226 39.82 31.97 21.80
CA ASN D 226 39.64 30.74 21.04
C ASN D 226 40.76 29.75 21.35
N THR D 227 42.00 30.23 21.43
CA THR D 227 43.13 29.34 21.67
C THR D 227 42.98 28.64 23.02
N GLY D 228 43.39 27.39 23.07
CA GLY D 228 43.33 26.61 24.30
C GLY D 228 42.18 25.63 24.31
N VAL D 229 41.88 25.16 25.52
CA VAL D 229 40.81 24.17 25.70
C VAL D 229 39.48 24.74 25.22
N ILE D 230 39.27 26.04 25.44
CA ILE D 230 38.04 26.71 25.03
C ILE D 230 37.72 26.36 23.58
N ARG D 231 38.74 26.38 22.72
CA ARG D 231 38.55 26.03 21.32
C ARG D 231 37.78 24.73 21.15
N HIS D 232 38.30 23.65 21.73
CA HIS D 232 37.62 22.36 21.65
C HIS D 232 36.21 22.47 22.23
N VAL D 233 36.08 23.12 23.38
CA VAL D 233 34.76 23.28 24.01
C VAL D 233 33.80 23.96 23.04
N GLY D 234 34.22 25.09 22.46
CA GLY D 234 33.38 25.78 21.51
C GLY D 234 33.04 24.91 20.31
N ASP D 235 34.03 24.21 19.77
CA ASP D 235 33.78 23.31 18.66
C ASP D 235 32.76 22.25 19.03
N ALA D 236 32.94 21.65 20.22
CA ALA D 236 31.98 20.65 20.70
C ALA D 236 30.59 21.26 20.81
N LEU D 237 30.50 22.45 21.40
CA LEU D 237 29.21 23.15 21.49
C LEU D 237 28.63 23.38 20.11
N LYS D 238 29.48 23.82 19.17
CA LYS D 238 29.02 24.04 17.80
C LYS D 238 28.49 22.75 17.20
N ASP D 239 29.23 21.65 17.36
CA ASP D 239 28.80 20.37 16.82
C ASP D 239 27.53 19.86 17.49
N HIS D 240 27.21 20.38 18.67
CA HIS D 240 26.00 19.99 19.40
C HIS D 240 24.96 21.10 19.43
N ALA D 241 25.19 22.22 18.76
CA ALA D 241 24.25 23.33 18.78
C ALA D 241 23.13 23.11 17.77
N SER D 242 23.48 22.99 16.49
CA SER D 242 22.50 22.84 15.43
C SER D 242 21.73 21.53 15.59
N GLY D 246 19.36 24.50 21.01
CA GLY D 246 19.04 24.80 22.40
C GLY D 246 19.30 26.24 22.78
N LYS D 247 20.12 26.93 21.99
CA LYS D 247 20.46 28.32 22.24
C LYS D 247 21.06 28.50 23.63
N ILE D 248 22.05 27.67 23.95
CA ILE D 248 22.70 27.76 25.26
C ILE D 248 23.30 29.14 25.43
N CYS D 249 22.99 29.78 26.56
CA CYS D 249 23.46 31.14 26.84
C CYS D 249 24.79 31.05 27.57
N THR D 250 25.87 30.94 26.80
CA THR D 250 27.20 30.91 27.36
C THR D 250 27.69 32.32 27.69
N ILE D 251 28.85 32.41 28.33
CA ILE D 251 29.47 33.68 28.69
C ILE D 251 30.97 33.50 28.55
N GLY D 252 31.58 34.22 27.60
CA GLY D 252 33.00 34.17 27.37
C GLY D 252 33.69 35.38 27.94
N ILE D 253 34.61 35.14 28.87
CA ILE D 253 35.38 36.18 29.54
C ILE D 253 36.85 35.97 29.19
N ALA D 254 37.44 36.95 28.52
CA ALA D 254 38.84 36.90 28.13
C ALA D 254 39.43 38.30 28.29
N PRO D 255 40.76 38.39 28.44
CA PRO D 255 41.39 39.71 28.52
C PRO D 255 41.16 40.52 27.25
N TRP D 256 41.01 41.83 27.44
CA TRP D 256 40.83 42.72 26.29
C TRP D 256 42.03 42.69 25.38
N GLY D 257 43.24 42.58 25.95
CA GLY D 257 44.43 42.54 25.13
C GLY D 257 44.48 41.35 24.20
N ILE D 258 43.96 40.21 24.64
CA ILE D 258 43.99 38.99 23.84
C ILE D 258 43.17 39.13 22.56
N VAL D 259 42.27 40.12 22.49
CA VAL D 259 41.44 40.28 21.31
C VAL D 259 42.31 40.52 20.09
N GLU D 260 41.97 39.85 18.99
CA GLU D 260 42.75 39.98 17.76
C GLU D 260 42.77 41.42 17.26
N ASN D 261 41.59 42.03 17.16
CA ASN D 261 41.44 43.42 16.70
C ASN D 261 40.67 44.19 17.75
N GLN D 262 41.39 44.74 18.73
CA GLN D 262 40.74 45.50 19.79
C GLN D 262 40.07 46.75 19.24
N GLU D 263 40.74 47.45 18.32
CA GLU D 263 40.19 48.70 17.78
C GLU D 263 38.95 48.49 16.94
N ASP D 264 38.76 47.29 16.37
CA ASP D 264 37.63 47.05 15.49
C ASP D 264 36.31 47.23 16.22
N LEU D 265 36.21 46.73 17.46
CA LEU D 265 34.96 46.81 18.19
C LEU D 265 34.53 48.26 18.40
N ILE D 266 35.48 49.12 18.80
CA ILE D 266 35.18 50.52 19.03
C ILE D 266 34.08 50.68 20.07
N ASP D 269 28.34 51.55 20.06
CA ASP D 269 27.64 50.27 20.02
C ASP D 269 26.99 50.05 18.66
N VAL D 270 27.54 49.12 17.89
CA VAL D 270 27.03 48.81 16.57
C VAL D 270 27.56 47.44 16.16
N VAL D 271 26.86 46.79 15.23
CA VAL D 271 27.27 45.47 14.77
C VAL D 271 28.62 45.57 14.06
N ARG D 272 29.53 44.68 14.41
CA ARG D 272 30.87 44.65 13.83
C ARG D 272 31.08 43.32 13.10
N PRO D 273 31.60 43.33 11.87
CA PRO D 273 31.81 42.05 11.18
C PRO D 273 32.74 41.11 11.93
N TYR D 274 33.94 41.57 12.26
CA TYR D 274 34.92 40.76 12.99
C TYR D 274 35.14 39.41 12.29
N GLN D 275 35.67 39.50 11.07
CA GLN D 275 35.92 38.29 10.30
C GLN D 275 36.84 37.35 11.06
N THR D 276 36.50 36.06 11.06
CA THR D 276 37.27 35.05 11.78
C THR D 276 38.70 35.02 11.28
N THR D 285 45.10 37.05 18.51
CA THR D 285 44.20 35.96 18.14
C THR D 285 42.75 36.36 18.37
N VAL D 286 41.87 35.96 17.45
CA VAL D 286 40.46 36.32 17.53
C VAL D 286 39.76 35.40 18.51
N LEU D 287 38.68 35.90 19.11
CA LEU D 287 37.92 35.14 20.08
C LEU D 287 36.99 34.16 19.38
N ASN D 288 36.55 33.15 20.12
CA ASN D 288 35.65 32.15 19.58
C ASN D 288 34.30 32.78 19.24
N SER D 289 33.75 32.39 18.09
CA SER D 289 32.46 32.93 17.65
C SER D 289 31.29 32.30 18.38
N MET D 290 31.41 31.03 18.79
CA MET D 290 30.26 30.32 19.35
C MET D 290 29.75 30.99 20.63
N HIS D 291 30.67 31.37 21.51
CA HIS D 291 30.27 31.90 22.81
C HIS D 291 29.50 33.20 22.65
N SER D 292 28.48 33.37 23.47
CA SER D 292 27.65 34.58 23.48
C SER D 292 27.83 35.32 24.81
N HIS D 293 27.32 36.55 24.85
CA HIS D 293 27.36 37.38 26.05
C HIS D 293 28.81 37.56 26.54
N PHE D 294 29.64 38.08 25.64
CA PHE D 294 31.05 38.24 25.94
C PHE D 294 31.29 39.38 26.92
N ILE D 295 32.23 39.17 27.84
CA ILE D 295 32.72 40.19 28.74
C ILE D 295 34.25 40.19 28.66
N LEU D 296 34.85 41.33 28.97
CA LEU D 296 36.30 41.45 28.88
C LEU D 296 36.80 42.36 29.99
N ALA D 297 38.09 42.22 30.30
CA ALA D 297 38.75 42.99 31.34
C ALA D 297 39.77 43.94 30.71
N ASP D 298 39.89 45.14 31.28
CA ASP D 298 40.83 46.14 30.79
C ASP D 298 42.17 45.90 31.47
N ASN D 299 42.98 45.03 30.86
CA ASN D 299 44.29 44.67 31.39
C ASN D 299 45.42 45.52 30.82
N GLY D 300 45.11 46.51 29.99
CA GLY D 300 46.14 47.33 29.38
C GLY D 300 47.04 46.55 28.46
N THR D 301 48.34 46.57 28.73
CA THR D 301 49.29 45.84 27.89
C THR D 301 48.98 44.35 27.91
N THR D 302 49.14 43.71 26.76
CA THR D 302 48.82 42.29 26.61
C THR D 302 49.95 41.42 27.16
N GLU D 308 40.67 40.76 36.34
CA GLU D 308 39.88 39.95 35.43
C GLU D 308 39.43 38.65 36.09
N VAL D 309 40.39 37.79 36.42
CA VAL D 309 40.08 36.52 37.06
C VAL D 309 39.43 36.77 38.42
N LYS D 310 39.99 37.70 39.20
CA LYS D 310 39.41 38.02 40.50
C LYS D 310 38.01 38.58 40.34
N LEU D 311 37.80 39.46 39.36
CA LEU D 311 36.46 40.00 39.13
C LEU D 311 35.49 38.90 38.73
N ARG D 312 35.91 37.97 37.87
CA ARG D 312 35.04 36.88 37.47
C ARG D 312 34.67 36.01 38.67
N ARG D 313 35.65 35.67 39.51
CA ARG D 313 35.37 34.86 40.68
C ARG D 313 34.41 35.58 41.63
N GLN D 314 34.65 36.87 41.88
CA GLN D 314 33.78 37.62 42.77
C GLN D 314 32.36 37.69 42.23
N LEU D 315 32.21 37.95 40.93
CA LEU D 315 30.88 38.01 40.33
C LEU D 315 30.17 36.68 40.42
N GLU D 316 30.89 35.58 40.15
CA GLU D 316 30.28 34.26 40.23
C GLU D 316 29.83 33.96 41.66
N LYS D 317 30.69 34.25 42.64
CA LYS D 317 30.33 33.99 44.03
C LYS D 317 29.12 34.82 44.44
N HIS D 318 29.10 36.10 44.04
CA HIS D 318 27.95 36.95 44.37
C HIS D 318 26.67 36.44 43.73
N ILE D 319 26.75 36.01 42.46
CA ILE D 319 25.57 35.51 41.78
C ILE D 319 25.04 34.25 42.45
N SER D 320 25.96 33.35 42.84
CA SER D 320 25.54 32.11 43.49
C SER D 320 24.74 32.37 44.77
N LEU D 321 24.94 33.52 45.41
CA LEU D 321 24.23 33.84 46.64
C LEU D 321 22.79 34.26 46.40
N GLN D 322 22.40 34.52 45.15
CA GLN D 322 21.04 34.95 44.87
C GLN D 322 20.04 33.86 45.28
N LYS D 323 18.93 34.30 45.87
CA LYS D 323 17.91 33.35 46.31
C LYS D 323 17.26 32.68 45.11
N ILE D 324 16.91 31.40 45.29
CA ILE D 324 16.26 30.64 44.23
C ILE D 324 14.76 30.56 44.48
N GLN D 330 16.75 27.34 47.08
CA GLN D 330 17.32 28.33 47.97
C GLN D 330 18.47 29.09 47.30
N GLY D 331 19.63 28.46 47.23
CA GLY D 331 20.81 29.04 46.60
C GLY D 331 21.13 28.32 45.31
N VAL D 332 21.54 29.09 44.30
CA VAL D 332 21.86 28.53 42.98
C VAL D 332 23.15 27.72 43.10
N PRO D 333 23.14 26.44 42.76
CA PRO D 333 24.37 25.64 42.86
C PRO D 333 25.37 25.99 41.77
N VAL D 334 26.63 25.70 42.05
CA VAL D 334 27.72 25.96 41.11
C VAL D 334 28.62 24.73 41.08
N VAL D 335 29.00 24.31 39.87
CA VAL D 335 29.89 23.18 39.66
C VAL D 335 31.00 23.61 38.72
N ALA D 336 32.22 23.16 39.00
CA ALA D 336 33.39 23.49 38.20
C ALA D 336 33.91 22.23 37.53
N LEU D 337 34.30 22.37 36.26
CA LEU D 337 34.86 21.28 35.48
C LEU D 337 36.26 21.66 35.02
N ILE D 338 37.19 20.71 35.14
CA ILE D 338 38.60 20.95 34.86
C ILE D 338 39.09 19.88 33.90
N VAL D 339 39.69 20.32 32.80
CA VAL D 339 40.22 19.42 31.77
C VAL D 339 41.72 19.65 31.72
N GLU D 340 42.49 18.79 32.39
CA GLU D 340 43.96 18.87 32.41
C GLU D 340 44.34 20.24 32.96
N GLY D 341 45.15 21.03 32.25
CA GLY D 341 45.56 22.33 32.72
C GLY D 341 46.89 22.29 33.47
N GLY D 342 47.45 23.48 33.69
CA GLY D 342 48.71 23.62 34.36
C GLY D 342 48.55 23.70 35.87
N PRO D 343 49.64 23.99 36.58
CA PRO D 343 49.55 24.12 38.04
C PRO D 343 48.61 25.24 38.47
N ASN D 344 48.43 26.25 37.62
CA ASN D 344 47.42 27.27 37.92
C ASN D 344 46.05 26.65 38.11
N VAL D 345 45.74 25.59 37.37
CA VAL D 345 44.47 24.89 37.54
C VAL D 345 44.37 24.30 38.95
N ILE D 346 45.46 23.70 39.43
CA ILE D 346 45.45 23.12 40.77
C ILE D 346 45.29 24.20 41.83
N SER D 347 45.99 25.31 41.66
CA SER D 347 45.83 26.42 42.60
C SER D 347 44.41 26.96 42.57
N ILE D 348 43.79 26.97 41.39
CA ILE D 348 42.40 27.41 41.28
C ILE D 348 41.48 26.43 41.99
N VAL D 349 41.78 25.13 41.91
CA VAL D 349 41.00 24.13 42.64
C VAL D 349 41.06 24.43 44.14
N LEU D 350 42.28 24.65 44.65
CA LEU D 350 42.44 24.93 46.06
C LEU D 350 41.69 26.20 46.45
N GLU D 351 41.82 27.25 45.65
CA GLU D 351 41.16 28.51 45.95
C GLU D 351 39.65 28.37 45.92
N TYR D 352 39.11 27.61 44.96
CA TYR D 352 37.67 27.40 44.88
C TYR D 352 37.16 26.64 46.10
N LEU D 353 37.88 25.60 46.53
CA LEU D 353 37.48 24.88 47.72
C LEU D 353 37.52 25.79 48.94
N ARG D 354 38.57 26.63 49.05
CA ARG D 354 38.70 27.50 50.21
C ARG D 354 37.61 28.58 50.23
N ASP D 355 37.26 29.12 49.06
CA ASP D 355 36.39 30.29 49.02
C ASP D 355 35.02 29.98 49.61
N THR D 356 34.39 28.90 49.17
CA THR D 356 33.07 28.53 49.64
C THR D 356 33.00 27.02 49.84
N PRO D 357 32.27 26.54 50.83
CA PRO D 357 32.11 25.11 51.02
C PRO D 357 31.54 24.44 49.78
N PRO D 358 30.54 25.05 49.13
CA PRO D 358 29.97 24.41 47.90
C PRO D 358 30.75 24.76 46.63
N VAL D 359 31.91 24.12 46.48
CA VAL D 359 32.74 24.30 45.29
C VAL D 359 33.12 22.92 44.76
N PRO D 360 32.16 22.13 44.33
CA PRO D 360 32.50 20.81 43.77
C PRO D 360 33.29 20.92 42.49
N VAL D 361 34.16 19.95 42.26
CA VAL D 361 35.02 19.91 41.09
C VAL D 361 35.03 18.49 40.55
N VAL D 362 34.98 18.36 39.23
CA VAL D 362 34.99 17.07 38.55
C VAL D 362 36.28 16.92 37.79
N VAL D 363 36.97 15.81 38.00
CA VAL D 363 38.22 15.54 37.31
C VAL D 363 37.92 14.95 35.94
N CYS D 364 38.82 15.19 34.99
CA CYS D 364 38.69 14.70 33.63
C CYS D 364 39.86 13.81 33.27
N ASP D 365 39.65 12.94 32.28
CA ASP D 365 40.68 12.01 31.85
C ASP D 365 41.88 12.71 31.21
N GLY D 366 41.75 13.98 30.86
CA GLY D 366 42.84 14.71 30.24
C GLY D 366 44.09 14.72 31.08
N SER D 367 45.23 14.38 30.49
CA SER D 367 46.49 14.33 31.22
C SER D 367 46.94 15.74 31.59
N GLY D 368 47.56 15.85 32.77
CA GLY D 368 48.05 17.12 33.26
C GLY D 368 47.74 17.34 34.72
N ARG D 369 47.30 18.56 35.08
CA ARG D 369 46.92 18.82 36.46
C ARG D 369 45.75 17.94 36.87
N ALA D 370 44.81 17.71 35.97
CA ALA D 370 43.70 16.81 36.26
C ALA D 370 44.22 15.41 36.57
N SER D 371 45.22 14.95 35.83
CA SER D 371 45.80 13.64 36.11
C SER D 371 46.44 13.61 37.49
N ASP D 372 47.13 14.68 37.88
CA ASP D 372 47.74 14.74 39.20
C ASP D 372 46.68 14.69 40.29
N ILE D 373 45.60 15.45 40.12
CA ILE D 373 44.54 15.45 41.13
C ILE D 373 43.86 14.09 41.20
N LEU D 374 43.67 13.43 40.05
CA LEU D 374 43.08 12.11 40.03
C LEU D 374 43.97 11.10 40.75
N ALA D 375 45.28 11.19 40.52
CA ALA D 375 46.21 10.31 41.22
C ALA D 375 46.17 10.56 42.72
N PHE D 376 46.12 11.83 43.13
CA PHE D 376 46.04 12.15 44.55
C PHE D 376 44.76 11.58 45.17
N GLY D 377 43.64 11.72 44.46
CA GLY D 377 42.39 11.17 44.96
C GLY D 377 42.43 9.65 45.06
N HIS D 378 42.99 8.98 44.06
CA HIS D 378 43.12 7.53 44.11
C HIS D 378 43.98 7.10 45.29
N LYS D 379 45.10 7.80 45.51
CA LYS D 379 45.93 7.50 46.67
C LYS D 379 45.22 7.83 47.97
N TYR D 380 44.41 8.89 47.98
CA TYR D 380 43.67 9.33 49.16
C TYR D 380 44.68 9.52 50.30
N SER D 381 44.40 9.04 51.50
CA SER D 381 45.33 9.21 52.62
C SER D 381 44.98 8.27 53.76
N SER D 390 57.42 5.73 48.24
CA SER D 390 56.79 5.16 47.05
C SER D 390 55.88 6.16 46.37
N LEU D 391 54.74 6.45 47.02
CA LEU D 391 53.80 7.42 46.45
C LEU D 391 54.44 8.80 46.36
N ARG D 392 55.15 9.22 47.40
CA ARG D 392 55.81 10.52 47.37
C ARG D 392 56.86 10.59 46.27
N ASP D 393 57.64 9.52 46.10
CA ASP D 393 58.64 9.49 45.03
C ASP D 393 57.96 9.57 43.66
N GLN D 394 56.86 8.84 43.48
CA GLN D 394 56.16 8.89 42.20
C GLN D 394 55.62 10.29 41.94
N LEU D 395 55.06 10.93 42.96
CA LEU D 395 54.56 12.30 42.79
C LEU D 395 55.68 13.26 42.44
N LEU D 396 56.83 13.13 43.10
CA LEU D 396 57.96 14.00 42.80
C LEU D 396 58.45 13.78 41.36
N VAL D 397 58.51 12.52 40.93
CA VAL D 397 58.94 12.22 39.57
C VAL D 397 57.95 12.82 38.57
N THR D 398 56.64 12.69 38.83
CA THR D 398 55.65 13.26 37.93
C THR D 398 55.77 14.77 37.87
N ILE D 399 56.01 15.42 39.00
CA ILE D 399 56.15 16.87 39.05
C ILE D 399 57.39 17.28 38.25
N THR D 408 62.36 21.64 44.32
CA THR D 408 61.50 22.80 44.58
C THR D 408 60.15 22.62 43.91
N GLN D 409 60.15 22.14 42.67
CA GLN D 409 58.89 21.92 41.97
C GLN D 409 58.05 20.87 42.67
N ALA D 410 58.68 19.79 43.14
CA ALA D 410 57.94 18.76 43.86
C ALA D 410 57.34 19.32 45.14
N GLN D 411 58.11 20.12 45.87
CA GLN D 411 57.59 20.71 47.10
C GLN D 411 56.42 21.66 46.81
N HIS D 412 56.54 22.46 45.76
CA HIS D 412 55.46 23.36 45.40
C HIS D 412 54.20 22.59 45.02
N LEU D 413 54.36 21.52 44.24
CA LEU D 413 53.21 20.70 43.88
C LEU D 413 52.58 20.05 45.10
N PHE D 414 53.42 19.54 46.02
CA PHE D 414 52.89 18.89 47.21
C PHE D 414 52.16 19.87 48.11
N ILE D 415 52.55 21.15 48.09
CA ILE D 415 51.92 22.14 48.95
C ILE D 415 50.43 22.24 48.65
N ILE D 416 50.04 22.00 47.40
CA ILE D 416 48.63 22.05 47.00
C ILE D 416 48.07 20.64 46.99
N LEU D 417 48.92 19.65 46.70
CA LEU D 417 48.45 18.27 46.64
C LEU D 417 47.95 17.80 47.99
N MET D 418 48.58 18.25 49.08
CA MET D 418 48.13 17.84 50.42
C MET D 418 46.69 18.28 50.66
N GLU D 419 46.38 19.53 50.32
CA GLU D 419 45.00 20.01 50.48
C GLU D 419 44.06 19.27 49.54
N CYS D 420 44.49 19.04 48.30
CA CYS D 420 43.64 18.37 47.33
C CYS D 420 43.28 16.96 47.79
N MET D 421 44.27 16.21 48.27
CA MET D 421 44.01 14.86 48.75
C MET D 421 43.17 14.88 50.02
N LYS D 422 43.45 15.82 50.93
CA LYS D 422 42.71 15.89 52.18
C LYS D 422 41.23 16.15 51.93
N LYS D 423 40.91 17.07 51.01
CA LYS D 423 39.54 17.41 50.67
C LYS D 423 39.06 16.68 49.42
N LYS D 424 39.65 15.53 49.10
CA LYS D 424 39.25 14.78 47.91
C LYS D 424 37.83 14.26 47.99
N GLU D 425 37.29 14.07 49.20
CA GLU D 425 35.93 13.55 49.33
C GLU D 425 34.92 14.50 48.71
N LEU D 426 35.04 15.80 48.99
CA LEU D 426 34.12 16.77 48.41
C LEU D 426 34.24 16.82 46.89
N ILE D 427 35.47 16.77 46.38
CA ILE D 427 35.71 16.87 44.95
C ILE D 427 35.18 15.61 44.26
N THR D 428 34.43 15.79 43.18
CA THR D 428 33.92 14.67 42.43
C THR D 428 35.05 13.99 41.66
N VAL D 429 34.85 12.72 41.34
CA VAL D 429 35.83 11.90 40.64
C VAL D 429 35.16 11.32 39.39
N PHE D 430 35.85 11.42 38.26
CA PHE D 430 35.35 10.89 36.99
C PHE D 430 36.40 9.98 36.38
N ARG D 431 35.94 8.93 35.71
CA ARG D 431 36.83 7.97 35.08
C ARG D 431 36.06 7.28 33.95
N MET D 432 36.64 6.21 33.41
CA MET D 432 36.03 5.46 32.32
C MET D 432 35.39 4.16 32.77
N GLY D 436 33.63 3.53 35.50
CA GLY D 436 32.30 3.78 36.01
C GLY D 436 31.90 5.23 35.80
N HIS D 437 30.61 5.48 35.96
CA HIS D 437 30.04 6.82 35.79
C HIS D 437 30.38 7.36 34.40
N GLN D 438 30.09 6.56 33.37
CA GLN D 438 30.40 6.96 32.01
C GLN D 438 29.63 8.21 31.61
N ASP D 439 28.36 8.29 31.98
CA ASP D 439 27.54 9.44 31.62
C ASP D 439 28.04 10.68 32.35
N ILE D 440 28.41 11.71 31.59
CA ILE D 440 28.89 12.96 32.19
C ILE D 440 27.74 13.68 32.90
N ASP D 441 26.55 13.65 32.31
CA ASP D 441 25.40 14.31 32.94
C ASP D 441 25.07 13.69 34.28
N LEU D 442 25.10 12.36 34.37
CA LEU D 442 24.86 11.70 35.64
C LEU D 442 25.92 12.07 36.67
N ALA D 443 27.18 12.14 36.23
CA ALA D 443 28.25 12.54 37.14
C ALA D 443 28.02 13.96 37.66
N ILE D 444 27.63 14.87 36.76
CA ILE D 444 27.36 16.25 37.18
C ILE D 444 26.23 16.29 38.19
N LEU D 445 25.15 15.55 37.92
CA LEU D 445 24.00 15.55 38.82
C LEU D 445 24.40 15.03 40.19
N THR D 446 25.12 13.91 40.22
CA THR D 446 25.53 13.33 41.50
C THR D 446 26.46 14.26 42.26
N ALA D 447 27.41 14.89 41.54
CA ALA D 447 28.34 15.79 42.19
C ALA D 447 27.61 17.00 42.78
N LEU D 448 26.67 17.55 42.02
CA LEU D 448 25.89 18.69 42.54
C LEU D 448 25.08 18.28 43.76
N LEU D 449 24.45 17.10 43.72
CA LEU D 449 23.67 16.65 44.86
C LEU D 449 24.55 16.48 46.09
N LYS D 450 25.72 15.87 45.92
CA LYS D 450 26.62 15.67 47.04
C LYS D 450 27.14 17.00 47.58
N GLY D 451 27.51 17.92 46.70
CA GLY D 451 28.06 19.19 47.15
C GLY D 451 27.04 20.05 47.86
N ALA D 452 25.80 20.06 47.36
CA ALA D 452 24.77 20.88 48.00
C ALA D 452 24.54 20.43 49.44
N ASN D 453 24.50 19.13 49.68
CA ASN D 453 24.32 18.58 51.02
C ASN D 453 23.02 19.11 51.65
N ALA D 456 15.50 13.80 51.44
CA ALA D 456 16.23 15.00 51.04
C ALA D 456 15.29 15.99 50.36
N PRO D 457 14.58 16.80 51.15
CA PRO D 457 13.71 17.81 50.55
C PRO D 457 14.45 18.75 49.59
N ASP D 458 15.67 19.15 49.94
CA ASP D 458 16.44 20.03 49.06
C ASP D 458 16.82 19.31 47.77
N GLN D 459 17.27 18.06 47.88
CA GLN D 459 17.65 17.31 46.68
C GLN D 459 16.44 17.09 45.78
N LEU D 460 15.29 16.74 46.37
CA LEU D 460 14.09 16.55 45.58
C LEU D 460 13.67 17.85 44.90
N SER D 461 13.76 18.96 45.63
CA SER D 461 13.41 20.26 45.04
C SER D 461 14.34 20.59 43.87
N LEU D 462 15.63 20.34 44.03
CA LEU D 462 16.57 20.60 42.95
C LEU D 462 16.27 19.72 41.74
N ALA D 463 15.97 18.45 41.97
CA ALA D 463 15.65 17.56 40.86
C ALA D 463 14.39 18.02 40.13
N LEU D 464 13.37 18.44 40.90
CA LEU D 464 12.16 18.95 40.28
C LEU D 464 12.44 20.21 39.47
N ALA D 465 13.28 21.09 40.01
CA ALA D 465 13.65 22.30 39.28
C ALA D 465 14.36 21.97 37.98
N TRP D 466 15.25 20.98 38.01
CA TRP D 466 15.96 20.56 36.81
C TRP D 466 15.07 19.80 35.83
N ASN D 467 13.90 19.35 36.26
CA ASN D 467 12.99 18.60 35.40
C ASN D 467 13.64 17.30 34.93
N ARG D 468 14.15 16.54 35.88
CA ARG D 468 14.84 15.28 35.60
C ARG D 468 14.36 14.24 36.63
N VAL D 469 13.47 13.36 36.20
CA VAL D 469 12.95 12.33 37.09
C VAL D 469 14.00 11.26 37.37
N ASP D 470 14.87 10.97 36.40
CA ASP D 470 15.82 9.88 36.57
C ASP D 470 16.75 10.14 37.75
N ILE D 471 17.27 11.36 37.86
CA ILE D 471 18.20 11.67 38.95
C ILE D 471 17.50 11.55 40.29
N ALA D 472 16.26 12.04 40.38
CA ALA D 472 15.52 11.96 41.63
C ALA D 472 15.27 10.50 42.01
N ARG D 473 14.89 9.67 41.05
CA ARG D 473 14.61 8.27 41.34
C ARG D 473 15.88 7.55 41.78
N SER D 474 16.98 7.76 41.06
CA SER D 474 18.22 7.05 41.39
C SER D 474 18.89 7.66 42.62
N GLN D 475 18.91 8.98 42.72
CA GLN D 475 19.65 9.68 43.77
C GLN D 475 18.75 10.14 44.91
N ILE D 476 17.72 10.92 44.60
CA ILE D 476 16.90 11.50 45.66
C ILE D 476 16.18 10.42 46.46
N PHE D 477 15.86 9.30 45.82
CA PHE D 477 15.12 8.21 46.45
C PHE D 477 16.11 7.12 46.88
N ILE D 478 16.31 6.99 48.18
CA ILE D 478 17.19 5.97 48.76
C ILE D 478 16.56 5.45 50.04
N TYR D 479 16.87 4.20 50.37
CA TYR D 479 16.35 3.61 51.59
C TYR D 479 16.85 4.38 52.80
N GLY D 480 15.98 4.54 53.79
CA GLY D 480 16.32 5.28 54.98
C GLY D 480 16.25 6.78 54.84
N GLN D 481 15.67 7.29 53.76
CA GLN D 481 15.56 8.72 53.58
C GLN D 481 14.76 9.34 54.72
N GLN D 482 15.20 10.50 55.20
CA GLN D 482 14.52 11.14 56.32
C GLN D 482 13.08 11.47 55.98
N TRP D 483 12.87 12.15 54.85
CA TRP D 483 11.53 12.53 54.41
C TRP D 483 10.72 13.14 55.56
N PRO D 484 11.03 14.37 55.96
CA PRO D 484 10.29 15.00 57.06
C PRO D 484 8.80 15.08 56.76
N VAL D 485 8.00 14.91 57.82
CA VAL D 485 6.55 14.91 57.68
C VAL D 485 6.06 16.30 57.32
N GLY D 486 5.25 16.39 56.27
CA GLY D 486 4.58 17.62 55.90
C GLY D 486 5.20 18.34 54.72
N SER D 487 6.51 18.16 54.49
CA SER D 487 7.15 18.82 53.37
C SER D 487 6.83 18.13 52.06
N LEU D 488 6.62 16.82 52.07
CA LEU D 488 6.38 16.08 50.84
C LEU D 488 5.07 16.54 50.20
N GLU D 489 4.04 16.80 51.01
CA GLU D 489 2.78 17.31 50.47
C GLU D 489 2.98 18.68 49.82
N GLN D 490 3.77 19.54 50.45
CA GLN D 490 4.04 20.85 49.86
C GLN D 490 4.78 20.71 48.53
N ALA D 491 5.74 19.77 48.47
CA ALA D 491 6.44 19.52 47.23
C ALA D 491 5.50 18.99 46.16
N MET D 492 4.56 18.13 46.55
CA MET D 492 3.57 17.63 45.61
C MET D 492 2.72 18.76 45.06
N LEU D 493 2.28 19.68 45.93
CA LEU D 493 1.50 20.82 45.47
C LEU D 493 2.32 21.68 44.51
N ASP D 494 3.58 21.93 44.84
CA ASP D 494 4.43 22.74 43.97
C ASP D 494 4.59 22.07 42.61
N ALA D 495 4.75 20.75 42.59
CA ALA D 495 4.85 20.03 41.33
C ALA D 495 3.56 20.16 40.53
N LEU D 496 2.42 20.06 41.21
CA LEU D 496 1.14 20.20 40.52
C LEU D 496 1.02 21.59 39.90
N VAL D 497 1.50 22.62 40.60
CA VAL D 497 1.49 23.96 40.02
C VAL D 497 2.24 23.97 38.69
N LEU D 498 3.38 23.27 38.64
CA LEU D 498 4.13 23.15 37.41
C LEU D 498 3.56 22.04 36.55
N ASP D 499 4.16 21.83 35.37
CA ASP D 499 3.71 20.84 34.42
C ASP D 499 4.60 19.60 34.42
N ARG D 500 5.15 19.23 35.58
CA ARG D 500 6.03 18.07 35.69
C ARG D 500 5.16 16.83 35.95
N VAL D 501 4.52 16.36 34.89
CA VAL D 501 3.60 15.23 35.01
C VAL D 501 4.35 13.99 35.47
N ASP D 502 5.53 13.74 34.90
CA ASP D 502 6.29 12.55 35.27
C ASP D 502 6.70 12.59 36.73
N PHE D 503 6.99 13.78 37.26
CA PHE D 503 7.29 13.89 38.69
C PHE D 503 6.06 13.54 39.53
N VAL D 504 4.88 13.95 39.10
CA VAL D 504 3.66 13.57 39.81
C VAL D 504 3.48 12.07 39.79
N LYS D 505 3.73 11.44 38.63
CA LYS D 505 3.63 10.00 38.54
C LYS D 505 4.61 9.33 39.48
N LEU D 506 5.84 9.83 39.53
CA LEU D 506 6.85 9.26 40.41
C LEU D 506 6.43 9.37 41.87
N LEU D 507 5.92 10.54 42.27
CA LEU D 507 5.47 10.71 43.65
C LEU D 507 4.32 9.77 43.96
N ILE D 508 3.37 9.62 43.03
CA ILE D 508 2.24 8.74 43.25
C ILE D 508 2.72 7.30 43.44
N GLU D 509 3.63 6.86 42.56
CA GLU D 509 4.21 5.53 42.70
C GLU D 509 5.08 5.40 43.94
N ASN D 510 5.54 6.51 44.50
CA ASN D 510 6.37 6.50 45.70
C ASN D 510 5.55 6.49 46.98
N GLY D 511 4.23 6.50 46.89
CA GLY D 511 3.36 6.47 48.05
C GLY D 511 2.65 7.78 48.35
N VAL D 512 2.83 8.80 47.52
CA VAL D 512 2.12 10.06 47.72
C VAL D 512 0.69 9.88 47.23
N SER D 513 -0.27 10.02 48.15
CA SER D 513 -1.67 9.74 47.86
C SER D 513 -2.45 11.04 47.78
N MET D 514 -3.16 11.23 46.66
CA MET D 514 -4.04 12.38 46.52
C MET D 514 -5.28 12.25 47.39
N HIS D 515 -5.63 11.02 47.78
CA HIS D 515 -6.88 10.80 48.48
C HIS D 515 -6.99 11.66 49.74
N ARG D 516 -5.91 11.74 50.51
CA ARG D 516 -5.89 12.53 51.74
C ARG D 516 -5.22 13.88 51.58
N PHE D 517 -4.34 14.03 50.58
CA PHE D 517 -3.60 15.28 50.44
C PHE D 517 -4.51 16.43 50.06
N LEU D 518 -5.41 16.21 49.10
CA LEU D 518 -6.19 17.32 48.54
C LEU D 518 -7.12 17.92 49.59
N THR D 519 -7.19 19.24 49.60
CA THR D 519 -8.06 19.97 50.51
C THR D 519 -8.63 21.17 49.75
N ILE D 520 -9.70 21.73 50.32
CA ILE D 520 -10.40 22.83 49.65
C ILE D 520 -9.44 23.99 49.39
N SER D 521 -8.65 24.35 50.40
CA SER D 521 -7.72 25.47 50.25
C SER D 521 -6.68 25.16 49.18
N ARG D 522 -6.19 23.93 49.14
CA ARG D 522 -5.20 23.57 48.13
C ARG D 522 -5.79 23.71 46.73
N LEU D 523 -7.02 23.25 46.53
CA LEU D 523 -7.65 23.37 45.23
C LEU D 523 -7.89 24.83 44.85
N GLU D 524 -8.29 25.65 45.82
CA GLU D 524 -8.48 27.06 45.56
C GLU D 524 -7.16 27.71 45.14
N GLU D 525 -6.08 27.38 45.84
CA GLU D 525 -4.77 27.93 45.47
C GLU D 525 -4.36 27.47 44.08
N LEU D 526 -4.60 26.20 43.76
CA LEU D 526 -4.28 25.71 42.43
C LEU D 526 -5.04 26.47 41.36
N TYR D 527 -6.33 26.72 41.60
CA TYR D 527 -7.12 27.45 40.61
C TYR D 527 -6.66 28.89 40.47
N ASN D 528 -6.34 29.54 41.60
CA ASN D 528 -6.00 30.96 41.56
C ASN D 528 -4.57 31.24 41.12
N THR D 529 -3.67 30.26 41.26
CA THR D 529 -2.27 30.50 40.94
C THR D 529 -2.11 30.82 39.46
N ARG D 530 -1.28 31.82 39.17
CA ARG D 530 -1.00 32.22 37.79
C ARG D 530 0.26 31.58 37.22
N HIS D 531 0.99 30.82 38.02
CA HIS D 531 2.19 30.17 37.53
C HIS D 531 1.86 29.07 36.54
N GLY D 532 2.76 28.86 35.57
CA GLY D 532 2.58 27.85 34.57
C GLY D 532 1.99 28.39 33.28
N PRO D 533 1.59 27.49 32.38
CA PRO D 533 1.03 27.94 31.11
C PRO D 533 -0.22 28.80 31.30
N SER D 534 -0.39 29.76 30.39
CA SER D 534 -1.50 30.69 30.49
C SER D 534 -2.83 30.00 30.24
N ASN D 535 -3.89 30.56 30.82
CA ASN D 535 -5.24 30.04 30.66
C ASN D 535 -6.20 31.20 30.47
N THR D 536 -7.36 30.91 29.87
CA THR D 536 -8.37 31.90 29.58
C THR D 536 -9.53 31.87 30.56
N LEU D 537 -9.34 31.27 31.73
CA LEU D 537 -10.42 31.15 32.70
C LEU D 537 -10.86 32.52 33.21
N TYR D 538 -9.91 33.44 33.40
CA TYR D 538 -10.24 34.75 33.93
C TYR D 538 -11.22 35.48 33.02
N HIS D 539 -11.03 35.36 31.70
CA HIS D 539 -11.95 35.99 30.75
C HIS D 539 -13.35 35.42 30.92
N LEU D 540 -13.46 34.11 31.06
CA LEU D 540 -14.76 33.48 31.22
C LEU D 540 -15.43 33.92 32.51
N VAL D 541 -14.65 34.03 33.60
CA VAL D 541 -15.22 34.47 34.87
C VAL D 541 -15.75 35.89 34.73
N ARG D 542 -14.96 36.78 34.12
CA ARG D 542 -15.39 38.15 33.94
C ARG D 542 -16.67 38.21 33.11
N ASP D 543 -16.75 37.39 32.07
CA ASP D 543 -17.96 37.35 31.26
C ASP D 543 -19.16 36.83 32.08
N VAL D 544 -18.94 35.81 32.90
CA VAL D 544 -20.04 35.17 33.61
C VAL D 544 -20.64 36.11 34.64
N LYS D 545 -19.80 36.73 35.47
CA LYS D 545 -20.34 37.50 36.58
C LYS D 545 -21.13 38.72 36.08
N LYS D 546 -20.73 39.30 34.96
CA LYS D 546 -21.43 40.43 34.36
C LYS D 546 -21.49 41.63 35.31
N GLY D 547 -20.52 41.71 36.21
CA GLY D 547 -20.45 42.82 37.15
C GLY D 547 -19.00 43.21 37.38
N ASN D 548 -18.82 44.47 37.78
CA ASN D 548 -17.48 44.97 38.04
C ASN D 548 -16.80 44.10 39.09
N LEU D 549 -15.56 43.70 38.83
CA LEU D 549 -14.82 42.82 39.70
C LEU D 549 -13.46 43.43 40.02
N PRO D 550 -12.90 43.11 41.19
CA PRO D 550 -11.59 43.65 41.52
C PRO D 550 -10.52 43.11 40.58
N PRO D 551 -9.46 43.87 40.34
CA PRO D 551 -8.37 43.35 39.49
C PRO D 551 -7.66 42.20 40.18
N ASP D 552 -7.50 41.10 39.46
CA ASP D 552 -6.87 39.89 40.00
C ASP D 552 -7.60 39.43 41.26
N TYR D 553 -8.93 39.56 41.26
CA TYR D 553 -9.72 39.16 42.40
C TYR D 553 -9.64 37.66 42.61
N ARG D 554 -9.73 37.25 43.88
CA ARG D 554 -9.67 35.84 44.21
C ARG D 554 -10.82 35.09 43.54
N ILE D 555 -10.51 33.96 42.93
CA ILE D 555 -11.49 33.14 42.24
C ILE D 555 -11.93 32.02 43.17
N SER D 556 -13.22 31.98 43.47
CA SER D 556 -13.78 30.98 44.38
C SER D 556 -14.43 29.84 43.59
N LEU D 557 -14.86 28.82 44.32
CA LEU D 557 -15.44 27.64 43.70
C LEU D 557 -16.87 27.86 43.22
N ILE D 558 -17.61 28.77 43.84
CA ILE D 558 -18.93 29.12 43.31
C ILE D 558 -18.81 29.71 41.91
N ASP D 559 -17.81 30.57 41.71
CA ASP D 559 -17.62 31.16 40.39
C ASP D 559 -17.26 30.11 39.34
N ILE D 560 -16.36 29.18 39.69
CA ILE D 560 -16.00 28.15 38.73
C ILE D 560 -17.19 27.24 38.45
N GLY D 561 -18.02 26.98 39.46
CA GLY D 561 -19.25 26.24 39.21
C GLY D 561 -20.16 26.97 38.25
N LEU D 562 -20.28 28.28 38.40
CA LEU D 562 -21.10 29.06 37.47
C LEU D 562 -20.54 28.98 36.06
N VAL D 563 -19.22 29.06 35.92
CA VAL D 563 -18.61 28.97 34.59
C VAL D 563 -18.85 27.60 33.98
N ILE D 564 -18.75 26.56 34.80
CA ILE D 564 -19.02 25.20 34.32
C ILE D 564 -20.46 25.08 33.85
N GLU D 565 -21.40 25.68 34.59
CA GLU D 565 -22.79 25.68 34.16
C GLU D 565 -22.93 26.39 32.82
N TYR D 566 -22.27 27.54 32.66
CA TYR D 566 -22.38 28.29 31.42
C TYR D 566 -21.88 27.46 30.24
N LEU D 567 -20.73 26.80 30.39
CA LEU D 567 -20.14 26.09 29.26
C LEU D 567 -20.84 24.77 28.98
N MET D 568 -21.24 24.05 30.03
CA MET D 568 -21.77 22.70 29.84
C MET D 568 -23.05 22.72 29.03
N GLY D 569 -23.95 23.65 29.33
CA GLY D 569 -25.19 23.82 28.60
C GLY D 569 -26.36 23.93 29.55
N GLY D 570 -27.56 23.80 28.98
CA GLY D 570 -28.77 23.95 29.77
C GLY D 570 -28.92 22.82 30.78
N ALA D 571 -29.58 23.15 31.88
CA ALA D 571 -29.84 22.18 32.94
C ALA D 571 -28.48 21.73 33.49
N TYR D 572 -28.41 20.53 34.06
CA TYR D 572 -27.16 19.98 34.59
C TYR D 572 -26.55 20.93 35.61
N ARG D 573 -27.27 21.09 36.72
CA ARG D 573 -26.80 21.96 37.79
C ARG D 573 -25.44 21.49 38.30
N CYS D 574 -24.55 22.44 38.56
CA CYS D 574 -23.20 22.11 38.98
C CYS D 574 -23.19 21.63 40.42
N ASN D 575 -22.31 20.67 40.72
CA ASN D 575 -22.18 20.16 42.08
C ASN D 575 -21.67 21.24 43.02
N TYR D 576 -20.83 22.15 42.52
CA TYR D 576 -20.33 23.23 43.36
C TYR D 576 -21.46 24.14 43.82
N THR D 577 -22.36 24.50 42.90
CA THR D 577 -23.51 25.35 43.24
C THR D 577 -24.62 24.44 43.76
N ARG D 578 -24.40 23.92 44.96
CA ARG D 578 -25.38 23.10 45.66
C ARG D 578 -25.47 23.56 47.11
N LYS D 579 -26.63 23.29 47.73
CA LYS D 579 -26.89 23.79 49.07
C LYS D 579 -25.95 23.16 50.09
N ARG D 580 -25.74 21.84 50.01
CA ARG D 580 -24.91 21.17 50.99
C ARG D 580 -23.44 21.58 50.84
N PHE D 581 -22.95 21.65 49.60
CA PHE D 581 -21.59 22.14 49.41
C PHE D 581 -21.48 23.59 49.86
N ARG D 582 -22.52 24.40 49.62
CA ARG D 582 -22.47 25.79 50.06
C ARG D 582 -22.39 25.86 51.58
N THR D 583 -23.15 25.01 52.28
CA THR D 583 -23.04 24.96 53.73
C THR D 583 -21.63 24.55 54.16
N LEU D 584 -21.06 23.53 53.51
CA LEU D 584 -19.71 23.12 53.85
C LEU D 584 -18.71 24.24 53.62
N TYR D 585 -18.84 24.95 52.50
CA TYR D 585 -17.90 26.02 52.15
C TYR D 585 -18.00 27.17 53.14
N HIS D 586 -19.21 27.53 53.53
CA HIS D 586 -19.40 28.58 54.53
C HIS D 586 -18.80 28.18 55.87
N ASN D 587 -18.98 26.92 56.27
CA ASN D 587 -18.45 26.49 57.57
C ASN D 587 -16.92 26.44 57.54
N LEU D 588 -16.33 25.89 56.49
CA LEU D 588 -14.87 25.77 56.43
C LEU D 588 -14.21 27.14 56.40
N PHE D 589 -14.67 28.02 55.52
CA PHE D 589 -14.12 29.37 55.42
C PHE D 589 -15.10 30.39 55.98
N ILE D 631 -14.39 15.43 55.41
CA ILE D 631 -13.64 16.42 56.16
C ILE D 631 -12.77 17.24 55.22
N ASN D 632 -13.43 17.98 54.32
CA ASN D 632 -12.77 18.86 53.36
C ASN D 632 -11.91 18.08 52.38
N HIS D 633 -12.13 16.78 52.26
CA HIS D 633 -11.46 15.94 51.26
C HIS D 633 -12.51 15.28 50.39
N PHE D 634 -12.40 15.47 49.09
CA PHE D 634 -13.43 15.00 48.17
C PHE D 634 -13.37 13.48 48.05
N PRO D 635 -14.53 12.81 47.99
CA PRO D 635 -14.52 11.34 47.81
C PRO D 635 -13.91 10.90 46.49
N PHE D 636 -13.99 11.72 45.45
CA PHE D 636 -13.50 11.38 44.12
C PHE D 636 -12.58 12.51 43.65
N PRO D 637 -11.41 12.64 44.26
CA PRO D 637 -10.52 13.76 43.89
C PRO D 637 -10.12 13.77 42.43
N PHE D 638 -10.06 12.59 41.81
CA PHE D 638 -9.65 12.52 40.41
C PHE D 638 -10.58 13.33 39.52
N HIS D 639 -11.88 13.34 39.84
CA HIS D 639 -12.82 14.09 39.03
C HIS D 639 -12.50 15.59 39.06
N GLU D 640 -12.32 16.14 40.26
CA GLU D 640 -12.02 17.56 40.37
C GLU D 640 -10.67 17.90 39.75
N LEU D 641 -9.67 17.03 39.93
CA LEU D 641 -8.37 17.27 39.34
C LEU D 641 -8.43 17.25 37.81
N MET D 642 -9.19 16.31 37.25
CA MET D 642 -9.40 16.28 35.81
C MET D 642 -10.08 17.56 35.33
N VAL D 643 -11.11 17.99 36.06
CA VAL D 643 -11.82 19.22 35.68
C VAL D 643 -10.86 20.40 35.68
N TRP D 644 -10.06 20.52 36.74
CA TRP D 644 -9.11 21.62 36.82
C TRP D 644 -8.09 21.57 35.69
N ALA D 645 -7.56 20.37 35.41
CA ALA D 645 -6.56 20.25 34.37
C ALA D 645 -7.12 20.64 33.00
N VAL D 646 -8.33 20.19 32.70
CA VAL D 646 -8.94 20.53 31.42
C VAL D 646 -9.25 22.02 31.36
N LEU D 647 -9.67 22.59 32.49
CA LEU D 647 -10.00 24.01 32.50
C LEU D 647 -8.79 24.87 32.18
N MET D 648 -7.62 24.48 32.69
CA MET D 648 -6.39 25.24 32.49
C MET D 648 -5.59 24.77 31.29
N LYS D 649 -6.17 23.92 30.43
CA LYS D 649 -5.59 23.62 29.13
C LYS D 649 -4.30 22.81 29.27
N ARG D 650 -4.33 21.76 30.10
CA ARG D 650 -3.19 20.87 30.32
C ARG D 650 -3.58 19.46 29.89
N GLN D 651 -3.13 19.06 28.70
CA GLN D 651 -3.60 17.82 28.09
C GLN D 651 -3.03 16.59 28.79
N LYS D 652 -1.72 16.57 29.04
CA LYS D 652 -1.10 15.35 29.57
C LYS D 652 -1.63 15.03 30.96
N MET D 653 -1.75 16.06 31.81
CA MET D 653 -2.31 15.85 33.15
C MET D 653 -3.72 15.31 33.05
N ALA D 654 -4.52 15.85 32.14
CA ALA D 654 -5.88 15.38 31.96
C ALA D 654 -5.91 13.92 31.57
N LEU D 655 -5.05 13.53 30.63
CA LEU D 655 -5.01 12.14 30.21
C LEU D 655 -4.61 11.22 31.36
N PHE D 656 -3.62 11.61 32.14
CA PHE D 656 -3.19 10.78 33.27
C PHE D 656 -4.30 10.62 34.30
N PHE D 657 -4.96 11.74 34.65
CA PHE D 657 -6.02 11.66 35.64
C PHE D 657 -7.22 10.90 35.11
N TRP D 658 -7.45 10.94 33.80
CA TRP D 658 -8.44 10.05 33.20
C TRP D 658 -8.03 8.59 33.37
N GLN D 659 -6.73 8.31 33.21
CA GLN D 659 -6.26 6.94 33.34
C GLN D 659 -6.57 6.38 34.72
N HIS D 660 -6.31 7.16 35.78
CA HIS D 660 -6.36 6.59 37.12
C HIS D 660 -7.68 6.78 37.85
N GLY D 661 -8.56 7.65 37.40
CA GLY D 661 -9.82 7.87 38.09
C GLY D 661 -10.82 6.73 37.98
N GLU D 662 -12.08 7.02 38.29
CA GLU D 662 -13.17 6.05 38.23
C GLU D 662 -14.27 6.57 37.32
N GLU D 663 -15.13 5.66 36.86
CA GLU D 663 -16.17 5.97 35.88
C GLU D 663 -15.61 6.89 34.79
N ALA D 664 -14.62 6.36 34.07
CA ALA D 664 -13.82 7.18 33.18
C ALA D 664 -14.63 7.69 31.99
N MET D 665 -15.52 6.86 31.43
CA MET D 665 -16.22 7.22 30.22
C MET D 665 -17.05 8.49 30.42
N ALA D 666 -17.73 8.60 31.56
CA ALA D 666 -18.56 9.77 31.82
C ALA D 666 -17.74 11.05 31.79
N LYS D 667 -16.61 11.05 32.50
CA LYS D 667 -15.80 12.26 32.54
C LYS D 667 -15.09 12.51 31.22
N ALA D 668 -14.82 11.46 30.44
CA ALA D 668 -14.28 11.67 29.10
C ALA D 668 -15.28 12.41 28.22
N LEU D 669 -16.55 11.98 28.25
CA LEU D 669 -17.57 12.68 27.48
C LEU D 669 -17.74 14.11 27.98
N VAL D 670 -17.70 14.29 29.30
CA VAL D 670 -17.80 15.64 29.87
C VAL D 670 -16.66 16.51 29.36
N ALA D 671 -15.45 15.95 29.30
CA ALA D 671 -14.30 16.71 28.83
C ALA D 671 -14.45 17.08 27.37
N CYS D 672 -14.93 16.14 26.55
CA CYS D 672 -15.16 16.44 25.13
C CYS D 672 -16.13 17.59 24.98
N LYS D 673 -17.27 17.52 25.68
CA LYS D 673 -18.27 18.58 25.60
C LYS D 673 -17.69 19.91 26.05
N LEU D 674 -16.95 19.90 27.16
CA LEU D 674 -16.44 21.14 27.73
C LEU D 674 -15.39 21.78 26.85
N CYS D 675 -14.52 20.97 26.25
CA CYS D 675 -13.51 21.49 25.33
C CYS D 675 -14.17 22.06 24.08
N LYS D 676 -15.22 21.40 23.56
CA LYS D 676 -15.93 21.97 22.42
C LYS D 676 -16.54 23.32 22.78
N ALA D 677 -17.15 23.41 23.96
CA ALA D 677 -17.72 24.68 24.39
C ALA D 677 -16.65 25.76 24.52
N MET D 678 -15.49 25.41 25.08
CA MET D 678 -14.41 26.37 25.19
C MET D 678 -13.94 26.86 23.83
N ALA D 679 -13.80 25.94 22.87
CA ALA D 679 -13.36 26.35 21.54
C ALA D 679 -14.36 27.28 20.89
N HIS D 680 -15.65 26.96 21.02
CA HIS D 680 -16.68 27.85 20.47
C HIS D 680 -16.63 29.23 21.12
N GLU D 681 -16.51 29.26 22.45
CA GLU D 681 -16.48 30.54 23.17
C GLU D 681 -15.27 31.36 22.74
N ALA D 682 -14.12 30.72 22.60
CA ALA D 682 -12.91 31.43 22.15
C ALA D 682 -13.09 31.97 20.74
N SER D 683 -13.64 31.16 19.83
CA SER D 683 -13.85 31.61 18.46
C SER D 683 -14.80 32.79 18.41
N GLU D 684 -15.81 32.79 19.29
CA GLU D 684 -16.84 33.82 19.22
C GLU D 684 -16.25 35.22 19.36
N ASN D 685 -15.38 35.43 20.37
CA ASN D 685 -14.85 36.75 20.68
C ASN D 685 -13.34 36.70 20.86
N ASP D 686 -12.63 37.59 20.16
CA ASP D 686 -11.20 37.80 20.37
C ASP D 686 -10.48 36.46 20.24
N MET D 687 -9.66 36.06 21.22
CA MET D 687 -8.96 34.78 21.21
C MET D 687 -7.93 34.73 20.09
N VAL D 688 -7.29 33.56 19.89
CA VAL D 688 -6.23 33.36 18.92
C VAL D 688 -6.49 32.05 18.20
N ASP D 689 -5.54 31.65 17.35
CA ASP D 689 -5.67 30.43 16.59
C ASP D 689 -5.56 29.18 17.46
N ASP D 690 -5.18 29.32 18.73
CA ASP D 690 -5.03 28.15 19.59
C ASP D 690 -6.32 27.35 19.68
N ILE D 691 -7.47 28.00 19.47
CA ILE D 691 -8.74 27.29 19.51
C ILE D 691 -8.74 26.16 18.49
N SER D 692 -8.20 26.42 17.29
CA SER D 692 -8.11 25.38 16.28
C SER D 692 -7.33 24.18 16.81
N GLN D 693 -6.26 24.44 17.54
CA GLN D 693 -5.50 23.35 18.15
C GLN D 693 -6.34 22.61 19.18
N GLU D 694 -7.18 23.33 19.91
CA GLU D 694 -8.00 22.71 20.95
C GLU D 694 -9.20 21.98 20.35
N LEU D 695 -10.05 22.72 19.64
CA LEU D 695 -11.36 22.23 19.22
C LEU D 695 -11.31 20.78 18.73
N ASN D 696 -10.50 20.52 17.71
CA ASN D 696 -10.48 19.21 17.07
C ASN D 696 -9.30 18.35 17.49
N HIS D 697 -8.57 18.74 18.54
CA HIS D 697 -7.48 17.92 19.02
C HIS D 697 -7.43 17.79 20.54
N ASN D 698 -8.39 18.37 21.27
CA ASN D 698 -8.59 18.10 22.67
C ASN D 698 -9.90 17.39 22.95
N SER D 699 -11.02 17.99 22.52
CA SER D 699 -12.30 17.31 22.63
C SER D 699 -12.34 16.05 21.78
N ARG D 700 -11.77 16.12 20.58
CA ARG D 700 -11.77 14.97 19.68
C ARG D 700 -11.03 13.79 20.29
N ASP D 701 -9.89 14.04 20.94
CA ASP D 701 -9.14 12.95 21.54
C ASP D 701 -9.94 12.26 22.63
N PHE D 702 -10.58 13.05 23.50
CA PHE D 702 -11.40 12.45 24.56
C PHE D 702 -12.57 11.67 23.98
N GLY D 703 -13.21 12.20 22.94
CA GLY D 703 -14.29 11.47 22.30
C GLY D 703 -13.85 10.13 21.75
N GLN D 704 -12.69 10.13 21.07
CA GLN D 704 -12.18 8.88 20.52
C GLN D 704 -11.82 7.90 21.63
N LEU D 705 -11.26 8.40 22.73
CA LEU D 705 -10.96 7.52 23.86
C LEU D 705 -12.23 6.89 24.42
N ALA D 706 -13.29 7.69 24.56
CA ALA D 706 -14.56 7.16 25.06
C ALA D 706 -15.11 6.11 24.11
N VAL D 707 -15.02 6.36 22.81
CA VAL D 707 -15.50 5.39 21.83
C VAL D 707 -14.73 4.08 21.94
N GLU D 708 -13.41 4.17 22.05
CA GLU D 708 -12.60 2.96 22.16
C GLU D 708 -12.94 2.19 23.44
N LEU D 709 -13.13 2.90 24.55
CA LEU D 709 -13.51 2.24 25.79
C LEU D 709 -14.85 1.55 25.66
N LEU D 710 -15.81 2.21 25.01
CA LEU D 710 -17.12 1.60 24.79
C LEU D 710 -16.98 0.33 23.95
N ASP D 711 -16.18 0.39 22.89
CA ASP D 711 -16.00 -0.78 22.04
C ASP D 711 -15.40 -1.93 22.83
N GLN D 712 -14.39 -1.64 23.65
CA GLN D 712 -13.77 -2.70 24.44
C GLN D 712 -14.76 -3.29 25.44
N SER D 713 -15.55 -2.44 26.10
CA SER D 713 -16.54 -2.94 27.05
C SER D 713 -17.56 -3.82 26.36
N TYR D 714 -18.02 -3.42 25.18
CA TYR D 714 -18.94 -4.25 24.42
C TYR D 714 -18.30 -5.58 24.04
N LYS D 715 -17.03 -5.55 23.67
CA LYS D 715 -16.32 -6.78 23.34
C LYS D 715 -16.30 -7.74 24.52
N GLN D 716 -15.95 -7.23 25.70
CA GLN D 716 -15.84 -8.10 26.87
C GLN D 716 -17.20 -8.64 27.30
N ASP D 717 -18.21 -7.77 27.34
CA ASP D 717 -19.54 -8.18 27.80
C ASP D 717 -20.56 -7.20 27.25
N GLU D 718 -21.49 -7.70 26.43
CA GLU D 718 -22.49 -6.82 25.83
C GLU D 718 -23.51 -6.35 26.85
N GLN D 719 -24.01 -7.26 27.69
CA GLN D 719 -25.04 -6.89 28.66
C GLN D 719 -24.52 -5.88 29.66
N LEU D 720 -23.29 -6.08 30.14
CA LEU D 720 -22.70 -5.12 31.06
C LEU D 720 -22.47 -3.78 30.37
N ALA D 721 -22.11 -3.79 29.09
CA ALA D 721 -21.97 -2.54 28.35
C ALA D 721 -23.30 -1.81 28.28
N MET D 722 -24.38 -2.53 28.00
CA MET D 722 -25.70 -1.91 27.97
C MET D 722 -26.05 -1.31 29.33
N LYS D 723 -25.79 -2.05 30.40
CA LYS D 723 -26.09 -1.56 31.73
C LYS D 723 -25.27 -0.30 32.06
N LEU D 724 -24.01 -0.30 31.67
CA LEU D 724 -23.15 0.84 31.94
C LEU D 724 -23.57 2.08 31.15
N LEU D 725 -24.00 1.88 29.91
CA LEU D 725 -24.35 3.02 29.06
C LEU D 725 -25.44 3.87 29.68
N THR D 726 -26.36 3.26 30.43
CA THR D 726 -27.50 3.97 31.00
C THR D 726 -27.62 3.63 32.48
N TYR D 727 -27.25 4.57 33.34
CA TYR D 727 -27.46 4.43 34.77
C TYR D 727 -27.19 5.79 35.41
N GLU D 728 -28.03 6.15 36.39
CA GLU D 728 -27.96 7.48 36.97
C GLU D 728 -26.60 7.72 37.61
N LEU D 729 -26.03 8.89 37.35
CA LEU D 729 -24.76 9.32 37.92
C LEU D 729 -25.04 10.42 38.94
N LYS D 730 -24.93 10.07 40.23
CA LYS D 730 -25.15 11.07 41.27
C LYS D 730 -24.12 12.20 41.18
N ASN D 731 -22.88 11.85 40.83
CA ASN D 731 -21.83 12.86 40.76
C ASN D 731 -22.09 13.87 39.66
N TRP D 732 -22.59 13.41 38.52
CA TRP D 732 -22.74 14.23 37.32
C TRP D 732 -24.19 14.59 37.06
N SER D 733 -24.94 14.86 38.12
CA SER D 733 -26.31 15.37 38.00
C SER D 733 -27.23 14.34 37.34
N ASN D 734 -27.04 13.07 37.67
CA ASN D 734 -27.92 11.99 37.23
C ASN D 734 -28.11 12.02 35.71
N ALA D 735 -27.01 12.18 34.99
CA ALA D 735 -27.00 12.21 33.54
C ALA D 735 -26.30 10.98 33.01
N THR D 736 -27.02 10.18 32.21
CA THR D 736 -26.44 8.98 31.64
C THR D 736 -25.46 9.32 30.53
N CYS D 737 -24.71 8.32 30.09
CA CYS D 737 -23.71 8.52 29.05
C CYS D 737 -24.35 8.96 27.74
N LEU D 738 -25.53 8.41 27.43
CA LEU D 738 -26.19 8.77 26.18
C LEU D 738 -26.54 10.24 26.14
N GLN D 739 -27.05 10.78 27.25
CA GLN D 739 -27.41 12.19 27.29
C GLN D 739 -26.19 13.07 27.07
N LEU D 740 -25.08 12.74 27.72
CA LEU D 740 -23.85 13.52 27.56
C LEU D 740 -23.34 13.42 26.14
N ALA D 741 -23.39 12.23 25.53
CA ALA D 741 -22.97 12.09 24.14
C ALA D 741 -23.82 12.92 23.21
N VAL D 742 -25.14 12.92 23.43
CA VAL D 742 -26.04 13.73 22.62
C VAL D 742 -25.70 15.20 22.77
N ALA D 743 -25.47 15.65 24.01
CA ALA D 743 -25.11 17.05 24.23
C ALA D 743 -23.81 17.39 23.51
N ALA D 744 -22.86 16.47 23.51
CA ALA D 744 -21.61 16.64 22.79
C ALA D 744 -21.76 16.42 21.30
N LYS D 745 -22.89 15.89 20.86
CA LYS D 745 -23.13 15.64 19.43
C LYS D 745 -22.08 14.71 18.85
N HIS D 746 -21.67 13.72 19.64
CA HIS D 746 -20.68 12.74 19.20
C HIS D 746 -21.42 11.65 18.45
N ARG D 747 -21.56 11.84 17.14
CA ARG D 747 -22.33 10.91 16.32
C ARG D 747 -21.74 9.51 16.36
N ASP D 748 -20.42 9.39 16.47
CA ASP D 748 -19.78 8.07 16.45
C ASP D 748 -20.25 7.22 17.63
N PHE D 749 -20.38 7.83 18.81
CA PHE D 749 -20.80 7.08 19.98
C PHE D 749 -22.19 6.49 19.79
N ILE D 750 -23.12 7.28 19.28
CA ILE D 750 -24.49 6.82 19.11
C ILE D 750 -24.57 5.79 17.99
N ALA D 751 -23.83 6.01 16.90
CA ALA D 751 -23.87 5.10 15.77
C ALA D 751 -23.30 3.73 16.10
N HIS D 752 -22.64 3.57 17.24
CA HIS D 752 -22.05 2.29 17.58
C HIS D 752 -23.14 1.24 17.77
N THR D 753 -22.76 -0.02 17.55
CA THR D 753 -23.75 -1.10 17.53
C THR D 753 -24.46 -1.22 18.87
N CYS D 754 -23.73 -1.09 19.98
CA CYS D 754 -24.35 -1.28 21.29
C CYS D 754 -25.42 -0.23 21.54
N SER D 755 -25.12 1.03 21.24
CA SER D 755 -26.11 2.09 21.46
C SER D 755 -27.32 1.90 20.54
N GLN D 756 -27.08 1.50 19.29
CA GLN D 756 -28.19 1.26 18.38
C GLN D 756 -29.09 0.13 18.88
N MET D 757 -28.48 -0.94 19.37
CA MET D 757 -29.27 -2.05 19.91
C MET D 757 -30.06 -1.61 21.13
N LEU D 758 -29.45 -0.79 21.99
CA LEU D 758 -30.18 -0.28 23.15
C LEU D 758 -31.36 0.58 22.72
N LEU D 759 -31.15 1.43 21.72
CA LEU D 759 -32.24 2.26 21.22
C LEU D 759 -33.35 1.41 20.64
N THR D 760 -32.99 0.35 19.91
CA THR D 760 -34.00 -0.56 19.37
C THR D 760 -34.76 -1.24 20.49
N ASP D 761 -34.06 -1.65 21.54
CA ASP D 761 -34.73 -2.28 22.68
C ASP D 761 -35.73 -1.32 23.31
N MET D 762 -35.33 -0.05 23.47
CA MET D 762 -36.25 0.94 24.02
C MET D 762 -37.44 1.16 23.08
N TRP D 763 -37.20 1.13 21.77
CA TRP D 763 -38.27 1.39 20.81
C TRP D 763 -39.38 0.36 20.94
N MET D 764 -39.03 -0.91 21.08
CA MET D 764 -40.04 -1.94 21.32
C MET D 764 -40.64 -1.84 22.72
N GLY D 765 -40.08 -1.00 23.58
CA GLY D 765 -40.67 -0.81 24.89
C GLY D 765 -40.67 -2.10 25.70
N ARG D 766 -41.86 -2.55 26.07
CA ARG D 766 -42.01 -3.71 26.94
C ARG D 766 -42.06 -5.02 26.17
N LEU D 767 -42.61 -5.02 24.95
CA LEU D 767 -42.75 -6.27 24.21
C LEU D 767 -41.39 -6.91 23.94
N ARG D 768 -40.49 -6.14 23.32
CA ARG D 768 -39.13 -6.58 23.05
C ARG D 768 -39.09 -8.01 22.50
N MET D 769 -39.72 -8.17 21.33
CA MET D 769 -39.79 -9.46 20.67
C MET D 769 -39.24 -9.36 19.25
N GLY D 861 -54.72 -5.77 33.46
CA GLY D 861 -54.32 -4.37 33.42
C GLY D 861 -52.93 -4.18 32.85
N ARG D 862 -51.97 -4.95 33.36
CA ARG D 862 -50.60 -4.84 32.88
C ARG D 862 -50.50 -5.23 31.40
N LYS D 863 -51.25 -6.25 30.99
CA LYS D 863 -51.20 -6.69 29.60
C LYS D 863 -51.62 -5.56 28.67
N ILE D 864 -52.69 -4.84 29.01
CA ILE D 864 -53.09 -3.69 28.21
C ILE D 864 -52.06 -2.57 28.32
N TYR D 865 -51.54 -2.33 29.53
CA TYR D 865 -50.68 -1.17 29.76
C TYR D 865 -49.39 -1.28 28.97
N GLU D 866 -48.77 -2.46 28.96
CA GLU D 866 -47.49 -2.61 28.28
C GLU D 866 -47.64 -2.31 26.80
N PHE D 867 -48.75 -2.75 26.19
CA PHE D 867 -49.00 -2.45 24.79
C PHE D 867 -49.35 -0.98 24.60
N TYR D 868 -50.08 -0.40 25.56
CA TYR D 868 -50.61 0.95 25.38
C TYR D 868 -49.51 2.00 25.43
N ASN D 869 -48.63 1.91 26.42
CA ASN D 869 -47.65 2.97 26.66
C ASN D 869 -46.33 2.74 25.92
N ALA D 870 -46.24 1.72 25.09
CA ALA D 870 -45.05 1.54 24.28
C ALA D 870 -44.97 2.64 23.22
N PRO D 871 -43.79 3.22 22.99
CA PRO D 871 -43.71 4.33 22.03
C PRO D 871 -44.10 3.95 20.62
N ILE D 872 -43.81 2.72 20.20
CA ILE D 872 -44.07 2.33 18.81
C ILE D 872 -45.56 2.37 18.51
N VAL D 873 -46.39 1.89 19.43
CA VAL D 873 -47.83 1.89 19.19
C VAL D 873 -48.36 3.31 19.16
N LYS D 874 -47.80 4.19 19.99
CA LYS D 874 -48.22 5.59 19.96
C LYS D 874 -47.86 6.22 18.62
N PHE D 875 -46.68 5.88 18.09
CA PHE D 875 -46.29 6.36 16.77
C PHE D 875 -47.28 5.90 15.71
N TRP D 876 -47.66 4.62 15.76
CA TRP D 876 -48.59 4.10 14.77
C TRP D 876 -49.95 4.78 14.89
N PHE D 877 -50.43 5.02 16.11
CA PHE D 877 -51.72 5.66 16.29
C PHE D 877 -51.68 7.09 15.75
N TYR D 878 -50.62 7.83 16.05
CA TYR D 878 -50.50 9.18 15.52
C TYR D 878 -50.47 9.16 13.99
N THR D 879 -49.74 8.22 13.41
CA THR D 879 -49.68 8.12 11.96
C THR D 879 -51.06 7.83 11.36
N LEU D 880 -51.80 6.91 11.97
CA LEU D 880 -53.13 6.58 11.45
C LEU D 880 -54.07 7.79 11.55
N ALA D 881 -54.00 8.51 12.66
CA ALA D 881 -54.82 9.71 12.80
C ALA D 881 -54.47 10.72 11.72
N TYR D 882 -53.17 10.91 11.46
CA TYR D 882 -52.75 11.84 10.42
C TYR D 882 -53.28 11.41 9.06
N ILE D 883 -53.21 10.11 8.77
CA ILE D 883 -53.69 9.62 7.47
C ILE D 883 -55.18 9.87 7.33
N GLY D 884 -55.96 9.60 8.38
CA GLY D 884 -57.38 9.86 8.32
C GLY D 884 -57.69 11.32 8.09
N TYR D 885 -56.98 12.20 8.81
CA TYR D 885 -57.17 13.63 8.61
C TYR D 885 -56.85 14.03 7.17
N LEU D 886 -55.80 13.47 6.61
CA LEU D 886 -55.43 13.77 5.23
C LEU D 886 -56.53 13.33 4.26
N MET D 887 -57.08 12.13 4.48
CA MET D 887 -58.15 11.65 3.62
C MET D 887 -59.35 12.58 3.67
N LEU D 888 -59.73 13.01 4.88
CA LEU D 888 -60.85 13.92 5.01
C LEU D 888 -60.57 15.25 4.33
N PHE D 889 -59.33 15.73 4.43
CA PHE D 889 -58.97 16.98 3.75
C PHE D 889 -59.14 16.86 2.25
N ASN D 890 -58.67 15.75 1.67
CA ASN D 890 -58.83 15.57 0.23
C ASN D 890 -60.30 15.54 -0.15
N TYR D 891 -61.09 14.74 0.56
CA TYR D 891 -62.52 14.67 0.27
C TYR D 891 -63.14 16.06 0.31
N ILE D 892 -62.76 16.86 1.31
CA ILE D 892 -63.33 18.20 1.45
C ILE D 892 -62.98 19.05 0.24
N VAL D 893 -61.70 19.09 -0.14
CA VAL D 893 -61.30 20.02 -1.20
C VAL D 893 -61.98 19.64 -2.51
N LEU D 894 -62.00 18.35 -2.85
CA LEU D 894 -62.52 17.98 -4.17
C LEU D 894 -64.01 18.27 -4.30
N VAL D 895 -64.80 17.94 -3.27
CA VAL D 895 -66.24 18.12 -3.34
C VAL D 895 -66.61 19.57 -3.09
N LYS D 896 -67.79 19.95 -3.56
CA LYS D 896 -68.28 21.31 -3.36
C LYS D 896 -68.58 21.57 -1.90
N MET D 897 -68.35 22.80 -1.46
CA MET D 897 -68.60 23.22 -0.09
C MET D 897 -69.70 24.27 -0.07
N GLU D 898 -70.65 24.10 0.84
CA GLU D 898 -71.76 25.05 0.98
C GLU D 898 -71.29 26.28 1.74
N ARG D 899 -72.23 27.17 2.08
CA ARG D 899 -71.87 28.38 2.81
C ARG D 899 -71.30 28.04 4.17
N TRP D 900 -71.94 27.10 4.90
CA TRP D 900 -71.42 26.69 6.19
C TRP D 900 -70.67 25.37 6.07
N PRO D 901 -69.63 25.17 6.87
CA PRO D 901 -68.83 23.94 6.75
C PRO D 901 -69.59 22.72 7.20
N SER D 902 -69.21 21.58 6.64
CA SER D 902 -69.80 20.30 7.00
C SER D 902 -69.07 19.71 8.21
N THR D 903 -69.51 18.52 8.62
CA THR D 903 -68.90 17.88 9.78
C THR D 903 -67.43 17.58 9.54
N GLN D 904 -67.09 17.14 8.32
CA GLN D 904 -65.71 16.80 8.01
C GLN D 904 -64.79 18.01 8.20
N GLU D 905 -65.22 19.17 7.74
CA GLU D 905 -64.40 20.37 7.87
C GLU D 905 -64.27 20.78 9.33
N TRP D 906 -65.33 20.60 10.13
CA TRP D 906 -65.22 20.86 11.55
C TRP D 906 -64.19 19.94 12.20
N ILE D 907 -64.21 18.67 11.83
CA ILE D 907 -63.22 17.72 12.36
C ILE D 907 -61.82 18.15 11.99
N VAL D 908 -61.62 18.53 10.72
CA VAL D 908 -60.30 18.95 10.26
C VAL D 908 -59.82 20.17 11.04
N ILE D 909 -60.70 21.15 11.20
CA ILE D 909 -60.33 22.37 11.91
C ILE D 909 -59.99 22.06 13.37
N SER D 910 -60.78 21.21 14.02
CA SER D 910 -60.48 20.85 15.40
C SER D 910 -59.14 20.16 15.51
N TYR D 911 -58.84 19.26 14.57
CA TYR D 911 -57.56 18.57 14.59
C TYR D 911 -56.41 19.56 14.46
N ILE D 912 -56.53 20.51 13.54
CA ILE D 912 -55.45 21.48 13.35
C ILE D 912 -55.28 22.34 14.59
N PHE D 913 -56.40 22.78 15.18
CA PHE D 913 -56.33 23.62 16.37
C PHE D 913 -55.68 22.89 17.53
N THR D 914 -56.05 21.62 17.74
CA THR D 914 -55.43 20.85 18.81
C THR D 914 -53.95 20.59 18.55
N LEU D 915 -53.57 20.38 17.29
CA LEU D 915 -52.17 20.20 16.97
C LEU D 915 -51.37 21.47 17.28
N GLY D 916 -51.93 22.63 16.96
CA GLY D 916 -51.28 23.88 17.32
C GLY D 916 -51.14 24.03 18.82
N ILE D 917 -52.19 23.66 19.56
CA ILE D 917 -52.12 23.70 21.02
C ILE D 917 -51.00 22.79 21.51
N GLU D 918 -50.87 21.61 20.91
CA GLU D 918 -49.83 20.68 21.33
C GLU D 918 -48.43 21.22 21.01
N LYS D 919 -48.29 21.92 19.89
CA LYS D 919 -47.02 22.57 19.59
C LYS D 919 -46.68 23.62 20.64
N MET D 920 -47.67 24.42 21.04
CA MET D 920 -47.43 25.39 22.10
C MET D 920 -47.04 24.69 23.40
N ARG D 921 -47.71 23.57 23.70
CA ARG D 921 -47.38 22.79 24.89
C ARG D 921 -45.94 22.30 24.85
N GLU D 922 -45.50 21.81 23.69
CA GLU D 922 -44.10 21.40 23.54
C GLU D 922 -43.17 22.59 23.76
N ILE D 923 -43.55 23.76 23.25
CA ILE D 923 -42.74 24.95 23.47
C ILE D 923 -42.57 25.21 24.96
N LEU D 924 -43.67 25.15 25.72
CA LEU D 924 -43.63 25.41 27.14
C LEU D 924 -43.30 24.17 27.97
N MET D 925 -43.26 22.99 27.36
CA MET D 925 -42.93 21.76 28.06
C MET D 925 -43.81 21.58 29.30
N GLY D 929 -37.80 34.29 31.36
CA GLY D 929 -37.69 33.13 32.22
C GLY D 929 -37.34 31.87 31.44
N LYS D 930 -36.25 31.92 30.69
CA LYS D 930 -35.72 30.83 29.87
C LYS D 930 -36.54 30.64 28.60
N LEU D 931 -37.65 31.38 28.42
CA LEU D 931 -38.48 31.17 27.24
C LEU D 931 -37.70 31.46 25.96
N LEU D 932 -36.84 32.49 25.99
CA LEU D 932 -36.02 32.79 24.82
C LEU D 932 -35.11 31.61 24.49
N GLN D 933 -34.49 31.01 25.52
CA GLN D 933 -33.64 29.85 25.29
C GLN D 933 -34.46 28.69 24.73
N LYS D 934 -35.67 28.48 25.24
CA LYS D 934 -36.52 27.42 24.72
C LYS D 934 -36.84 27.65 23.25
N VAL D 935 -37.13 28.89 22.87
CA VAL D 935 -37.42 29.20 21.47
C VAL D 935 -36.18 28.96 20.61
N LYS D 936 -35.01 29.35 21.11
CA LYS D 936 -33.78 29.14 20.35
C LYS D 936 -33.55 27.65 20.12
N VAL D 937 -33.79 26.84 21.15
CA VAL D 937 -33.65 25.39 21.00
C VAL D 937 -34.68 24.84 20.01
N TRP D 938 -35.92 25.33 20.11
CA TRP D 938 -36.99 24.84 19.26
C TRP D 938 -36.73 25.14 17.80
N LEU D 939 -36.12 26.29 17.52
CA LEU D 939 -35.85 26.64 16.13
C LEU D 939 -34.93 25.64 15.45
N GLN D 940 -34.21 24.83 16.21
CA GLN D 940 -33.33 23.84 15.62
C GLN D 940 -34.10 22.88 14.71
N GLU D 941 -35.34 22.56 15.07
CA GLU D 941 -36.18 21.68 14.26
C GLU D 941 -36.80 22.49 13.14
N TYR D 942 -36.32 22.28 11.91
CA TYR D 942 -36.82 23.05 10.78
C TYR D 942 -38.26 22.69 10.42
N TRP D 943 -38.65 21.43 10.64
CA TRP D 943 -40.02 21.01 10.32
C TRP D 943 -41.03 21.80 11.13
N ASN D 944 -40.75 22.01 12.42
CA ASN D 944 -41.70 22.66 13.32
C ASN D 944 -41.94 24.11 12.96
N VAL D 945 -41.09 24.72 12.15
CA VAL D 945 -41.32 26.09 11.69
C VAL D 945 -42.31 26.10 10.53
N THR D 946 -42.08 25.25 9.54
CA THR D 946 -43.00 25.14 8.42
C THR D 946 -44.38 24.69 8.87
N ASP D 947 -44.43 23.82 9.90
CA ASP D 947 -45.72 23.42 10.44
C ASP D 947 -46.50 24.62 10.97
N LEU D 948 -45.83 25.48 11.74
CA LEU D 948 -46.48 26.66 12.28
C LEU D 948 -46.92 27.60 11.16
N ILE D 949 -46.06 27.79 10.15
CA ILE D 949 -46.42 28.68 9.05
C ILE D 949 -47.65 28.15 8.33
N ALA D 950 -47.69 26.85 8.07
CA ALA D 950 -48.84 26.27 7.38
C ALA D 950 -50.10 26.40 8.21
N ILE D 951 -49.99 26.23 9.53
CA ILE D 951 -51.15 26.38 10.39
C ILE D 951 -51.66 27.81 10.34
N LEU D 952 -50.75 28.79 10.34
CA LEU D 952 -51.17 30.19 10.25
C LEU D 952 -51.88 30.46 8.94
N LEU D 953 -51.34 29.95 7.83
CA LEU D 953 -52.01 30.15 6.55
C LEU D 953 -53.39 29.50 6.53
N PHE D 954 -53.51 28.32 7.12
CA PHE D 954 -54.80 27.66 7.19
C PHE D 954 -55.79 28.48 8.01
N SER D 955 -55.33 29.07 9.10
CA SER D 955 -56.22 29.91 9.91
C SER D 955 -56.67 31.12 9.12
N VAL D 956 -55.76 31.74 8.36
CA VAL D 956 -56.14 32.87 7.51
C VAL D 956 -57.20 32.42 6.51
N GLY D 957 -56.98 31.27 5.88
CA GLY D 957 -57.96 30.77 4.92
C GLY D 957 -59.31 30.52 5.55
N MET D 958 -59.31 29.96 6.76
CA MET D 958 -60.56 29.70 7.46
C MET D 958 -61.29 30.99 7.75
N ILE D 959 -60.58 32.02 8.20
CA ILE D 959 -61.22 33.30 8.48
C ILE D 959 -61.82 33.87 7.19
N LEU D 960 -61.06 33.80 6.09
CA LEU D 960 -61.56 34.35 4.84
C LEU D 960 -62.75 33.58 4.28
N ARG D 961 -62.82 32.27 4.56
CA ARG D 961 -63.81 31.42 3.91
C ARG D 961 -65.22 31.64 4.42
N LEU D 962 -65.37 32.23 5.61
CA LEU D 962 -66.68 32.35 6.24
C LEU D 962 -67.34 33.70 5.97
N GLN D 963 -66.80 34.48 5.05
CA GLN D 963 -67.38 35.76 4.68
C GLN D 963 -68.29 35.58 3.47
N ASP D 964 -68.70 36.68 2.86
CA ASP D 964 -69.61 36.64 1.72
C ASP D 964 -68.95 35.96 0.53
N GLN D 965 -69.69 35.84 -0.57
CA GLN D 965 -69.19 35.12 -1.74
C GLN D 965 -67.83 35.60 -2.25
N PRO D 966 -67.56 36.90 -2.37
CA PRO D 966 -66.30 37.30 -3.02
C PRO D 966 -65.05 36.76 -2.33
N PHE D 967 -65.11 36.45 -1.05
CA PHE D 967 -63.96 35.96 -0.31
C PHE D 967 -63.94 34.44 -0.14
N ARG D 968 -65.10 33.79 -0.21
CA ARG D 968 -65.15 32.36 0.09
C ARG D 968 -64.32 31.56 -0.90
N SER D 969 -64.38 31.91 -2.18
CA SER D 969 -63.58 31.19 -3.17
C SER D 969 -62.09 31.42 -2.94
N ASP D 970 -61.71 32.62 -2.50
CA ASP D 970 -60.31 32.86 -2.14
C ASP D 970 -59.89 31.98 -0.97
N GLY D 971 -60.76 31.83 0.02
CA GLY D 971 -60.46 30.91 1.11
C GLY D 971 -60.31 29.47 0.64
N ARG D 972 -61.17 29.05 -0.29
CA ARG D 972 -61.06 27.71 -0.85
C ARG D 972 -59.73 27.53 -1.57
N VAL D 973 -59.31 28.54 -2.33
CA VAL D 973 -58.02 28.47 -3.02
C VAL D 973 -56.89 28.38 -2.01
N ILE D 974 -57.01 29.11 -0.91
CA ILE D 974 -56.00 29.01 0.15
C ILE D 974 -55.92 27.58 0.66
N TYR D 975 -57.06 26.95 0.90
CA TYR D 975 -57.06 25.55 1.32
C TYR D 975 -56.36 24.68 0.29
N CYS D 976 -56.66 24.89 -0.99
CA CYS D 976 -56.11 24.05 -2.04
C CYS D 976 -54.60 24.17 -2.09
N VAL D 977 -54.08 25.39 -1.92
CA VAL D 977 -52.64 25.58 -1.91
C VAL D 977 -52.02 24.97 -0.65
N ASN D 978 -52.72 25.08 0.48
CA ASN D 978 -52.15 24.62 1.74
C ASN D 978 -52.04 23.11 1.80
N ILE D 979 -52.98 22.38 1.18
CA ILE D 979 -52.98 20.92 1.27
C ILE D 979 -51.65 20.32 0.85
N ILE D 980 -50.90 21.00 -0.03
CA ILE D 980 -49.68 20.43 -0.57
C ILE D 980 -48.64 20.22 0.52
N TYR D 981 -48.52 21.18 1.44
CA TYR D 981 -47.54 21.03 2.52
C TYR D 981 -47.85 19.80 3.35
N TRP D 982 -49.12 19.60 3.71
CA TRP D 982 -49.48 18.44 4.51
C TRP D 982 -49.30 17.15 3.73
N TYR D 983 -49.50 17.20 2.41
CA TYR D 983 -49.24 16.00 1.59
C TYR D 983 -47.77 15.65 1.58
N ILE D 984 -46.90 16.67 1.56
CA ILE D 984 -45.46 16.43 1.52
C ILE D 984 -44.89 16.11 2.90
N ARG D 985 -45.58 16.49 3.97
CA ARG D 985 -45.09 16.25 5.31
C ARG D 985 -44.87 14.78 5.62
N LEU D 986 -45.34 13.87 4.76
CA LEU D 986 -45.18 12.45 5.02
C LEU D 986 -43.73 11.99 4.99
N LEU D 987 -42.82 12.82 4.49
CA LEU D 987 -41.41 12.45 4.52
C LEU D 987 -40.90 12.33 5.95
N ASP D 988 -41.31 13.24 6.82
CA ASP D 988 -40.96 13.14 8.23
C ASP D 988 -41.44 11.82 8.81
N ILE D 989 -42.66 11.40 8.47
CA ILE D 989 -43.18 10.13 8.95
C ILE D 989 -42.35 8.98 8.42
N PHE D 990 -41.99 9.04 7.12
CA PHE D 990 -41.18 7.99 6.52
C PHE D 990 -39.81 7.90 7.17
N GLY D 991 -39.32 9.02 7.71
CA GLY D 991 -37.97 9.07 8.27
C GLY D 991 -37.60 7.90 9.16
N VAL D 992 -38.59 7.28 9.80
CA VAL D 992 -38.29 6.18 10.71
C VAL D 992 -37.67 5.01 9.98
N ASN D 993 -38.10 4.75 8.74
CA ASN D 993 -37.62 3.58 8.03
C ASN D 993 -36.12 3.65 7.82
N LYS D 994 -35.48 2.49 7.82
CA LYS D 994 -34.03 2.43 7.67
C LYS D 994 -33.58 3.01 6.33
N TYR D 995 -34.20 2.56 5.24
CA TYR D 995 -33.76 2.96 3.91
C TYR D 995 -34.24 4.36 3.55
N LEU D 996 -35.44 4.74 3.97
CA LEU D 996 -36.07 5.94 3.43
C LEU D 996 -35.42 7.22 3.97
N GLY D 997 -35.08 7.25 5.26
CA GLY D 997 -34.60 8.47 5.88
C GLY D 997 -33.36 9.02 5.22
N PRO D 998 -32.36 8.17 5.01
CA PRO D 998 -31.16 8.62 4.27
C PRO D 998 -31.46 9.15 2.89
N TYR D 999 -32.43 8.53 2.21
CA TYR D 999 -32.83 9.01 0.90
C TYR D 999 -33.34 10.44 0.98
N VAL D 1000 -34.17 10.73 1.99
CA VAL D 1000 -34.70 12.06 2.18
C VAL D 1000 -33.57 13.04 2.49
N MET D 1001 -32.62 12.64 3.32
CA MET D 1001 -31.51 13.51 3.66
C MET D 1001 -30.68 13.86 2.42
N MET D 1002 -30.41 12.85 1.59
CA MET D 1002 -29.67 13.09 0.35
C MET D 1002 -30.45 14.02 -0.58
N ILE D 1003 -31.76 13.81 -0.69
CA ILE D 1003 -32.58 14.69 -1.52
C ILE D 1003 -32.47 16.12 -1.02
N GLY D 1004 -32.54 16.32 0.30
CA GLY D 1004 -32.40 17.65 0.84
C GLY D 1004 -31.05 18.27 0.56
N LYS D 1005 -30.00 17.45 0.59
CA LYS D 1005 -28.66 17.98 0.40
C LYS D 1005 -28.42 18.41 -1.05
N MET D 1006 -28.96 17.67 -2.01
CA MET D 1006 -28.67 17.95 -3.42
C MET D 1006 -29.25 19.28 -3.90
N MET D 1007 -30.13 19.90 -3.13
CA MET D 1007 -30.85 21.07 -3.62
C MET D 1007 -29.94 22.28 -3.81
N ILE D 1008 -28.81 22.35 -3.12
CA ILE D 1008 -27.89 23.46 -3.33
C ILE D 1008 -27.31 23.41 -4.74
N ASP D 1009 -26.83 22.23 -5.13
CA ASP D 1009 -26.35 22.04 -6.49
C ASP D 1009 -27.47 22.29 -7.49
N MET D 1010 -28.69 21.85 -7.15
CA MET D 1010 -29.82 22.11 -8.03
C MET D 1010 -30.01 23.61 -8.24
N MET D 1011 -29.92 24.39 -7.17
CA MET D 1011 -30.09 25.84 -7.26
C MET D 1011 -29.00 26.47 -8.11
N TYR D 1012 -27.76 26.02 -7.93
CA TYR D 1012 -26.67 26.59 -8.72
C TYR D 1012 -26.87 26.30 -10.20
N PHE D 1013 -27.38 25.11 -10.53
CA PHE D 1013 -27.77 24.83 -11.91
C PHE D 1013 -28.91 25.75 -12.36
N VAL D 1014 -29.88 25.96 -11.48
CA VAL D 1014 -31.08 26.72 -11.83
C VAL D 1014 -30.72 28.14 -12.22
N ILE D 1015 -29.75 28.73 -11.54
CA ILE D 1015 -29.40 30.13 -11.84
C ILE D 1015 -28.95 30.28 -13.29
N ILE D 1016 -28.03 29.40 -13.72
CA ILE D 1016 -27.52 29.48 -15.08
C ILE D 1016 -28.62 29.16 -16.09
N MET D 1017 -29.43 28.14 -15.80
CA MET D 1017 -30.53 27.82 -16.69
C MET D 1017 -31.48 29.01 -16.84
N LEU D 1018 -31.74 29.71 -15.74
CA LEU D 1018 -32.59 30.88 -15.78
C LEU D 1018 -31.99 31.97 -16.65
N VAL D 1019 -30.69 32.21 -16.53
CA VAL D 1019 -30.05 33.22 -17.35
C VAL D 1019 -30.24 32.89 -18.83
N VAL D 1020 -29.94 31.65 -19.21
CA VAL D 1020 -30.02 31.26 -20.61
C VAL D 1020 -31.46 31.38 -21.12
N LEU D 1021 -32.42 30.90 -20.32
CA LEU D 1021 -33.81 30.96 -20.71
C LEU D 1021 -34.28 32.40 -20.89
N MET D 1022 -33.90 33.29 -19.97
CA MET D 1022 -34.27 34.68 -20.12
C MET D 1022 -33.72 35.27 -21.40
N SER D 1023 -32.45 34.99 -21.71
CA SER D 1023 -31.86 35.53 -22.92
C SER D 1023 -32.63 35.08 -24.15
N PHE D 1024 -32.89 33.77 -24.24
CA PHE D 1024 -33.59 33.26 -25.42
C PHE D 1024 -34.99 33.84 -25.54
N GLY D 1025 -35.72 33.90 -24.42
CA GLY D 1025 -37.07 34.41 -24.48
C GLY D 1025 -37.13 35.86 -24.89
N VAL D 1026 -36.23 36.67 -24.33
CA VAL D 1026 -36.20 38.09 -24.70
C VAL D 1026 -35.87 38.24 -26.17
N ALA D 1027 -34.90 37.47 -26.67
CA ALA D 1027 -34.54 37.58 -28.08
C ALA D 1027 -35.74 37.21 -28.96
N ARG D 1028 -36.41 36.11 -28.65
CA ARG D 1028 -37.55 35.68 -29.46
C ARG D 1028 -38.64 36.74 -29.44
N GLN D 1029 -38.97 37.27 -28.26
CA GLN D 1029 -40.03 38.26 -28.16
C GLN D 1029 -39.67 39.52 -28.93
N ALA D 1030 -38.42 39.94 -28.87
CA ALA D 1030 -38.03 41.18 -29.52
C ALA D 1030 -38.01 41.04 -31.04
N ILE D 1031 -37.55 39.89 -31.54
CA ILE D 1031 -37.45 39.73 -32.99
C ILE D 1031 -38.82 39.89 -33.64
N LEU D 1032 -39.84 39.28 -33.05
CA LEU D 1032 -41.21 39.43 -33.52
C LEU D 1032 -41.92 40.50 -32.69
N PHE D 1033 -43.16 40.78 -33.05
CA PHE D 1033 -43.98 41.77 -32.36
C PHE D 1033 -43.25 43.10 -32.23
N PRO D 1034 -42.85 43.72 -33.36
CA PRO D 1034 -42.16 45.02 -33.25
C PRO D 1034 -43.04 46.11 -32.66
N ASN D 1035 -44.28 46.25 -33.14
CA ASN D 1035 -45.20 47.27 -32.68
C ASN D 1035 -46.11 46.67 -31.62
N GLU D 1036 -45.58 46.59 -30.40
CA GLU D 1036 -46.33 46.05 -29.27
C GLU D 1036 -46.20 47.01 -28.09
N GLU D 1037 -47.33 47.33 -27.48
CA GLU D 1037 -47.32 48.18 -26.30
C GLU D 1037 -46.75 47.41 -25.11
N PRO D 1038 -46.18 48.11 -24.13
CA PRO D 1038 -45.52 47.42 -23.02
C PRO D 1038 -46.43 46.47 -22.25
N SER D 1039 -47.50 47.00 -21.69
CA SER D 1039 -48.45 46.21 -20.91
C SER D 1039 -47.69 45.37 -19.89
N TRP D 1040 -48.17 44.17 -19.59
CA TRP D 1040 -47.50 43.26 -18.66
C TRP D 1040 -47.29 41.86 -19.22
N LYS D 1041 -47.87 41.52 -20.36
CA LYS D 1041 -47.77 40.16 -20.89
C LYS D 1041 -46.36 39.80 -21.31
N LEU D 1042 -45.50 40.78 -21.56
CA LEU D 1042 -44.16 40.49 -22.06
C LEU D 1042 -43.35 39.69 -21.05
N ALA D 1043 -43.46 40.06 -19.78
CA ALA D 1043 -42.70 39.36 -18.74
C ALA D 1043 -43.09 37.89 -18.70
N LYS D 1044 -44.38 37.59 -18.80
CA LYS D 1044 -44.81 36.21 -18.90
C LYS D 1044 -44.26 35.55 -20.15
N ASN D 1045 -44.48 36.18 -21.30
CA ASN D 1045 -44.10 35.57 -22.58
C ASN D 1045 -42.64 35.17 -22.59
N ILE D 1046 -41.78 35.95 -21.94
CA ILE D 1046 -40.35 35.62 -21.94
C ILE D 1046 -40.12 34.24 -21.33
N PHE D 1047 -40.74 33.99 -20.17
CA PHE D 1047 -40.47 32.76 -19.44
C PHE D 1047 -41.32 31.59 -19.93
N TYR D 1048 -42.51 31.86 -20.42
CA TYR D 1048 -43.50 30.82 -20.65
C TYR D 1048 -43.00 29.74 -21.60
N MET D 1049 -42.79 30.08 -22.87
CA MET D 1049 -42.51 29.05 -23.87
C MET D 1049 -41.18 28.34 -23.61
N PRO D 1050 -40.06 29.04 -23.39
CA PRO D 1050 -38.79 28.32 -23.30
C PRO D 1050 -38.73 27.30 -22.18
N TYR D 1051 -39.43 27.54 -21.07
CA TYR D 1051 -39.32 26.65 -19.93
C TYR D 1051 -39.82 25.24 -20.28
N TRP D 1052 -40.90 25.16 -21.04
CA TRP D 1052 -41.46 23.87 -21.39
C TRP D 1052 -40.61 23.11 -22.40
N MET D 1053 -39.75 23.81 -23.14
CA MET D 1053 -38.89 23.13 -24.11
C MET D 1053 -37.94 22.16 -23.45
N ILE D 1054 -37.64 22.36 -22.17
CA ILE D 1054 -36.73 21.45 -21.48
C ILE D 1054 -37.35 20.07 -21.34
N TYR D 1055 -38.67 19.96 -21.42
CA TYR D 1055 -39.39 18.73 -21.10
C TYR D 1055 -40.05 18.09 -22.31
N GLY D 1056 -39.60 18.42 -23.53
CA GLY D 1056 -40.01 17.70 -24.72
C GLY D 1056 -41.06 18.38 -25.58
N GLU D 1057 -41.43 19.62 -25.29
CA GLU D 1057 -42.40 20.35 -26.08
C GLU D 1057 -41.68 21.45 -26.86
N VAL D 1058 -41.77 21.40 -28.19
CA VAL D 1058 -41.05 22.32 -29.05
C VAL D 1058 -41.97 23.25 -29.84
N PHE D 1059 -43.29 23.09 -29.69
CA PHE D 1059 -44.25 23.95 -30.39
C PHE D 1059 -43.99 23.95 -31.89
N ALA D 1060 -44.05 22.76 -32.48
CA ALA D 1060 -43.72 22.61 -33.89
C ALA D 1060 -44.60 23.48 -34.78
N ASP D 1061 -45.81 23.80 -34.32
CA ASP D 1061 -46.72 24.60 -35.13
C ASP D 1061 -46.15 25.99 -35.39
N GLN D 1062 -45.54 26.60 -34.38
CA GLN D 1062 -45.12 27.99 -34.44
C GLN D 1062 -43.62 28.14 -34.24
N ILE D 1063 -42.84 27.32 -34.92
CA ILE D 1063 -41.39 27.49 -34.95
C ILE D 1063 -41.04 28.44 -36.09
N ASP D 1064 -41.35 28.04 -37.32
CA ASP D 1064 -41.14 28.85 -38.51
C ASP D 1064 -42.43 28.87 -39.31
N PRO D 1065 -43.37 29.73 -38.94
CA PRO D 1065 -44.65 29.75 -39.64
C PRO D 1065 -44.46 30.12 -41.10
N PRO D 1066 -45.34 29.63 -41.98
CA PRO D 1066 -45.17 29.95 -43.41
C PRO D 1066 -45.20 31.43 -43.71
N CYS D 1067 -45.96 32.21 -42.95
CA CYS D 1067 -46.09 33.67 -43.11
C CYS D 1067 -46.29 33.97 -44.59
N GLY D 1068 -45.49 34.85 -45.20
CA GLY D 1068 -45.72 35.26 -46.57
C GLY D 1068 -45.77 34.10 -47.56
N GLN D 1069 -46.97 33.76 -48.00
CA GLN D 1069 -47.17 32.70 -48.97
C GLN D 1069 -48.67 32.65 -49.31
N ASN D 1070 -49.01 31.83 -50.30
CA ASN D 1070 -50.39 31.58 -50.67
C ASN D 1070 -50.83 30.26 -50.04
N GLU D 1071 -51.91 30.31 -49.25
CA GLU D 1071 -52.41 29.15 -48.51
C GLU D 1071 -53.90 29.01 -48.83
N THR D 1072 -54.21 28.27 -49.89
CA THR D 1072 -55.60 28.02 -50.24
C THR D 1072 -56.29 27.12 -49.22
N ARG D 1073 -55.55 26.19 -48.63
CA ARG D 1073 -56.10 25.25 -47.64
C ARG D 1073 -57.18 24.43 -48.35
N GLU D 1074 -58.29 24.13 -47.68
CA GLU D 1074 -59.37 23.36 -48.29
C GLU D 1074 -60.71 23.83 -47.73
N ASP D 1075 -61.75 23.67 -48.53
CA ASP D 1075 -63.10 24.07 -48.13
C ASP D 1075 -63.14 25.52 -47.70
N GLY D 1076 -62.42 26.36 -48.44
CA GLY D 1076 -62.37 27.78 -48.12
C GLY D 1076 -61.71 28.55 -49.24
N LYS D 1077 -61.99 29.85 -49.26
CA LYS D 1077 -61.41 30.73 -50.27
C LYS D 1077 -59.92 30.95 -50.00
N THR D 1078 -59.19 31.31 -51.06
CA THR D 1078 -57.77 31.58 -50.92
C THR D 1078 -57.53 32.74 -49.96
N ILE D 1079 -56.52 32.59 -49.10
CA ILE D 1079 -56.17 33.59 -48.11
C ILE D 1079 -54.70 33.95 -48.29
N GLN D 1080 -54.40 35.24 -48.33
CA GLN D 1080 -53.04 35.73 -48.46
C GLN D 1080 -52.50 36.09 -47.08
N LEU D 1081 -51.41 35.43 -46.68
CA LEU D 1081 -50.84 35.63 -45.36
C LEU D 1081 -49.94 36.86 -45.34
N PRO D 1082 -49.64 37.37 -44.15
CA PRO D 1082 -48.74 38.53 -44.06
C PRO D 1082 -47.38 38.19 -44.64
N PRO D 1083 -46.68 39.18 -45.21
CA PRO D 1083 -45.40 38.94 -45.89
C PRO D 1083 -44.22 38.77 -44.93
N CYS D 1084 -44.39 37.91 -43.93
CA CYS D 1084 -43.35 37.61 -42.96
C CYS D 1084 -42.85 38.93 -42.36
N LYS D 1085 -41.59 38.94 -41.93
CA LYS D 1085 -40.96 40.12 -41.37
C LYS D 1085 -39.46 39.98 -41.53
N THR D 1086 -38.76 41.08 -41.25
CA THR D 1086 -37.31 41.10 -41.41
C THR D 1086 -36.64 40.33 -40.27
N GLY D 1087 -35.67 39.50 -40.64
CA GLY D 1087 -34.93 38.73 -39.64
C GLY D 1087 -35.76 37.72 -38.90
N ALA D 1088 -36.75 37.11 -39.55
CA ALA D 1088 -37.52 36.04 -38.95
C ALA D 1088 -36.87 34.67 -39.10
N TRP D 1089 -35.81 34.58 -39.90
CA TRP D 1089 -35.08 33.33 -40.09
C TRP D 1089 -34.00 33.12 -39.04
N ILE D 1090 -33.81 34.08 -38.15
CA ILE D 1090 -32.80 33.94 -37.09
C ILE D 1090 -33.37 33.22 -35.87
N VAL D 1091 -34.68 33.31 -35.65
CA VAL D 1091 -35.28 32.65 -34.48
C VAL D 1091 -35.07 31.15 -34.51
N PRO D 1092 -35.32 30.44 -35.61
CA PRO D 1092 -35.08 28.98 -35.59
C PRO D 1092 -33.66 28.62 -35.20
N ALA D 1093 -32.67 29.25 -35.84
CA ALA D 1093 -31.28 28.95 -35.53
C ALA D 1093 -31.01 29.10 -34.05
N ILE D 1094 -31.40 30.24 -33.48
CA ILE D 1094 -31.26 30.45 -32.05
C ILE D 1094 -31.92 29.33 -31.28
N MET D 1095 -33.15 28.98 -31.68
CA MET D 1095 -33.90 27.96 -30.98
C MET D 1095 -33.14 26.64 -30.93
N ALA D 1096 -32.23 26.41 -31.87
CA ALA D 1096 -31.39 25.22 -31.81
C ALA D 1096 -30.34 25.35 -30.71
N CYS D 1097 -29.56 26.43 -30.75
CA CYS D 1097 -28.43 26.57 -29.84
C CYS D 1097 -28.89 26.46 -28.39
N TYR D 1098 -29.97 27.16 -28.05
CA TYR D 1098 -30.52 27.07 -26.70
C TYR D 1098 -30.76 25.62 -26.31
N LEU D 1099 -31.44 24.86 -27.17
CA LEU D 1099 -31.73 23.47 -26.84
C LEU D 1099 -30.46 22.66 -26.72
N LEU D 1100 -29.42 23.03 -27.46
CA LEU D 1100 -28.16 22.32 -27.36
C LEU D 1100 -27.47 22.53 -26.03
N VAL D 1101 -27.81 23.61 -25.32
CA VAL D 1101 -27.16 23.97 -24.08
C VAL D 1101 -27.97 23.52 -22.88
N ALA D 1102 -29.26 23.87 -22.86
CA ALA D 1102 -30.09 23.57 -21.69
C ALA D 1102 -30.25 22.07 -21.48
N ASN D 1103 -30.39 21.32 -22.57
CA ASN D 1103 -30.79 19.92 -22.47
C ASN D 1103 -29.61 18.96 -22.36
N ILE D 1104 -28.57 19.16 -23.19
CA ILE D 1104 -27.51 18.16 -23.29
C ILE D 1104 -26.25 18.54 -22.52
N LEU D 1105 -26.05 19.80 -22.19
CA LEU D 1105 -24.82 20.25 -21.54
C LEU D 1105 -24.95 20.33 -20.03
N LEU D 1106 -25.93 21.10 -19.55
CA LEU D 1106 -26.03 21.37 -18.11
C LEU D 1106 -26.56 20.15 -17.36
N VAL D 1107 -27.53 19.45 -17.94
CA VAL D 1107 -28.17 18.34 -17.23
C VAL D 1107 -27.18 17.22 -16.98
N ASN D 1108 -26.36 16.89 -17.98
CA ASN D 1108 -25.37 15.85 -17.81
C ASN D 1108 -24.32 16.25 -16.77
N LEU D 1109 -23.98 17.54 -16.74
CA LEU D 1109 -23.08 18.04 -15.70
C LEU D 1109 -23.69 17.83 -14.32
N LEU D 1110 -24.99 18.11 -14.19
CA LEU D 1110 -25.66 17.89 -12.92
C LEU D 1110 -25.65 16.42 -12.55
N ILE D 1111 -25.84 15.55 -13.53
CA ILE D 1111 -25.77 14.11 -13.28
C ILE D 1111 -24.41 13.72 -12.74
N ALA D 1112 -23.35 14.23 -13.36
CA ALA D 1112 -22.00 13.94 -12.90
C ALA D 1112 -21.78 14.44 -11.48
N VAL D 1113 -22.29 15.63 -11.18
CA VAL D 1113 -22.17 16.19 -9.84
C VAL D 1113 -22.85 15.26 -8.82
N PHE D 1114 -24.06 14.81 -9.15
CA PHE D 1114 -24.76 13.89 -8.27
C PHE D 1114 -23.94 12.62 -8.05
N ASN D 1115 -23.39 12.07 -9.12
CA ASN D 1115 -22.62 10.84 -9.00
C ASN D 1115 -21.43 11.04 -8.07
N ASN D 1116 -20.73 12.17 -8.20
CA ASN D 1116 -19.57 12.39 -7.35
C ASN D 1116 -19.97 12.60 -5.90
N THR D 1117 -21.07 13.31 -5.65
CA THR D 1117 -21.45 13.66 -4.28
C THR D 1117 -22.18 12.53 -3.55
N PHE D 1118 -22.63 11.51 -4.29
CA PHE D 1118 -23.55 10.52 -3.73
C PHE D 1118 -22.93 9.79 -2.55
N PHE D 1119 -21.68 9.33 -2.67
CA PHE D 1119 -21.11 8.46 -1.66
C PHE D 1119 -20.96 9.19 -0.33
N GLU D 1120 -20.36 10.38 -0.38
CA GLU D 1120 -20.17 11.17 0.83
C GLU D 1120 -21.51 11.51 1.47
N VAL D 1121 -22.48 11.94 0.66
CA VAL D 1121 -23.77 12.30 1.22
C VAL D 1121 -24.43 11.09 1.86
N LYS D 1122 -24.28 9.92 1.23
CA LYS D 1122 -24.87 8.70 1.77
C LYS D 1122 -24.30 8.38 3.14
N SER D 1123 -22.97 8.39 3.26
CA SER D 1123 -22.35 8.07 4.54
C SER D 1123 -22.80 9.06 5.63
N ILE D 1124 -22.73 10.36 5.32
CA ILE D 1124 -23.10 11.37 6.30
C ILE D 1124 -24.56 11.20 6.70
N SER D 1125 -25.44 10.95 5.73
CA SER D 1125 -26.86 10.81 6.02
C SER D 1125 -27.12 9.61 6.91
N ASN D 1126 -26.45 8.48 6.65
CA ASN D 1126 -26.62 7.31 7.49
C ASN D 1126 -26.25 7.64 8.93
N GLN D 1127 -25.08 8.26 9.12
CA GLN D 1127 -24.66 8.57 10.49
C GLN D 1127 -25.64 9.53 11.16
N VAL D 1128 -26.10 10.54 10.43
CA VAL D 1128 -26.98 11.54 11.03
C VAL D 1128 -28.31 10.92 11.41
N TRP D 1129 -28.84 10.03 10.57
CA TRP D 1129 -30.10 9.38 10.91
C TRP D 1129 -29.94 8.50 12.14
N LYS D 1130 -28.84 7.74 12.21
CA LYS D 1130 -28.59 6.95 13.41
C LYS D 1130 -28.49 7.83 14.64
N PHE D 1131 -28.03 9.08 14.47
CA PHE D 1131 -28.00 9.99 15.60
C PHE D 1131 -29.39 10.49 15.97
N GLN D 1132 -30.23 10.78 14.97
CA GLN D 1132 -31.55 11.34 15.22
C GLN D 1132 -32.53 10.31 15.78
N ARG D 1133 -32.21 9.01 15.64
CA ARG D 1133 -33.08 7.98 16.18
C ARG D 1133 -33.40 8.22 17.65
N TYR D 1134 -32.40 8.61 18.43
CA TYR D 1134 -32.60 8.79 19.87
C TYR D 1134 -33.59 9.90 20.15
N GLN D 1135 -33.47 11.02 19.45
CA GLN D 1135 -34.41 12.11 19.64
C GLN D 1135 -35.82 11.68 19.27
N LEU D 1136 -35.96 10.95 18.16
CA LEU D 1136 -37.26 10.44 17.77
C LEU D 1136 -37.86 9.58 18.89
N ILE D 1137 -37.06 8.64 19.40
CA ILE D 1137 -37.57 7.68 20.37
C ILE D 1137 -38.01 8.40 21.64
N MET D 1138 -37.18 9.31 22.15
CA MET D 1138 -37.54 10.01 23.37
C MET D 1138 -38.76 10.89 23.16
N THR D 1139 -38.83 11.58 22.02
CA THR D 1139 -39.96 12.45 21.77
C THR D 1139 -41.26 11.66 21.77
N PHE D 1140 -41.27 10.49 21.14
CA PHE D 1140 -42.49 9.70 21.12
C PHE D 1140 -42.73 8.94 22.42
N HIS D 1141 -41.70 8.75 23.23
CA HIS D 1141 -41.92 8.18 24.56
C HIS D 1141 -42.59 9.19 25.48
N GLU D 1142 -42.24 10.47 25.34
CA GLU D 1142 -42.81 11.49 26.23
C GLU D 1142 -44.26 11.81 25.88
N ARG D 1143 -44.64 11.67 24.62
CA ARG D 1143 -45.94 12.16 24.17
C ARG D 1143 -47.09 11.38 24.79
N PRO D 1144 -48.26 11.98 24.88
CA PRO D 1144 -49.43 11.25 25.40
C PRO D 1144 -49.90 10.18 24.43
N VAL D 1145 -50.70 9.25 24.97
CA VAL D 1145 -51.16 8.11 24.20
C VAL D 1145 -52.16 8.55 23.13
N LEU D 1146 -53.10 9.41 23.49
CA LEU D 1146 -54.20 9.73 22.58
C LEU D 1146 -53.71 10.59 21.42
N PRO D 1147 -54.05 10.25 20.18
CA PRO D 1147 -53.62 11.06 19.04
C PRO D 1147 -54.19 12.46 19.10
N PRO D 1148 -53.72 13.35 18.24
CA PRO D 1148 -54.02 14.79 18.37
C PRO D 1148 -55.51 15.08 18.43
N PRO D 1149 -56.34 14.40 17.65
CA PRO D 1149 -57.77 14.72 17.67
C PRO D 1149 -58.40 14.68 19.05
N LEU D 1150 -57.88 13.86 19.97
CA LEU D 1150 -58.46 13.70 21.29
C LEU D 1150 -57.53 14.14 22.42
N ILE D 1151 -56.41 14.79 22.10
CA ILE D 1151 -55.49 15.25 23.13
C ILE D 1151 -56.06 16.39 23.96
N ILE D 1152 -57.21 16.95 23.56
CA ILE D 1152 -57.81 18.02 24.36
C ILE D 1152 -58.16 17.51 25.75
N PHE D 1153 -58.63 16.27 25.84
CA PHE D 1153 -58.91 15.69 27.16
C PHE D 1153 -57.63 15.54 27.98
N SER D 1154 -56.54 15.12 27.34
CA SER D 1154 -55.28 14.99 28.05
C SER D 1154 -54.79 16.34 28.55
N HIS D 1155 -54.95 17.39 27.74
CA HIS D 1155 -54.54 18.72 28.17
C HIS D 1155 -55.44 19.26 29.28
N MET D 1156 -56.74 18.92 29.24
CA MET D 1156 -57.62 19.28 30.35
C MET D 1156 -57.17 18.58 31.63
N THR D 1157 -56.76 17.32 31.52
CA THR D 1157 -56.21 16.63 32.68
C THR D 1157 -54.95 17.31 33.17
N MET D 1158 -54.10 17.76 32.24
CA MET D 1158 -52.91 18.51 32.62
C MET D 1158 -53.28 19.76 33.41
N ILE D 1159 -54.30 20.48 32.97
CA ILE D 1159 -54.78 21.67 33.66
C ILE D 1159 -55.16 21.31 35.09
N GLY D 1180 -38.16 5.04 33.23
CA GLY D 1180 -37.97 6.00 32.16
C GLY D 1180 -36.76 5.69 31.30
N LEU D 1181 -36.07 6.74 30.87
CA LEU D 1181 -34.88 6.56 30.04
C LEU D 1181 -33.79 5.83 30.79
N LYS D 1182 -33.60 6.16 32.07
CA LYS D 1182 -32.51 5.64 32.88
C LYS D 1182 -33.07 4.76 33.99
N LEU D 1183 -32.32 3.70 34.32
CA LEU D 1183 -32.70 2.76 35.36
C LEU D 1183 -31.81 2.99 36.58
N PHE D 1184 -32.44 3.04 37.76
CA PHE D 1184 -31.69 3.14 39.00
C PHE D 1184 -31.10 1.80 39.37
N ILE D 1185 -29.88 1.81 39.90
CA ILE D 1185 -29.15 0.59 40.22
C ILE D 1185 -28.76 0.62 41.70
N THR D 1186 -28.60 -0.57 42.26
CA THR D 1186 -28.23 -0.72 43.66
C THR D 1186 -26.72 -0.46 43.84
N ASP D 1187 -26.33 -0.29 45.10
CA ASP D 1187 -24.95 0.05 45.41
C ASP D 1187 -23.99 -1.05 44.95
N ASP D 1188 -24.33 -2.31 45.24
CA ASP D 1188 -23.48 -3.41 44.84
C ASP D 1188 -23.31 -3.46 43.33
N GLU D 1189 -24.40 -3.24 42.59
CA GLU D 1189 -24.32 -3.22 41.15
C GLU D 1189 -23.45 -2.06 40.66
N LEU D 1190 -23.52 -0.92 41.33
CA LEU D 1190 -22.68 0.21 40.95
C LEU D 1190 -21.20 -0.13 41.13
N LYS D 1191 -20.86 -0.75 42.26
CA LYS D 1191 -19.46 -1.15 42.48
C LYS D 1191 -19.03 -2.19 41.45
N LYS D 1192 -19.91 -3.13 41.12
CA LYS D 1192 -19.60 -4.13 40.11
C LYS D 1192 -19.34 -3.46 38.76
N VAL D 1193 -20.16 -2.48 38.39
CA VAL D 1193 -19.98 -1.79 37.12
C VAL D 1193 -18.66 -1.04 37.12
N HIS D 1194 -18.32 -0.39 38.24
CA HIS D 1194 -17.04 0.32 38.32
C HIS D 1194 -15.88 -0.64 38.16
N ASP D 1195 -15.94 -1.80 38.81
CA ASP D 1195 -14.88 -2.79 38.66
C ASP D 1195 -14.76 -3.25 37.22
N PHE D 1196 -15.89 -3.51 36.57
CA PHE D 1196 -15.86 -3.94 35.18
C PHE D 1196 -15.24 -2.87 34.29
N GLU D 1197 -15.58 -1.60 34.55
CA GLU D 1197 -15.01 -0.51 33.75
C GLU D 1197 -13.50 -0.43 33.93
N GLU D 1198 -13.03 -0.55 35.18
CA GLU D 1198 -11.59 -0.51 35.42
C GLU D 1198 -10.88 -1.67 34.73
N GLN D 1199 -11.47 -2.86 34.79
CA GLN D 1199 -10.90 -4.01 34.09
C GLN D 1199 -10.84 -3.75 32.59
N CYS D 1200 -11.90 -3.17 32.03
CA CYS D 1200 -11.91 -2.87 30.60
C CYS D 1200 -10.80 -1.88 30.25
N ILE D 1201 -10.59 -0.87 31.08
CA ILE D 1201 -9.53 0.10 30.83
C ILE D 1201 -8.17 -0.58 30.85
N GLU D 1202 -7.94 -1.45 31.85
CA GLU D 1202 -6.67 -2.14 31.93
C GLU D 1202 -6.42 -2.99 30.70
N GLU D 1203 -7.46 -3.72 30.26
CA GLU D 1203 -7.31 -4.54 29.06
C GLU D 1203 -7.03 -3.67 27.84
N TYR D 1204 -7.70 -2.53 27.73
CA TYR D 1204 -7.49 -1.66 26.59
C TYR D 1204 -6.05 -1.18 26.52
N PHE D 1205 -5.52 -0.72 27.66
CA PHE D 1205 -4.15 -0.22 27.66
C PHE D 1205 -3.16 -1.34 27.37
N ARG D 1206 -3.38 -2.53 27.96
CA ARG D 1206 -2.47 -3.64 27.69
C ARG D 1206 -2.47 -4.01 26.21
N GLU D 1207 -3.65 -4.08 25.60
CA GLU D 1207 -3.73 -4.42 24.18
C GLU D 1207 -3.07 -3.34 23.33
N LYS D 1208 -3.26 -2.07 23.70
CA LYS D 1208 -2.64 -0.99 22.95
C LYS D 1208 -1.12 -1.11 22.99
N ASP D 1209 -0.57 -1.36 24.17
CA ASP D 1209 0.88 -1.50 24.29
C ASP D 1209 1.38 -2.71 23.51
N ASP D 1210 0.65 -3.82 23.59
CA ASP D 1210 1.07 -5.02 22.87
C ASP D 1210 1.08 -4.77 21.37
N ARG D 1211 0.06 -4.10 20.84
CA ARG D 1211 0.04 -3.78 19.42
C ARG D 1211 1.18 -2.83 19.06
N PHE D 1212 1.46 -1.85 19.92
CA PHE D 1212 2.53 -0.91 19.63
C PHE D 1212 3.89 -1.60 19.55
N ASN D 1213 4.17 -2.49 20.52
CA ASN D 1213 5.49 -3.10 20.58
C ASN D 1213 5.74 -4.12 19.48
N SER D 1214 4.68 -4.58 18.80
CA SER D 1214 4.82 -5.55 17.73
C SER D 1214 4.90 -4.90 16.36
N SER D 1215 4.89 -3.57 16.29
CA SER D 1215 4.99 -2.89 15.01
C SER D 1215 6.38 -3.09 14.41
N ASN D 1216 6.42 -3.17 13.08
CA ASN D 1216 7.68 -3.39 12.39
C ASN D 1216 8.64 -2.22 12.61
N ASP D 1217 8.12 -0.99 12.61
CA ASP D 1217 8.97 0.18 12.75
C ASP D 1217 9.72 0.15 14.08
N GLU D 1218 9.02 -0.17 15.17
CA GLU D 1218 9.67 -0.23 16.47
C GLU D 1218 10.73 -1.33 16.51
N ARG D 1219 10.40 -2.49 15.95
CA ARG D 1219 11.37 -3.59 15.95
C ARG D 1219 12.62 -3.23 15.17
N ILE D 1220 12.45 -2.58 14.01
CA ILE D 1220 13.60 -2.14 13.23
C ILE D 1220 14.42 -1.13 14.02
N ARG D 1221 13.73 -0.20 14.68
CA ARG D 1221 14.45 0.82 15.46
C ARG D 1221 15.28 0.16 16.55
N VAL D 1222 14.68 -0.77 17.30
CA VAL D 1222 15.40 -1.45 18.37
C VAL D 1222 16.56 -2.24 17.81
N THR D 1223 16.33 -2.96 16.71
CA THR D 1223 17.39 -3.77 16.12
C THR D 1223 18.59 -2.90 15.72
N SER D 1224 18.32 -1.77 15.07
CA SER D 1224 19.41 -0.90 14.64
C SER D 1224 20.21 -0.39 15.82
N GLU D 1225 19.52 0.06 16.87
CA GLU D 1225 20.20 0.62 18.03
C GLU D 1225 21.07 -0.44 18.71
N ARG D 1226 20.51 -1.64 18.91
CA ARG D 1226 21.27 -2.71 19.55
C ARG D 1226 22.44 -3.16 18.69
N VAL D 1227 22.26 -3.16 17.38
CA VAL D 1227 23.37 -3.52 16.50
C VAL D 1227 24.49 -2.51 16.61
N GLU D 1228 24.14 -1.22 16.68
CA GLU D 1228 25.17 -0.19 16.82
C GLU D 1228 25.94 -0.38 18.12
N ASN D 1229 25.24 -0.62 19.22
CA ASN D 1229 25.90 -0.84 20.50
C ASN D 1229 26.79 -2.07 20.44
N MET D 1230 26.29 -3.15 19.83
CA MET D 1230 27.09 -4.37 19.72
C MET D 1230 28.34 -4.12 18.91
N SER D 1231 28.25 -3.33 17.83
CA SER D 1231 29.41 -3.03 17.01
C SER D 1231 30.47 -2.30 17.82
N MET D 1232 30.07 -1.31 18.60
CA MET D 1232 31.03 -0.58 19.42
C MET D 1232 31.68 -1.51 20.45
N ARG D 1233 30.87 -2.34 21.11
CA ARG D 1233 31.42 -3.28 22.09
C ARG D 1233 32.38 -4.26 21.42
N LEU D 1234 32.03 -4.72 20.22
CA LEU D 1234 32.91 -5.62 19.50
C LEU D 1234 34.26 -4.95 19.21
N GLU D 1235 34.23 -3.68 18.80
CA GLU D 1235 35.47 -2.96 18.53
C GLU D 1235 36.30 -2.81 19.80
N GLU D 1236 35.65 -2.45 20.91
CA GLU D 1236 36.38 -2.30 22.17
C GLU D 1236 37.07 -3.59 22.56
N VAL D 1237 36.35 -4.72 22.44
CA VAL D 1237 36.96 -6.02 22.74
C VAL D 1237 38.10 -6.30 21.78
N ASN D 1238 37.93 -5.97 20.50
CA ASN D 1238 38.97 -6.22 19.53
C ASN D 1238 40.24 -5.42 19.85
N GLU D 1239 40.08 -4.13 20.17
CA GLU D 1239 41.24 -3.34 20.58
C GLU D 1239 41.82 -3.89 21.87
N ARG D 1240 40.97 -4.28 22.81
CA ARG D 1240 41.46 -4.90 24.04
C ARG D 1240 42.13 -6.23 23.74
N GLU D 1241 41.56 -7.01 22.83
CA GLU D 1241 42.16 -8.29 22.49
C GLU D 1241 43.54 -8.10 21.87
N HIS D 1242 43.74 -6.99 21.15
CA HIS D 1242 45.06 -6.68 20.61
C HIS D 1242 46.08 -6.49 21.73
N SER D 1243 45.69 -5.83 22.81
CA SER D 1243 46.60 -5.63 23.93
C SER D 1243 47.03 -6.96 24.51
N MET D 1244 46.10 -7.91 24.62
CA MET D 1244 46.41 -9.21 25.19
C MET D 1244 47.51 -9.92 24.40
N LYS D 1245 47.49 -9.81 23.07
CA LYS D 1245 48.52 -10.43 22.24
C LYS D 1245 49.91 -10.01 22.71
N ALA D 1246 50.10 -8.72 22.99
CA ALA D 1246 51.36 -8.27 23.56
C ALA D 1246 51.60 -8.87 24.94
N SER D 1247 50.53 -8.98 25.74
CA SER D 1247 50.67 -9.54 27.08
C SER D 1247 51.18 -10.98 27.03
N LEU D 1248 50.62 -11.78 26.12
CA LEU D 1248 51.04 -13.16 25.96
C LEU D 1248 52.47 -13.24 25.43
#